data_6F0X
#
_entry.id   6F0X
#
_cell.length_a   1
_cell.length_b   1
_cell.length_c   1
_cell.angle_alpha   90
_cell.angle_beta   90
_cell.angle_gamma   90
#
_symmetry.space_group_name_H-M   'P 1'
#
loop_
_entity.id
_entity.type
_entity.pdbx_description
1 polymer 'Pachytene checkpoint protein 2 homolog'
2 polymer 'MAD2L1-binding protein'
3 polymer 'Cell division cycle protein 20 homolog'
4 polymer 'Mitotic spindle assembly checkpoint protein MAD2A'
5 non-polymer 'PHOSPHOTHIOPHOSPHORIC ACID-ADENYLATE ESTER'
#
loop_
_entity_poly.entity_id
_entity_poly.type
_entity_poly.pdbx_seq_one_letter_code
_entity_poly.pdbx_strand_id
1 'polypeptide(L)'
;MDEAVGDLKQALPCVAESPTVHVEVHQRGSSTAKKEDINLSVRKLLNRHNIVFGDYTWTEFDEPFLTRNVQSVSIIDTEL
KVKDSQPIDLSACTVALHIFQLNEDGPSSENLEEETENIIAANHWVLPAAEFHGLWDSLVYDVEVKSHLLDYVMTTLLFS
DKNVNSNLITWNRVVLLHGPPGTGKTSLCKALAQKLTIRLSSRYRYGQLIEINSHSLFSKWFSESGKLVTKMFQKIQDLI
DDKDALVFVLIDQVESLTAARNACRAGTEPSDAIRVVNAVLTQIDQIKRHSNVVILTTSNITEKIDVAFVDRADIKQYIG
PPSAAAIFKIYLSCLEELMKCQIIYPRQQLLTLRELEMIGFIENNVSKLSLLLNDISRKSEGLSGRVLRKLPFLAHALYV
QAPTVTIEGFLQALSLAVDKQFEERKKLAAYI
;
A,B,C,D,E,F
2 'polypeptide(L)'
;MAAPEAEVLSSAAVPDLEWYEKSEETHASQIELLETSSTQEPLNASEAFCPRDCMVPVVFPGPVSQEGCCQFTCELLKHI
MYQRQQLPLPYEQLKHFYRKPSPQAEEMLKKKPRATTEVSSRKCQQALAELESVLSHLEDFFARTLVPRVLILLGGNALS
PKEFYELDLSLLAPYSVDQSLSTAACLRRLFRAIFMADAFSELQAPPLMGTVVMAQGHRNCGEDWFRPKLNYRVPSRGHK
LTVTLSCGRPSIRTTAWEDYIWFQAPVTFKGFRE
;
P
3 'polypeptide(L)'
;MAQFAFESDLHSLLQLDAPIPNAPPARWQRKAKEAAGPAPSPMRAANRSHSAGRTPGRTPGKSSSKVQTTPSKPGGDRYI
PHRSAAQMEVASFLLSKENQPENSQTPTKKEHQKAWALNLNGFDVEEAKILRLSGKPQNAPEGYQNRLKVLYSQKATPGS
SRKTCRYIPSLPDRILDAPEIRNDYYLNLVDWSSGNVLAVALDNSVYLWSASSGDILQLLQMEQPGEYISSVAWIKEGNY
LAVGTSSAEVQLWDVQQQKRLRNMTSHSARVGSLSWNSYILSSGSRSGHIHHHDVRVAEHHVATLSGHSQEVCGLRWAPD
GRHLASGGNDNLVNVWPSAPGEGGWVPLQTFTQHQGAVKAVAWCPWQSNVLATGGGTSDRHIRIWNVCSGACLSAVDAHS
QVCSILWSPHYKELISGHGFAQNQLVIWKYPTMAKVAELKGHTSRVLSLTMSPDGATVASAAADETLRLWRCFELDPARR
REREKASAAKSSLIHQGIR
;
Q
4 'polypeptide(L)'
;MALQLSREQGITLRGSAEIVAEFFSFGINSILYQRGIYPSETFTRVQKYGLTLLVTTDLELIKYLNNVVEQLKDWLYKCS
VQKLVVVISNIESGEVLERWQFDIECDKTAKDDSAPREKSQKAIQDEIRSVIRQITATVTFLPLLEVSCSFDLLIYTDKD
LVVPEKWEESGPQFITNSEEVRLRSFTTTIHKVNSMVAYKIPVND
;
Z
#
# COMPACT_ATOMS: atom_id res chain seq x y z
N ALA A 122 -23.74 19.23 -19.14
CA ALA A 122 -24.84 20.14 -18.81
C ALA A 122 -25.58 20.59 -20.07
N ASN A 123 -26.90 20.40 -20.10
CA ASN A 123 -27.70 20.84 -21.24
C ASN A 123 -28.99 21.48 -20.75
N HIS A 124 -29.83 21.84 -21.71
CA HIS A 124 -30.77 22.94 -21.55
C HIS A 124 -32.07 22.54 -22.26
N TRP A 125 -33.12 22.25 -21.50
CA TRP A 125 -34.42 21.90 -22.07
C TRP A 125 -35.47 22.95 -21.73
N VAL A 126 -36.26 23.28 -22.73
CA VAL A 126 -37.46 24.06 -22.59
C VAL A 126 -38.61 23.13 -22.24
N LEU A 127 -39.52 23.62 -21.43
CA LEU A 127 -40.72 22.90 -21.06
C LEU A 127 -41.62 22.79 -22.29
N PRO A 128 -42.85 22.24 -22.19
CA PRO A 128 -43.30 21.22 -23.17
C PRO A 128 -42.83 21.38 -24.60
N ALA A 129 -42.15 20.33 -25.08
CA ALA A 129 -41.77 20.18 -26.48
C ALA A 129 -42.14 18.77 -26.90
N ALA A 130 -42.12 18.53 -28.22
CA ALA A 130 -42.62 17.28 -28.76
C ALA A 130 -41.84 16.08 -28.25
N GLU A 131 -40.59 16.29 -27.80
CA GLU A 131 -39.84 15.20 -27.21
C GLU A 131 -40.63 14.49 -26.13
N PHE A 132 -41.38 15.25 -25.34
CA PHE A 132 -41.93 14.76 -24.09
C PHE A 132 -43.43 14.57 -24.16
N HIS A 133 -44.01 14.58 -25.36
CA HIS A 133 -45.40 14.22 -25.52
C HIS A 133 -45.53 12.71 -25.45
N GLY A 134 -46.60 12.24 -24.81
CA GLY A 134 -46.72 10.83 -24.49
C GLY A 134 -45.68 10.31 -23.51
N LEU A 135 -44.77 11.18 -23.07
CA LEU A 135 -43.67 10.73 -22.24
C LEU A 135 -44.16 10.22 -20.89
N TRP A 136 -45.15 10.89 -20.31
CA TRP A 136 -45.67 10.45 -19.02
C TRP A 136 -46.28 9.07 -19.13
N ASP A 137 -47.34 8.94 -19.91
CA ASP A 137 -48.07 7.67 -19.98
C ASP A 137 -47.28 6.56 -20.61
N SER A 138 -46.11 6.87 -21.20
CA SER A 138 -45.20 5.83 -21.63
C SER A 138 -44.80 4.93 -20.46
N LEU A 139 -44.83 5.46 -19.25
CA LEU A 139 -44.33 4.79 -18.07
C LEU A 139 -45.49 4.55 -17.11
N VAL A 140 -45.50 3.41 -16.44
CA VAL A 140 -46.61 3.07 -15.56
C VAL A 140 -46.07 2.46 -14.29
N TYR A 141 -46.76 2.71 -13.17
CA TYR A 141 -46.42 2.16 -11.89
C TYR A 141 -47.67 1.88 -11.09
N ASP A 142 -47.65 0.77 -10.34
CA ASP A 142 -48.83 0.09 -9.85
C ASP A 142 -49.73 1.00 -9.02
N VAL A 143 -49.24 1.44 -7.86
CA VAL A 143 -50.03 2.15 -6.88
C VAL A 143 -50.23 3.58 -7.38
N GLU A 144 -49.70 3.87 -8.56
CA GLU A 144 -49.66 5.23 -9.07
C GLU A 144 -48.93 6.12 -8.08
N VAL A 145 -47.88 5.58 -7.47
CA VAL A 145 -46.98 6.35 -6.62
C VAL A 145 -46.43 7.48 -7.46
N LYS A 146 -46.50 7.31 -8.78
CA LYS A 146 -46.47 8.42 -9.70
C LYS A 146 -47.26 9.59 -9.14
N SER A 147 -48.52 9.34 -8.83
CA SER A 147 -49.36 10.39 -8.25
C SER A 147 -48.83 10.86 -6.92
N HIS A 148 -48.28 9.94 -6.13
CA HIS A 148 -47.78 10.28 -4.81
C HIS A 148 -46.74 11.37 -4.97
N LEU A 149 -45.71 11.07 -5.76
CA LEU A 149 -44.70 12.04 -6.11
C LEU A 149 -45.30 13.31 -6.71
N LEU A 150 -46.32 13.14 -7.55
CA LEU A 150 -46.88 14.26 -8.28
C LEU A 150 -47.49 15.29 -7.34
N ASP A 151 -48.55 14.89 -6.64
CA ASP A 151 -49.17 15.81 -5.70
C ASP A 151 -48.22 16.15 -4.56
N TYR A 152 -47.24 15.28 -4.29
CA TYR A 152 -46.17 15.59 -3.36
C TYR A 152 -45.54 16.92 -3.69
N VAL A 153 -44.93 16.99 -4.88
CA VAL A 153 -44.23 18.20 -5.26
C VAL A 153 -45.22 19.33 -5.50
N MET A 154 -46.42 18.98 -6.00
CA MET A 154 -47.50 19.95 -6.13
C MET A 154 -47.73 20.69 -4.83
N THR A 155 -47.74 19.96 -3.72
CA THR A 155 -47.96 20.58 -2.43
C THR A 155 -46.68 21.24 -1.95
N THR A 156 -45.54 20.63 -2.28
CA THR A 156 -44.24 21.16 -1.91
C THR A 156 -44.13 22.62 -2.30
N LEU A 157 -44.41 22.91 -3.56
CA LEU A 157 -44.41 24.29 -3.99
C LEU A 157 -45.53 25.09 -3.33
N LEU A 158 -46.75 24.52 -3.30
CA LEU A 158 -47.91 25.20 -2.73
C LEU A 158 -47.66 25.70 -1.32
N PHE A 159 -46.73 25.09 -0.59
CA PHE A 159 -46.45 25.56 0.77
C PHE A 159 -46.03 27.01 0.78
N SER A 160 -45.02 27.37 -0.02
CA SER A 160 -44.53 28.74 -0.02
C SER A 160 -45.64 29.75 -0.30
N ASP A 161 -46.75 29.32 -0.91
CA ASP A 161 -47.90 30.18 -1.15
C ASP A 161 -48.94 30.07 -0.04
N LYS A 162 -48.77 29.16 0.92
CA LYS A 162 -49.59 29.14 2.12
C LYS A 162 -48.93 29.88 3.26
N ASN A 163 -47.85 30.60 2.97
CA ASN A 163 -47.11 31.35 3.98
C ASN A 163 -46.65 30.44 5.10
N VAL A 164 -45.67 29.58 4.81
CA VAL A 164 -45.21 28.58 5.75
C VAL A 164 -43.74 28.82 6.06
N ASN A 165 -43.37 28.61 7.31
CA ASN A 165 -41.96 28.55 7.67
C ASN A 165 -41.39 27.17 7.35
N SER A 166 -40.10 27.02 7.49
CA SER A 166 -39.54 25.77 7.01
C SER A 166 -38.75 25.00 8.07
N ASN A 167 -37.99 25.69 8.91
CA ASN A 167 -36.99 25.00 9.72
C ASN A 167 -37.64 24.04 10.72
N LEU A 168 -38.82 24.39 11.22
CA LEU A 168 -39.47 23.59 12.24
C LEU A 168 -40.06 22.30 11.70
N ILE A 169 -40.00 22.07 10.38
CA ILE A 169 -40.62 20.91 9.76
C ILE A 169 -39.69 20.41 8.66
N THR A 170 -39.38 19.11 8.70
CA THR A 170 -38.45 18.52 7.74
C THR A 170 -39.09 18.52 6.36
N TRP A 171 -38.65 19.45 5.51
CA TRP A 171 -39.10 19.46 4.13
C TRP A 171 -38.19 20.36 3.32
N ASN A 172 -38.06 20.01 2.05
CA ASN A 172 -37.33 20.84 1.09
C ASN A 172 -37.97 20.61 -0.27
N ARG A 173 -37.24 20.94 -1.33
CA ARG A 173 -37.72 20.75 -2.69
C ARG A 173 -36.86 19.74 -3.43
N VAL A 174 -36.29 18.79 -2.70
CA VAL A 174 -35.33 17.84 -3.25
C VAL A 174 -35.99 16.48 -3.41
N VAL A 175 -35.66 15.80 -4.51
CA VAL A 175 -36.32 14.58 -4.92
C VAL A 175 -35.26 13.52 -5.17
N LEU A 176 -35.48 12.32 -4.64
CA LEU A 176 -34.54 11.22 -4.87
C LEU A 176 -35.30 9.95 -5.14
N LEU A 177 -35.00 9.32 -6.27
CA LEU A 177 -35.53 8.00 -6.58
C LEU A 177 -34.40 6.98 -6.54
N HIS A 178 -34.78 5.73 -6.32
CA HIS A 178 -33.78 4.70 -6.13
C HIS A 178 -34.42 3.33 -6.34
N GLY A 179 -33.66 2.44 -6.97
CA GLY A 179 -34.11 1.10 -7.23
C GLY A 179 -33.24 0.43 -8.28
N PRO A 180 -33.77 -0.62 -8.89
CA PRO A 180 -33.05 -1.31 -9.94
C PRO A 180 -32.82 -0.39 -11.12
N PRO A 181 -31.66 -0.47 -11.74
CA PRO A 181 -31.31 0.49 -12.80
C PRO A 181 -32.04 0.17 -14.09
N GLY A 182 -31.89 1.08 -15.05
CA GLY A 182 -32.61 0.95 -16.31
C GLY A 182 -34.11 0.92 -16.15
N THR A 183 -34.64 1.55 -15.10
CA THR A 183 -36.06 1.50 -14.77
C THR A 183 -36.74 2.82 -15.10
N GLY A 184 -36.33 3.45 -16.19
CA GLY A 184 -36.90 4.71 -16.60
C GLY A 184 -36.64 5.87 -15.67
N LYS A 185 -36.01 5.64 -14.51
CA LYS A 185 -35.85 6.69 -13.51
C LYS A 185 -35.45 8.02 -14.11
N THR A 186 -34.49 8.00 -15.03
CA THR A 186 -34.18 9.19 -15.79
C THR A 186 -35.42 9.71 -16.50
N SER A 187 -35.94 8.89 -17.43
CA SER A 187 -37.15 9.24 -18.14
C SER A 187 -38.28 9.52 -17.17
N LEU A 188 -38.30 8.82 -16.05
CA LEU A 188 -39.40 8.95 -15.11
C LEU A 188 -39.42 10.35 -14.51
N CYS A 189 -38.27 10.81 -14.00
CA CYS A 189 -38.21 12.15 -13.46
C CYS A 189 -38.46 13.18 -14.53
N LYS A 190 -38.01 12.92 -15.75
CA LYS A 190 -38.25 13.90 -16.81
C LYS A 190 -39.74 14.07 -17.06
N ALA A 191 -40.45 12.97 -17.31
CA ALA A 191 -41.89 13.05 -17.51
C ALA A 191 -42.58 13.61 -16.28
N LEU A 192 -42.03 13.35 -15.10
CA LEU A 192 -42.56 13.97 -13.89
C LEU A 192 -42.53 15.48 -14.01
N ALA A 193 -41.37 16.02 -14.33
CA ALA A 193 -41.25 17.46 -14.52
C ALA A 193 -42.23 17.95 -15.56
N GLN A 194 -42.40 17.18 -16.63
CA GLN A 194 -43.33 17.56 -17.70
C GLN A 194 -44.75 17.72 -17.17
N LYS A 195 -45.24 16.68 -16.52
CA LYS A 195 -46.59 16.71 -15.98
C LYS A 195 -46.74 17.86 -14.99
N LEU A 196 -45.73 18.05 -14.14
CA LEU A 196 -45.77 19.17 -13.21
C LEU A 196 -45.90 20.49 -13.95
N THR A 197 -45.10 20.66 -14.99
CA THR A 197 -45.15 21.87 -15.80
C THR A 197 -46.58 22.14 -16.24
N ILE A 198 -47.20 21.17 -16.90
CA ILE A 198 -48.56 21.43 -17.37
C ILE A 198 -49.51 21.64 -16.21
N ARG A 199 -49.31 20.95 -15.09
CA ARG A 199 -50.20 21.11 -13.95
C ARG A 199 -50.01 22.46 -13.26
N LEU A 200 -48.96 23.19 -13.58
CA LEU A 200 -48.73 24.48 -12.96
C LEU A 200 -48.76 25.63 -13.98
N SER A 201 -49.57 25.48 -15.02
CA SER A 201 -49.83 26.61 -15.91
C SER A 201 -50.35 27.80 -15.12
N SER A 202 -51.19 27.54 -14.12
CA SER A 202 -51.72 28.59 -13.26
C SER A 202 -50.66 29.25 -12.39
N ARG A 203 -49.39 28.83 -12.47
CA ARG A 203 -48.39 29.41 -11.58
C ARG A 203 -47.14 29.84 -12.34
N TYR A 204 -46.84 29.19 -13.47
CA TYR A 204 -45.66 29.55 -14.23
C TYR A 204 -45.90 29.29 -15.71
N ARG A 205 -45.42 30.20 -16.54
CA ARG A 205 -45.61 30.07 -17.98
C ARG A 205 -44.83 28.90 -18.53
N TYR A 206 -43.51 28.99 -18.43
CA TYR A 206 -42.63 27.94 -18.92
C TYR A 206 -41.47 27.85 -17.94
N GLY A 207 -40.38 27.21 -18.34
CA GLY A 207 -39.25 27.08 -17.44
C GLY A 207 -38.20 26.18 -18.05
N GLN A 208 -37.18 25.92 -17.24
CA GLN A 208 -36.01 25.19 -17.70
C GLN A 208 -35.86 23.86 -16.97
N LEU A 209 -35.26 22.92 -17.70
CA LEU A 209 -34.74 21.68 -17.12
C LEU A 209 -33.30 21.52 -17.58
N ILE A 210 -32.39 21.51 -16.62
CA ILE A 210 -30.97 21.60 -16.93
C ILE A 210 -30.33 20.27 -16.56
N GLU A 211 -29.83 19.58 -17.56
CA GLU A 211 -29.04 18.38 -17.36
C GLU A 211 -27.72 18.78 -16.71
N ILE A 212 -27.54 18.42 -15.44
CA ILE A 212 -26.28 18.61 -14.75
C ILE A 212 -25.57 17.26 -14.79
N ASN A 213 -24.82 17.05 -15.86
CA ASN A 213 -24.02 15.84 -16.01
C ASN A 213 -22.77 16.04 -15.17
N SER A 214 -22.87 15.63 -13.90
CA SER A 214 -21.76 15.71 -12.97
C SER A 214 -20.46 15.26 -13.61
N HIS A 215 -20.51 14.14 -14.32
CA HIS A 215 -19.39 13.76 -15.17
C HIS A 215 -18.85 14.93 -15.95
N SER A 216 -19.70 15.60 -16.71
CA SER A 216 -19.29 16.79 -17.46
C SER A 216 -18.95 17.96 -16.54
N LEU A 217 -19.35 17.89 -15.28
CA LEU A 217 -19.06 18.99 -14.37
C LEU A 217 -17.57 19.17 -14.18
N PHE A 218 -16.94 18.17 -13.56
CA PHE A 218 -15.59 18.36 -13.05
C PHE A 218 -14.59 18.54 -14.19
N SER A 219 -13.35 18.85 -13.79
CA SER A 219 -12.25 19.19 -14.67
C SER A 219 -11.04 19.43 -13.76
N LYS A 220 -9.85 19.50 -14.36
CA LYS A 220 -8.65 19.22 -13.58
C LYS A 220 -8.29 20.36 -12.63
N TRP A 221 -7.97 21.53 -13.14
CA TRP A 221 -7.42 22.50 -12.20
C TRP A 221 -8.52 23.38 -11.61
N PHE A 222 -8.08 24.29 -10.74
CA PHE A 222 -9.03 25.04 -9.92
C PHE A 222 -9.73 26.14 -10.72
N SER A 223 -9.01 26.78 -11.66
CA SER A 223 -9.67 27.73 -12.55
C SER A 223 -10.72 27.05 -13.41
N GLU A 224 -10.53 25.76 -13.69
CA GLU A 224 -11.57 25.00 -14.38
C GLU A 224 -12.80 24.84 -13.49
N SER A 225 -12.59 24.60 -12.19
CA SER A 225 -13.72 24.62 -11.27
C SER A 225 -14.37 26.00 -11.23
N GLY A 226 -13.57 27.05 -11.42
CA GLY A 226 -14.11 28.39 -11.45
C GLY A 226 -15.04 28.61 -12.62
N LYS A 227 -14.56 28.31 -13.83
CA LYS A 227 -15.43 28.41 -15.02
C LYS A 227 -16.65 27.53 -14.87
N LEU A 228 -16.47 26.35 -14.26
CA LEU A 228 -17.53 25.42 -13.96
C LEU A 228 -18.64 26.09 -13.20
N VAL A 229 -18.32 26.49 -11.97
CA VAL A 229 -19.33 27.05 -11.08
C VAL A 229 -19.92 28.30 -11.70
N THR A 230 -19.06 29.20 -12.21
CA THR A 230 -19.54 30.46 -12.76
C THR A 230 -20.54 30.22 -13.88
N LYS A 231 -20.12 29.64 -15.01
CA LYS A 231 -21.06 29.48 -16.12
C LYS A 231 -22.29 28.70 -15.69
N MET A 232 -22.10 27.51 -15.12
CA MET A 232 -23.24 26.63 -14.90
C MET A 232 -24.19 27.19 -13.84
N PHE A 233 -23.70 27.45 -12.64
CA PHE A 233 -24.61 27.93 -11.60
C PHE A 233 -25.07 29.36 -11.87
N GLN A 234 -24.27 30.18 -12.57
CA GLN A 234 -24.77 31.45 -13.04
C GLN A 234 -26.02 31.26 -13.87
N LYS A 235 -25.94 30.41 -14.89
CA LYS A 235 -27.12 30.11 -15.69
C LYS A 235 -28.26 29.65 -14.82
N ILE A 236 -27.99 28.69 -13.95
CA ILE A 236 -29.01 28.10 -13.08
C ILE A 236 -29.71 29.19 -12.30
N GLN A 237 -28.96 29.84 -11.43
CA GLN A 237 -29.45 30.92 -10.58
C GLN A 237 -30.26 31.93 -11.37
N ASP A 238 -29.63 32.55 -12.36
CA ASP A 238 -30.29 33.63 -13.05
C ASP A 238 -31.50 33.16 -13.82
N LEU A 239 -31.57 31.86 -14.16
CA LEU A 239 -32.82 31.32 -14.68
C LEU A 239 -33.86 31.21 -13.58
N ILE A 240 -33.43 30.86 -12.37
CA ILE A 240 -34.37 30.74 -11.27
C ILE A 240 -35.03 32.07 -10.97
N ASP A 241 -34.35 33.18 -11.28
CA ASP A 241 -34.95 34.49 -11.07
C ASP A 241 -36.20 34.68 -11.90
N ASP A 242 -36.38 33.90 -12.95
CA ASP A 242 -37.54 34.05 -13.82
C ASP A 242 -38.80 33.59 -13.08
N LYS A 243 -39.51 34.54 -12.48
CA LYS A 243 -40.64 34.22 -11.62
C LYS A 243 -41.90 33.85 -12.40
N ASP A 244 -41.84 33.78 -13.73
CA ASP A 244 -42.87 33.13 -14.51
C ASP A 244 -42.41 31.80 -15.08
N ALA A 245 -41.12 31.48 -14.93
CA ALA A 245 -40.61 30.16 -15.23
C ALA A 245 -40.50 29.34 -13.95
N LEU A 246 -40.95 28.11 -14.03
CA LEU A 246 -40.75 27.14 -12.96
C LEU A 246 -39.49 26.35 -13.25
N VAL A 247 -38.71 26.11 -12.21
CA VAL A 247 -37.37 25.56 -12.33
C VAL A 247 -37.40 24.06 -12.13
N PHE A 248 -36.61 23.33 -12.91
CA PHE A 248 -36.45 21.91 -12.72
C PHE A 248 -35.00 21.54 -12.92
N VAL A 249 -34.43 20.82 -11.98
CA VAL A 249 -33.03 20.45 -12.01
C VAL A 249 -32.95 18.93 -11.96
N LEU A 250 -31.97 18.36 -12.65
CA LEU A 250 -31.80 16.92 -12.74
C LEU A 250 -30.38 16.52 -12.40
N ILE A 251 -30.24 15.50 -11.55
CA ILE A 251 -28.96 14.97 -11.13
C ILE A 251 -28.99 13.48 -11.42
N ASP A 252 -28.47 13.10 -12.57
CA ASP A 252 -28.64 11.74 -13.05
C ASP A 252 -27.88 10.74 -12.19
N GLN A 253 -26.77 11.14 -11.62
CA GLN A 253 -25.91 10.23 -10.87
C GLN A 253 -25.61 10.84 -9.51
N VAL A 254 -26.50 10.58 -8.55
CA VAL A 254 -26.21 10.92 -7.16
C VAL A 254 -24.88 10.33 -6.75
N GLU A 255 -24.65 9.09 -7.15
CA GLU A 255 -23.35 8.44 -6.92
C GLU A 255 -22.21 9.31 -7.42
N SER A 256 -22.46 10.15 -8.42
CA SER A 256 -21.40 11.01 -8.89
C SER A 256 -21.24 12.24 -8.01
N LEU A 257 -22.20 12.50 -7.12
CA LEU A 257 -22.00 13.51 -6.10
C LEU A 257 -21.51 12.90 -4.79
N THR A 258 -21.61 11.59 -4.64
CA THR A 258 -20.86 10.91 -3.60
C THR A 258 -19.52 10.43 -4.12
N ALA A 259 -19.14 10.86 -5.32
CA ALA A 259 -17.88 10.48 -5.93
C ALA A 259 -16.67 10.83 -5.07
N ALA A 260 -16.86 11.55 -3.99
CA ALA A 260 -15.84 11.76 -2.98
C ALA A 260 -16.36 11.39 -1.61
N ARG A 261 -17.12 10.30 -1.53
CA ARG A 261 -17.62 9.80 -0.26
C ARG A 261 -16.47 9.58 0.70
N ASN A 262 -16.47 10.34 1.80
CA ASN A 262 -15.34 10.38 2.71
C ASN A 262 -15.17 9.04 3.40
N ALA A 263 -14.23 8.24 2.90
CA ALA A 263 -13.91 6.96 3.52
C ALA A 263 -12.42 6.62 3.51
N CYS A 264 -11.56 7.51 3.02
CA CYS A 264 -10.18 7.19 2.76
C CYS A 264 -9.24 8.11 3.54
N ARG A 265 -8.05 7.58 3.83
CA ARG A 265 -7.00 8.41 4.42
C ARG A 265 -6.44 9.40 3.39
N ALA A 266 -6.55 9.08 2.11
CA ALA A 266 -6.27 10.00 1.01
C ALA A 266 -7.40 9.80 0.01
N GLY A 267 -8.49 10.54 0.18
CA GLY A 267 -9.63 10.43 -0.70
C GLY A 267 -9.40 11.11 -2.03
N THR A 268 -8.23 10.86 -2.63
CA THR A 268 -7.85 11.41 -3.94
C THR A 268 -7.76 12.93 -3.91
N GLU A 269 -7.02 13.46 -2.95
CA GLU A 269 -6.68 14.88 -2.90
C GLU A 269 -7.93 15.75 -2.92
N PRO A 270 -8.74 15.73 -1.86
CA PRO A 270 -10.06 16.36 -1.93
C PRO A 270 -10.03 17.88 -1.91
N SER A 271 -8.87 18.50 -1.71
CA SER A 271 -8.81 19.93 -1.47
C SER A 271 -9.14 20.73 -2.73
N ASP A 272 -9.59 20.04 -3.78
CA ASP A 272 -10.20 20.67 -4.93
C ASP A 272 -11.59 20.12 -5.24
N ALA A 273 -11.88 18.90 -4.82
CA ALA A 273 -13.12 18.23 -5.24
C ALA A 273 -14.27 18.50 -4.28
N ILE A 274 -14.15 18.03 -3.04
CA ILE A 274 -15.27 18.14 -2.12
C ILE A 274 -15.64 19.59 -1.91
N ARG A 275 -14.64 20.47 -1.85
CA ARG A 275 -14.90 21.89 -1.63
C ARG A 275 -15.87 22.44 -2.66
N VAL A 276 -15.87 21.88 -3.87
CA VAL A 276 -16.87 22.32 -4.85
C VAL A 276 -18.12 21.47 -4.76
N VAL A 277 -17.95 20.17 -4.52
CA VAL A 277 -19.10 19.27 -4.44
C VAL A 277 -20.13 19.79 -3.45
N ASN A 278 -19.71 19.94 -2.19
CA ASN A 278 -20.57 20.54 -1.19
C ASN A 278 -20.91 21.99 -1.53
N ALA A 279 -20.00 22.72 -2.19
CA ALA A 279 -20.37 24.00 -2.75
C ALA A 279 -21.58 23.85 -3.66
N VAL A 280 -21.53 22.87 -4.56
CA VAL A 280 -22.72 22.48 -5.31
C VAL A 280 -23.91 22.34 -4.38
N LEU A 281 -23.75 21.56 -3.31
CA LEU A 281 -24.78 21.43 -2.31
C LEU A 281 -25.22 22.79 -1.80
N THR A 282 -24.27 23.64 -1.42
CA THR A 282 -24.61 25.00 -1.06
C THR A 282 -25.29 25.69 -2.22
N GLN A 283 -24.72 25.58 -3.42
CA GLN A 283 -25.46 25.95 -4.62
C GLN A 283 -26.87 25.42 -4.54
N ILE A 284 -27.00 24.10 -4.40
CA ILE A 284 -28.29 23.48 -4.12
C ILE A 284 -29.01 24.21 -3.00
N ASP A 285 -28.35 24.32 -1.84
CA ASP A 285 -28.90 25.15 -0.77
C ASP A 285 -29.36 26.48 -1.31
N GLN A 286 -28.42 27.26 -1.87
CA GLN A 286 -28.77 28.55 -2.47
C GLN A 286 -30.03 28.42 -3.30
N ILE A 287 -30.05 27.45 -4.22
CA ILE A 287 -31.15 27.40 -5.15
C ILE A 287 -32.42 26.93 -4.47
N LYS A 288 -32.29 25.99 -3.53
CA LYS A 288 -33.50 25.61 -2.80
C LYS A 288 -33.98 26.74 -1.92
N ARG A 289 -33.15 27.76 -1.70
CA ARG A 289 -33.59 28.96 -1.01
C ARG A 289 -34.63 29.72 -1.80
N HIS A 290 -34.70 29.48 -3.10
CA HIS A 290 -35.83 29.96 -3.87
C HIS A 290 -37.09 29.18 -3.48
N SER A 291 -38.20 29.57 -4.06
CA SER A 291 -39.44 28.84 -3.86
C SER A 291 -39.77 27.92 -5.02
N ASN A 292 -39.41 28.31 -6.24
CA ASN A 292 -39.86 27.64 -7.45
C ASN A 292 -38.84 26.64 -7.99
N VAL A 293 -38.08 25.97 -7.13
CA VAL A 293 -37.02 25.09 -7.58
C VAL A 293 -37.43 23.65 -7.38
N VAL A 294 -37.21 22.83 -8.41
CA VAL A 294 -37.45 21.40 -8.33
C VAL A 294 -36.13 20.68 -8.60
N ILE A 295 -35.63 20.00 -7.59
CA ILE A 295 -34.38 19.26 -7.67
C ILE A 295 -34.72 17.78 -7.78
N LEU A 296 -34.17 17.12 -8.78
CA LEU A 296 -34.42 15.70 -9.03
C LEU A 296 -33.10 14.97 -8.97
N THR A 297 -33.13 13.76 -8.44
CA THR A 297 -31.91 12.98 -8.28
C THR A 297 -32.21 11.51 -8.50
N THR A 298 -31.38 10.88 -9.33
CA THR A 298 -31.51 9.48 -9.68
C THR A 298 -30.20 8.77 -9.37
N SER A 299 -30.30 7.49 -8.99
CA SER A 299 -29.16 6.73 -8.51
C SER A 299 -28.85 5.51 -9.37
N ASN A 300 -29.87 4.72 -9.70
CA ASN A 300 -29.72 3.41 -10.31
C ASN A 300 -29.01 2.44 -9.36
N ILE A 301 -28.64 2.90 -8.16
CA ILE A 301 -28.12 2.02 -7.12
C ILE A 301 -28.62 2.50 -5.77
N THR A 302 -28.96 1.56 -4.89
CA THR A 302 -29.50 1.93 -3.58
C THR A 302 -28.53 1.67 -2.45
N GLU A 303 -27.35 1.12 -2.73
CA GLU A 303 -26.48 0.63 -1.67
C GLU A 303 -25.63 1.76 -1.09
N LYS A 304 -24.78 2.38 -1.90
CA LYS A 304 -23.84 3.37 -1.43
C LYS A 304 -24.19 4.74 -1.99
N ILE A 305 -24.51 5.68 -1.11
CA ILE A 305 -24.91 7.03 -1.50
C ILE A 305 -24.31 7.99 -0.48
N ASP A 306 -24.15 9.25 -0.91
CA ASP A 306 -23.51 10.26 -0.08
C ASP A 306 -24.22 10.46 1.24
N VAL A 307 -23.45 10.52 2.32
CA VAL A 307 -23.97 11.01 3.58
C VAL A 307 -24.29 12.49 3.44
N ALA A 308 -25.18 12.98 4.31
CA ALA A 308 -25.49 14.39 4.43
C ALA A 308 -26.17 14.95 3.19
N PHE A 309 -26.30 14.13 2.14
CA PHE A 309 -27.08 14.49 0.97
C PHE A 309 -28.27 13.55 0.78
N VAL A 310 -28.03 12.24 0.87
CA VAL A 310 -29.10 11.27 1.03
C VAL A 310 -29.66 11.42 2.43
N ASP A 311 -29.03 12.27 3.24
CA ASP A 311 -29.67 12.73 4.46
C ASP A 311 -30.61 13.88 4.16
N ARG A 312 -30.21 14.76 3.24
CA ARG A 312 -31.15 15.73 2.70
C ARG A 312 -32.07 14.97 1.77
N ALA A 313 -32.95 14.18 2.37
CA ALA A 313 -33.72 13.19 1.64
C ALA A 313 -35.20 13.40 1.86
N ASP A 314 -35.67 14.62 1.65
CA ASP A 314 -37.11 14.80 1.75
C ASP A 314 -37.86 14.01 0.69
N ILE A 315 -37.17 13.24 -0.14
CA ILE A 315 -37.76 12.16 -0.92
C ILE A 315 -36.80 10.99 -0.95
N LYS A 316 -37.21 9.86 -0.39
CA LYS A 316 -36.55 8.58 -0.59
C LYS A 316 -37.56 7.73 -1.36
N GLN A 317 -37.53 7.83 -2.68
CA GLN A 317 -38.56 7.22 -3.50
C GLN A 317 -38.04 5.91 -4.08
N TYR A 318 -38.53 4.81 -3.52
CA TYR A 318 -38.22 3.49 -4.06
C TYR A 318 -39.08 3.20 -5.27
N ILE A 319 -38.48 2.59 -6.26
CA ILE A 319 -39.21 2.06 -7.41
C ILE A 319 -38.84 0.60 -7.53
N GLY A 320 -39.82 -0.21 -7.87
CA GLY A 320 -39.61 -1.64 -7.91
C GLY A 320 -39.78 -2.20 -9.30
N PRO A 321 -39.76 -3.52 -9.39
CA PRO A 321 -40.02 -4.17 -10.66
C PRO A 321 -41.44 -3.91 -11.11
N PRO A 322 -41.63 -3.35 -12.29
CA PRO A 322 -43.00 -3.09 -12.78
C PRO A 322 -43.79 -4.38 -12.85
N SER A 323 -44.84 -4.46 -12.05
CA SER A 323 -45.60 -5.70 -11.93
C SER A 323 -46.70 -5.73 -12.99
N ALA A 324 -47.63 -6.68 -12.84
CA ALA A 324 -48.44 -7.16 -13.96
C ALA A 324 -49.20 -6.07 -14.69
N ALA A 325 -50.17 -5.43 -14.02
CA ALA A 325 -51.08 -4.54 -14.72
C ALA A 325 -50.33 -3.51 -15.55
N ALA A 326 -49.22 -3.00 -15.01
CA ALA A 326 -48.39 -2.09 -15.78
C ALA A 326 -47.82 -2.79 -17.01
N ILE A 327 -47.36 -4.03 -16.82
CA ILE A 327 -46.82 -4.79 -17.95
C ILE A 327 -47.90 -4.94 -19.02
N PHE A 328 -49.13 -5.15 -18.59
CA PHE A 328 -50.22 -5.34 -19.54
C PHE A 328 -50.48 -4.07 -20.32
N LYS A 329 -50.57 -2.94 -19.62
CA LYS A 329 -50.79 -1.68 -20.29
C LYS A 329 -49.67 -1.38 -21.28
N ILE A 330 -48.44 -1.69 -20.89
CA ILE A 330 -47.30 -1.38 -21.76
C ILE A 330 -47.29 -2.31 -22.97
N TYR A 331 -47.64 -3.58 -22.75
CA TYR A 331 -47.89 -4.48 -23.87
C TYR A 331 -48.90 -3.90 -24.83
N LEU A 332 -50.06 -3.49 -24.31
CA LEU A 332 -51.09 -2.87 -25.14
C LEU A 332 -50.51 -1.73 -25.96
N SER A 333 -49.78 -0.85 -25.30
CA SER A 333 -49.22 0.32 -25.97
C SER A 333 -48.27 -0.11 -27.08
N CYS A 334 -47.36 -1.01 -26.77
CA CYS A 334 -46.39 -1.44 -27.77
C CYS A 334 -47.08 -2.12 -28.94
N LEU A 335 -48.09 -2.93 -28.65
CA LEU A 335 -48.81 -3.61 -29.71
C LEU A 335 -49.53 -2.62 -30.61
N GLU A 336 -50.23 -1.65 -30.02
CA GLU A 336 -50.92 -0.68 -30.84
C GLU A 336 -49.95 0.23 -31.57
N GLU A 337 -48.74 0.38 -31.04
CA GLU A 337 -47.73 1.12 -31.78
C GLU A 337 -47.18 0.30 -32.93
N LEU A 338 -47.15 -1.01 -32.78
CA LEU A 338 -46.90 -1.89 -33.92
C LEU A 338 -48.00 -1.74 -34.96
N MET A 339 -49.25 -1.73 -34.49
CA MET A 339 -50.41 -1.74 -35.37
C MET A 339 -50.51 -0.43 -36.14
N LYS A 340 -50.62 0.68 -35.42
CA LYS A 340 -50.55 2.01 -36.00
C LYS A 340 -49.40 2.11 -36.99
N CYS A 341 -48.21 1.74 -36.56
CA CYS A 341 -47.10 1.75 -37.50
C CYS A 341 -47.15 0.62 -38.45
N GLN A 342 -48.21 -0.19 -38.41
CA GLN A 342 -48.51 -1.17 -39.44
C GLN A 342 -47.53 -2.33 -39.44
N ILE A 343 -46.70 -2.45 -38.41
CA ILE A 343 -45.89 -3.65 -38.23
C ILE A 343 -46.80 -4.86 -38.12
N ILE A 344 -47.67 -4.87 -37.12
CA ILE A 344 -48.82 -5.75 -37.15
C ILE A 344 -49.70 -5.22 -38.27
N TYR A 345 -49.74 -5.94 -39.40
CA TYR A 345 -50.49 -5.40 -40.54
C TYR A 345 -51.98 -5.44 -40.33
N PRO A 346 -52.61 -6.60 -40.10
CA PRO A 346 -54.04 -6.59 -39.81
C PRO A 346 -54.29 -6.06 -38.41
N ARG A 347 -55.14 -5.06 -38.31
CA ARG A 347 -55.51 -4.49 -37.03
C ARG A 347 -56.45 -5.45 -36.30
N GLN A 348 -56.35 -5.46 -34.97
CA GLN A 348 -57.29 -6.21 -34.15
C GLN A 348 -57.67 -5.34 -32.96
N GLN A 349 -58.34 -5.96 -31.98
CA GLN A 349 -58.90 -5.25 -30.86
C GLN A 349 -58.28 -5.77 -29.57
N LEU A 350 -57.68 -4.87 -28.81
CA LEU A 350 -57.09 -5.21 -27.52
C LEU A 350 -58.05 -4.78 -26.42
N LEU A 351 -57.70 -5.11 -25.17
CA LEU A 351 -58.58 -4.87 -24.03
C LEU A 351 -57.76 -4.39 -22.84
N THR A 352 -58.45 -4.08 -21.75
CA THR A 352 -57.80 -3.70 -20.51
C THR A 352 -58.09 -4.73 -19.44
N LEU A 353 -57.15 -4.90 -18.51
CA LEU A 353 -57.37 -5.86 -17.43
C LEU A 353 -58.59 -5.50 -16.61
N ARG A 354 -58.91 -4.21 -16.50
CA ARG A 354 -60.18 -3.84 -15.89
C ARG A 354 -61.34 -4.42 -16.67
N GLU A 355 -61.33 -4.22 -17.99
CA GLU A 355 -62.37 -4.78 -18.85
C GLU A 355 -62.38 -6.29 -18.79
N LEU A 356 -61.21 -6.91 -18.82
CA LEU A 356 -61.14 -8.36 -18.75
C LEU A 356 -61.71 -8.88 -17.44
N GLU A 357 -61.44 -8.18 -16.35
CA GLU A 357 -61.95 -8.62 -15.05
C GLU A 357 -63.46 -8.42 -14.95
N MET A 358 -63.97 -7.37 -15.60
CA MET A 358 -65.42 -7.16 -15.56
C MET A 358 -66.16 -8.33 -16.20
N ILE A 359 -65.67 -8.83 -17.33
CA ILE A 359 -66.23 -10.04 -17.92
C ILE A 359 -65.62 -11.30 -17.31
N GLY A 360 -64.78 -11.15 -16.30
CA GLY A 360 -64.32 -12.30 -15.53
C GLY A 360 -63.35 -13.22 -16.24
N PHE A 361 -62.51 -12.69 -17.11
CA PHE A 361 -61.49 -13.48 -17.82
C PHE A 361 -62.11 -14.63 -18.59
N ILE A 362 -63.41 -14.54 -18.90
CA ILE A 362 -64.11 -15.64 -19.56
C ILE A 362 -63.68 -15.72 -21.01
N GLU A 363 -63.17 -16.89 -21.41
CA GLU A 363 -62.61 -17.12 -22.74
C GLU A 363 -63.71 -17.17 -23.78
N ASN A 364 -63.88 -16.05 -24.48
CA ASN A 364 -64.61 -16.04 -25.73
C ASN A 364 -63.62 -16.23 -26.86
N ASN A 365 -64.06 -15.97 -28.09
CA ASN A 365 -63.15 -15.92 -29.23
C ASN A 365 -62.86 -14.49 -29.64
N VAL A 366 -63.06 -13.54 -28.73
CA VAL A 366 -62.77 -12.13 -28.97
C VAL A 366 -61.81 -11.57 -27.94
N SER A 367 -62.03 -11.85 -26.66
CA SER A 367 -61.17 -11.40 -25.58
C SER A 367 -60.00 -12.34 -25.33
N LYS A 368 -59.86 -13.41 -26.11
CA LYS A 368 -58.81 -14.38 -25.87
C LYS A 368 -57.44 -13.74 -25.90
N LEU A 369 -57.16 -12.95 -26.93
CA LEU A 369 -55.84 -12.39 -27.10
C LEU A 369 -55.42 -11.57 -25.89
N SER A 370 -56.35 -10.79 -25.36
CA SER A 370 -56.05 -10.02 -24.16
C SER A 370 -55.83 -10.93 -22.96
N LEU A 371 -56.52 -12.06 -22.88
CA LEU A 371 -56.26 -13.01 -21.81
C LEU A 371 -54.84 -13.57 -21.93
N LEU A 372 -54.44 -13.91 -23.14
CA LEU A 372 -53.07 -14.35 -23.38
C LEU A 372 -52.08 -13.28 -22.95
N LEU A 373 -52.34 -12.04 -23.33
CA LEU A 373 -51.46 -10.94 -22.95
C LEU A 373 -51.34 -10.82 -21.44
N ASN A 374 -52.47 -10.93 -20.75
CA ASN A 374 -52.48 -10.96 -19.29
C ASN A 374 -51.55 -12.03 -18.76
N ASP A 375 -51.71 -13.25 -19.27
CA ASP A 375 -50.88 -14.35 -18.79
C ASP A 375 -49.41 -14.08 -19.04
N ILE A 376 -49.12 -13.46 -20.18
CA ILE A 376 -47.74 -13.11 -20.51
C ILE A 376 -47.19 -12.13 -19.49
N SER A 377 -47.96 -11.10 -19.19
CA SER A 377 -47.57 -10.12 -18.17
C SER A 377 -47.29 -10.80 -16.85
N ARG A 378 -48.25 -11.60 -16.38
CA ARG A 378 -48.08 -12.33 -15.13
C ARG A 378 -46.78 -13.11 -15.12
N LYS A 379 -46.61 -13.99 -16.10
CA LYS A 379 -45.38 -14.76 -16.17
C LYS A 379 -44.17 -13.92 -16.52
N SER A 380 -44.34 -12.62 -16.72
CA SER A 380 -43.27 -11.74 -17.16
C SER A 380 -42.81 -10.77 -16.07
N GLU A 381 -42.78 -11.24 -14.82
CA GLU A 381 -42.49 -10.34 -13.72
C GLU A 381 -41.07 -9.81 -13.79
N GLY A 382 -40.86 -8.72 -13.05
CA GLY A 382 -39.55 -8.24 -12.65
C GLY A 382 -38.41 -8.30 -13.65
N LEU A 383 -38.67 -8.05 -14.93
CA LEU A 383 -37.56 -8.00 -15.88
C LEU A 383 -36.90 -6.63 -15.88
N SER A 384 -37.58 -5.65 -16.47
CA SER A 384 -37.36 -4.22 -16.29
C SER A 384 -38.31 -3.53 -17.22
N GLY A 385 -38.62 -2.27 -16.92
CA GLY A 385 -39.25 -1.44 -17.93
C GLY A 385 -38.47 -1.48 -19.22
N ARG A 386 -37.15 -1.43 -19.12
CA ARG A 386 -36.30 -1.50 -20.30
C ARG A 386 -36.47 -2.83 -21.00
N VAL A 387 -36.40 -3.91 -20.26
CA VAL A 387 -36.58 -5.21 -20.89
C VAL A 387 -37.97 -5.30 -21.51
N LEU A 388 -38.98 -4.78 -20.80
CA LEU A 388 -40.33 -4.88 -21.32
C LEU A 388 -40.46 -4.15 -22.64
N ARG A 389 -40.28 -2.84 -22.64
CA ARG A 389 -40.42 -2.11 -23.89
C ARG A 389 -39.32 -2.46 -24.88
N LYS A 390 -38.39 -3.32 -24.49
CA LYS A 390 -37.55 -3.92 -25.50
C LYS A 390 -38.23 -5.09 -26.16
N LEU A 391 -38.93 -5.90 -25.37
CA LEU A 391 -39.51 -7.17 -25.78
C LEU A 391 -40.01 -7.17 -27.22
N PRO A 392 -40.93 -6.26 -27.61
CA PRO A 392 -41.48 -6.34 -28.97
C PRO A 392 -40.42 -6.48 -30.04
N PHE A 393 -39.29 -5.81 -29.85
CA PHE A 393 -38.23 -5.84 -30.85
C PHE A 393 -37.70 -7.26 -31.02
N LEU A 394 -37.24 -7.86 -29.92
CA LEU A 394 -36.77 -9.24 -30.01
C LEU A 394 -37.88 -10.17 -30.49
N ALA A 395 -39.10 -9.96 -30.00
CA ALA A 395 -40.22 -10.78 -30.43
C ALA A 395 -40.32 -10.78 -31.94
N HIS A 396 -40.14 -9.62 -32.56
CA HIS A 396 -40.21 -9.56 -34.00
C HIS A 396 -38.96 -10.10 -34.67
N ALA A 397 -37.81 -10.05 -34.01
CA ALA A 397 -36.55 -10.40 -34.65
C ALA A 397 -36.19 -11.87 -34.48
N LEU A 398 -36.07 -12.34 -33.25
CA LEU A 398 -35.64 -13.71 -33.00
C LEU A 398 -36.60 -14.72 -33.62
N TYR A 399 -37.85 -14.66 -33.27
CA TYR A 399 -38.72 -15.77 -33.61
C TYR A 399 -39.58 -15.49 -34.83
N VAL A 400 -40.23 -14.33 -34.88
CA VAL A 400 -40.94 -13.96 -36.09
C VAL A 400 -40.00 -13.98 -37.28
N GLN A 401 -38.97 -13.13 -37.23
CA GLN A 401 -37.97 -12.96 -38.28
C GLN A 401 -38.60 -12.97 -39.66
N ALA A 402 -39.80 -12.43 -39.76
CA ALA A 402 -40.54 -12.26 -40.98
C ALA A 402 -41.14 -10.86 -40.98
N PRO A 403 -41.40 -10.28 -42.14
CA PRO A 403 -41.93 -8.91 -42.17
C PRO A 403 -43.37 -8.80 -41.73
N THR A 404 -44.03 -9.91 -41.40
CA THR A 404 -45.44 -9.87 -41.05
C THR A 404 -45.73 -10.89 -39.97
N VAL A 405 -46.58 -10.52 -39.02
CA VAL A 405 -46.72 -11.23 -37.76
C VAL A 405 -48.16 -11.58 -37.42
N THR A 406 -49.03 -11.70 -38.41
CA THR A 406 -50.38 -11.09 -38.37
C THR A 406 -50.87 -11.03 -36.93
N ILE A 407 -51.08 -12.16 -36.25
CA ILE A 407 -51.30 -12.17 -34.82
C ILE A 407 -51.29 -13.61 -34.35
N GLU A 408 -50.98 -13.79 -33.06
CA GLU A 408 -50.86 -15.06 -32.35
C GLU A 408 -49.62 -15.80 -32.78
N GLY A 409 -48.98 -15.33 -33.85
CA GLY A 409 -47.60 -15.70 -34.09
C GLY A 409 -46.66 -14.72 -33.41
N PHE A 410 -46.95 -13.43 -33.57
CA PHE A 410 -46.24 -12.43 -32.80
C PHE A 410 -46.40 -12.68 -31.31
N LEU A 411 -47.56 -13.19 -30.90
CA LEU A 411 -47.83 -13.37 -29.49
C LEU A 411 -46.99 -14.50 -28.93
N GLN A 412 -47.05 -15.68 -29.56
CA GLN A 412 -46.22 -16.79 -29.10
C GLN A 412 -44.74 -16.43 -29.20
N ALA A 413 -44.38 -15.62 -30.19
CA ALA A 413 -43.00 -15.16 -30.29
C ALA A 413 -42.64 -14.31 -29.08
N LEU A 414 -43.54 -13.41 -28.68
CA LEU A 414 -43.35 -12.65 -27.45
C LEU A 414 -43.12 -13.59 -26.28
N SER A 415 -43.95 -14.63 -26.19
CA SER A 415 -43.79 -15.62 -25.13
C SER A 415 -42.38 -16.16 -25.11
N LEU A 416 -41.94 -16.70 -26.24
CA LEU A 416 -40.62 -17.29 -26.32
C LEU A 416 -39.52 -16.27 -26.01
N ALA A 417 -39.74 -15.01 -26.36
CA ALA A 417 -38.73 -14.00 -26.11
C ALA A 417 -38.58 -13.74 -24.62
N VAL A 418 -39.71 -13.54 -23.94
CA VAL A 418 -39.67 -13.40 -22.50
C VAL A 418 -38.99 -14.62 -21.89
N ASP A 419 -39.29 -15.79 -22.43
CA ASP A 419 -38.64 -17.01 -21.97
C ASP A 419 -37.14 -16.91 -22.13
N LYS A 420 -36.69 -16.38 -23.26
CA LYS A 420 -35.26 -16.24 -23.50
C LYS A 420 -34.64 -15.30 -22.49
N GLN A 421 -35.32 -14.20 -22.18
CA GLN A 421 -34.79 -13.25 -21.21
C GLN A 421 -34.65 -13.90 -19.84
N PHE A 422 -35.66 -14.64 -19.40
CA PHE A 422 -35.55 -15.29 -18.11
C PHE A 422 -34.45 -16.34 -18.11
N GLU A 423 -34.45 -17.22 -19.11
CA GLU A 423 -33.39 -18.22 -19.23
C GLU A 423 -32.02 -17.58 -19.14
N GLU A 424 -31.87 -16.41 -19.73
CA GLU A 424 -30.55 -15.80 -19.86
C GLU A 424 -30.13 -15.05 -18.60
N ARG A 425 -31.08 -14.43 -17.90
CA ARG A 425 -30.78 -14.03 -16.52
C ARG A 425 -30.30 -15.24 -15.73
N LYS A 426 -30.95 -16.38 -15.93
CA LYS A 426 -30.46 -17.60 -15.30
C LYS A 426 -29.12 -18.01 -15.86
N LYS A 427 -28.81 -17.57 -17.08
CA LYS A 427 -27.60 -17.99 -17.77
C LYS A 427 -26.44 -17.03 -17.56
N LEU A 428 -26.69 -15.84 -17.03
CA LEU A 428 -25.59 -14.95 -16.67
C LEU A 428 -24.72 -15.52 -15.57
N ALA A 429 -25.03 -16.72 -15.09
CA ALA A 429 -24.20 -17.45 -14.15
C ALA A 429 -23.87 -16.63 -12.91
N PRO B 19 -38.72 -17.19 -52.12
CA PRO B 19 -37.34 -17.67 -52.27
C PRO B 19 -36.31 -16.55 -52.13
N THR B 20 -35.95 -16.22 -50.90
CA THR B 20 -35.04 -15.13 -50.59
C THR B 20 -33.67 -15.70 -50.26
N VAL B 21 -32.63 -15.09 -50.83
CA VAL B 21 -31.27 -15.62 -50.76
C VAL B 21 -30.32 -14.46 -50.43
N HIS B 22 -29.17 -14.80 -49.85
CA HIS B 22 -28.11 -13.84 -49.57
C HIS B 22 -26.86 -14.28 -50.31
N VAL B 23 -26.34 -13.40 -51.17
CA VAL B 23 -25.20 -13.71 -52.03
C VAL B 23 -24.19 -12.58 -51.96
N GLU B 24 -22.93 -12.93 -51.70
CA GLU B 24 -21.81 -12.00 -51.66
C GLU B 24 -21.05 -12.04 -52.98
N VAL B 25 -20.28 -10.97 -53.23
CA VAL B 25 -19.57 -10.82 -54.49
C VAL B 25 -18.14 -10.36 -54.20
N HIS B 26 -17.17 -11.23 -54.41
CA HIS B 26 -15.78 -10.90 -54.11
C HIS B 26 -15.22 -10.03 -55.24
N GLN B 27 -14.67 -8.89 -54.88
CA GLN B 27 -14.19 -7.88 -55.80
C GLN B 27 -12.70 -7.68 -55.62
N ARG B 28 -11.93 -7.81 -56.69
CA ARG B 28 -10.51 -7.54 -56.61
C ARG B 28 -10.27 -6.10 -56.21
N GLY B 29 -9.16 -5.88 -55.50
CA GLY B 29 -8.84 -4.55 -54.99
C GLY B 29 -8.50 -3.52 -56.04
N SER B 30 -8.37 -3.93 -57.30
CA SER B 30 -8.03 -3.03 -58.40
C SER B 30 -9.19 -2.78 -59.34
N SER B 31 -9.83 -3.85 -59.83
CA SER B 31 -11.00 -3.67 -60.67
C SER B 31 -12.13 -3.04 -59.88
N THR B 32 -12.65 -1.93 -60.39
CA THR B 32 -13.70 -1.16 -59.72
C THR B 32 -14.83 -0.84 -60.69
N ALA B 33 -15.28 -1.84 -61.44
CA ALA B 33 -16.36 -1.63 -62.38
C ALA B 33 -17.67 -1.30 -61.65
N LYS B 34 -18.70 -0.98 -62.43
CA LYS B 34 -19.97 -0.59 -61.85
C LYS B 34 -20.61 -1.76 -61.12
N LYS B 35 -21.42 -1.43 -60.11
CA LYS B 35 -22.14 -2.46 -59.39
C LYS B 35 -23.20 -3.11 -60.27
N GLU B 36 -23.82 -2.34 -61.15
CA GLU B 36 -24.75 -2.93 -62.12
C GLU B 36 -24.02 -3.87 -63.09
N ASP B 37 -22.76 -3.56 -63.41
CA ASP B 37 -21.99 -4.42 -64.29
C ASP B 37 -21.92 -5.82 -63.75
N ILE B 38 -21.29 -5.98 -62.58
CA ILE B 38 -21.17 -7.29 -61.96
C ILE B 38 -22.54 -7.84 -61.61
N ASN B 39 -23.52 -6.96 -61.37
CA ASN B 39 -24.89 -7.41 -61.16
C ASN B 39 -25.36 -8.27 -62.33
N LEU B 40 -25.45 -7.66 -63.51
CA LEU B 40 -25.94 -8.39 -64.67
C LEU B 40 -25.00 -9.52 -65.06
N SER B 41 -23.69 -9.35 -64.85
CA SER B 41 -22.73 -10.40 -65.17
C SER B 41 -23.02 -11.65 -64.34
N VAL B 42 -23.18 -11.48 -63.03
CA VAL B 42 -23.46 -12.61 -62.16
C VAL B 42 -24.88 -13.13 -62.38
N ARG B 43 -25.80 -12.29 -62.86
CA ARG B 43 -27.13 -12.80 -63.20
C ARG B 43 -27.05 -13.78 -64.37
N LYS B 44 -26.35 -13.39 -65.43
CA LYS B 44 -26.08 -14.32 -66.52
C LYS B 44 -25.33 -15.54 -66.02
N LEU B 45 -24.36 -15.31 -65.12
CA LEU B 45 -23.58 -16.42 -64.57
C LEU B 45 -24.47 -17.42 -63.83
N LEU B 46 -25.42 -16.91 -63.05
CA LEU B 46 -26.34 -17.77 -62.31
C LEU B 46 -27.23 -18.55 -63.27
N ASN B 47 -27.81 -17.86 -64.24
CA ASN B 47 -28.59 -18.55 -65.25
C ASN B 47 -27.78 -19.60 -66.00
N ARG B 48 -26.46 -19.42 -66.05
CA ARG B 48 -25.58 -20.49 -66.53
C ARG B 48 -25.51 -21.62 -65.53
N HIS B 49 -25.21 -21.29 -64.26
CA HIS B 49 -25.24 -22.28 -63.19
C HIS B 49 -26.62 -22.90 -63.09
N ASN B 50 -27.64 -22.08 -62.87
CA ASN B 50 -29.02 -22.51 -62.72
C ASN B 50 -29.18 -23.52 -61.60
N ILE B 51 -28.27 -23.51 -60.63
CA ILE B 51 -28.26 -24.46 -59.55
C ILE B 51 -28.06 -23.76 -58.21
N GLY B 54 -26.80 -26.70 -52.96
CA GLY B 54 -26.85 -26.11 -51.65
C GLY B 54 -25.88 -24.95 -51.49
N ASP B 55 -25.42 -24.72 -50.26
CA ASP B 55 -24.47 -23.64 -50.00
C ASP B 55 -23.18 -23.90 -50.75
N TYR B 56 -22.90 -23.11 -51.79
CA TYR B 56 -21.76 -23.35 -52.66
C TYR B 56 -20.94 -22.06 -52.79
N THR B 57 -19.70 -22.24 -53.21
CA THR B 57 -18.77 -21.13 -53.43
C THR B 57 -18.05 -21.37 -54.75
N TRP B 58 -18.16 -20.42 -55.67
CA TRP B 58 -17.46 -20.48 -56.95
C TRP B 58 -16.19 -19.65 -56.88
N THR B 59 -15.13 -20.15 -57.49
CA THR B 59 -13.85 -19.44 -57.49
C THR B 59 -13.27 -19.21 -58.88
N GLU B 60 -13.34 -20.19 -59.78
CA GLU B 60 -12.81 -20.07 -61.12
C GLU B 60 -13.96 -20.18 -62.12
N PHE B 61 -14.04 -19.23 -63.04
CA PHE B 61 -15.24 -18.97 -63.81
C PHE B 61 -15.02 -19.27 -65.28
N ASP B 62 -16.05 -18.99 -66.07
CA ASP B 62 -16.05 -19.28 -67.50
C ASP B 62 -15.78 -18.03 -68.34
N GLU B 63 -16.54 -16.97 -68.10
CA GLU B 63 -16.46 -15.76 -68.90
C GLU B 63 -15.31 -14.87 -68.40
N PRO B 64 -14.50 -14.29 -69.29
CA PRO B 64 -13.32 -13.55 -68.83
C PRO B 64 -13.65 -12.30 -68.03
N PHE B 65 -14.78 -11.66 -68.29
CA PHE B 65 -15.16 -10.47 -67.51
C PHE B 65 -15.23 -10.81 -66.03
N LEU B 66 -15.84 -11.94 -65.68
CA LEU B 66 -15.88 -12.38 -64.30
C LEU B 66 -14.50 -12.79 -63.83
N THR B 67 -13.73 -13.46 -64.68
CA THR B 67 -12.37 -13.86 -64.32
C THR B 67 -11.55 -12.67 -63.86
N ARG B 68 -11.77 -11.51 -64.50
CA ARG B 68 -10.96 -10.34 -64.23
C ARG B 68 -11.55 -9.42 -63.18
N ASN B 69 -12.88 -9.36 -63.06
CA ASN B 69 -13.52 -8.40 -62.17
C ASN B 69 -14.12 -9.03 -60.93
N VAL B 70 -14.15 -10.36 -60.84
CA VAL B 70 -14.70 -11.07 -59.70
C VAL B 70 -13.69 -12.13 -59.28
N GLN B 71 -13.63 -12.39 -57.97
CA GLN B 71 -12.69 -13.35 -57.43
C GLN B 71 -13.35 -14.57 -56.81
N SER B 72 -14.56 -14.44 -56.26
CA SER B 72 -15.30 -15.58 -55.73
C SER B 72 -16.74 -15.15 -55.48
N VAL B 73 -17.60 -16.14 -55.25
CA VAL B 73 -19.01 -15.93 -54.93
C VAL B 73 -19.39 -16.92 -53.84
N SER B 74 -20.19 -16.47 -52.87
CA SER B 74 -20.48 -17.26 -51.69
C SER B 74 -21.98 -17.40 -51.47
N ILE B 75 -22.36 -18.51 -50.85
CA ILE B 75 -23.75 -18.81 -50.52
C ILE B 75 -23.81 -19.52 -49.16
N ILE B 76 -24.63 -19.01 -48.26
CA ILE B 76 -24.95 -19.65 -46.99
C ILE B 76 -26.44 -19.95 -46.99
N ASP B 77 -26.82 -21.01 -46.28
CA ASP B 77 -28.21 -21.51 -46.27
C ASP B 77 -29.27 -20.42 -46.14
N ASP B 89 -28.38 -25.57 -55.60
CA ASP B 89 -29.58 -26.34 -55.93
C ASP B 89 -30.80 -25.46 -55.70
N LEU B 90 -30.70 -24.19 -56.09
CA LEU B 90 -31.76 -23.22 -55.86
C LEU B 90 -31.77 -22.27 -57.04
N SER B 91 -32.80 -22.37 -57.89
CA SER B 91 -32.81 -21.60 -59.13
C SER B 91 -33.87 -20.50 -59.13
N ALA B 92 -35.14 -20.84 -58.93
CA ALA B 92 -36.21 -19.85 -58.97
C ALA B 92 -36.22 -19.08 -57.65
N CYS B 93 -35.17 -18.27 -57.48
CA CYS B 93 -34.94 -17.56 -56.23
C CYS B 93 -34.64 -16.10 -56.53
N THR B 94 -34.71 -15.29 -55.48
CA THR B 94 -34.45 -13.86 -55.62
C THR B 94 -32.94 -13.61 -55.65
N VAL B 95 -32.49 -12.93 -56.70
CA VAL B 95 -31.06 -12.68 -56.89
C VAL B 95 -30.68 -11.44 -56.10
N ALA B 96 -30.36 -11.63 -54.82
CA ALA B 96 -29.96 -10.53 -53.95
C ALA B 96 -28.44 -10.45 -53.97
N LEU B 97 -27.91 -9.84 -55.03
CA LEU B 97 -26.49 -9.66 -55.15
C LEU B 97 -25.99 -8.56 -54.22
N HIS B 98 -24.78 -8.76 -53.70
CA HIS B 98 -24.17 -7.81 -52.78
C HIS B 98 -22.68 -7.80 -53.07
N ILE B 99 -22.17 -6.66 -53.50
CA ILE B 99 -20.77 -6.55 -53.91
C ILE B 99 -20.03 -5.70 -52.90
N PHE B 100 -18.77 -6.02 -52.68
CA PHE B 100 -17.98 -5.33 -51.66
C PHE B 100 -16.53 -5.25 -52.13
N GLN B 101 -15.94 -4.07 -51.98
CA GLN B 101 -14.54 -3.85 -52.32
C GLN B 101 -13.71 -3.95 -51.04
N LEU B 102 -12.64 -4.73 -51.10
CA LEU B 102 -11.80 -4.93 -49.94
C LEU B 102 -10.89 -3.72 -49.71
N ASN B 103 -10.10 -3.77 -48.64
CA ASN B 103 -9.24 -2.67 -48.26
C ASN B 103 -7.95 -3.20 -47.65
N GLU B 104 -6.81 -2.67 -48.10
CA GLU B 104 -5.51 -3.09 -47.59
C GLU B 104 -4.99 -2.14 -46.51
N ASP B 105 -5.86 -1.38 -45.87
CA ASP B 105 -5.48 -0.44 -44.83
C ASP B 105 -6.03 -0.91 -43.50
N GLY B 106 -5.18 -1.48 -42.68
CA GLY B 106 -5.62 -2.05 -41.43
C GLY B 106 -5.97 -1.03 -40.39
N PRO B 107 -4.98 -0.34 -39.84
CA PRO B 107 -5.23 0.54 -38.70
C PRO B 107 -5.48 1.99 -39.07
N SER B 108 -6.42 2.64 -38.39
CA SER B 108 -6.60 4.09 -38.45
C SER B 108 -6.66 4.58 -37.01
N SER B 109 -5.49 4.82 -36.43
CA SER B 109 -5.36 5.20 -35.02
C SER B 109 -5.77 6.66 -34.83
N GLU B 110 -7.07 6.89 -34.98
CA GLU B 110 -7.60 8.21 -34.66
C GLU B 110 -7.60 8.37 -33.15
N ASN B 111 -6.40 8.51 -32.60
CA ASN B 111 -6.19 8.41 -31.16
C ASN B 111 -6.92 9.52 -30.41
N LEU B 112 -6.90 9.41 -29.09
CA LEU B 112 -7.22 10.54 -28.24
C LEU B 112 -6.01 11.46 -28.31
N GLU B 113 -5.97 12.25 -29.38
CA GLU B 113 -4.78 12.97 -29.83
C GLU B 113 -4.31 14.02 -28.88
N GLU B 114 -4.90 14.12 -27.69
CA GLU B 114 -4.45 15.09 -26.70
C GLU B 114 -2.96 14.96 -26.46
N GLU B 115 -2.51 13.81 -25.95
CA GLU B 115 -1.10 13.58 -25.67
C GLU B 115 -0.84 12.16 -25.22
N THR B 116 0.43 11.83 -24.98
CA THR B 116 0.89 10.56 -24.43
C THR B 116 0.47 9.36 -25.26
N GLU B 117 0.00 9.59 -26.49
CA GLU B 117 -0.54 8.53 -27.33
C GLU B 117 0.51 8.16 -28.37
N ASN B 118 1.30 7.14 -28.07
CA ASN B 118 2.19 6.59 -29.08
C ASN B 118 1.34 5.99 -30.20
N ILE B 119 0.62 4.92 -29.92
CA ILE B 119 -0.48 4.43 -30.74
C ILE B 119 -1.60 3.93 -29.83
N ILE B 120 -2.61 4.76 -29.58
CA ILE B 120 -3.57 4.55 -28.51
C ILE B 120 -4.96 4.89 -29.02
N ALA B 121 -5.97 4.38 -28.33
CA ALA B 121 -7.33 4.89 -28.25
C ALA B 121 -8.17 4.60 -29.49
N ALA B 122 -7.60 4.09 -30.56
CA ALA B 122 -8.42 3.93 -31.77
C ALA B 122 -7.91 2.70 -32.53
N ASN B 123 -8.58 1.59 -32.33
CA ASN B 123 -8.44 0.46 -33.22
C ASN B 123 -9.49 0.62 -34.30
N HIS B 124 -9.07 0.84 -35.53
CA HIS B 124 -10.00 1.10 -36.61
C HIS B 124 -9.79 0.12 -37.74
N TRP B 125 -10.88 -0.18 -38.42
CA TRP B 125 -10.82 -0.84 -39.71
C TRP B 125 -11.90 -0.28 -40.61
N VAL B 126 -11.52 0.12 -41.82
CA VAL B 126 -12.53 0.50 -42.78
C VAL B 126 -13.46 -0.68 -42.96
N LEU B 127 -14.74 -0.40 -42.83
CA LEU B 127 -15.78 -1.40 -42.60
C LEU B 127 -15.59 -2.66 -43.44
N PRO B 128 -15.47 -2.58 -44.76
CA PRO B 128 -15.19 -3.81 -45.51
C PRO B 128 -13.74 -4.22 -45.33
N ALA B 129 -13.51 -5.27 -44.55
CA ALA B 129 -12.18 -5.62 -44.09
C ALA B 129 -11.65 -6.81 -44.88
N ALA B 130 -10.63 -6.56 -45.70
CA ALA B 130 -9.96 -7.66 -46.37
C ALA B 130 -9.39 -8.65 -45.37
N GLU B 131 -8.82 -8.15 -44.28
CA GLU B 131 -8.29 -9.01 -43.23
C GLU B 131 -9.34 -9.92 -42.64
N PHE B 132 -10.62 -9.64 -42.88
CA PHE B 132 -11.70 -10.43 -42.28
C PHE B 132 -12.50 -11.15 -43.35
N HIS B 133 -11.93 -11.31 -44.55
CA HIS B 133 -12.61 -12.06 -45.59
C HIS B 133 -12.58 -13.54 -45.30
N GLY B 134 -13.58 -14.26 -45.80
CA GLY B 134 -13.73 -15.66 -45.49
C GLY B 134 -13.93 -15.97 -44.03
N LEU B 135 -14.06 -14.95 -43.18
CA LEU B 135 -14.04 -15.17 -41.74
C LEU B 135 -15.37 -15.68 -41.23
N TRP B 136 -16.47 -15.02 -41.62
CA TRP B 136 -17.78 -15.40 -41.12
C TRP B 136 -18.07 -16.88 -41.33
N ASP B 137 -17.61 -17.43 -42.45
CA ASP B 137 -17.81 -18.85 -42.70
C ASP B 137 -17.03 -19.69 -41.70
N SER B 138 -15.84 -19.23 -41.31
CA SER B 138 -15.00 -20.00 -40.42
C SER B 138 -15.62 -20.15 -39.05
N LEU B 139 -15.98 -19.04 -38.42
CA LEU B 139 -16.55 -19.10 -37.09
C LEU B 139 -17.88 -19.83 -37.12
N VAL B 140 -18.10 -20.71 -36.16
CA VAL B 140 -19.29 -21.54 -36.14
C VAL B 140 -19.81 -21.64 -34.73
N TYR B 141 -21.13 -21.59 -34.59
CA TYR B 141 -21.79 -21.76 -33.30
C TYR B 141 -23.08 -22.53 -33.53
N ASP B 142 -23.14 -23.74 -33.01
CA ASP B 142 -24.15 -24.73 -33.42
C ASP B 142 -25.58 -24.27 -33.15
N VAL B 143 -25.74 -23.16 -32.44
CA VAL B 143 -27.06 -22.76 -31.95
C VAL B 143 -27.84 -21.94 -32.97
N GLU B 144 -27.22 -21.59 -34.10
CA GLU B 144 -27.78 -20.64 -35.07
C GLU B 144 -27.84 -19.24 -34.49
N VAL B 145 -27.04 -18.98 -33.45
CA VAL B 145 -26.89 -17.63 -32.92
C VAL B 145 -26.44 -16.68 -34.02
N LYS B 146 -25.60 -17.17 -34.93
CA LYS B 146 -25.25 -16.41 -36.12
C LYS B 146 -26.49 -15.83 -36.76
N SER B 147 -27.47 -16.68 -37.05
CA SER B 147 -28.71 -16.23 -37.66
C SER B 147 -29.40 -15.18 -36.81
N HIS B 148 -29.51 -15.44 -35.51
CA HIS B 148 -30.23 -14.53 -34.64
C HIS B 148 -29.59 -13.16 -34.62
N LEU B 149 -28.31 -13.12 -34.28
CA LEU B 149 -27.60 -11.86 -34.22
C LEU B 149 -27.60 -11.15 -35.56
N LEU B 150 -27.56 -11.94 -36.64
CA LEU B 150 -27.60 -11.38 -37.99
C LEU B 150 -28.91 -10.68 -38.27
N ASP B 151 -29.99 -11.45 -38.30
CA ASP B 151 -31.25 -10.83 -38.63
C ASP B 151 -31.71 -9.87 -37.54
N TYR B 152 -31.03 -9.83 -36.39
CA TYR B 152 -31.22 -8.75 -35.44
C TYR B 152 -31.09 -7.40 -36.11
N VAL B 153 -29.91 -7.10 -36.61
CA VAL B 153 -29.73 -5.86 -37.35
C VAL B 153 -30.54 -5.91 -38.64
N MET B 154 -30.50 -7.05 -39.32
CA MET B 154 -31.16 -7.19 -40.62
C MET B 154 -32.65 -6.89 -40.56
N THR B 155 -33.25 -6.91 -39.38
CA THR B 155 -34.63 -6.54 -39.17
C THR B 155 -34.77 -5.23 -38.41
N THR B 156 -33.75 -4.88 -37.63
CA THR B 156 -33.76 -3.65 -36.85
C THR B 156 -34.28 -2.47 -37.65
N LEU B 157 -33.58 -2.15 -38.71
CA LEU B 157 -33.88 -0.91 -39.40
C LEU B 157 -35.16 -0.99 -40.22
N LEU B 158 -35.82 -2.15 -40.25
CA LEU B 158 -37.20 -2.16 -40.71
C LEU B 158 -38.07 -1.30 -39.82
N PHE B 159 -37.80 -1.32 -38.52
CA PHE B 159 -38.47 -0.39 -37.61
C PHE B 159 -38.15 1.04 -37.98
N SER B 160 -36.87 1.32 -38.25
CA SER B 160 -36.49 2.67 -38.65
C SER B 160 -37.26 3.10 -39.88
N ASP B 161 -37.40 2.20 -40.85
CA ASP B 161 -38.28 2.44 -41.99
C ASP B 161 -39.67 2.82 -41.52
N LYS B 162 -40.29 1.95 -40.72
CA LYS B 162 -41.58 2.27 -40.13
C LYS B 162 -41.51 3.44 -39.17
N ASN B 163 -40.30 3.93 -38.86
CA ASN B 163 -40.12 5.18 -38.15
C ASN B 163 -40.95 5.20 -36.86
N VAL B 164 -41.05 4.04 -36.23
CA VAL B 164 -41.93 3.87 -35.08
C VAL B 164 -41.47 4.77 -33.94
N ASN B 165 -42.41 5.07 -33.04
CA ASN B 165 -42.10 5.79 -31.81
C ASN B 165 -40.86 5.24 -31.15
N SER B 166 -39.88 6.11 -30.95
CA SER B 166 -38.73 5.74 -30.16
C SER B 166 -39.04 5.69 -28.67
N ASN B 167 -40.32 5.80 -28.29
CA ASN B 167 -40.68 5.81 -26.89
C ASN B 167 -41.76 4.81 -26.53
N LEU B 168 -42.37 4.14 -27.50
CA LEU B 168 -43.19 2.97 -27.18
C LEU B 168 -42.42 1.69 -27.43
N ILE B 169 -41.99 1.48 -28.67
CA ILE B 169 -41.20 0.32 -29.04
C ILE B 169 -39.76 0.82 -29.10
N THR B 170 -39.04 0.68 -28.00
CA THR B 170 -37.74 1.28 -27.86
C THR B 170 -36.70 0.19 -27.61
N TRP B 171 -35.46 0.50 -28.00
CA TRP B 171 -34.41 -0.49 -28.12
C TRP B 171 -33.09 0.25 -28.27
N ASN B 172 -32.10 -0.07 -27.45
CA ASN B 172 -30.81 0.57 -27.65
C ASN B 172 -30.06 -0.17 -28.75
N ARG B 173 -28.85 0.26 -29.03
CA ARG B 173 -28.05 -0.36 -30.06
C ARG B 173 -26.83 -1.06 -29.48
N VAL B 174 -26.96 -1.54 -28.25
CA VAL B 174 -25.92 -2.30 -27.57
C VAL B 174 -26.31 -3.76 -27.56
N VAL B 175 -25.32 -4.63 -27.82
CA VAL B 175 -25.51 -6.08 -27.85
C VAL B 175 -24.33 -6.73 -27.16
N LEU B 176 -24.62 -7.67 -26.26
CA LEU B 176 -23.61 -8.29 -25.42
C LEU B 176 -23.48 -9.77 -25.72
N LEU B 177 -22.23 -10.20 -25.87
CA LEU B 177 -21.86 -11.59 -26.00
C LEU B 177 -20.90 -11.93 -24.87
N HIS B 178 -20.93 -13.19 -24.45
CA HIS B 178 -20.27 -13.57 -23.22
C HIS B 178 -20.32 -15.09 -23.10
N GLY B 179 -19.30 -15.65 -22.48
CA GLY B 179 -19.28 -17.06 -22.20
C GLY B 179 -17.95 -17.51 -21.67
N PRO B 180 -17.85 -18.78 -21.30
CA PRO B 180 -16.56 -19.35 -20.95
C PRO B 180 -15.53 -19.02 -22.01
N PRO B 181 -14.31 -18.76 -21.61
CA PRO B 181 -13.40 -18.00 -22.47
C PRO B 181 -13.00 -18.72 -23.73
N GLY B 182 -12.17 -18.05 -24.52
CA GLY B 182 -11.70 -18.64 -25.76
C GLY B 182 -12.85 -19.00 -26.66
N THR B 183 -13.59 -18.00 -27.13
CA THR B 183 -14.72 -18.31 -27.99
C THR B 183 -14.84 -17.31 -29.14
N GLY B 184 -13.77 -16.56 -29.43
CA GLY B 184 -13.75 -15.77 -30.64
C GLY B 184 -14.64 -14.56 -30.61
N LYS B 185 -15.34 -14.33 -29.51
CA LYS B 185 -16.34 -13.28 -29.38
C LYS B 185 -15.87 -11.98 -30.02
N THR B 186 -14.60 -11.62 -29.80
CA THR B 186 -14.06 -10.42 -30.41
C THR B 186 -14.16 -10.51 -31.92
N SER B 187 -13.43 -11.46 -32.50
CA SER B 187 -13.51 -11.65 -33.93
C SER B 187 -14.88 -12.10 -34.37
N LEU B 188 -15.67 -12.71 -33.49
CA LEU B 188 -17.03 -13.03 -33.88
C LEU B 188 -17.80 -11.76 -34.19
N CYS B 189 -17.69 -10.77 -33.31
CA CYS B 189 -18.30 -9.48 -33.57
C CYS B 189 -17.75 -8.88 -34.84
N LYS B 190 -16.44 -8.97 -35.03
CA LYS B 190 -15.85 -8.43 -36.24
C LYS B 190 -16.50 -9.05 -37.47
N ALA B 191 -16.66 -10.37 -37.46
CA ALA B 191 -17.24 -11.04 -38.60
C ALA B 191 -18.70 -10.64 -38.78
N LEU B 192 -19.42 -10.50 -37.68
CA LEU B 192 -20.75 -9.93 -37.76
C LEU B 192 -20.74 -8.61 -38.51
N ALA B 193 -19.80 -7.75 -38.14
CA ALA B 193 -19.70 -6.44 -38.77
C ALA B 193 -19.49 -6.58 -40.27
N GLN B 194 -18.54 -7.42 -40.65
CA GLN B 194 -18.23 -7.57 -42.07
C GLN B 194 -19.42 -8.15 -42.83
N LYS B 195 -20.13 -9.08 -42.19
CA LYS B 195 -21.28 -9.69 -42.86
C LYS B 195 -22.35 -8.66 -43.10
N LEU B 196 -22.69 -7.88 -42.07
CA LEU B 196 -23.65 -6.80 -42.25
C LEU B 196 -23.15 -5.84 -43.31
N THR B 197 -21.85 -5.58 -43.31
CA THR B 197 -21.24 -4.72 -44.31
C THR B 197 -21.64 -5.14 -45.70
N ILE B 198 -21.28 -6.35 -46.08
CA ILE B 198 -21.60 -6.80 -47.42
C ILE B 198 -23.11 -6.86 -47.61
N ARG B 199 -23.83 -7.14 -46.53
CA ARG B 199 -25.26 -7.34 -46.66
C ARG B 199 -25.97 -6.06 -47.07
N LEU B 200 -25.55 -4.93 -46.52
CA LEU B 200 -26.40 -3.75 -46.47
C LEU B 200 -25.91 -2.61 -47.36
N SER B 201 -25.44 -2.96 -48.56
CA SER B 201 -25.11 -1.93 -49.53
C SER B 201 -26.35 -1.22 -50.03
N SER B 202 -27.46 -1.95 -50.15
CA SER B 202 -28.72 -1.34 -50.57
C SER B 202 -29.10 -0.19 -49.65
N ARG B 203 -29.01 -0.40 -48.34
CA ARG B 203 -29.43 0.59 -47.38
C ARG B 203 -28.28 1.45 -46.87
N TYR B 204 -27.03 1.04 -47.06
CA TYR B 204 -25.90 1.81 -46.58
C TYR B 204 -24.71 1.63 -47.49
N ARG B 205 -24.03 2.74 -47.78
CA ARG B 205 -22.94 2.72 -48.74
C ARG B 205 -21.66 2.16 -48.14
N TYR B 206 -21.35 2.53 -46.91
CA TYR B 206 -20.08 2.17 -46.30
C TYR B 206 -20.26 2.24 -44.79
N GLY B 207 -19.14 2.26 -44.09
CA GLY B 207 -19.17 2.44 -42.65
C GLY B 207 -17.76 2.34 -42.13
N GLN B 208 -17.67 2.27 -40.81
CA GLN B 208 -16.39 2.19 -40.14
C GLN B 208 -16.45 1.11 -39.07
N LEU B 209 -15.29 0.72 -38.57
CA LEU B 209 -15.19 -0.19 -37.44
C LEU B 209 -14.27 0.43 -36.40
N ILE B 210 -14.83 0.73 -35.24
CA ILE B 210 -14.10 1.33 -34.14
C ILE B 210 -14.11 0.35 -32.98
N GLU B 211 -13.08 -0.49 -32.92
CA GLU B 211 -12.72 -1.21 -31.71
C GLU B 211 -12.00 -0.23 -30.79
N ILE B 212 -12.58 0.00 -29.63
CA ILE B 212 -12.04 1.01 -28.72
C ILE B 212 -11.17 0.32 -27.68
N ASN B 213 -9.90 0.69 -27.64
CA ASN B 213 -9.04 0.20 -26.57
C ASN B 213 -9.52 0.84 -25.29
N SER B 214 -10.32 0.08 -24.53
CA SER B 214 -10.93 0.60 -23.32
C SER B 214 -9.89 1.27 -22.43
N HIS B 215 -8.67 0.75 -22.43
CA HIS B 215 -7.64 1.24 -21.52
C HIS B 215 -7.36 2.71 -21.74
N SER B 216 -7.57 3.19 -22.96
CA SER B 216 -7.31 4.58 -23.27
C SER B 216 -8.31 5.52 -22.60
N LEU B 217 -9.15 4.99 -21.72
CA LEU B 217 -10.22 5.80 -21.17
C LEU B 217 -9.96 6.25 -19.76
N PHE B 218 -8.71 6.20 -19.31
CA PHE B 218 -8.43 6.51 -17.92
C PHE B 218 -7.04 7.10 -17.83
N SER B 219 -6.87 8.11 -16.99
CA SER B 219 -5.62 8.84 -16.95
C SER B 219 -5.05 8.88 -15.55
N LYS B 220 -3.74 9.07 -15.49
CA LYS B 220 -3.08 9.40 -14.23
C LYS B 220 -3.80 10.55 -13.54
N TRP B 221 -4.34 11.47 -14.32
CA TRP B 221 -4.90 12.69 -13.76
C TRP B 221 -6.21 12.35 -13.06
N PHE B 222 -6.90 13.39 -12.59
CA PHE B 222 -8.15 13.22 -11.87
C PHE B 222 -9.28 13.85 -12.67
N SER B 223 -10.31 13.05 -12.92
CA SER B 223 -11.51 13.46 -13.63
C SER B 223 -11.19 13.77 -15.08
N GLU B 224 -9.90 13.75 -15.43
CA GLU B 224 -9.49 13.81 -16.82
C GLU B 224 -10.20 12.73 -17.64
N SER B 225 -10.52 11.62 -16.99
CA SER B 225 -11.31 10.56 -17.60
C SER B 225 -12.47 11.11 -18.38
N GLY B 226 -13.23 12.02 -17.75
CA GLY B 226 -14.39 12.57 -18.42
C GLY B 226 -14.04 13.43 -19.61
N LYS B 227 -13.10 14.35 -19.43
CA LYS B 227 -12.60 15.14 -20.54
C LYS B 227 -12.20 14.24 -21.71
N LEU B 228 -11.80 13.01 -21.43
CA LEU B 228 -11.42 12.10 -22.48
C LEU B 228 -12.62 11.37 -23.07
N VAL B 229 -13.55 10.95 -22.22
CA VAL B 229 -14.77 10.31 -22.70
C VAL B 229 -15.46 11.21 -23.69
N THR B 230 -15.40 12.52 -23.45
CA THR B 230 -15.92 13.47 -24.39
C THR B 230 -15.33 13.25 -25.77
N LYS B 231 -14.00 13.23 -25.86
CA LYS B 231 -13.36 13.07 -27.16
C LYS B 231 -13.71 11.73 -27.77
N MET B 232 -13.77 10.68 -26.96
CA MET B 232 -14.05 9.36 -27.51
C MET B 232 -15.41 9.35 -28.18
N PHE B 233 -16.45 9.61 -27.40
CA PHE B 233 -17.78 9.63 -27.99
C PHE B 233 -17.92 10.72 -29.04
N GLN B 234 -17.05 11.73 -29.03
CA GLN B 234 -17.10 12.71 -30.09
C GLN B 234 -16.70 12.09 -31.42
N LYS B 235 -15.59 11.37 -31.44
CA LYS B 235 -15.20 10.69 -32.68
C LYS B 235 -16.23 9.63 -33.05
N ILE B 236 -16.76 8.93 -32.05
CA ILE B 236 -17.86 8.01 -32.30
C ILE B 236 -18.96 8.72 -33.06
N GLN B 237 -19.40 9.86 -32.51
CA GLN B 237 -20.46 10.63 -33.12
C GLN B 237 -20.10 11.05 -34.54
N ASP B 238 -18.86 11.48 -34.74
CA ASP B 238 -18.42 11.84 -36.08
C ASP B 238 -18.69 10.71 -37.05
N LEU B 239 -18.21 9.52 -36.73
CA LEU B 239 -18.48 8.41 -37.64
C LEU B 239 -19.96 8.09 -37.72
N ILE B 240 -20.74 8.45 -36.70
CA ILE B 240 -22.18 8.30 -36.77
C ILE B 240 -22.82 9.31 -37.72
N ASP B 241 -22.16 10.44 -37.96
CA ASP B 241 -22.83 11.59 -38.55
C ASP B 241 -23.40 11.28 -39.92
N ASP B 242 -22.67 10.53 -40.73
CA ASP B 242 -23.20 10.16 -42.04
C ASP B 242 -24.44 9.31 -41.89
N LYS B 243 -25.31 9.39 -42.89
CA LYS B 243 -26.50 8.56 -42.94
C LYS B 243 -26.39 7.47 -44.01
N ASP B 244 -25.29 7.44 -44.76
CA ASP B 244 -25.01 6.29 -45.60
C ASP B 244 -24.07 5.30 -44.91
N ALA B 245 -23.37 5.73 -43.86
CA ALA B 245 -22.38 4.91 -43.20
C ALA B 245 -23.04 3.92 -42.25
N LEU B 246 -22.21 3.11 -41.60
CA LEU B 246 -22.68 2.14 -40.63
C LEU B 246 -21.59 2.00 -39.58
N VAL B 247 -21.99 1.63 -38.37
CA VAL B 247 -21.13 1.78 -37.21
C VAL B 247 -21.18 0.54 -36.35
N PHE B 248 -20.01 0.05 -35.96
CA PHE B 248 -19.89 -1.03 -34.99
C PHE B 248 -18.95 -0.58 -33.88
N VAL B 249 -19.53 -0.05 -32.81
CA VAL B 249 -18.76 0.28 -31.63
C VAL B 249 -18.34 -1.03 -30.98
N LEU B 250 -17.09 -1.41 -31.14
CA LEU B 250 -16.57 -2.62 -30.52
C LEU B 250 -15.94 -2.27 -29.18
N ILE B 251 -16.69 -2.49 -28.12
CA ILE B 251 -16.16 -2.37 -26.77
C ILE B 251 -15.69 -3.75 -26.35
N ASP B 252 -14.38 -3.90 -26.25
CA ASP B 252 -13.72 -5.19 -26.06
C ASP B 252 -14.17 -5.90 -24.80
N GLN B 253 -13.87 -5.31 -23.66
CA GLN B 253 -13.78 -6.01 -22.38
C GLN B 253 -14.48 -5.18 -21.32
N VAL B 254 -15.75 -4.94 -21.58
CA VAL B 254 -16.61 -4.00 -20.87
C VAL B 254 -16.32 -3.99 -19.38
N GLU B 255 -15.95 -5.15 -18.85
CA GLU B 255 -15.42 -5.21 -17.48
C GLU B 255 -14.44 -4.09 -17.22
N SER B 256 -13.64 -3.73 -18.22
CA SER B 256 -12.79 -2.56 -18.11
C SER B 256 -13.58 -1.32 -17.77
N LEU B 257 -14.79 -1.19 -18.31
CA LEU B 257 -15.53 0.06 -18.17
C LEU B 257 -16.32 0.11 -16.87
N THR B 258 -17.00 -0.97 -16.52
CA THR B 258 -18.17 -0.87 -15.66
C THR B 258 -18.03 -1.54 -14.29
N ALA B 259 -17.44 -2.73 -14.24
CA ALA B 259 -17.69 -3.68 -13.15
C ALA B 259 -17.73 -3.07 -11.76
N ALA B 260 -16.90 -2.06 -11.52
CA ALA B 260 -16.66 -1.57 -10.17
C ALA B 260 -17.90 -1.01 -9.48
N ARG B 261 -19.04 -0.95 -10.18
CA ARG B 261 -20.17 -0.15 -9.69
C ARG B 261 -20.54 -0.51 -8.25
N ASN B 262 -20.29 -1.75 -7.82
CA ASN B 262 -20.59 -2.08 -6.43
C ASN B 262 -19.39 -1.88 -5.54
N ALA B 263 -18.23 -2.41 -5.93
CA ALA B 263 -17.09 -2.52 -5.02
C ALA B 263 -16.59 -1.13 -4.66
N CYS B 264 -16.91 -0.70 -3.43
CA CYS B 264 -16.44 0.58 -2.91
C CYS B 264 -15.23 0.44 -2.01
N ARG B 265 -14.72 -0.78 -1.81
CA ARG B 265 -13.45 -0.95 -1.14
C ARG B 265 -12.35 -0.26 -1.94
N ALA B 266 -11.39 0.31 -1.22
CA ALA B 266 -10.43 1.25 -1.81
C ALA B 266 -11.18 2.29 -2.62
N GLY B 267 -12.04 3.02 -1.92
CA GLY B 267 -13.06 3.88 -2.49
C GLY B 267 -12.62 4.83 -3.59
N THR B 268 -11.32 5.07 -3.71
CA THR B 268 -10.83 5.94 -4.78
C THR B 268 -11.12 5.32 -6.14
N GLU B 269 -10.71 4.07 -6.30
CA GLU B 269 -11.03 3.32 -7.51
C GLU B 269 -12.52 3.33 -7.80
N PRO B 270 -13.39 2.94 -6.86
CA PRO B 270 -14.83 3.03 -7.14
C PRO B 270 -15.27 4.43 -7.54
N SER B 271 -14.78 5.44 -6.83
CA SER B 271 -15.13 6.83 -7.12
C SER B 271 -14.92 7.14 -8.58
N ASP B 272 -13.69 7.05 -9.04
CA ASP B 272 -13.42 7.52 -10.40
C ASP B 272 -13.99 6.56 -11.43
N ALA B 273 -13.88 5.26 -11.19
CA ALA B 273 -14.44 4.28 -12.11
C ALA B 273 -15.91 4.56 -12.36
N ILE B 274 -16.69 4.75 -11.30
CA ILE B 274 -18.11 5.01 -11.48
C ILE B 274 -18.32 6.38 -12.11
N ARG B 275 -17.49 7.36 -11.73
CA ARG B 275 -17.53 8.65 -12.41
C ARG B 275 -17.32 8.51 -13.91
N VAL B 276 -16.86 7.35 -14.36
CA VAL B 276 -16.78 7.04 -15.79
C VAL B 276 -17.96 6.22 -16.28
N VAL B 277 -18.32 5.19 -15.52
CA VAL B 277 -19.42 4.31 -15.89
C VAL B 277 -20.66 5.12 -16.20
N ASN B 278 -20.92 6.11 -15.35
CA ASN B 278 -22.04 7.01 -15.55
C ASN B 278 -22.09 7.52 -16.98
N ALA B 279 -21.03 8.22 -17.39
CA ALA B 279 -21.02 8.80 -18.73
C ALA B 279 -21.09 7.72 -19.78
N VAL B 280 -20.51 6.55 -19.51
CA VAL B 280 -20.66 5.44 -20.44
C VAL B 280 -22.13 5.26 -20.78
N LEU B 281 -22.93 5.02 -19.75
CA LEU B 281 -24.35 4.79 -19.97
C LEU B 281 -25.02 6.00 -20.60
N THR B 282 -24.70 7.19 -20.11
CA THR B 282 -25.33 8.41 -20.63
C THR B 282 -25.14 8.48 -22.13
N GLN B 283 -23.88 8.47 -22.56
CA GLN B 283 -23.57 8.49 -23.98
C GLN B 283 -24.29 7.39 -24.73
N ILE B 284 -24.32 6.17 -24.17
CA ILE B 284 -25.05 5.09 -24.81
C ILE B 284 -26.44 5.55 -25.20
N ASP B 285 -27.18 6.08 -24.23
CA ASP B 285 -28.53 6.51 -24.56
C ASP B 285 -28.52 7.70 -25.51
N GLN B 286 -27.62 8.66 -25.28
CA GLN B 286 -27.59 9.84 -26.12
C GLN B 286 -27.11 9.54 -27.53
N ILE B 287 -26.79 8.29 -27.85
CA ILE B 287 -26.45 7.92 -29.21
C ILE B 287 -27.38 6.87 -29.78
N LYS B 288 -28.16 6.19 -28.95
CA LYS B 288 -29.00 5.10 -29.46
C LYS B 288 -30.11 5.64 -30.35
N ARG B 289 -30.11 6.94 -30.60
CA ARG B 289 -31.10 7.54 -31.49
C ARG B 289 -30.56 7.77 -32.89
N HIS B 290 -29.76 6.85 -33.40
CA HIS B 290 -29.13 7.03 -34.70
C HIS B 290 -29.05 5.67 -35.39
N SER B 291 -29.74 5.55 -36.52
CA SER B 291 -30.07 4.24 -37.07
C SER B 291 -28.84 3.36 -37.22
N ASN B 292 -27.81 3.88 -37.89
CA ASN B 292 -26.78 3.03 -38.46
C ASN B 292 -25.71 2.62 -37.45
N VAL B 293 -26.05 2.61 -36.17
CA VAL B 293 -25.11 2.25 -35.13
C VAL B 293 -25.49 0.91 -34.52
N VAL B 294 -24.48 0.12 -34.19
CA VAL B 294 -24.62 -1.04 -33.33
C VAL B 294 -23.38 -1.09 -32.45
N ILE B 295 -23.56 -1.46 -31.19
CA ILE B 295 -22.44 -1.61 -30.28
C ILE B 295 -22.35 -3.08 -29.95
N LEU B 296 -21.15 -3.64 -30.01
CA LEU B 296 -20.89 -5.02 -29.66
C LEU B 296 -19.91 -5.09 -28.51
N THR B 297 -20.27 -5.89 -27.53
CA THR B 297 -19.52 -5.96 -26.29
C THR B 297 -19.29 -7.42 -25.94
N THR B 298 -18.12 -7.71 -25.41
CA THR B 298 -17.73 -9.08 -25.10
C THR B 298 -17.30 -9.16 -23.65
N SER B 299 -17.64 -10.27 -23.00
CA SER B 299 -17.17 -10.53 -21.63
C SER B 299 -16.72 -11.97 -21.51
N ASN B 300 -15.42 -12.21 -21.63
CA ASN B 300 -14.87 -13.48 -21.20
C ASN B 300 -15.11 -13.71 -19.71
N ILE B 301 -15.55 -12.69 -18.98
CA ILE B 301 -15.54 -12.68 -17.53
C ILE B 301 -16.94 -12.37 -17.03
N THR B 302 -17.93 -12.91 -17.72
CA THR B 302 -19.34 -12.57 -17.56
C THR B 302 -19.84 -12.37 -16.12
N GLU B 303 -19.25 -13.07 -15.15
CA GLU B 303 -19.82 -13.02 -13.81
C GLU B 303 -19.64 -11.64 -13.18
N LYS B 304 -18.57 -10.94 -13.54
CA LYS B 304 -18.29 -9.66 -12.92
C LYS B 304 -18.41 -8.54 -13.94
N ILE B 305 -19.46 -8.61 -14.76
CA ILE B 305 -19.65 -7.57 -15.77
C ILE B 305 -20.07 -6.27 -15.11
N ASP B 306 -21.26 -6.28 -14.52
CA ASP B 306 -21.96 -5.07 -14.15
C ASP B 306 -23.25 -5.48 -13.46
N VAL B 307 -23.97 -4.50 -12.94
CA VAL B 307 -25.38 -4.66 -12.63
C VAL B 307 -26.26 -4.10 -13.74
N ALA B 308 -25.82 -3.01 -14.37
CA ALA B 308 -26.68 -2.21 -15.23
C ALA B 308 -26.35 -2.35 -16.70
N PHE B 309 -25.09 -2.17 -17.08
CA PHE B 309 -24.72 -2.25 -18.49
C PHE B 309 -25.30 -3.50 -19.12
N VAL B 310 -25.21 -4.63 -18.43
CA VAL B 310 -25.85 -5.84 -18.90
C VAL B 310 -27.33 -5.60 -19.11
N ASP B 311 -28.03 -5.26 -18.04
CA ASP B 311 -29.46 -5.00 -18.15
C ASP B 311 -29.72 -3.89 -19.16
N ARG B 312 -28.94 -2.81 -19.08
CA ARG B 312 -29.13 -1.71 -20.01
C ARG B 312 -28.51 -2.11 -21.34
N ALA B 313 -28.89 -3.28 -21.84
CA ALA B 313 -28.46 -3.75 -23.14
C ALA B 313 -29.53 -4.68 -23.67
N ASP B 314 -29.93 -4.46 -24.92
CA ASP B 314 -31.12 -5.09 -25.46
C ASP B 314 -30.94 -6.58 -25.76
N ILE B 315 -29.72 -7.09 -25.80
CA ILE B 315 -29.50 -8.51 -26.00
C ILE B 315 -28.49 -9.00 -24.98
N LYS B 316 -28.69 -10.21 -24.51
CA LYS B 316 -27.66 -10.92 -23.77
C LYS B 316 -27.53 -12.28 -24.44
N GLN B 317 -26.77 -12.36 -25.52
CA GLN B 317 -26.75 -13.59 -26.28
C GLN B 317 -25.61 -14.46 -25.78
N TYR B 318 -25.94 -15.33 -24.83
CA TYR B 318 -24.97 -16.28 -24.32
C TYR B 318 -24.35 -17.08 -25.45
N ILE B 319 -23.10 -17.46 -25.25
CA ILE B 319 -22.37 -18.32 -26.15
C ILE B 319 -21.67 -19.36 -25.29
N GLY B 320 -21.46 -20.54 -25.85
CA GLY B 320 -20.79 -21.58 -25.13
C GLY B 320 -19.75 -22.27 -25.98
N PRO B 321 -19.16 -23.34 -25.44
CA PRO B 321 -18.25 -24.14 -26.23
C PRO B 321 -19.03 -24.87 -27.30
N PRO B 322 -18.50 -24.90 -28.52
CA PRO B 322 -19.26 -25.48 -29.63
C PRO B 322 -19.56 -26.94 -29.40
N SER B 323 -20.65 -27.41 -30.00
CA SER B 323 -20.99 -28.82 -29.91
C SER B 323 -20.37 -29.55 -31.10
N ALA B 324 -20.77 -30.80 -31.30
CA ALA B 324 -20.10 -31.68 -32.24
C ALA B 324 -20.06 -31.07 -33.64
N ALA B 325 -21.23 -30.85 -34.23
CA ALA B 325 -21.34 -30.47 -35.63
C ALA B 325 -20.31 -29.43 -36.03
N ALA B 326 -20.19 -28.39 -35.21
CA ALA B 326 -19.11 -27.44 -35.40
C ALA B 326 -17.79 -28.17 -35.52
N ILE B 327 -17.39 -28.84 -34.44
CA ILE B 327 -16.11 -29.53 -34.34
C ILE B 327 -15.85 -30.27 -35.63
N PHE B 328 -16.89 -30.96 -36.09
CA PHE B 328 -16.81 -31.70 -37.32
C PHE B 328 -16.38 -30.80 -38.47
N LYS B 329 -17.20 -29.78 -38.75
CA LYS B 329 -16.88 -28.89 -39.85
C LYS B 329 -15.54 -28.21 -39.67
N ILE B 330 -15.13 -28.01 -38.42
CA ILE B 330 -13.88 -27.32 -38.14
C ILE B 330 -12.71 -28.18 -38.58
N TYR B 331 -12.69 -29.41 -38.10
CA TYR B 331 -11.69 -30.35 -38.58
C TYR B 331 -11.74 -30.44 -40.10
N LEU B 332 -12.94 -30.43 -40.66
CA LEU B 332 -13.09 -30.50 -42.11
C LEU B 332 -12.29 -29.40 -42.78
N SER B 333 -12.63 -28.15 -42.45
CA SER B 333 -11.98 -27.01 -43.09
C SER B 333 -10.49 -26.98 -42.80
N CYS B 334 -10.09 -27.42 -41.60
CA CYS B 334 -8.68 -27.53 -41.30
C CYS B 334 -8.00 -28.42 -42.33
N LEU B 335 -8.53 -29.62 -42.50
CA LEU B 335 -8.00 -30.54 -43.50
C LEU B 335 -8.04 -29.91 -44.88
N GLU B 336 -9.07 -29.12 -45.14
CA GLU B 336 -9.19 -28.49 -46.44
C GLU B 336 -8.02 -27.56 -46.71
N GLU B 337 -7.68 -26.74 -45.72
CA GLU B 337 -6.55 -25.83 -45.89
C GLU B 337 -5.25 -26.62 -45.96
N LEU B 338 -5.11 -27.65 -45.12
CA LEU B 338 -3.93 -28.49 -45.16
C LEU B 338 -3.72 -29.07 -46.55
N MET B 339 -4.81 -29.44 -47.21
CA MET B 339 -4.74 -29.97 -48.57
C MET B 339 -4.48 -28.87 -49.57
N LYS B 340 -5.04 -27.68 -49.33
CA LYS B 340 -4.66 -26.51 -50.11
C LYS B 340 -3.15 -26.28 -50.06
N CYS B 341 -2.50 -26.77 -49.01
CA CYS B 341 -1.05 -26.86 -49.00
C CYS B 341 -0.56 -28.30 -49.13
N GLN B 342 -1.47 -29.26 -49.31
CA GLN B 342 -1.11 -30.68 -49.44
C GLN B 342 -0.18 -31.13 -48.33
N ILE B 343 -0.37 -30.57 -47.14
CA ILE B 343 0.43 -30.98 -46.00
C ILE B 343 0.19 -32.45 -45.70
N ILE B 344 -1.05 -32.88 -45.85
CA ILE B 344 -1.35 -34.27 -46.16
C ILE B 344 -1.35 -34.39 -47.69
N TYR B 345 -0.58 -35.34 -48.22
CA TYR B 345 -0.24 -35.25 -49.65
C TYR B 345 -1.42 -35.54 -50.55
N PRO B 346 -2.01 -36.74 -50.55
CA PRO B 346 -3.09 -37.00 -51.50
C PRO B 346 -4.40 -36.38 -51.01
N ARG B 347 -5.08 -35.67 -51.91
CA ARG B 347 -6.29 -34.96 -51.50
C ARG B 347 -7.43 -35.95 -51.31
N GLN B 348 -7.42 -36.66 -50.19
CA GLN B 348 -8.55 -37.50 -49.82
C GLN B 348 -9.80 -36.64 -49.69
N GLN B 349 -10.89 -37.09 -50.29
CA GLN B 349 -12.15 -36.39 -50.13
C GLN B 349 -12.67 -36.60 -48.70
N LEU B 350 -13.54 -35.69 -48.27
CA LEU B 350 -14.17 -35.79 -46.96
C LEU B 350 -15.68 -35.62 -47.12
N LEU B 351 -16.39 -35.94 -46.05
CA LEU B 351 -17.85 -35.94 -46.07
C LEU B 351 -18.38 -35.09 -44.93
N THR B 352 -19.69 -34.84 -44.96
CA THR B 352 -20.34 -34.01 -43.96
C THR B 352 -21.29 -34.85 -43.13
N LEU B 353 -21.67 -34.30 -41.98
CA LEU B 353 -22.53 -35.03 -41.05
C LEU B 353 -23.82 -35.45 -41.73
N ARG B 354 -24.48 -34.52 -42.42
CA ARG B 354 -25.68 -34.90 -43.15
C ARG B 354 -25.39 -35.97 -44.18
N GLU B 355 -24.26 -35.84 -44.89
CA GLU B 355 -23.89 -36.86 -45.86
C GLU B 355 -23.64 -38.19 -45.19
N LEU B 356 -23.05 -38.17 -43.99
CA LEU B 356 -22.85 -39.41 -43.26
C LEU B 356 -24.17 -39.98 -42.80
N GLU B 357 -25.16 -39.12 -42.55
CA GLU B 357 -26.47 -39.57 -42.13
C GLU B 357 -27.25 -40.18 -43.29
N MET B 358 -27.02 -39.69 -44.51
CA MET B 358 -27.67 -40.28 -45.67
C MET B 358 -27.17 -41.70 -45.91
N ILE B 359 -25.86 -41.92 -45.78
CA ILE B 359 -25.27 -43.22 -46.03
C ILE B 359 -25.38 -44.08 -44.78
N GLY B 360 -26.17 -43.60 -43.81
CA GLY B 360 -26.51 -44.40 -42.66
C GLY B 360 -25.37 -44.72 -41.72
N PHE B 361 -24.32 -43.90 -41.72
CA PHE B 361 -23.14 -44.13 -40.87
C PHE B 361 -22.55 -45.51 -41.11
N ILE B 362 -22.72 -46.03 -42.31
CA ILE B 362 -22.26 -47.37 -42.65
C ILE B 362 -20.76 -47.32 -42.90
N GLU B 363 -20.06 -48.38 -42.52
CA GLU B 363 -18.60 -48.40 -42.55
C GLU B 363 -18.13 -48.86 -43.93
N ASN B 364 -17.37 -48.00 -44.60
CA ASN B 364 -16.69 -48.35 -45.84
C ASN B 364 -15.55 -47.36 -46.04
N ASN B 365 -14.76 -47.59 -47.09
CA ASN B 365 -13.72 -46.63 -47.43
C ASN B 365 -14.30 -45.24 -47.68
N VAL B 366 -15.55 -45.18 -48.16
CA VAL B 366 -16.20 -43.89 -48.32
C VAL B 366 -16.40 -43.23 -46.98
N SER B 367 -16.67 -44.01 -45.94
CA SER B 367 -17.08 -43.47 -44.66
C SER B 367 -16.14 -43.78 -43.50
N LYS B 368 -15.15 -44.66 -43.69
CA LYS B 368 -14.25 -45.01 -42.60
C LYS B 368 -13.63 -43.76 -41.99
N LEU B 369 -12.98 -42.96 -42.83
CA LEU B 369 -12.28 -41.78 -42.33
C LEU B 369 -13.25 -40.81 -41.67
N SER B 370 -14.41 -40.61 -42.27
CA SER B 370 -15.35 -39.63 -41.73
C SER B 370 -15.94 -40.09 -40.41
N LEU B 371 -16.27 -41.38 -40.31
CA LEU B 371 -16.74 -41.88 -39.02
C LEU B 371 -15.64 -41.78 -37.97
N LEU B 372 -14.39 -41.98 -38.39
CA LEU B 372 -13.28 -41.81 -37.46
C LEU B 372 -13.22 -40.36 -36.96
N LEU B 373 -13.39 -39.42 -37.87
CA LEU B 373 -13.43 -38.01 -37.52
C LEU B 373 -14.53 -37.75 -36.49
N ASN B 374 -15.74 -38.19 -36.80
CA ASN B 374 -16.86 -38.08 -35.87
C ASN B 374 -16.47 -38.62 -34.51
N ASP B 375 -15.92 -39.83 -34.48
CA ASP B 375 -15.57 -40.46 -33.22
C ASP B 375 -14.63 -39.58 -32.42
N ILE B 376 -13.55 -39.13 -33.08
CA ILE B 376 -12.58 -38.28 -32.41
C ILE B 376 -13.27 -37.07 -31.80
N SER B 377 -14.10 -36.40 -32.60
CA SER B 377 -14.79 -35.22 -32.10
C SER B 377 -15.67 -35.54 -30.91
N ARG B 378 -16.39 -36.66 -30.99
CA ARG B 378 -17.26 -37.06 -29.89
C ARG B 378 -16.47 -37.16 -28.61
N LYS B 379 -15.28 -37.75 -28.68
CA LYS B 379 -14.35 -37.70 -27.57
C LYS B 379 -13.48 -36.46 -27.59
N SER B 380 -13.96 -35.40 -28.23
CA SER B 380 -13.25 -34.14 -28.26
C SER B 380 -14.13 -32.94 -27.95
N GLU B 381 -15.45 -33.10 -27.90
CA GLU B 381 -16.30 -32.00 -27.49
C GLU B 381 -16.05 -31.70 -26.03
N GLY B 382 -16.23 -30.44 -25.66
CA GLY B 382 -15.96 -30.01 -24.31
C GLY B 382 -14.66 -29.25 -24.23
N LEU B 383 -14.41 -28.41 -25.23
CA LEU B 383 -13.16 -27.70 -25.34
C LEU B 383 -13.48 -26.28 -25.82
N SER B 384 -12.47 -25.57 -26.30
CA SER B 384 -12.65 -24.25 -26.87
C SER B 384 -12.26 -24.27 -28.33
N GLY B 385 -13.04 -23.58 -29.15
CA GLY B 385 -12.68 -23.40 -30.55
C GLY B 385 -11.27 -22.91 -30.72
N ARG B 386 -10.81 -22.06 -29.79
CA ARG B 386 -9.42 -21.65 -29.80
C ARG B 386 -8.53 -22.89 -29.75
N VAL B 387 -8.73 -23.71 -28.73
CA VAL B 387 -8.00 -24.96 -28.63
C VAL B 387 -8.25 -25.83 -29.86
N LEU B 388 -9.49 -25.84 -30.35
CA LEU B 388 -9.78 -26.67 -31.51
C LEU B 388 -8.88 -26.31 -32.68
N ARG B 389 -9.01 -25.09 -33.17
CA ARG B 389 -8.20 -24.69 -34.31
C ARG B 389 -6.73 -24.55 -33.97
N LYS B 390 -6.34 -24.83 -32.72
CA LYS B 390 -4.94 -25.19 -32.49
C LYS B 390 -4.67 -26.68 -32.67
N LEU B 391 -5.69 -27.53 -32.53
CA LEU B 391 -5.46 -28.97 -32.55
C LEU B 391 -4.71 -29.47 -33.77
N PRO B 392 -5.08 -29.14 -35.00
CA PRO B 392 -4.26 -29.59 -36.14
C PRO B 392 -2.81 -29.17 -36.03
N PHE B 393 -2.57 -27.94 -35.59
CA PHE B 393 -1.23 -27.39 -35.61
C PHE B 393 -0.34 -28.07 -34.58
N LEU B 394 -0.69 -27.94 -33.30
CA LEU B 394 0.01 -28.66 -32.25
C LEU B 394 0.05 -30.16 -32.54
N ALA B 395 -0.98 -30.67 -33.23
CA ALA B 395 -1.02 -32.08 -33.56
C ALA B 395 0.15 -32.45 -34.45
N HIS B 396 0.19 -31.87 -35.65
CA HIS B 396 1.29 -32.17 -36.53
C HIS B 396 2.63 -31.80 -35.90
N ALA B 397 2.62 -30.92 -34.90
CA ALA B 397 3.82 -30.70 -34.13
C ALA B 397 4.23 -31.98 -33.42
N LEU B 398 3.36 -32.48 -32.53
CA LEU B 398 3.79 -33.56 -31.64
C LEU B 398 3.79 -34.91 -32.33
N TYR B 399 2.63 -35.39 -32.73
CA TYR B 399 2.47 -36.79 -33.05
C TYR B 399 2.67 -37.10 -34.53
N VAL B 400 3.25 -36.18 -35.28
CA VAL B 400 3.66 -36.44 -36.66
C VAL B 400 5.15 -36.67 -36.76
N GLN B 401 5.95 -35.66 -36.41
CA GLN B 401 7.40 -35.78 -36.48
C GLN B 401 7.81 -36.25 -37.87
N ALA B 402 7.22 -35.63 -38.87
CA ALA B 402 7.42 -36.01 -40.26
C ALA B 402 7.02 -34.84 -41.15
N PRO B 403 7.64 -34.68 -42.30
CA PRO B 403 7.29 -33.56 -43.18
C PRO B 403 5.88 -33.69 -43.74
N THR B 404 5.57 -34.86 -44.31
CA THR B 404 4.29 -35.08 -44.95
C THR B 404 3.79 -36.48 -44.59
N VAL B 405 2.49 -36.60 -44.40
CA VAL B 405 1.88 -37.85 -43.96
C VAL B 405 0.47 -37.92 -44.51
N THR B 406 -0.11 -39.11 -44.51
CA THR B 406 -1.47 -39.32 -44.99
C THR B 406 -2.46 -38.87 -43.92
N ILE B 407 -3.73 -39.18 -44.15
CA ILE B 407 -4.76 -38.73 -43.23
C ILE B 407 -4.92 -39.67 -42.04
N GLU B 408 -4.61 -40.95 -42.19
CA GLU B 408 -4.89 -41.92 -41.13
C GLU B 408 -4.10 -41.60 -39.88
N GLY B 409 -2.78 -41.66 -39.99
CA GLY B 409 -1.94 -41.27 -38.88
C GLY B 409 -2.23 -39.86 -38.42
N PHE B 410 -2.56 -38.98 -39.36
CA PHE B 410 -2.90 -37.62 -38.99
C PHE B 410 -4.08 -37.60 -38.02
N LEU B 411 -5.09 -38.42 -38.29
CA LEU B 411 -6.29 -38.44 -37.47
C LEU B 411 -6.02 -39.09 -36.13
N GLN B 412 -5.34 -40.24 -36.15
CA GLN B 412 -5.02 -40.88 -34.88
C GLN B 412 -4.19 -39.95 -34.01
N ALA B 413 -3.29 -39.20 -34.64
CA ALA B 413 -2.45 -38.25 -33.91
C ALA B 413 -3.28 -37.10 -33.39
N LEU B 414 -4.24 -36.65 -34.20
CA LEU B 414 -5.21 -35.68 -33.74
C LEU B 414 -5.83 -36.14 -32.43
N SER B 415 -6.36 -37.36 -32.46
CA SER B 415 -6.91 -37.97 -31.25
C SER B 415 -5.89 -37.98 -30.12
N LEU B 416 -4.64 -38.30 -30.45
CA LEU B 416 -3.60 -38.38 -29.44
C LEU B 416 -3.44 -37.04 -28.73
N ALA B 417 -3.26 -35.98 -29.51
CA ALA B 417 -3.08 -34.67 -28.92
C ALA B 417 -4.34 -34.21 -28.20
N VAL B 418 -5.51 -34.65 -28.65
CA VAL B 418 -6.74 -34.20 -28.00
C VAL B 418 -6.88 -34.85 -26.63
N ASP B 419 -6.67 -36.15 -26.58
CA ASP B 419 -6.63 -36.80 -25.28
C ASP B 419 -5.50 -36.25 -24.44
N LYS B 420 -4.42 -35.83 -25.10
CA LYS B 420 -3.40 -35.08 -24.39
C LYS B 420 -4.01 -33.85 -23.73
N GLN B 421 -4.80 -33.10 -24.48
CA GLN B 421 -5.45 -31.90 -23.95
C GLN B 421 -6.28 -32.24 -22.73
N PHE B 422 -7.05 -33.32 -22.80
CA PHE B 422 -7.81 -33.74 -21.64
C PHE B 422 -6.91 -33.95 -20.43
N GLU B 423 -5.85 -34.74 -20.60
CA GLU B 423 -4.98 -34.96 -19.45
C GLU B 423 -4.23 -33.71 -19.06
N GLU B 424 -4.04 -32.78 -19.99
CA GLU B 424 -3.46 -31.50 -19.67
C GLU B 424 -4.37 -30.77 -18.70
N ARG B 425 -5.67 -30.85 -18.93
CA ARG B 425 -6.62 -30.31 -17.97
C ARG B 425 -6.53 -31.04 -16.65
N LYS B 426 -6.45 -32.35 -16.70
CA LYS B 426 -6.25 -33.13 -15.48
C LYS B 426 -5.00 -32.68 -14.73
N LYS B 427 -4.02 -32.14 -15.45
CA LYS B 427 -2.80 -31.64 -14.84
C LYS B 427 -2.89 -30.17 -14.45
N LEU B 428 -3.85 -29.43 -15.00
CA LEU B 428 -4.07 -28.07 -14.55
C LEU B 428 -4.59 -28.04 -13.12
N ALA B 429 -5.01 -29.18 -12.58
CA ALA B 429 -5.37 -29.36 -11.17
C ALA B 429 -6.34 -28.30 -10.66
N PRO C 19 17.30 -38.83 -41.90
CA PRO C 19 18.53 -38.83 -41.10
C PRO C 19 18.93 -37.44 -40.65
N THR C 20 18.06 -36.77 -39.89
CA THR C 20 18.31 -35.40 -39.48
C THR C 20 19.29 -35.36 -38.32
N VAL C 21 20.42 -34.67 -38.51
CA VAL C 21 21.44 -34.52 -37.48
C VAL C 21 21.82 -33.05 -37.45
N HIS C 22 21.18 -32.27 -36.57
CA HIS C 22 21.58 -30.89 -36.38
C HIS C 22 22.94 -30.84 -35.70
N VAL C 23 23.73 -29.80 -36.02
CA VAL C 23 25.11 -29.72 -35.58
C VAL C 23 25.40 -28.32 -35.06
N GLU C 24 26.19 -28.25 -33.99
CA GLU C 24 26.58 -26.98 -33.37
C GLU C 24 27.95 -26.54 -33.86
N VAL C 25 28.10 -25.23 -34.00
CA VAL C 25 29.37 -24.59 -34.37
C VAL C 25 29.48 -23.32 -33.54
N HIS C 26 30.33 -23.33 -32.54
CA HIS C 26 30.54 -22.14 -31.71
C HIS C 26 31.51 -21.20 -32.42
N GLN C 27 31.02 -20.04 -32.83
CA GLN C 27 31.86 -19.02 -33.43
C GLN C 27 32.34 -18.05 -32.34
N ARG C 28 33.65 -17.83 -32.29
CA ARG C 28 34.19 -16.91 -31.30
C ARG C 28 33.72 -15.48 -31.52
N GLY C 29 33.57 -14.75 -30.41
CA GLY C 29 33.59 -13.30 -30.42
C GLY C 29 34.97 -12.73 -30.54
N SER C 30 35.98 -13.59 -30.57
CA SER C 30 37.37 -13.20 -30.78
C SER C 30 37.91 -13.62 -32.13
N SER C 31 37.20 -14.46 -32.88
CA SER C 31 37.68 -14.94 -34.16
C SER C 31 37.46 -13.91 -35.26
N THR C 32 37.87 -14.27 -36.47
CA THR C 32 37.64 -13.47 -37.66
C THR C 32 37.06 -14.26 -38.82
N ALA C 33 36.94 -15.58 -38.70
CA ALA C 33 36.45 -16.40 -39.79
C ALA C 33 35.01 -16.04 -40.14
N LYS C 34 34.54 -16.57 -41.27
CA LYS C 34 33.18 -16.35 -41.72
C LYS C 34 32.52 -17.66 -42.09
N LYS C 35 31.31 -17.56 -42.66
CA LYS C 35 30.44 -18.73 -42.76
C LYS C 35 30.98 -19.77 -43.73
N GLU C 36 31.46 -19.34 -44.90
CA GLU C 36 31.90 -20.31 -45.90
C GLU C 36 33.20 -21.00 -45.46
N ASP C 37 34.16 -20.23 -44.96
CA ASP C 37 35.39 -20.80 -44.45
C ASP C 37 35.10 -21.85 -43.38
N ILE C 38 34.28 -21.47 -42.40
CA ILE C 38 33.97 -22.38 -41.29
C ILE C 38 33.18 -23.57 -41.80
N ASN C 39 32.29 -23.36 -42.77
CA ASN C 39 31.52 -24.46 -43.34
C ASN C 39 32.43 -25.51 -43.95
N LEU C 40 33.27 -25.10 -44.90
CA LEU C 40 34.22 -26.01 -45.51
C LEU C 40 35.09 -26.67 -44.44
N SER C 41 35.55 -25.88 -43.46
CA SER C 41 36.49 -26.40 -42.48
C SER C 41 35.87 -27.48 -41.62
N VAL C 42 34.67 -27.23 -41.09
CA VAL C 42 34.02 -28.19 -40.22
C VAL C 42 33.62 -29.43 -40.99
N ARG C 43 33.15 -29.26 -42.24
CA ARG C 43 32.84 -30.43 -43.04
C ARG C 43 34.10 -31.24 -43.32
N LYS C 44 35.23 -30.58 -43.52
CA LYS C 44 36.48 -31.29 -43.70
C LYS C 44 36.86 -32.05 -42.43
N LEU C 45 36.66 -31.44 -41.27
CA LEU C 45 36.93 -32.12 -40.01
C LEU C 45 36.11 -33.41 -39.89
N LEU C 46 34.79 -33.28 -40.03
CA LEU C 46 33.94 -34.46 -39.96
C LEU C 46 34.34 -35.50 -40.98
N ASN C 47 34.34 -35.13 -42.26
CA ASN C 47 34.70 -36.06 -43.32
C ASN C 47 36.06 -36.70 -43.07
N ARG C 48 36.96 -35.99 -42.38
CA ARG C 48 38.21 -36.59 -41.96
C ARG C 48 37.96 -37.70 -40.94
N HIS C 49 37.10 -37.44 -39.96
CA HIS C 49 36.74 -38.49 -39.02
C HIS C 49 35.66 -39.38 -39.61
N ASN C 50 34.47 -38.84 -39.83
CA ASN C 50 33.42 -39.43 -40.67
C ASN C 50 33.18 -40.90 -40.31
N ILE C 51 33.05 -41.19 -39.03
CA ILE C 51 32.76 -42.55 -38.59
C ILE C 51 31.39 -42.62 -37.94
N GLY C 54 27.76 -43.21 -30.49
CA GLY C 54 26.86 -42.20 -29.98
C GLY C 54 27.24 -40.78 -30.36
N ASP C 55 26.84 -39.82 -29.55
CA ASP C 55 27.17 -38.42 -29.80
C ASP C 55 28.53 -38.08 -29.20
N TYR C 56 29.27 -37.22 -29.90
CA TYR C 56 30.63 -36.86 -29.50
C TYR C 56 30.74 -35.35 -29.39
N THR C 57 31.77 -34.90 -28.69
CA THR C 57 32.01 -33.47 -28.45
C THR C 57 33.37 -33.11 -29.07
N TRP C 58 33.35 -32.72 -30.33
CA TRP C 58 34.57 -32.34 -31.03
C TRP C 58 35.08 -31.02 -30.48
N THR C 59 36.06 -31.08 -29.58
CA THR C 59 36.65 -29.91 -28.98
C THR C 59 38.16 -29.87 -29.08
N GLU C 60 38.82 -31.01 -29.32
CA GLU C 60 40.25 -31.07 -29.52
C GLU C 60 40.52 -31.07 -31.02
N PHE C 61 41.16 -30.02 -31.51
CA PHE C 61 41.29 -29.81 -32.95
C PHE C 61 42.67 -30.23 -33.46
N ASP C 62 42.72 -30.57 -34.74
CA ASP C 62 43.96 -30.75 -35.47
C ASP C 62 44.20 -29.64 -36.48
N GLU C 63 43.15 -29.13 -37.09
CA GLU C 63 43.27 -28.05 -38.06
C GLU C 63 43.50 -26.73 -37.34
N PRO C 64 44.48 -25.93 -37.81
CA PRO C 64 44.76 -24.67 -37.11
C PRO C 64 43.68 -23.63 -37.27
N PHE C 65 42.97 -23.64 -38.40
CA PHE C 65 41.91 -22.67 -38.66
C PHE C 65 40.87 -22.68 -37.56
N LEU C 66 40.19 -23.81 -37.39
CA LEU C 66 39.18 -23.89 -36.34
C LEU C 66 39.82 -23.83 -34.96
N THR C 67 41.08 -24.25 -34.84
CA THR C 67 41.78 -24.15 -33.57
C THR C 67 41.86 -22.70 -33.10
N ARG C 68 42.03 -21.78 -34.04
CA ARG C 68 42.07 -20.37 -33.70
C ARG C 68 40.69 -19.71 -33.74
N ASN C 69 39.74 -20.28 -34.48
CA ASN C 69 38.48 -19.60 -34.74
C ASN C 69 37.25 -20.20 -34.07
N VAL C 70 37.33 -21.41 -33.52
CA VAL C 70 36.17 -22.11 -32.99
C VAL C 70 36.49 -22.64 -31.59
N GLN C 71 35.52 -22.52 -30.69
CA GLN C 71 35.73 -22.94 -29.31
C GLN C 71 35.08 -24.28 -28.98
N SER C 72 33.96 -24.63 -29.63
CA SER C 72 33.28 -25.87 -29.31
C SER C 72 32.40 -26.30 -30.47
N VAL C 73 32.48 -27.59 -30.82
CA VAL C 73 31.62 -28.19 -31.82
C VAL C 73 31.17 -29.56 -31.33
N SER C 74 29.93 -29.66 -30.88
CA SER C 74 29.38 -30.92 -30.38
C SER C 74 27.98 -31.13 -30.94
N ILE C 75 27.45 -32.33 -30.71
CA ILE C 75 26.12 -32.71 -31.15
C ILE C 75 25.43 -33.48 -30.04
N ILE C 76 24.17 -33.15 -29.77
CA ILE C 76 23.39 -33.79 -28.72
C ILE C 76 22.00 -34.08 -29.25
N ASP C 77 21.55 -35.32 -29.10
CA ASP C 77 20.20 -35.70 -29.50
C ASP C 77 19.18 -34.97 -28.65
N ASP C 89 27.75 -42.94 -34.11
CA ASP C 89 27.99 -44.33 -34.48
C ASP C 89 27.94 -44.52 -36.00
N LEU C 90 27.19 -43.67 -36.69
CA LEU C 90 27.05 -43.75 -38.13
C LEU C 90 27.34 -42.40 -38.76
N SER C 91 27.58 -42.43 -40.08
CA SER C 91 28.07 -41.28 -40.81
C SER C 91 27.06 -40.73 -41.81
N ALA C 92 26.52 -41.59 -42.69
CA ALA C 92 25.75 -41.11 -43.83
C ALA C 92 24.39 -40.58 -43.39
N CYS C 93 24.40 -39.49 -42.63
CA CYS C 93 23.20 -38.80 -42.21
C CYS C 93 23.29 -37.33 -42.62
N THR C 94 22.15 -36.64 -42.57
CA THR C 94 22.12 -35.25 -43.01
C THR C 94 22.80 -34.35 -42.01
N VAL C 95 24.11 -34.20 -42.14
CA VAL C 95 24.88 -33.40 -41.21
C VAL C 95 24.69 -31.93 -41.58
N ALA C 96 23.68 -31.31 -41.01
CA ALA C 96 23.42 -29.89 -41.23
C ALA C 96 24.19 -29.12 -40.17
N LEU C 97 25.30 -28.52 -40.56
CA LEU C 97 26.05 -27.67 -39.66
C LEU C 97 25.26 -26.41 -39.36
N HIS C 98 25.53 -25.82 -38.19
CA HIS C 98 24.86 -24.58 -37.82
C HIS C 98 25.83 -23.75 -36.99
N ILE C 99 26.09 -22.54 -37.44
CA ILE C 99 27.13 -21.69 -36.88
C ILE C 99 26.48 -20.65 -35.98
N PHE C 100 26.90 -20.61 -34.72
CA PHE C 100 26.44 -19.64 -33.74
C PHE C 100 27.65 -18.97 -33.10
N GLN C 101 27.57 -17.66 -32.93
CA GLN C 101 28.58 -16.88 -32.24
C GLN C 101 28.03 -16.50 -30.89
N LEU C 102 28.47 -17.21 -29.85
CA LEU C 102 28.08 -16.83 -28.50
C LEU C 102 28.60 -15.43 -28.22
N ASN C 103 27.68 -14.47 -28.15
CA ASN C 103 28.07 -13.10 -27.93
C ASN C 103 28.39 -12.87 -26.46
N GLU C 104 28.58 -11.61 -26.08
CA GLU C 104 29.12 -11.30 -24.78
C GLU C 104 28.22 -10.44 -23.91
N ASP C 105 27.51 -9.47 -24.49
CA ASP C 105 26.70 -8.58 -23.68
C ASP C 105 25.61 -9.36 -22.95
N GLY C 106 25.41 -9.04 -21.68
CA GLY C 106 24.32 -9.62 -20.94
C GLY C 106 23.11 -8.72 -20.84
N PRO C 107 23.29 -7.51 -20.34
CA PRO C 107 22.15 -6.61 -20.21
C PRO C 107 22.01 -5.64 -21.37
N SER C 108 20.79 -5.29 -21.73
CA SER C 108 20.53 -4.18 -22.65
C SER C 108 19.42 -3.34 -22.02
N SER C 109 19.81 -2.38 -21.19
CA SER C 109 18.85 -1.62 -20.41
C SER C 109 17.91 -0.83 -21.32
N GLU C 110 16.61 -1.06 -21.17
CA GLU C 110 15.57 -0.28 -21.82
C GLU C 110 14.60 0.11 -20.71
N ASN C 111 14.90 1.21 -20.03
CA ASN C 111 14.13 1.61 -18.86
C ASN C 111 12.70 1.96 -19.27
N LEU C 112 11.85 2.12 -18.26
CA LEU C 112 10.46 2.46 -18.50
C LEU C 112 10.38 3.82 -19.17
N GLU C 113 9.51 3.93 -20.19
CA GLU C 113 9.43 5.17 -20.95
C GLU C 113 8.91 6.31 -20.09
N GLU C 114 7.90 6.04 -19.26
CA GLU C 114 7.21 7.11 -18.54
C GLU C 114 8.10 7.85 -17.54
N GLU C 115 8.54 7.17 -16.49
CA GLU C 115 9.17 7.83 -15.35
C GLU C 115 9.82 6.76 -14.49
N THR C 116 10.18 7.12 -13.26
CA THR C 116 10.80 6.23 -12.28
C THR C 116 12.15 5.71 -12.80
N GLU C 117 13.07 6.67 -12.92
CA GLU C 117 14.41 6.40 -13.45
C GLU C 117 15.09 5.26 -12.69
N ASN C 118 15.94 4.53 -13.39
CA ASN C 118 16.69 3.40 -12.86
C ASN C 118 15.79 2.27 -12.36
N ILE C 119 14.58 2.17 -12.91
CA ILE C 119 13.70 1.02 -12.65
C ILE C 119 13.87 0.03 -13.80
N ILE C 120 14.15 -1.22 -13.48
CA ILE C 120 14.56 -2.17 -14.49
C ILE C 120 13.32 -2.64 -15.25
N ALA C 121 13.00 -1.97 -16.35
CA ALA C 121 11.81 -2.32 -17.11
C ALA C 121 12.08 -3.51 -18.01
N ALA C 122 13.17 -3.47 -18.76
CA ALA C 122 13.46 -4.47 -19.78
C ALA C 122 14.87 -5.02 -19.58
N ASN C 123 14.98 -6.33 -19.46
CA ASN C 123 16.26 -6.99 -19.59
C ASN C 123 16.30 -7.62 -20.98
N HIS C 124 17.13 -7.05 -21.84
CA HIS C 124 17.08 -7.31 -23.27
C HIS C 124 18.31 -8.14 -23.64
N TRP C 125 18.09 -9.41 -23.96
CA TRP C 125 19.17 -10.36 -24.12
C TRP C 125 19.43 -10.63 -25.58
N VAL C 126 20.65 -10.29 -26.01
CA VAL C 126 21.09 -10.63 -27.34
C VAL C 126 20.99 -12.14 -27.52
N LEU C 127 20.90 -12.55 -28.76
CA LEU C 127 20.85 -13.95 -29.10
C LEU C 127 22.25 -14.52 -28.85
N PRO C 128 22.59 -15.69 -29.41
CA PRO C 128 23.08 -16.82 -28.61
C PRO C 128 23.96 -16.56 -27.39
N ALA C 129 24.29 -15.30 -27.08
CA ALA C 129 25.36 -14.92 -26.16
C ALA C 129 25.51 -15.87 -24.98
N ALA C 130 26.76 -16.21 -24.66
CA ALA C 130 27.24 -17.36 -23.89
C ALA C 130 26.69 -17.45 -22.51
N GLU C 131 25.84 -16.56 -22.00
CA GLU C 131 25.21 -16.79 -20.70
C GLU C 131 24.80 -18.24 -20.56
N PHE C 132 24.15 -18.77 -21.59
CA PHE C 132 23.41 -20.01 -21.49
C PHE C 132 24.08 -21.13 -22.26
N HIS C 133 25.37 -21.00 -22.51
CA HIS C 133 26.07 -22.00 -23.31
C HIS C 133 26.04 -23.36 -22.64
N GLY C 134 25.77 -24.38 -23.43
CA GLY C 134 25.72 -25.75 -22.94
C GLY C 134 24.63 -26.00 -21.92
N LEU C 135 23.86 -24.97 -21.59
CA LEU C 135 22.85 -25.14 -20.55
C LEU C 135 21.74 -26.06 -21.01
N TRP C 136 21.64 -26.32 -22.31
CA TRP C 136 20.68 -27.31 -22.78
C TRP C 136 20.88 -28.65 -22.11
N ASP C 137 22.09 -28.95 -21.64
CA ASP C 137 22.25 -30.24 -20.97
C ASP C 137 21.71 -30.26 -19.63
N SER C 138 20.93 -29.27 -19.23
CA SER C 138 20.32 -29.30 -17.91
C SER C 138 19.34 -30.46 -17.77
N LEU C 139 18.25 -30.40 -18.50
CA LEU C 139 17.10 -31.21 -18.13
C LEU C 139 17.25 -32.63 -18.63
N VAL C 140 16.48 -33.52 -18.02
CA VAL C 140 16.34 -34.88 -18.52
C VAL C 140 14.91 -35.33 -18.36
N TYR C 141 14.19 -35.44 -19.47
CA TYR C 141 12.86 -36.04 -19.46
C TYR C 141 12.70 -36.85 -20.74
N ASP C 142 13.07 -38.13 -20.64
CA ASP C 142 13.38 -38.97 -21.79
C ASP C 142 12.17 -39.25 -22.67
N VAL C 143 11.02 -38.64 -22.38
CA VAL C 143 9.85 -38.80 -23.21
C VAL C 143 10.00 -37.82 -24.36
N GLU C 144 11.19 -37.23 -24.47
CA GLU C 144 11.51 -36.22 -25.48
C GLU C 144 10.60 -35.00 -25.35
N VAL C 145 10.04 -34.81 -24.15
CA VAL C 145 9.30 -33.59 -23.83
C VAL C 145 10.12 -32.40 -24.29
N LYS C 146 11.41 -32.41 -23.97
CA LYS C 146 12.31 -31.44 -24.55
C LYS C 146 12.13 -31.41 -26.06
N SER C 147 12.41 -32.52 -26.73
CA SER C 147 12.36 -32.57 -28.18
C SER C 147 11.00 -32.12 -28.71
N HIS C 148 9.94 -32.43 -27.96
CA HIS C 148 8.61 -31.96 -28.29
C HIS C 148 8.65 -30.45 -28.41
N LEU C 149 9.01 -29.80 -27.30
CA LEU C 149 9.06 -28.35 -27.27
C LEU C 149 10.02 -27.81 -28.31
N LEU C 150 11.11 -28.53 -28.54
CA LEU C 150 12.13 -28.17 -29.51
C LEU C 150 11.53 -28.03 -30.90
N ASP C 151 11.08 -29.13 -31.46
CA ASP C 151 10.60 -29.07 -32.82
C ASP C 151 9.24 -28.39 -32.91
N TYR C 152 8.65 -28.01 -31.78
CA TYR C 152 7.50 -27.14 -31.81
C TYR C 152 7.71 -25.95 -32.75
N VAL C 153 8.72 -25.15 -32.48
CA VAL C 153 8.91 -23.93 -33.25
C VAL C 153 9.35 -24.25 -34.67
N MET C 154 10.08 -25.35 -34.84
CA MET C 154 10.48 -25.77 -36.18
C MET C 154 9.25 -26.03 -37.04
N THR C 155 8.39 -26.95 -36.60
CA THR C 155 7.13 -27.20 -37.29
C THR C 155 6.29 -25.94 -37.39
N THR C 156 6.38 -25.08 -36.39
CA THR C 156 5.69 -23.80 -36.38
C THR C 156 6.01 -23.03 -37.63
N LEU C 157 7.29 -22.70 -37.78
CA LEU C 157 7.69 -21.92 -38.94
C LEU C 157 7.46 -22.68 -40.23
N LEU C 158 7.56 -24.02 -40.20
CA LEU C 158 7.26 -24.80 -41.38
C LEU C 158 5.85 -24.52 -41.88
N PHE C 159 4.85 -24.85 -41.08
CA PHE C 159 3.49 -24.47 -41.42
C PHE C 159 3.42 -22.98 -41.78
N SER C 160 4.02 -22.14 -40.93
CA SER C 160 3.78 -20.71 -40.98
C SER C 160 4.13 -20.14 -42.34
N ASP C 161 5.39 -20.22 -42.72
CA ASP C 161 5.80 -19.52 -43.93
C ASP C 161 5.56 -20.35 -45.17
N LYS C 162 4.79 -21.43 -45.07
CA LYS C 162 4.38 -22.21 -46.23
C LYS C 162 2.92 -22.01 -46.58
N ASN C 163 2.44 -20.78 -46.46
CA ASN C 163 1.20 -20.33 -47.07
C ASN C 163 -0.04 -20.89 -46.38
N VAL C 164 0.04 -21.29 -45.11
CA VAL C 164 -1.15 -21.74 -44.41
C VAL C 164 -2.02 -20.53 -44.09
N ASN C 165 -3.34 -20.73 -44.19
CA ASN C 165 -4.27 -19.68 -43.81
C ASN C 165 -4.38 -19.59 -42.30
N SER C 166 -3.98 -18.44 -41.75
CA SER C 166 -4.24 -18.17 -40.36
C SER C 166 -5.71 -18.36 -40.04
N ASN C 167 -6.56 -17.64 -40.76
CA ASN C 167 -7.99 -17.61 -40.46
C ASN C 167 -8.54 -19.02 -40.24
N LEU C 168 -8.07 -19.97 -41.02
CA LEU C 168 -8.58 -21.33 -40.90
C LEU C 168 -7.93 -22.03 -39.71
N ILE C 169 -6.61 -22.19 -39.75
CA ILE C 169 -5.87 -22.82 -38.67
C ILE C 169 -4.96 -21.77 -38.06
N THR C 170 -5.03 -21.63 -36.74
CA THR C 170 -4.24 -20.62 -36.04
C THR C 170 -3.90 -21.17 -34.67
N TRP C 171 -2.80 -20.69 -34.11
CA TRP C 171 -2.43 -21.02 -32.75
C TRP C 171 -2.06 -19.73 -32.04
N ASN C 172 -1.52 -19.86 -30.84
CA ASN C 172 -0.92 -18.73 -30.15
C ASN C 172 0.52 -19.06 -29.88
N ARG C 173 1.39 -18.11 -30.15
CA ARG C 173 2.79 -18.40 -29.94
C ARG C 173 3.19 -18.20 -28.48
N VAL C 174 2.18 -18.26 -27.61
CA VAL C 174 2.41 -18.54 -26.21
C VAL C 174 3.08 -19.89 -26.09
N VAL C 175 3.88 -20.06 -25.04
CA VAL C 175 4.37 -21.38 -24.65
C VAL C 175 4.22 -21.47 -23.14
N LEU C 176 3.38 -22.40 -22.68
CA LEU C 176 3.14 -22.55 -21.25
C LEU C 176 3.80 -23.83 -20.77
N LEU C 177 5.05 -23.71 -20.35
CA LEU C 177 5.59 -24.72 -19.48
C LEU C 177 4.75 -24.76 -18.21
N HIS C 178 4.80 -25.88 -17.52
CA HIS C 178 3.86 -26.03 -16.41
C HIS C 178 4.30 -27.13 -15.47
N GLY C 179 4.52 -26.79 -14.20
CA GLY C 179 4.96 -27.78 -13.25
C GLY C 179 5.44 -27.23 -11.93
N PRO C 180 5.41 -28.09 -10.92
CA PRO C 180 5.84 -27.69 -9.58
C PRO C 180 7.24 -27.12 -9.59
N PRO C 181 7.59 -26.34 -8.57
CA PRO C 181 8.84 -25.58 -8.63
C PRO C 181 10.06 -26.47 -8.58
N GLY C 182 11.24 -25.85 -8.57
CA GLY C 182 12.46 -26.62 -8.57
C GLY C 182 12.53 -27.63 -9.69
N THR C 183 12.19 -27.20 -10.89
CA THR C 183 12.09 -28.15 -11.97
C THR C 183 12.88 -27.67 -13.17
N GLY C 184 13.02 -26.35 -13.32
CA GLY C 184 13.83 -25.82 -14.39
C GLY C 184 13.05 -25.03 -15.39
N LYS C 185 11.81 -24.68 -15.03
CA LYS C 185 10.90 -24.12 -16.01
C LYS C 185 11.51 -22.90 -16.68
N THR C 186 11.88 -21.89 -15.91
CA THR C 186 12.53 -20.74 -16.51
C THR C 186 13.83 -21.16 -17.18
N SER C 187 14.60 -22.03 -16.52
CA SER C 187 15.82 -22.52 -17.17
C SER C 187 15.51 -23.17 -18.50
N LEU C 188 14.46 -23.99 -18.55
CA LEU C 188 14.11 -24.64 -19.79
C LEU C 188 13.73 -23.63 -20.85
N CYS C 189 12.99 -22.60 -20.47
CA CYS C 189 12.66 -21.53 -21.39
C CYS C 189 13.92 -21.02 -22.07
N LYS C 190 14.88 -20.65 -21.23
CA LYS C 190 16.13 -20.08 -21.74
C LYS C 190 16.80 -21.05 -22.69
N ALA C 191 16.99 -22.29 -22.26
CA ALA C 191 17.72 -23.25 -23.07
C ALA C 191 17.00 -23.49 -24.38
N LEU C 192 15.67 -23.54 -24.33
CA LEU C 192 14.91 -23.66 -25.57
C LEU C 192 15.24 -22.52 -26.50
N ALA C 193 15.24 -21.30 -25.99
CA ALA C 193 15.58 -20.17 -26.84
C ALA C 193 16.94 -20.36 -27.47
N GLN C 194 17.92 -20.78 -26.68
CA GLN C 194 19.28 -20.95 -27.19
C GLN C 194 19.33 -21.99 -28.30
N LYS C 195 18.63 -23.11 -28.08
CA LYS C 195 18.71 -24.19 -29.06
C LYS C 195 17.98 -23.81 -30.33
N LEU C 196 16.81 -23.18 -30.20
CA LEU C 196 16.11 -22.67 -31.36
C LEU C 196 17.00 -21.73 -32.16
N THR C 197 17.76 -20.90 -31.45
CA THR C 197 18.76 -20.08 -32.10
C THR C 197 19.67 -20.94 -32.96
N ILE C 198 20.39 -21.86 -32.32
CA ILE C 198 21.37 -22.65 -33.06
C ILE C 198 20.74 -23.32 -34.27
N ARG C 199 19.47 -23.71 -34.16
CA ARG C 199 18.81 -24.33 -35.29
C ARG C 199 18.56 -23.34 -36.42
N LEU C 200 17.96 -22.20 -36.12
CA LEU C 200 17.36 -21.37 -37.16
C LEU C 200 18.33 -20.39 -37.78
N SER C 201 19.63 -20.68 -37.73
CA SER C 201 20.60 -19.83 -38.40
C SER C 201 20.30 -19.68 -39.88
N SER C 202 19.78 -20.75 -40.49
CA SER C 202 19.44 -20.70 -41.90
C SER C 202 18.42 -19.61 -42.19
N ARG C 203 17.52 -19.37 -41.25
CA ARG C 203 16.45 -18.42 -41.46
C ARG C 203 16.55 -17.19 -40.57
N TYR C 204 17.44 -17.20 -39.59
CA TYR C 204 17.59 -16.04 -38.72
C TYR C 204 19.06 -15.89 -38.36
N ARG C 205 19.68 -14.84 -38.90
CA ARG C 205 21.06 -14.54 -38.53
C ARG C 205 21.19 -14.32 -37.03
N TYR C 206 20.13 -13.83 -36.40
CA TYR C 206 20.12 -13.62 -34.95
C TYR C 206 18.68 -13.48 -34.51
N GLY C 207 18.50 -12.99 -33.29
CA GLY C 207 17.22 -12.93 -32.63
C GLY C 207 17.41 -12.30 -31.28
N GLN C 208 16.35 -12.30 -30.48
CA GLN C 208 16.40 -11.62 -29.19
C GLN C 208 15.53 -12.32 -28.17
N LEU C 209 15.99 -12.35 -26.93
CA LEU C 209 15.21 -12.78 -25.78
C LEU C 209 14.85 -11.56 -24.95
N ILE C 210 13.68 -11.60 -24.33
CA ILE C 210 13.13 -10.45 -23.63
C ILE C 210 12.68 -10.90 -22.25
N GLU C 211 13.46 -10.57 -21.24
CA GLU C 211 13.13 -10.81 -19.84
C GLU C 211 12.03 -9.83 -19.47
N ILE C 212 10.78 -10.29 -19.50
CA ILE C 212 9.67 -9.46 -19.08
C ILE C 212 9.73 -9.37 -17.56
N ASN C 213 10.28 -8.29 -17.05
CA ASN C 213 10.25 -8.10 -15.63
C ASN C 213 8.82 -7.76 -15.25
N SER C 214 8.04 -8.78 -14.92
CA SER C 214 6.61 -8.60 -14.71
C SER C 214 6.36 -7.55 -13.64
N HIS C 215 6.78 -7.83 -12.41
CA HIS C 215 6.54 -6.93 -11.30
C HIS C 215 6.89 -5.49 -11.64
N SER C 216 7.76 -5.28 -12.61
CA SER C 216 8.03 -3.92 -13.07
C SER C 216 6.84 -3.36 -13.82
N LEU C 217 6.15 -4.18 -14.59
CA LEU C 217 5.24 -3.68 -15.61
C LEU C 217 4.16 -2.77 -15.03
N PHE C 218 3.82 -2.95 -13.78
CA PHE C 218 2.70 -2.21 -13.24
C PHE C 218 3.14 -0.78 -12.89
N SER C 219 2.15 0.04 -12.51
CA SER C 219 2.39 1.43 -12.17
C SER C 219 1.69 1.78 -10.87
N LYS C 220 2.25 2.77 -10.19
CA LYS C 220 1.68 3.25 -8.94
C LYS C 220 0.24 3.70 -9.12
N TRP C 221 -0.04 4.31 -10.26
CA TRP C 221 -1.20 5.15 -10.43
C TRP C 221 -2.45 4.33 -10.64
N PHE C 222 -3.52 4.99 -11.09
CA PHE C 222 -4.77 4.30 -11.38
C PHE C 222 -4.75 3.63 -12.74
N SER C 223 -4.27 4.32 -13.75
CA SER C 223 -4.44 3.89 -15.12
C SER C 223 -3.14 3.51 -15.80
N GLU C 224 -2.13 4.35 -15.67
CA GLU C 224 -0.93 4.29 -16.49
C GLU C 224 -0.38 2.88 -16.67
N SER C 225 -0.72 1.98 -15.75
CA SER C 225 -0.18 0.62 -15.79
C SER C 225 -0.47 -0.04 -17.14
N GLY C 226 -1.75 -0.25 -17.42
CA GLY C 226 -2.10 -0.77 -18.72
C GLY C 226 -1.53 0.09 -19.82
N LYS C 227 -1.63 1.41 -19.65
CA LYS C 227 -1.18 2.37 -20.66
C LYS C 227 0.23 2.06 -21.13
N LEU C 228 1.09 1.64 -20.22
CA LEU C 228 2.47 1.38 -20.60
C LEU C 228 2.71 -0.09 -20.85
N VAL C 229 1.78 -0.95 -20.48
CA VAL C 229 1.83 -2.33 -20.97
C VAL C 229 1.98 -2.26 -22.47
N THR C 230 1.17 -1.38 -23.07
CA THR C 230 1.29 -1.11 -24.50
C THR C 230 2.73 -0.81 -24.86
N LYS C 231 3.30 0.23 -24.25
CA LYS C 231 4.68 0.62 -24.53
C LYS C 231 5.62 -0.57 -24.52
N MET C 232 5.47 -1.44 -23.53
CA MET C 232 6.36 -2.59 -23.46
C MET C 232 6.17 -3.46 -24.69
N PHE C 233 4.93 -3.83 -24.99
CA PHE C 233 4.69 -4.63 -26.17
C PHE C 233 5.10 -3.89 -27.43
N GLN C 234 5.22 -2.57 -27.35
CA GLN C 234 5.69 -1.81 -28.51
C GLN C 234 7.18 -2.04 -28.67
N LYS C 235 7.92 -2.00 -27.56
CA LYS C 235 9.31 -2.38 -27.60
C LYS C 235 9.45 -3.79 -28.13
N ILE C 236 8.45 -4.61 -27.87
CA ILE C 236 8.43 -5.96 -28.45
C ILE C 236 8.29 -5.87 -29.96
N GLN C 237 7.31 -5.10 -30.40
CA GLN C 237 7.06 -4.96 -31.83
C GLN C 237 8.29 -4.47 -32.55
N ASP C 238 9.09 -3.65 -31.88
CA ASP C 238 10.37 -3.23 -32.43
C ASP C 238 11.13 -4.42 -32.98
N LEU C 239 11.44 -5.36 -32.09
CA LEU C 239 12.12 -6.56 -32.54
C LEU C 239 11.28 -7.31 -33.56
N ILE C 240 9.97 -7.36 -33.35
CA ILE C 240 9.10 -8.11 -34.26
C ILE C 240 9.35 -7.68 -35.69
N ASP C 241 9.57 -6.39 -35.93
CA ASP C 241 9.81 -5.90 -37.28
C ASP C 241 11.06 -6.52 -37.88
N ASP C 242 12.06 -6.80 -37.07
CA ASP C 242 13.32 -7.31 -37.57
C ASP C 242 13.12 -8.72 -38.10
N LYS C 243 12.98 -8.85 -39.41
CA LYS C 243 12.88 -10.18 -39.99
C LYS C 243 14.18 -10.94 -39.89
N ASP C 244 15.31 -10.25 -39.70
CA ASP C 244 16.56 -10.94 -39.46
C ASP C 244 16.61 -11.57 -38.07
N ALA C 245 15.79 -11.07 -37.15
CA ALA C 245 15.78 -11.55 -35.78
C ALA C 245 14.57 -12.44 -35.53
N LEU C 246 14.53 -13.01 -34.34
CA LEU C 246 13.44 -13.89 -33.92
C LEU C 246 13.11 -13.56 -32.48
N VAL C 247 11.85 -13.36 -32.20
CA VAL C 247 11.44 -12.72 -30.96
C VAL C 247 11.14 -13.78 -29.92
N PHE C 248 11.64 -13.55 -28.70
CA PHE C 248 11.45 -14.49 -27.61
C PHE C 248 10.99 -13.76 -26.36
N VAL C 249 9.67 -13.58 -26.26
CA VAL C 249 9.07 -13.11 -25.02
C VAL C 249 9.34 -14.13 -23.93
N LEU C 250 9.70 -13.65 -22.74
CA LEU C 250 9.95 -14.51 -21.60
C LEU C 250 9.23 -13.90 -20.40
N ILE C 251 7.99 -14.32 -20.17
CA ILE C 251 7.20 -13.80 -19.06
C ILE C 251 7.26 -14.85 -17.97
N ASP C 252 8.27 -14.74 -17.12
CA ASP C 252 8.35 -15.58 -15.95
C ASP C 252 7.20 -15.27 -15.02
N GLN C 253 6.48 -16.30 -14.60
CA GLN C 253 5.47 -16.17 -13.54
C GLN C 253 4.35 -15.22 -13.95
N VAL C 254 3.71 -15.55 -15.05
CA VAL C 254 2.70 -14.72 -15.69
C VAL C 254 1.59 -14.30 -14.75
N GLU C 255 1.40 -15.03 -13.66
CA GLU C 255 0.39 -14.61 -12.70
C GLU C 255 0.64 -13.20 -12.23
N SER C 256 1.92 -12.82 -12.10
CA SER C 256 2.25 -11.43 -11.83
C SER C 256 1.54 -10.54 -12.82
N LEU C 257 1.56 -10.92 -14.09
CA LEU C 257 0.70 -10.23 -15.03
C LEU C 257 -0.74 -10.46 -14.63
N THR C 258 -1.19 -11.70 -14.67
CA THR C 258 -2.61 -11.97 -14.51
C THR C 258 -2.89 -12.49 -13.11
N ALA C 259 -3.34 -11.59 -12.23
CA ALA C 259 -3.63 -11.98 -10.86
C ALA C 259 -4.79 -12.97 -10.79
N ALA C 260 -6.00 -12.49 -11.11
CA ALA C 260 -7.19 -13.31 -10.96
C ALA C 260 -8.35 -12.57 -11.58
N ARG C 261 -9.18 -13.29 -12.31
CA ARG C 261 -10.56 -12.88 -12.47
C ARG C 261 -11.43 -13.43 -11.35
N ASN C 262 -10.91 -14.35 -10.56
CA ASN C 262 -11.67 -15.01 -9.50
C ASN C 262 -10.98 -14.73 -8.18
N ALA C 263 -11.29 -13.58 -7.59
CA ALA C 263 -10.96 -13.27 -6.22
C ALA C 263 -12.25 -12.84 -5.53
N CYS C 264 -12.15 -12.41 -4.28
CA CYS C 264 -13.28 -11.78 -3.65
C CYS C 264 -13.41 -10.35 -4.17
N ARG C 265 -14.60 -9.78 -3.99
CA ARG C 265 -14.85 -8.44 -4.51
C ARG C 265 -13.92 -7.39 -3.91
N ALA C 266 -13.16 -7.75 -2.88
CA ALA C 266 -12.24 -6.84 -2.23
C ALA C 266 -10.90 -6.70 -2.95
N GLY C 267 -10.83 -7.10 -4.22
CA GLY C 267 -9.60 -7.09 -4.99
C GLY C 267 -8.82 -5.80 -4.87
N THR C 268 -9.53 -4.72 -4.59
CA THR C 268 -8.94 -3.48 -4.09
C THR C 268 -8.05 -2.81 -5.12
N GLU C 269 -7.80 -3.47 -6.23
CA GLU C 269 -7.23 -2.75 -7.36
C GLU C 269 -7.93 -3.27 -8.59
N PRO C 270 -9.24 -3.47 -8.55
CA PRO C 270 -9.91 -4.19 -9.65
C PRO C 270 -9.78 -3.46 -10.98
N SER C 271 -10.28 -2.23 -11.03
CA SER C 271 -10.14 -1.41 -12.21
C SER C 271 -8.70 -1.26 -12.62
N ASP C 272 -7.78 -1.58 -11.73
CA ASP C 272 -6.39 -1.71 -12.10
C ASP C 272 -6.03 -3.12 -12.51
N ALA C 273 -6.21 -4.07 -11.58
CA ALA C 273 -5.69 -5.42 -11.79
C ALA C 273 -6.30 -6.06 -13.02
N ILE C 274 -7.61 -6.31 -12.97
CA ILE C 274 -8.24 -7.08 -14.03
C ILE C 274 -8.08 -6.36 -15.35
N ARG C 275 -8.12 -5.04 -15.30
CA ARG C 275 -7.97 -4.21 -16.47
C ARG C 275 -6.62 -4.48 -17.14
N VAL C 276 -5.53 -4.22 -16.41
CA VAL C 276 -4.22 -4.43 -17.00
C VAL C 276 -4.05 -5.87 -17.46
N VAL C 277 -4.66 -6.80 -16.75
CA VAL C 277 -4.61 -8.19 -17.18
C VAL C 277 -5.17 -8.32 -18.59
N ASN C 278 -6.41 -7.94 -18.76
CA ASN C 278 -7.02 -8.16 -20.07
C ASN C 278 -6.32 -7.32 -21.13
N ALA C 279 -5.66 -6.24 -20.71
CA ALA C 279 -4.78 -5.53 -21.63
C ALA C 279 -3.69 -6.46 -22.14
N VAL C 280 -3.01 -7.14 -21.21
CA VAL C 280 -2.01 -8.11 -21.61
C VAL C 280 -2.62 -9.12 -22.57
N LEU C 281 -3.87 -9.48 -22.31
CA LEU C 281 -4.58 -10.36 -23.22
C LEU C 281 -4.64 -9.76 -24.62
N THR C 282 -5.07 -8.51 -24.70
CA THR C 282 -5.14 -7.83 -25.98
C THR C 282 -3.81 -7.85 -26.68
N GLN C 283 -2.74 -7.70 -25.93
CA GLN C 283 -1.45 -7.61 -26.58
C GLN C 283 -1.02 -8.95 -27.14
N ILE C 284 -1.21 -10.02 -26.38
CA ILE C 284 -1.02 -11.34 -26.94
C ILE C 284 -1.83 -11.49 -28.20
N ASP C 285 -3.06 -11.02 -28.17
CA ASP C 285 -3.96 -11.31 -29.27
C ASP C 285 -3.58 -10.52 -30.51
N GLN C 286 -3.05 -9.32 -30.35
CA GLN C 286 -2.52 -8.63 -31.51
C GLN C 286 -1.28 -9.33 -32.03
N ILE C 287 -0.35 -9.68 -31.13
CA ILE C 287 0.89 -10.27 -31.61
C ILE C 287 0.68 -11.65 -32.23
N LYS C 288 -0.50 -12.24 -32.04
CA LYS C 288 -0.83 -13.48 -32.72
C LYS C 288 -0.40 -13.47 -34.18
N ARG C 289 -0.91 -12.50 -34.93
CA ARG C 289 -0.93 -12.54 -36.38
C ARG C 289 0.46 -12.67 -37.01
N HIS C 290 1.51 -12.27 -36.32
CA HIS C 290 2.84 -12.31 -36.90
C HIS C 290 3.28 -13.77 -37.07
N SER C 291 4.50 -13.97 -37.55
CA SER C 291 5.00 -15.30 -37.84
C SER C 291 6.35 -15.61 -37.24
N ASN C 292 6.82 -14.83 -36.29
CA ASN C 292 8.18 -14.99 -35.79
C ASN C 292 8.28 -14.92 -34.27
N VAL C 293 7.31 -14.31 -33.59
CA VAL C 293 7.40 -14.17 -32.16
C VAL C 293 7.13 -15.51 -31.50
N VAL C 294 7.64 -15.68 -30.28
CA VAL C 294 7.24 -16.79 -29.43
C VAL C 294 7.24 -16.31 -27.99
N ILE C 295 6.19 -16.64 -27.25
CA ILE C 295 6.05 -16.25 -25.85
C ILE C 295 6.26 -17.47 -24.97
N LEU C 296 7.20 -17.37 -24.04
CA LEU C 296 7.46 -18.41 -23.05
C LEU C 296 6.84 -18.01 -21.72
N THR C 297 6.12 -18.94 -21.11
CA THR C 297 5.38 -18.68 -19.89
C THR C 297 5.46 -19.90 -19.00
N THR C 298 5.60 -19.66 -17.70
CA THR C 298 5.70 -20.72 -16.72
C THR C 298 4.96 -20.29 -15.47
N SER C 299 4.83 -21.23 -14.54
CA SER C 299 4.28 -20.93 -13.22
C SER C 299 4.68 -22.02 -12.27
N ASN C 300 5.48 -21.68 -11.27
CA ASN C 300 5.62 -22.62 -10.16
C ASN C 300 4.36 -22.66 -9.32
N ILE C 301 3.39 -21.82 -9.65
CA ILE C 301 2.33 -21.43 -8.74
C ILE C 301 0.98 -21.57 -9.44
N THR C 302 0.85 -22.55 -10.32
CA THR C 302 -0.29 -22.67 -11.22
C THR C 302 -1.65 -22.42 -10.60
N GLU C 303 -1.74 -22.56 -9.27
CA GLU C 303 -2.99 -22.45 -8.54
C GLU C 303 -3.84 -21.28 -9.04
N LYS C 304 -3.31 -20.07 -8.91
CA LYS C 304 -4.07 -18.87 -9.21
C LYS C 304 -3.87 -18.42 -10.65
N ILE C 305 -3.46 -19.32 -11.54
CA ILE C 305 -3.43 -18.98 -12.96
C ILE C 305 -4.79 -18.49 -13.36
N ASP C 306 -4.83 -17.51 -14.23
CA ASP C 306 -6.08 -16.94 -14.68
C ASP C 306 -6.44 -17.51 -16.03
N VAL C 307 -7.67 -17.99 -16.14
CA VAL C 307 -8.13 -18.83 -17.23
C VAL C 307 -7.74 -18.29 -18.59
N ALA C 308 -7.48 -16.99 -18.65
CA ALA C 308 -7.21 -16.35 -19.92
C ALA C 308 -6.06 -17.02 -20.66
N PHE C 309 -4.91 -17.15 -20.01
CA PHE C 309 -3.77 -17.78 -20.66
C PHE C 309 -4.06 -19.23 -20.99
N VAL C 310 -4.31 -20.04 -19.95
CA VAL C 310 -4.50 -21.47 -20.13
C VAL C 310 -5.51 -21.74 -21.23
N ASP C 311 -6.44 -20.82 -21.44
CA ASP C 311 -7.36 -20.96 -22.56
C ASP C 311 -6.76 -20.45 -23.86
N ARG C 312 -5.89 -19.46 -23.81
CA ARG C 312 -5.07 -19.18 -24.98
C ARG C 312 -3.95 -20.17 -25.11
N ALA C 313 -3.92 -21.15 -24.20
CA ALA C 313 -3.69 -22.54 -24.54
C ALA C 313 -2.52 -22.72 -25.50
N ASP C 314 -1.35 -22.46 -24.96
CA ASP C 314 -0.13 -22.83 -25.64
C ASP C 314 -0.04 -24.36 -25.61
N ILE C 315 1.12 -24.89 -25.98
CA ILE C 315 1.38 -26.32 -25.89
C ILE C 315 0.81 -26.86 -24.60
N LYS C 316 0.85 -26.05 -23.55
CA LYS C 316 0.28 -26.42 -22.25
C LYS C 316 1.04 -27.61 -21.69
N GLN C 317 2.36 -27.58 -21.85
CA GLN C 317 3.21 -28.69 -21.46
C GLN C 317 3.27 -28.82 -19.95
N TYR C 318 2.70 -29.89 -19.43
CA TYR C 318 2.88 -30.20 -18.02
C TYR C 318 4.25 -30.82 -17.80
N ILE C 319 4.81 -30.57 -16.63
CA ILE C 319 6.07 -31.16 -16.23
C ILE C 319 5.88 -31.68 -14.81
N GLY C 320 6.73 -32.63 -14.44
CA GLY C 320 6.80 -33.08 -13.07
C GLY C 320 8.23 -33.04 -12.58
N PRO C 321 8.47 -33.60 -11.41
CA PRO C 321 9.82 -33.70 -10.91
C PRO C 321 10.62 -34.62 -11.81
N PRO C 322 11.94 -34.64 -11.65
CA PRO C 322 12.76 -35.53 -12.47
C PRO C 322 12.47 -36.99 -12.18
N SER C 323 12.73 -37.83 -13.18
CA SER C 323 12.61 -39.26 -13.01
C SER C 323 13.89 -39.82 -12.42
N ALA C 324 13.85 -41.12 -12.09
CA ALA C 324 15.03 -41.78 -11.56
C ALA C 324 16.18 -41.66 -12.55
N ALA C 325 16.00 -42.20 -13.75
CA ALA C 325 17.03 -42.13 -14.78
C ALA C 325 17.50 -40.69 -14.97
N ALA C 326 16.60 -39.73 -14.77
CA ALA C 326 16.99 -38.33 -14.87
C ALA C 326 18.01 -37.98 -13.80
N ILE C 327 17.69 -38.30 -12.54
CA ILE C 327 18.64 -38.09 -11.45
C ILE C 327 19.96 -38.74 -11.78
N PHE C 328 19.89 -39.92 -12.39
CA PHE C 328 21.09 -40.65 -12.71
C PHE C 328 21.96 -39.88 -13.69
N LYS C 329 21.38 -39.50 -14.83
CA LYS C 329 22.13 -38.74 -15.82
C LYS C 329 22.70 -37.47 -15.23
N ILE C 330 21.94 -36.82 -14.36
CA ILE C 330 22.37 -35.53 -13.86
C ILE C 330 23.53 -35.69 -12.87
N TYR C 331 23.45 -36.69 -12.00
CA TYR C 331 24.60 -37.02 -11.18
C TYR C 331 25.82 -37.33 -12.03
N LEU C 332 25.63 -38.05 -13.13
CA LEU C 332 26.76 -38.34 -14.01
C LEU C 332 27.42 -37.05 -14.49
N SER C 333 26.60 -36.15 -15.03
CA SER C 333 27.11 -34.85 -15.47
C SER C 333 27.85 -34.14 -14.35
N CYS C 334 27.31 -34.20 -13.14
CA CYS C 334 27.96 -33.57 -12.00
C CYS C 334 29.34 -34.14 -11.79
N LEU C 335 29.42 -35.47 -11.73
CA LEU C 335 30.70 -36.12 -11.54
C LEU C 335 31.68 -35.70 -12.62
N GLU C 336 31.20 -35.51 -13.84
CA GLU C 336 32.10 -35.20 -14.94
C GLU C 336 32.66 -33.80 -14.82
N GLU C 337 31.79 -32.83 -14.55
CA GLU C 337 32.26 -31.47 -14.27
C GLU C 337 33.26 -31.48 -13.12
N LEU C 338 32.98 -32.26 -12.08
CA LEU C 338 33.89 -32.34 -10.95
C LEU C 338 35.26 -32.82 -11.37
N MET C 339 35.32 -34.01 -11.97
CA MET C 339 36.61 -34.56 -12.39
C MET C 339 37.32 -33.63 -13.38
N LYS C 340 36.55 -32.83 -14.12
CA LYS C 340 37.20 -31.87 -15.00
C LYS C 340 37.79 -30.70 -14.22
N CYS C 341 37.19 -30.36 -13.08
CA CYS C 341 37.79 -29.37 -12.19
C CYS C 341 38.52 -30.01 -11.03
N GLN C 342 38.84 -31.29 -11.14
CA GLN C 342 39.83 -31.96 -10.30
C GLN C 342 39.42 -32.02 -8.83
N ILE C 343 38.21 -31.59 -8.49
CA ILE C 343 37.79 -31.58 -7.10
C ILE C 343 37.75 -32.98 -6.55
N ILE C 344 37.36 -33.95 -7.36
CA ILE C 344 37.71 -35.33 -7.12
C ILE C 344 38.94 -35.62 -7.95
N TYR C 345 40.03 -36.02 -7.31
CA TYR C 345 41.28 -36.09 -8.05
C TYR C 345 41.39 -37.32 -8.96
N PRO C 346 41.22 -38.54 -8.47
CA PRO C 346 41.35 -39.68 -9.39
C PRO C 346 40.15 -39.74 -10.34
N ARG C 347 40.37 -39.32 -11.58
CA ARG C 347 39.30 -39.24 -12.57
C ARG C 347 38.91 -40.66 -12.96
N GLN C 348 37.61 -40.92 -13.01
CA GLN C 348 37.11 -42.27 -13.21
C GLN C 348 36.09 -42.32 -14.33
N GLN C 349 35.42 -43.46 -14.44
CA GLN C 349 34.54 -43.74 -15.55
C GLN C 349 33.12 -43.99 -15.06
N LEU C 350 32.16 -43.54 -15.84
CA LEU C 350 30.75 -43.67 -15.54
C LEU C 350 30.06 -44.44 -16.66
N LEU C 351 28.79 -44.75 -16.44
CA LEU C 351 28.04 -45.61 -17.35
C LEU C 351 26.57 -45.23 -17.24
N THR C 352 26.01 -44.65 -18.30
CA THR C 352 24.59 -44.37 -18.26
C THR C 352 23.82 -45.68 -18.09
N LEU C 353 22.52 -45.56 -17.79
CA LEU C 353 21.73 -46.74 -17.54
C LEU C 353 21.71 -47.70 -18.72
N ARG C 354 22.05 -47.22 -19.91
CA ARG C 354 22.10 -48.11 -21.07
C ARG C 354 23.07 -49.26 -20.84
N GLU C 355 24.36 -48.95 -20.69
CA GLU C 355 25.34 -49.99 -20.51
C GLU C 355 25.15 -50.72 -19.19
N LEU C 356 24.61 -50.03 -18.19
CA LEU C 356 24.31 -50.71 -16.94
C LEU C 356 23.30 -51.81 -17.15
N GLU C 357 22.26 -51.54 -17.94
CA GLU C 357 21.26 -52.55 -18.20
C GLU C 357 21.78 -53.63 -19.15
N MET C 358 22.69 -53.28 -20.06
CA MET C 358 23.21 -54.31 -20.95
C MET C 358 24.10 -55.29 -20.22
N ILE C 359 24.81 -54.85 -19.18
CA ILE C 359 25.71 -55.76 -18.47
C ILE C 359 24.92 -56.55 -17.44
N GLY C 360 23.59 -56.44 -17.51
CA GLY C 360 22.73 -57.23 -16.64
C GLY C 360 22.89 -56.93 -15.17
N PHE C 361 23.41 -55.75 -14.83
CA PHE C 361 23.59 -55.34 -13.44
C PHE C 361 24.47 -56.31 -12.67
N ILE C 362 25.41 -56.95 -13.37
CA ILE C 362 26.33 -57.87 -12.71
C ILE C 362 27.14 -57.11 -11.67
N GLU C 363 27.18 -57.66 -10.47
CA GLU C 363 27.85 -57.02 -9.34
C GLU C 363 29.35 -57.29 -9.42
N ASN C 364 30.06 -56.42 -10.14
CA ASN C 364 31.52 -56.44 -10.12
C ASN C 364 32.04 -55.08 -9.67
N ASN C 365 33.34 -55.04 -9.41
CA ASN C 365 33.94 -53.84 -8.82
C ASN C 365 33.68 -52.62 -9.67
N VAL C 366 33.90 -52.73 -10.98
CA VAL C 366 33.67 -51.61 -11.87
C VAL C 366 32.21 -51.17 -11.81
N SER C 367 31.29 -52.14 -11.93
CA SER C 367 29.88 -51.81 -11.99
C SER C 367 29.38 -51.22 -10.67
N LYS C 368 29.81 -51.80 -9.55
CA LYS C 368 29.20 -51.45 -8.27
C LYS C 368 29.20 -49.94 -8.02
N LEU C 369 30.20 -49.23 -8.54
CA LEU C 369 30.21 -47.78 -8.46
C LEU C 369 28.90 -47.21 -8.95
N SER C 370 28.64 -47.40 -10.23
CA SER C 370 27.44 -46.86 -10.82
C SER C 370 26.19 -47.58 -10.33
N LEU C 371 26.33 -48.79 -9.81
CA LEU C 371 25.17 -49.50 -9.29
C LEU C 371 24.67 -48.87 -8.00
N LEU C 372 25.58 -48.65 -7.06
CA LEU C 372 25.25 -47.89 -5.88
C LEU C 372 24.79 -46.49 -6.26
N LEU C 373 25.35 -45.93 -7.34
CA LEU C 373 24.86 -44.66 -7.85
C LEU C 373 23.39 -44.76 -8.23
N ASN C 374 23.03 -45.80 -8.97
CA ASN C 374 21.64 -46.01 -9.35
C ASN C 374 20.77 -46.13 -8.12
N ASP C 375 21.27 -46.78 -7.07
CA ASP C 375 20.52 -46.87 -5.83
C ASP C 375 20.32 -45.48 -5.23
N ILE C 376 21.38 -44.67 -5.25
CA ILE C 376 21.30 -43.27 -4.85
C ILE C 376 20.13 -42.62 -5.55
N SER C 377 20.06 -42.78 -6.87
CA SER C 377 18.96 -42.19 -7.61
C SER C 377 17.63 -42.75 -7.17
N ARG C 378 17.52 -44.08 -7.11
CA ARG C 378 16.24 -44.73 -6.86
C ARG C 378 15.66 -44.34 -5.53
N LYS C 379 16.51 -43.99 -4.57
CA LYS C 379 16.02 -43.39 -3.35
C LYS C 379 15.95 -41.88 -3.43
N SER C 380 16.57 -41.28 -4.46
CA SER C 380 16.61 -39.83 -4.55
C SER C 380 15.33 -39.27 -5.14
N GLU C 381 14.62 -40.07 -5.93
CA GLU C 381 13.46 -39.56 -6.63
C GLU C 381 12.38 -39.17 -5.63
N GLY C 382 11.65 -38.11 -5.97
CA GLY C 382 10.84 -37.41 -5.01
C GLY C 382 11.43 -36.09 -4.57
N LEU C 383 12.47 -35.63 -5.24
CA LEU C 383 13.13 -34.37 -4.91
C LEU C 383 13.23 -33.54 -6.18
N SER C 384 13.76 -32.33 -6.04
CA SER C 384 13.80 -31.38 -7.14
C SER C 384 15.19 -31.33 -7.73
N GLY C 385 15.25 -31.31 -9.06
CA GLY C 385 16.52 -31.16 -9.73
C GLY C 385 17.30 -29.97 -9.22
N ARG C 386 16.60 -28.93 -8.78
CA ARG C 386 17.29 -27.81 -8.16
C ARG C 386 18.08 -28.30 -6.96
N VAL C 387 17.39 -28.87 -5.98
CA VAL C 387 18.08 -29.45 -4.83
C VAL C 387 19.08 -30.49 -5.30
N LEU C 388 18.79 -31.19 -6.40
CA LEU C 388 19.71 -32.22 -6.85
C LEU C 388 21.06 -31.63 -7.21
N ARG C 389 21.10 -30.77 -8.22
CA ARG C 389 22.36 -30.14 -8.55
C ARG C 389 22.91 -29.32 -7.40
N LYS C 390 22.11 -29.03 -6.38
CA LYS C 390 22.71 -28.53 -5.15
C LYS C 390 23.53 -29.61 -4.48
N LEU C 391 23.03 -30.84 -4.49
CA LEU C 391 23.58 -31.88 -3.64
C LEU C 391 25.09 -32.03 -3.78
N PRO C 392 25.63 -32.45 -4.93
CA PRO C 392 27.03 -32.88 -4.94
C PRO C 392 27.97 -31.88 -4.28
N PHE C 393 27.84 -30.60 -4.63
CA PHE C 393 28.69 -29.59 -4.03
C PHE C 393 28.44 -29.47 -2.54
N LEU C 394 27.19 -29.31 -2.16
CA LEU C 394 26.89 -29.09 -0.76
C LEU C 394 27.25 -30.29 0.10
N ALA C 395 27.33 -31.48 -0.51
CA ALA C 395 27.78 -32.66 0.21
C ALA C 395 29.30 -32.64 0.33
N HIS C 396 29.98 -32.34 -0.77
CA HIS C 396 31.41 -32.10 -0.71
C HIS C 396 31.74 -31.12 0.40
N ALA C 397 30.81 -30.24 0.72
CA ALA C 397 30.96 -29.42 1.91
C ALA C 397 30.64 -30.23 3.17
N LEU C 398 29.49 -30.88 3.20
CA LEU C 398 28.97 -31.43 4.45
C LEU C 398 29.85 -32.55 4.99
N TYR C 399 29.96 -33.64 4.26
CA TYR C 399 30.57 -34.83 4.83
C TYR C 399 31.95 -35.15 4.26
N VAL C 400 32.31 -34.59 3.11
CA VAL C 400 33.69 -34.70 2.66
C VAL C 400 34.63 -34.11 3.68
N GLN C 401 34.42 -32.84 4.02
CA GLN C 401 35.18 -32.19 5.07
C GLN C 401 36.67 -32.22 4.78
N ALA C 402 37.04 -32.21 3.50
CA ALA C 402 38.44 -32.27 3.13
C ALA C 402 38.60 -31.61 1.77
N PRO C 403 39.69 -30.89 1.53
CA PRO C 403 39.85 -30.24 0.21
C PRO C 403 40.02 -31.22 -0.92
N THR C 404 40.21 -32.49 -0.62
CA THR C 404 40.35 -33.53 -1.63
C THR C 404 39.63 -34.78 -1.12
N VAL C 405 39.01 -35.52 -2.03
CA VAL C 405 38.27 -36.72 -1.67
C VAL C 405 38.08 -37.53 -2.94
N THR C 406 37.84 -38.83 -2.78
CA THR C 406 37.61 -39.72 -3.90
C THR C 406 36.21 -40.29 -3.84
N ILE C 407 35.86 -40.99 -4.90
CA ILE C 407 34.66 -41.83 -4.93
C ILE C 407 34.88 -43.00 -3.99
N GLU C 408 33.84 -43.79 -3.77
CA GLU C 408 33.73 -44.89 -2.82
C GLU C 408 33.52 -44.37 -1.40
N GLY C 409 33.71 -43.09 -1.16
CA GLY C 409 33.19 -42.47 0.04
C GLY C 409 32.36 -41.27 -0.33
N PHE C 410 32.72 -40.65 -1.45
CA PHE C 410 31.94 -39.53 -1.96
C PHE C 410 30.52 -39.96 -2.24
N LEU C 411 30.36 -41.21 -2.70
CA LEU C 411 29.05 -41.69 -3.08
C LEU C 411 28.17 -41.89 -1.87
N GLN C 412 28.60 -42.74 -0.93
CA GLN C 412 27.83 -42.89 0.30
C GLN C 412 27.67 -41.55 1.00
N ALA C 413 28.60 -40.64 0.78
CA ALA C 413 28.45 -39.28 1.28
C ALA C 413 27.21 -38.63 0.67
N LEU C 414 27.11 -38.64 -0.65
CA LEU C 414 25.93 -38.13 -1.31
C LEU C 414 24.68 -38.82 -0.78
N SER C 415 24.79 -40.11 -0.52
CA SER C 415 23.66 -40.87 -0.01
C SER C 415 23.18 -40.31 1.32
N LEU C 416 24.11 -40.16 2.26
CA LEU C 416 23.78 -39.57 3.54
C LEU C 416 23.21 -38.17 3.35
N ALA C 417 23.75 -37.42 2.40
CA ALA C 417 23.23 -36.09 2.12
C ALA C 417 21.77 -36.13 1.74
N VAL C 418 21.42 -37.04 0.83
CA VAL C 418 20.04 -37.12 0.36
C VAL C 418 19.14 -37.59 1.48
N ASP C 419 19.60 -38.56 2.27
CA ASP C 419 18.86 -38.97 3.45
C ASP C 419 18.55 -37.75 4.30
N LYS C 420 19.55 -36.91 4.49
CA LYS C 420 19.35 -35.67 5.24
C LYS C 420 18.29 -34.83 4.58
N GLN C 421 18.34 -34.69 3.25
CA GLN C 421 17.38 -33.85 2.55
C GLN C 421 15.95 -34.31 2.80
N PHE C 422 15.72 -35.62 2.72
CA PHE C 422 14.39 -36.13 2.98
C PHE C 422 13.97 -35.88 4.41
N GLU C 423 14.83 -36.22 5.37
CA GLU C 423 14.49 -35.95 6.76
C GLU C 423 14.28 -34.46 7.01
N GLU C 424 14.89 -33.62 6.19
CA GLU C 424 14.74 -32.18 6.34
C GLU C 424 13.37 -31.73 5.89
N ARG C 425 12.99 -32.07 4.66
CA ARG C 425 11.64 -31.77 4.22
C ARG C 425 10.60 -32.37 5.16
N LYS C 426 10.91 -33.51 5.78
CA LYS C 426 10.01 -34.06 6.78
C LYS C 426 9.91 -33.14 7.98
N LYS C 427 11.04 -32.89 8.63
CA LYS C 427 11.07 -31.97 9.76
C LYS C 427 10.52 -30.61 9.37
N LEU C 428 10.62 -30.25 8.09
CA LEU C 428 10.10 -28.97 7.65
C LEU C 428 8.64 -28.77 7.99
N ALA C 429 7.93 -29.84 8.38
CA ALA C 429 6.57 -29.76 8.88
C ALA C 429 5.59 -29.18 7.87
N PRO D 19 46.65 -30.22 8.99
CA PRO D 19 46.44 -29.75 10.36
C PRO D 19 46.21 -28.25 10.44
N THR D 20 45.00 -27.82 10.06
CA THR D 20 44.68 -26.40 9.98
C THR D 20 44.05 -25.94 11.28
N VAL D 21 44.73 -25.04 11.98
CA VAL D 21 44.23 -24.44 13.21
C VAL D 21 44.19 -22.94 12.98
N HIS D 22 43.00 -22.43 12.68
CA HIS D 22 42.83 -20.99 12.51
C HIS D 22 42.95 -20.30 13.87
N VAL D 23 43.13 -18.97 13.83
CA VAL D 23 43.38 -18.19 15.02
C VAL D 23 42.58 -16.89 14.96
N GLU D 24 41.99 -16.51 16.09
CA GLU D 24 41.15 -15.33 16.17
C GLU D 24 42.01 -14.16 16.64
N VAL D 25 42.77 -13.60 15.72
CA VAL D 25 43.68 -12.52 16.05
C VAL D 25 42.90 -11.22 16.17
N HIS D 26 42.51 -10.87 17.38
CA HIS D 26 41.87 -9.60 17.65
C HIS D 26 42.91 -8.51 17.77
N GLN D 27 42.92 -7.59 16.82
CA GLN D 27 43.62 -6.33 17.00
C GLN D 27 42.63 -5.34 17.57
N ARG D 28 42.89 -4.87 18.79
CA ARG D 28 42.08 -3.78 19.31
C ARG D 28 42.22 -2.56 18.41
N GLY D 29 41.09 -1.97 18.04
CA GLY D 29 41.09 -0.79 17.19
C GLY D 29 41.98 0.30 17.74
N SER D 30 42.21 0.26 19.06
CA SER D 30 43.13 1.19 19.67
C SER D 30 44.59 0.91 19.30
N SER D 31 44.89 -0.29 18.80
CA SER D 31 46.28 -0.65 18.50
C SER D 31 46.90 0.31 17.51
N THR D 32 46.30 0.41 16.33
CA THR D 32 46.72 1.27 15.22
C THR D 32 48.02 0.81 14.58
N ALA D 33 48.64 -0.24 15.08
CA ALA D 33 49.84 -0.77 14.44
C ALA D 33 49.45 -1.66 13.28
N LYS D 34 50.39 -1.86 12.37
CA LYS D 34 50.08 -2.58 11.14
C LYS D 34 50.24 -4.09 11.33
N LYS D 35 49.70 -4.83 10.36
CA LYS D 35 49.38 -6.23 10.55
C LYS D 35 50.62 -7.09 10.77
N GLU D 36 51.57 -7.01 9.84
CA GLU D 36 52.65 -8.00 9.78
C GLU D 36 53.40 -8.09 11.09
N ASP D 37 53.65 -6.95 11.73
CA ASP D 37 54.28 -6.97 13.05
C ASP D 37 53.46 -7.81 14.01
N ILE D 38 52.15 -7.66 13.96
CA ILE D 38 51.26 -8.39 14.85
C ILE D 38 51.31 -9.87 14.54
N ASN D 39 51.30 -10.22 13.25
CA ASN D 39 51.52 -11.59 12.81
C ASN D 39 52.76 -12.17 13.47
N LEU D 40 53.90 -11.49 13.29
CA LEU D 40 55.15 -11.96 13.86
C LEU D 40 55.02 -12.20 15.35
N SER D 41 54.48 -11.21 16.06
CA SER D 41 54.44 -11.29 17.51
C SER D 41 53.52 -12.41 17.99
N VAL D 42 52.41 -12.63 17.29
CA VAL D 42 51.48 -13.67 17.70
C VAL D 42 52.08 -15.04 17.45
N ARG D 43 52.70 -15.23 16.29
CA ARG D 43 53.37 -16.49 16.06
C ARG D 43 54.48 -16.71 17.07
N LYS D 44 55.10 -15.64 17.55
CA LYS D 44 56.14 -15.80 18.58
C LYS D 44 55.52 -16.17 19.92
N LEU D 45 54.36 -15.60 20.23
CA LEU D 45 53.56 -16.08 21.35
C LEU D 45 53.35 -17.58 21.25
N LEU D 46 52.98 -18.05 20.07
CA LEU D 46 52.78 -19.48 19.87
C LEU D 46 54.06 -20.25 20.12
N ASN D 47 55.17 -19.78 19.55
CA ASN D 47 56.48 -20.36 19.82
C ASN D 47 56.69 -20.51 21.32
N ARG D 48 56.34 -19.47 22.08
CA ARG D 48 56.47 -19.50 23.53
C ARG D 48 55.64 -20.63 24.13
N HIS D 49 54.32 -20.55 23.99
CA HIS D 49 53.49 -21.49 24.73
C HIS D 49 53.48 -22.87 24.09
N ASN D 50 53.40 -22.93 22.77
CA ASN D 50 53.40 -24.18 22.01
C ASN D 50 52.24 -25.09 22.39
N ILE D 51 51.30 -24.62 23.21
CA ILE D 51 50.13 -25.41 23.58
C ILE D 51 48.89 -24.53 23.61
N GLY D 54 44.33 -26.93 25.66
CA GLY D 54 43.14 -26.79 24.85
C GLY D 54 43.02 -25.43 24.18
N ASP D 55 41.84 -25.16 23.61
CA ASP D 55 41.55 -23.85 23.02
C ASP D 55 41.30 -22.84 24.12
N TYR D 56 41.77 -21.61 23.92
CA TYR D 56 41.88 -20.67 25.02
C TYR D 56 41.76 -19.25 24.47
N THR D 57 41.68 -18.29 25.39
CA THR D 57 41.62 -16.85 25.07
C THR D 57 42.76 -16.17 25.81
N TRP D 58 43.92 -16.06 25.16
CA TRP D 58 45.08 -15.42 25.79
C TRP D 58 44.92 -13.91 25.76
N THR D 59 44.95 -13.30 26.94
CA THR D 59 44.94 -11.85 27.06
C THR D 59 46.16 -11.32 27.80
N GLU D 60 46.45 -11.87 28.98
CA GLU D 60 47.55 -11.38 29.79
C GLU D 60 48.86 -11.92 29.25
N PHE D 61 49.77 -11.02 28.92
CA PHE D 61 50.92 -11.36 28.09
C PHE D 61 52.22 -11.02 28.80
N ASP D 62 53.34 -11.10 28.07
CA ASP D 62 54.62 -10.66 28.59
C ASP D 62 55.16 -9.47 27.82
N GLU D 63 55.29 -9.55 26.52
CA GLU D 63 55.82 -8.42 25.76
C GLU D 63 54.82 -7.27 25.78
N PRO D 64 55.25 -6.05 26.11
CA PRO D 64 54.32 -4.93 26.12
C PRO D 64 53.77 -4.60 24.75
N PHE D 65 54.46 -5.02 23.70
CA PHE D 65 54.01 -4.76 22.33
C PHE D 65 52.60 -5.30 22.12
N LEU D 66 52.45 -6.62 22.20
CA LEU D 66 51.12 -7.21 22.11
C LEU D 66 50.23 -6.71 23.23
N THR D 67 50.80 -6.55 24.43
CA THR D 67 50.03 -6.09 25.58
C THR D 67 49.26 -4.83 25.24
N ARG D 68 49.83 -3.95 24.43
CA ARG D 68 49.16 -2.74 24.00
C ARG D 68 48.34 -2.98 22.75
N ASN D 69 48.92 -3.66 21.77
CA ASN D 69 48.30 -3.78 20.46
C ASN D 69 47.17 -4.80 20.42
N VAL D 70 47.01 -5.62 21.46
CA VAL D 70 46.01 -6.66 21.44
C VAL D 70 45.04 -6.43 22.57
N GLN D 71 43.81 -6.90 22.37
CA GLN D 71 42.79 -6.90 23.39
C GLN D 71 42.35 -8.31 23.74
N SER D 72 42.65 -9.30 22.90
CA SER D 72 42.26 -10.67 23.14
C SER D 72 42.91 -11.56 22.09
N VAL D 73 43.24 -12.79 22.50
CA VAL D 73 43.78 -13.79 21.59
C VAL D 73 43.06 -15.11 21.83
N SER D 74 42.07 -15.43 21.00
CA SER D 74 41.26 -16.61 21.17
C SER D 74 41.39 -17.53 19.96
N ILE D 75 41.04 -18.80 20.18
CA ILE D 75 41.07 -19.83 19.15
C ILE D 75 40.03 -20.88 19.50
N ILE D 76 39.29 -21.34 18.50
CA ILE D 76 38.32 -22.42 18.64
C ILE D 76 38.64 -23.45 17.55
N ASP D 77 38.16 -24.67 17.74
CA ASP D 77 38.26 -25.76 16.76
C ASP D 77 38.26 -25.28 15.31
N ASP D 89 46.31 -26.57 23.48
CA ASP D 89 46.36 -28.01 23.25
C ASP D 89 47.59 -28.39 22.44
N LEU D 90 47.50 -28.24 21.13
CA LEU D 90 48.57 -28.60 20.21
C LEU D 90 48.89 -27.43 19.30
N SER D 91 50.17 -27.31 18.94
CA SER D 91 50.59 -26.19 18.09
C SER D 91 51.55 -26.57 16.99
N ALA D 92 51.95 -27.83 16.89
CA ALA D 92 52.80 -28.24 15.77
C ALA D 92 51.93 -28.50 14.56
N CYS D 93 51.07 -27.54 14.21
CA CYS D 93 50.17 -27.68 13.09
C CYS D 93 50.28 -26.46 12.19
N THR D 94 49.38 -26.33 11.22
CA THR D 94 49.38 -25.17 10.33
C THR D 94 48.48 -24.11 10.95
N VAL D 95 49.10 -23.15 11.60
CA VAL D 95 48.40 -22.03 12.21
C VAL D 95 48.20 -20.97 11.15
N ALA D 96 46.95 -20.58 10.93
CA ALA D 96 46.60 -19.52 9.99
C ALA D 96 45.93 -18.40 10.78
N LEU D 97 46.64 -17.29 10.94
CA LEU D 97 46.14 -16.20 11.76
C LEU D 97 45.00 -15.48 11.05
N HIS D 98 44.30 -14.65 11.81
CA HIS D 98 43.21 -13.86 11.24
C HIS D 98 43.14 -12.54 12.02
N ILE D 99 43.85 -11.54 11.51
CA ILE D 99 43.88 -10.23 12.15
C ILE D 99 42.58 -9.51 11.82
N PHE D 100 41.72 -9.32 12.80
CA PHE D 100 40.47 -8.63 12.59
C PHE D 100 40.38 -7.44 13.54
N GLN D 101 39.96 -6.29 13.00
CA GLN D 101 39.74 -5.09 13.77
C GLN D 101 38.25 -4.81 13.85
N LEU D 102 37.78 -4.53 15.06
CA LEU D 102 36.36 -4.32 15.26
C LEU D 102 35.91 -3.00 14.65
N ASN D 103 34.61 -2.75 14.68
CA ASN D 103 34.05 -1.48 14.27
C ASN D 103 32.90 -1.15 15.20
N GLU D 104 32.32 0.04 15.02
CA GLU D 104 31.44 0.55 16.05
C GLU D 104 29.99 0.71 15.61
N ASP D 105 29.72 1.50 14.57
CA ASP D 105 28.42 2.11 14.41
C ASP D 105 27.60 1.35 13.37
N GLY D 106 26.46 0.83 13.80
CA GLY D 106 25.46 0.36 12.88
C GLY D 106 24.44 1.44 12.64
N PRO D 107 24.60 2.20 11.56
CA PRO D 107 23.78 3.38 11.35
C PRO D 107 22.41 3.01 10.82
N SER D 108 22.36 1.94 10.05
CA SER D 108 21.20 1.48 9.31
C SER D 108 20.74 2.54 8.32
N SER D 109 21.52 3.59 8.11
CA SER D 109 21.12 4.62 7.17
C SER D 109 20.92 4.01 5.80
N GLU D 110 19.65 3.91 5.40
CA GLU D 110 19.30 3.44 4.07
C GLU D 110 18.02 4.15 3.65
N ASN D 111 18.13 5.01 2.65
CA ASN D 111 17.00 5.81 2.23
C ASN D 111 15.82 4.95 1.82
N LEU D 112 16.01 4.15 0.77
CA LEU D 112 14.90 3.45 0.12
C LEU D 112 13.86 4.45 -0.34
N GLU D 113 14.28 5.35 -1.21
CA GLU D 113 13.51 6.52 -1.59
C GLU D 113 12.67 6.23 -2.84
N GLU D 114 11.51 5.62 -2.59
CA GLU D 114 10.51 5.47 -3.65
C GLU D 114 10.17 6.82 -4.25
N GLU D 115 9.99 7.83 -3.40
CA GLU D 115 9.76 9.21 -3.83
C GLU D 115 10.54 10.19 -2.97
N THR D 116 11.73 9.80 -2.53
CA THR D 116 12.62 10.60 -1.68
C THR D 116 12.02 10.78 -0.30
N GLU D 117 10.80 10.31 -0.09
CA GLU D 117 10.10 10.43 1.19
C GLU D 117 9.82 9.03 1.69
N ASN D 118 10.81 8.45 2.35
CA ASN D 118 10.67 7.13 2.96
C ASN D 118 11.82 6.87 3.90
N ILE D 119 11.52 6.57 5.15
CA ILE D 119 12.53 6.20 6.15
C ILE D 119 12.29 4.73 6.48
N ILE D 120 13.02 3.85 5.81
CA ILE D 120 12.55 2.49 5.58
C ILE D 120 13.64 1.49 5.93
N ALA D 121 13.62 0.98 7.15
CA ALA D 121 13.87 -0.42 7.47
C ALA D 121 14.85 -1.14 6.55
N ALA D 122 16.09 -0.67 6.49
CA ALA D 122 17.16 -1.45 5.85
C ALA D 122 18.41 -1.24 6.69
N ASN D 123 18.67 -2.17 7.60
CA ASN D 123 19.86 -2.06 8.41
C ASN D 123 21.09 -2.36 7.56
N HIS D 124 22.17 -1.65 7.84
CA HIS D 124 23.38 -1.74 7.03
C HIS D 124 24.58 -1.80 7.96
N TRP D 125 24.96 -3.01 8.36
CA TRP D 125 26.02 -3.21 9.33
C TRP D 125 27.33 -3.53 8.63
N VAL D 126 28.30 -2.64 8.79
CA VAL D 126 29.66 -2.98 8.41
C VAL D 126 30.10 -4.17 9.22
N LEU D 127 30.70 -5.13 8.55
CA LEU D 127 31.03 -6.39 9.16
C LEU D 127 32.21 -6.18 10.10
N PRO D 128 32.81 -7.26 10.58
CA PRO D 128 32.93 -7.49 12.02
C PRO D 128 33.05 -6.25 12.88
N ALA D 129 32.20 -6.18 13.89
CA ALA D 129 32.12 -5.03 14.78
C ALA D 129 31.58 -5.47 16.14
N ALA D 130 31.71 -4.56 17.11
CA ALA D 130 31.38 -4.85 18.50
C ALA D 130 29.95 -5.33 18.66
N GLU D 131 29.13 -5.27 17.61
CA GLU D 131 27.78 -5.82 17.70
C GLU D 131 27.81 -7.25 18.17
N PHE D 132 28.79 -8.03 17.73
CA PHE D 132 28.74 -9.47 17.94
C PHE D 132 30.06 -10.05 18.40
N HIS D 133 31.02 -9.21 18.74
CA HIS D 133 32.32 -9.71 19.17
C HIS D 133 32.15 -10.58 20.41
N GLY D 134 32.36 -11.88 20.24
CA GLY D 134 32.12 -12.83 21.29
C GLY D 134 30.77 -13.51 21.24
N LEU D 135 30.01 -13.33 20.16
CA LEU D 135 28.68 -13.91 20.08
C LEU D 135 28.73 -15.36 19.62
N TRP D 136 29.42 -15.62 18.50
CA TRP D 136 29.67 -16.97 18.02
C TRP D 136 30.19 -17.88 19.14
N ASP D 137 30.76 -17.27 20.19
CA ASP D 137 31.31 -18.04 21.28
C ASP D 137 30.25 -18.79 22.06
N SER D 138 28.98 -18.42 21.89
CA SER D 138 27.95 -18.83 22.82
C SER D 138 26.75 -19.51 22.19
N LEU D 139 26.44 -19.27 20.93
CA LEU D 139 25.22 -19.79 20.33
C LEU D 139 25.38 -21.28 20.07
N VAL D 140 25.00 -22.11 21.03
CA VAL D 140 25.28 -23.54 20.95
C VAL D 140 24.06 -24.25 20.40
N TYR D 141 24.29 -25.40 19.76
CA TYR D 141 23.24 -26.11 19.05
C TYR D 141 23.41 -27.61 19.16
N ASP D 142 22.29 -28.30 19.30
CA ASP D 142 22.31 -29.74 19.51
C ASP D 142 22.96 -30.46 18.34
N VAL D 143 22.52 -30.15 17.13
CA VAL D 143 22.98 -30.85 15.94
C VAL D 143 24.47 -30.63 15.69
N GLU D 144 25.12 -29.78 16.48
CA GLU D 144 26.39 -29.19 16.09
C GLU D 144 26.26 -28.58 14.70
N VAL D 145 25.18 -27.81 14.53
CA VAL D 145 24.97 -27.10 13.29
C VAL D 145 26.18 -26.29 12.91
N LYS D 146 26.77 -25.60 13.89
CA LYS D 146 27.71 -24.53 13.62
C LYS D 146 28.77 -25.01 12.63
N SER D 147 29.61 -25.97 13.03
CA SER D 147 30.68 -26.45 12.16
C SER D 147 30.21 -26.62 10.72
N HIS D 148 28.99 -27.13 10.57
CA HIS D 148 28.45 -27.48 9.26
C HIS D 148 28.10 -26.24 8.47
N LEU D 149 27.19 -25.45 9.02
CA LEU D 149 26.82 -24.18 8.41
C LEU D 149 28.05 -23.33 8.14
N LEU D 150 28.97 -23.33 9.07
CA LEU D 150 30.22 -22.59 8.99
C LEU D 150 31.00 -23.00 7.76
N ASP D 151 31.48 -24.24 7.72
CA ASP D 151 32.34 -24.58 6.61
C ASP D 151 31.56 -24.72 5.31
N TYR D 152 30.24 -24.56 5.33
CA TYR D 152 29.54 -24.30 4.08
C TYR D 152 30.18 -23.18 3.30
N VAL D 153 30.21 -22.00 3.89
CA VAL D 153 30.75 -20.84 3.18
C VAL D 153 32.24 -21.01 2.96
N MET D 154 32.89 -21.84 3.78
CA MET D 154 34.29 -22.11 3.49
C MET D 154 34.44 -22.91 2.21
N THR D 155 33.60 -23.92 2.03
CA THR D 155 33.56 -24.67 0.78
C THR D 155 33.24 -23.73 -0.38
N THR D 156 32.40 -22.74 -0.12
CA THR D 156 32.00 -21.77 -1.13
C THR D 156 33.16 -21.32 -1.98
N LEU D 157 34.15 -20.68 -1.38
CA LEU D 157 35.30 -20.22 -2.16
C LEU D 157 36.06 -21.38 -2.76
N LEU D 158 36.64 -22.22 -1.89
CA LEU D 158 37.65 -23.18 -2.31
C LEU D 158 37.14 -24.13 -3.37
N PHE D 159 35.82 -24.20 -3.58
CA PHE D 159 35.33 -25.07 -4.62
C PHE D 159 34.26 -24.41 -5.46
N SER D 160 34.18 -23.08 -5.40
CA SER D 160 33.60 -22.33 -6.51
C SER D 160 34.70 -21.76 -7.36
N ASP D 161 35.70 -21.15 -6.73
CA ASP D 161 36.74 -20.46 -7.45
C ASP D 161 37.72 -21.40 -8.14
N LYS D 162 37.47 -22.71 -8.07
CA LYS D 162 38.08 -23.65 -9.00
C LYS D 162 37.62 -23.43 -10.43
N ASN D 163 36.78 -22.41 -10.64
CA ASN D 163 36.23 -22.09 -11.96
C ASN D 163 35.43 -23.27 -12.52
N VAL D 164 34.67 -23.91 -11.64
CA VAL D 164 33.69 -24.91 -12.05
C VAL D 164 32.68 -24.24 -12.95
N ASN D 165 32.17 -24.96 -13.95
CA ASN D 165 31.03 -24.42 -14.67
C ASN D 165 29.85 -24.31 -13.73
N SER D 166 29.51 -23.08 -13.35
CA SER D 166 28.37 -22.87 -12.47
C SER D 166 27.12 -23.50 -13.03
N ASN D 167 26.95 -23.40 -14.33
CA ASN D 167 25.70 -23.80 -14.92
C ASN D 167 25.55 -25.26 -15.02
N LEU D 168 26.46 -26.00 -14.41
CA LEU D 168 26.30 -27.43 -14.20
C LEU D 168 26.01 -27.77 -12.75
N ILE D 169 26.68 -27.09 -11.83
CA ILE D 169 26.49 -27.29 -10.41
C ILE D 169 26.32 -25.92 -9.78
N THR D 170 25.17 -25.70 -9.18
CA THR D 170 24.79 -24.42 -8.63
C THR D 170 24.58 -24.58 -7.14
N TRP D 171 24.59 -23.45 -6.43
CA TRP D 171 24.42 -23.46 -4.98
C TRP D 171 23.84 -22.09 -4.62
N ASN D 172 22.52 -22.04 -4.46
CA ASN D 172 21.82 -20.76 -4.58
C ASN D 172 22.10 -19.78 -3.47
N ARG D 173 22.97 -20.10 -2.52
CA ARG D 173 23.40 -19.13 -1.52
C ARG D 173 22.27 -18.73 -0.58
N VAL D 174 21.19 -19.49 -0.58
CA VAL D 174 19.98 -19.14 0.15
C VAL D 174 19.79 -20.18 1.24
N VAL D 175 20.23 -19.85 2.45
CA VAL D 175 20.10 -20.75 3.58
C VAL D 175 18.90 -20.30 4.39
N LEU D 176 18.08 -21.27 4.79
CA LEU D 176 16.84 -21.01 5.51
C LEU D 176 16.85 -21.86 6.77
N LEU D 177 17.35 -21.26 7.85
CA LEU D 177 17.12 -21.89 9.13
C LEU D 177 15.67 -21.70 9.52
N HIS D 178 15.29 -22.32 10.62
CA HIS D 178 13.92 -22.19 11.09
C HIS D 178 13.83 -22.95 12.40
N GLY D 179 12.68 -22.81 13.05
CA GLY D 179 12.43 -23.45 14.31
C GLY D 179 11.47 -22.65 15.15
N PRO D 180 11.18 -23.13 16.35
CA PRO D 180 10.29 -22.39 17.23
C PRO D 180 10.84 -21.01 17.48
N PRO D 181 9.97 -20.02 17.66
CA PRO D 181 10.44 -18.64 17.74
C PRO D 181 11.37 -18.46 18.92
N GLY D 182 12.23 -17.46 18.83
CA GLY D 182 13.19 -17.25 19.89
C GLY D 182 14.05 -18.47 20.10
N THR D 183 14.86 -18.82 19.11
CA THR D 183 15.72 -19.98 19.24
C THR D 183 17.09 -19.64 18.64
N GLY D 184 17.57 -18.45 18.97
CA GLY D 184 18.89 -18.04 18.53
C GLY D 184 19.00 -17.72 17.07
N LYS D 185 17.96 -17.97 16.28
CA LYS D 185 18.12 -18.03 14.84
C LYS D 185 18.72 -16.75 14.27
N THR D 186 18.02 -15.63 14.42
CA THR D 186 18.57 -14.38 13.91
C THR D 186 19.92 -14.12 14.56
N SER D 187 20.01 -14.32 15.88
CA SER D 187 21.31 -14.21 16.53
C SER D 187 22.32 -15.13 15.87
N LEU D 188 21.91 -16.35 15.55
CA LEU D 188 22.85 -17.31 14.99
C LEU D 188 23.40 -16.81 13.68
N CYS D 189 22.53 -16.36 12.79
CA CYS D 189 22.99 -15.92 11.49
C CYS D 189 23.93 -14.73 11.62
N LYS D 190 23.59 -13.80 12.52
CA LYS D 190 24.46 -12.67 12.76
C LYS D 190 25.85 -13.13 13.14
N ALA D 191 25.96 -13.80 14.29
CA ALA D 191 27.26 -14.25 14.77
C ALA D 191 27.96 -15.08 13.72
N LEU D 192 27.20 -15.84 12.95
CA LEU D 192 27.78 -16.62 11.88
C LEU D 192 28.55 -15.71 10.96
N ALA D 193 27.85 -14.78 10.30
CA ALA D 193 28.51 -13.92 9.33
C ALA D 193 29.69 -13.19 9.96
N GLN D 194 29.55 -12.80 11.23
CA GLN D 194 30.65 -12.19 11.95
C GLN D 194 31.89 -13.07 11.85
N LYS D 195 31.79 -14.27 12.41
CA LYS D 195 32.93 -15.18 12.42
C LYS D 195 33.39 -15.48 11.00
N LEU D 196 32.46 -15.54 10.06
CA LEU D 196 32.80 -15.81 8.68
C LEU D 196 33.77 -14.78 8.16
N THR D 197 33.31 -13.52 8.12
CA THR D 197 34.16 -12.44 7.63
C THR D 197 35.48 -12.41 8.36
N ILE D 198 35.48 -12.82 9.63
CA ILE D 198 36.75 -13.02 10.30
C ILE D 198 37.62 -14.00 9.52
N ARG D 199 37.11 -15.22 9.35
CA ARG D 199 37.92 -16.28 8.77
C ARG D 199 38.44 -15.96 7.39
N LEU D 200 37.79 -15.06 6.68
CA LEU D 200 38.04 -14.99 5.24
C LEU D 200 38.58 -13.63 4.80
N SER D 201 39.56 -13.11 5.54
CA SER D 201 40.11 -11.80 5.26
C SER D 201 40.80 -11.76 3.90
N SER D 202 41.84 -12.58 3.73
CA SER D 202 42.77 -12.50 2.61
C SER D 202 42.07 -12.20 1.30
N ARG D 203 40.94 -12.86 1.06
CA ARG D 203 40.21 -12.71 -0.17
C ARG D 203 39.07 -11.71 -0.04
N TYR D 204 38.97 -11.03 1.10
CA TYR D 204 37.85 -10.13 1.33
C TYR D 204 38.32 -9.00 2.23
N ARG D 205 38.55 -7.83 1.64
CA ARG D 205 38.97 -6.70 2.45
C ARG D 205 38.01 -6.49 3.61
N TYR D 206 36.73 -6.72 3.38
CA TYR D 206 35.72 -6.63 4.42
C TYR D 206 34.44 -7.24 3.86
N GLY D 207 33.34 -7.05 4.59
CA GLY D 207 32.06 -7.50 4.11
C GLY D 207 30.96 -6.54 4.52
N GLN D 208 29.75 -6.88 4.09
CA GLN D 208 28.55 -6.12 4.40
C GLN D 208 27.46 -7.02 4.94
N LEU D 209 26.65 -6.46 5.83
CA LEU D 209 25.42 -7.09 6.27
C LEU D 209 24.27 -6.16 5.93
N ILE D 210 23.38 -6.61 5.06
CA ILE D 210 22.16 -5.89 4.75
C ILE D 210 21.00 -6.65 5.37
N GLU D 211 20.29 -5.97 6.26
CA GLU D 211 19.22 -6.55 7.06
C GLU D 211 17.93 -5.94 6.57
N ILE D 212 17.24 -6.67 5.70
CA ILE D 212 15.92 -6.25 5.27
C ILE D 212 14.96 -6.46 6.41
N ASN D 213 13.88 -5.68 6.41
CA ASN D 213 12.89 -5.79 7.47
C ASN D 213 11.53 -5.60 6.81
N SER D 214 10.92 -6.73 6.44
CA SER D 214 9.79 -6.72 5.51
C SER D 214 8.76 -5.65 5.81
N HIS D 215 8.60 -5.26 7.08
CA HIS D 215 7.76 -4.12 7.43
C HIS D 215 8.07 -2.97 6.49
N SER D 216 9.33 -2.90 6.07
CA SER D 216 9.71 -2.09 4.94
C SER D 216 8.81 -2.32 3.75
N LEU D 217 8.66 -3.58 3.38
CA LEU D 217 8.45 -3.89 1.99
C LEU D 217 7.02 -3.64 1.53
N PHE D 218 6.05 -3.79 2.42
CA PHE D 218 4.67 -3.60 2.04
C PHE D 218 4.40 -2.14 1.71
N SER D 219 3.20 -1.87 1.23
CA SER D 219 2.80 -0.51 0.90
C SER D 219 1.29 -0.41 0.90
N LYS D 220 0.79 0.80 1.18
CA LYS D 220 -0.65 1.05 1.10
C LYS D 220 -1.16 0.78 -0.30
N TRP D 221 -0.29 0.92 -1.30
CA TRP D 221 -0.72 0.95 -2.68
C TRP D 221 -0.31 -0.32 -3.39
N PHE D 222 -1.29 -0.99 -3.99
CA PHE D 222 -1.01 -1.92 -5.06
C PHE D 222 0.03 -1.36 -6.02
N SER D 223 0.92 -2.23 -6.49
CA SER D 223 1.94 -2.00 -7.48
C SER D 223 3.17 -1.27 -6.94
N GLU D 224 3.16 -0.83 -5.69
CA GLU D 224 4.40 -0.28 -5.13
C GLU D 224 5.38 -1.38 -4.79
N SER D 225 4.90 -2.41 -4.08
CA SER D 225 5.79 -3.35 -3.43
C SER D 225 6.81 -3.93 -4.39
N GLY D 226 6.38 -4.22 -5.62
CA GLY D 226 7.32 -4.78 -6.58
C GLY D 226 8.48 -3.85 -6.84
N LYS D 227 8.18 -2.61 -7.20
CA LYS D 227 9.23 -1.62 -7.37
C LYS D 227 10.10 -1.54 -6.12
N LEU D 228 9.45 -1.59 -4.95
CA LEU D 228 10.21 -1.55 -3.71
C LEU D 228 11.25 -2.64 -3.68
N VAL D 229 10.84 -3.88 -3.92
CA VAL D 229 11.75 -4.99 -3.80
C VAL D 229 12.85 -4.89 -4.83
N THR D 230 12.48 -4.52 -6.05
CA THR D 230 13.48 -4.38 -7.09
C THR D 230 14.55 -3.38 -6.69
N LYS D 231 14.13 -2.25 -6.13
CA LYS D 231 15.10 -1.24 -5.72
C LYS D 231 15.92 -1.71 -4.53
N MET D 232 15.28 -2.45 -3.61
CA MET D 232 16.02 -3.09 -2.52
C MET D 232 17.20 -3.84 -3.07
N PHE D 233 16.93 -4.84 -3.89
CA PHE D 233 18.07 -5.58 -4.37
C PHE D 233 18.87 -4.80 -5.39
N GLN D 234 18.37 -3.65 -5.82
CA GLN D 234 19.23 -2.76 -6.60
C GLN D 234 20.37 -2.26 -5.75
N LYS D 235 20.06 -1.73 -4.58
CA LYS D 235 21.15 -1.30 -3.69
C LYS D 235 21.97 -2.49 -3.21
N ILE D 236 21.34 -3.63 -2.99
CA ILE D 236 22.11 -4.81 -2.60
C ILE D 236 23.05 -5.22 -3.72
N GLN D 237 22.57 -5.15 -4.96
CA GLN D 237 23.42 -5.35 -6.12
C GLN D 237 24.61 -4.40 -6.09
N ASP D 238 24.33 -3.13 -5.77
CA ASP D 238 25.41 -2.17 -5.56
C ASP D 238 26.48 -2.75 -4.66
N LEU D 239 26.10 -3.10 -3.43
CA LEU D 239 27.10 -3.63 -2.51
C LEU D 239 27.75 -4.89 -3.06
N ILE D 240 27.03 -5.64 -3.88
CA ILE D 240 27.65 -6.81 -4.52
C ILE D 240 28.75 -6.37 -5.47
N ASP D 241 28.58 -5.22 -6.12
CA ASP D 241 29.38 -4.89 -7.29
C ASP D 241 30.87 -4.97 -7.00
N ASP D 242 31.28 -4.48 -5.83
CA ASP D 242 32.65 -4.68 -5.40
C ASP D 242 32.94 -6.16 -5.26
N LYS D 243 33.94 -6.63 -5.99
CA LYS D 243 34.34 -8.02 -5.84
C LYS D 243 35.02 -8.26 -4.50
N ASP D 244 35.45 -7.20 -3.83
CA ASP D 244 36.26 -7.38 -2.63
C ASP D 244 35.41 -7.70 -1.42
N ALA D 245 34.27 -7.04 -1.28
CA ALA D 245 33.48 -7.16 -0.06
C ALA D 245 32.82 -8.53 0.01
N LEU D 246 32.02 -8.74 1.05
CA LEU D 246 31.33 -9.99 1.22
C LEU D 246 29.93 -9.69 1.73
N VAL D 247 28.92 -10.23 1.05
CA VAL D 247 27.55 -9.80 1.21
C VAL D 247 26.79 -10.80 2.06
N PHE D 248 26.05 -10.31 3.04
CA PHE D 248 25.15 -11.14 3.83
C PHE D 248 23.79 -10.48 3.88
N VAL D 249 22.81 -11.13 3.27
CA VAL D 249 21.42 -10.67 3.29
C VAL D 249 20.74 -11.38 4.44
N LEU D 250 20.46 -10.64 5.49
CA LEU D 250 20.02 -11.19 6.77
C LEU D 250 18.50 -11.12 6.88
N ILE D 251 17.80 -11.75 5.93
CA ILE D 251 16.35 -11.75 6.01
C ILE D 251 15.94 -12.37 7.33
N ASP D 252 14.95 -11.77 7.98
CA ASP D 252 14.52 -12.25 9.28
C ASP D 252 13.26 -13.09 9.20
N GLN D 253 12.28 -12.68 8.41
CA GLN D 253 11.00 -13.36 8.43
C GLN D 253 10.46 -13.58 7.01
N VAL D 254 11.25 -14.26 6.18
CA VAL D 254 10.95 -14.53 4.77
C VAL D 254 9.47 -14.78 4.58
N GLU D 255 8.88 -15.51 5.53
CA GLU D 255 7.47 -15.82 5.46
C GLU D 255 6.64 -14.57 5.19
N SER D 256 6.98 -13.46 5.84
CA SER D 256 6.31 -12.19 5.56
C SER D 256 6.13 -12.02 4.08
N LEU D 257 7.22 -12.15 3.34
CA LEU D 257 7.17 -12.15 1.89
C LEU D 257 6.24 -13.25 1.39
N THR D 258 6.61 -14.51 1.64
CA THR D 258 6.05 -15.62 0.89
C THR D 258 4.83 -16.26 1.56
N ALA D 259 4.03 -15.45 2.26
CA ALA D 259 2.92 -15.97 3.07
C ALA D 259 2.11 -17.05 2.36
N ALA D 260 1.45 -16.71 1.25
CA ALA D 260 0.50 -17.64 0.66
C ALA D 260 0.54 -17.64 -0.85
N ARG D 261 1.74 -17.50 -1.43
CA ARG D 261 1.90 -17.57 -2.87
C ARG D 261 1.06 -18.69 -3.45
N ASN D 262 1.12 -19.86 -2.83
CA ASN D 262 0.36 -21.04 -3.22
C ASN D 262 -0.50 -21.43 -2.03
N ALA D 263 -1.68 -20.82 -1.92
CA ALA D 263 -2.59 -21.14 -0.83
C ALA D 263 -3.97 -20.58 -1.18
N CYS D 264 -4.91 -20.72 -0.24
CA CYS D 264 -6.35 -20.74 -0.55
C CYS D 264 -7.16 -19.74 0.31
N ARG D 265 -6.77 -18.47 0.35
CA ARG D 265 -7.61 -17.43 0.95
C ARG D 265 -7.99 -16.38 -0.08
N ALA D 266 -8.58 -15.29 0.41
CA ALA D 266 -8.93 -14.15 -0.42
C ALA D 266 -7.71 -13.66 -1.20
N GLY D 267 -7.98 -12.97 -2.30
CA GLY D 267 -6.97 -12.76 -3.31
C GLY D 267 -6.29 -11.40 -3.35
N THR D 268 -6.91 -10.39 -2.74
CA THR D 268 -6.36 -9.04 -2.86
C THR D 268 -5.02 -8.94 -2.15
N GLU D 269 -5.03 -9.16 -0.84
CA GLU D 269 -3.82 -9.31 -0.06
C GLU D 269 -2.97 -10.35 -0.78
N PRO D 270 -3.59 -11.37 -1.35
CA PRO D 270 -2.81 -12.35 -2.13
C PRO D 270 -2.32 -11.77 -3.46
N SER D 271 -3.11 -10.90 -4.10
CA SER D 271 -2.62 -10.23 -5.29
C SER D 271 -1.30 -9.54 -5.01
N ASP D 272 -1.30 -8.67 -4.00
CA ASP D 272 -0.07 -8.00 -3.61
C ASP D 272 1.01 -9.00 -3.22
N ALA D 273 0.64 -10.03 -2.46
CA ALA D 273 1.62 -10.95 -1.90
C ALA D 273 2.35 -11.71 -2.99
N ILE D 274 1.60 -12.31 -3.90
CA ILE D 274 2.18 -12.90 -5.09
C ILE D 274 3.09 -11.89 -5.76
N ARG D 275 2.50 -10.76 -6.14
CA ARG D 275 3.22 -9.73 -6.87
C ARG D 275 4.49 -9.29 -6.15
N VAL D 276 4.62 -9.63 -4.88
CA VAL D 276 5.89 -9.45 -4.18
C VAL D 276 6.80 -10.65 -4.42
N VAL D 277 6.33 -11.81 -4.00
CA VAL D 277 7.22 -12.94 -3.83
C VAL D 277 7.82 -13.34 -5.16
N ASN D 278 7.02 -13.26 -6.21
CA ASN D 278 7.51 -13.52 -7.55
C ASN D 278 8.80 -12.76 -7.83
N ALA D 279 8.74 -11.44 -7.69
CA ALA D 279 9.90 -10.61 -7.97
C ALA D 279 11.04 -10.94 -7.02
N VAL D 280 10.73 -11.16 -5.75
CA VAL D 280 11.75 -11.58 -4.81
C VAL D 280 12.54 -12.76 -5.35
N LEU D 281 11.81 -13.80 -5.73
CA LEU D 281 12.43 -15.02 -6.20
C LEU D 281 13.29 -14.74 -7.42
N THR D 282 12.74 -13.99 -8.37
CA THR D 282 13.49 -13.70 -9.58
C THR D 282 14.78 -12.97 -9.25
N GLN D 283 14.72 -12.04 -8.30
CA GLN D 283 15.92 -11.30 -7.93
C GLN D 283 16.96 -12.21 -7.30
N ILE D 284 16.52 -13.13 -6.44
CA ILE D 284 17.48 -14.05 -5.86
C ILE D 284 18.13 -14.91 -6.94
N ASP D 285 17.32 -15.38 -7.88
CA ASP D 285 17.87 -16.19 -8.97
C ASP D 285 18.84 -15.38 -9.80
N GLN D 286 18.66 -14.06 -9.88
CA GLN D 286 19.70 -13.23 -10.44
C GLN D 286 20.97 -13.31 -9.59
N ILE D 287 20.84 -12.94 -8.32
CA ILE D 287 22.01 -12.66 -7.50
C ILE D 287 22.75 -13.95 -7.17
N LYS D 288 22.23 -15.08 -7.64
CA LYS D 288 22.99 -16.30 -7.46
C LYS D 288 24.18 -16.32 -8.42
N ARG D 289 24.49 -15.18 -9.03
CA ARG D 289 25.58 -15.09 -9.99
C ARG D 289 26.75 -14.29 -9.46
N HIS D 290 27.08 -14.46 -8.18
CA HIS D 290 28.27 -13.85 -7.63
C HIS D 290 28.76 -14.69 -6.46
N SER D 291 30.05 -14.95 -6.43
CA SER D 291 30.62 -15.92 -5.50
C SER D 291 30.76 -15.37 -4.10
N ASN D 292 30.03 -14.30 -3.77
CA ASN D 292 30.34 -13.55 -2.58
C ASN D 292 29.08 -13.09 -1.85
N VAL D 293 28.00 -13.84 -1.92
CA VAL D 293 26.76 -13.45 -1.26
C VAL D 293 26.20 -14.65 -0.51
N VAL D 294 25.61 -14.39 0.64
CA VAL D 294 24.94 -15.43 1.41
C VAL D 294 23.66 -14.86 1.97
N ILE D 295 22.55 -15.53 1.69
CA ILE D 295 21.24 -15.06 2.13
C ILE D 295 20.84 -15.90 3.32
N LEU D 296 21.05 -15.36 4.50
CA LEU D 296 20.60 -15.98 5.73
C LEU D 296 19.14 -15.66 5.94
N THR D 297 18.34 -16.69 6.23
CA THR D 297 16.91 -16.53 6.32
C THR D 297 16.35 -17.38 7.45
N THR D 298 15.18 -16.97 7.92
CA THR D 298 14.74 -17.27 9.27
C THR D 298 13.24 -17.11 9.32
N SER D 299 12.60 -17.84 10.23
CA SER D 299 11.15 -17.76 10.33
C SER D 299 10.68 -18.41 11.61
N ASN D 300 9.41 -18.17 11.92
CA ASN D 300 8.74 -18.72 13.09
C ASN D 300 8.32 -20.14 12.82
N ILE D 301 7.37 -20.64 13.59
CA ILE D 301 6.66 -21.88 13.26
C ILE D 301 6.33 -21.82 11.77
N THR D 302 5.72 -20.70 11.36
CA THR D 302 5.78 -20.16 10.01
C THR D 302 5.24 -21.09 8.93
N GLU D 303 4.69 -22.26 9.29
CA GLU D 303 4.31 -23.30 8.33
C GLU D 303 3.48 -22.74 7.18
N LYS D 304 3.04 -21.50 7.32
CA LYS D 304 2.49 -20.71 6.23
C LYS D 304 3.66 -20.30 5.35
N ILE D 305 4.76 -21.04 5.41
CA ILE D 305 6.05 -20.61 4.90
C ILE D 305 5.95 -20.17 3.46
N ASP D 306 5.79 -21.13 2.56
CA ASP D 306 6.21 -20.92 1.19
C ASP D 306 5.99 -22.18 0.37
N VAL D 307 6.25 -22.06 -0.94
CA VAL D 307 6.54 -23.21 -1.78
C VAL D 307 7.81 -23.01 -2.58
N ALA D 308 8.48 -21.89 -2.42
CA ALA D 308 9.63 -21.52 -3.24
C ALA D 308 10.92 -21.38 -2.43
N PHE D 309 10.90 -20.61 -1.35
CA PHE D 309 12.05 -20.65 -0.47
C PHE D 309 12.22 -22.02 0.14
N VAL D 310 11.11 -22.74 0.30
CA VAL D 310 11.17 -24.17 0.56
C VAL D 310 12.07 -24.77 -0.51
N ASP D 311 11.81 -24.40 -1.77
CA ASP D 311 12.61 -24.93 -2.87
C ASP D 311 14.07 -24.50 -2.72
N ARG D 312 14.34 -23.22 -2.84
CA ARG D 312 15.75 -22.84 -2.83
C ARG D 312 16.28 -22.77 -1.42
N ALA D 313 16.03 -23.84 -0.66
CA ALA D 313 16.55 -23.97 0.68
C ALA D 313 17.77 -24.89 0.65
N ASP D 314 18.87 -24.33 0.13
CA ASP D 314 20.06 -25.14 -0.08
C ASP D 314 20.57 -25.73 1.22
N ILE D 315 20.37 -25.05 2.34
CA ILE D 315 20.68 -25.61 3.65
C ILE D 315 19.45 -25.37 4.53
N LYS D 316 18.54 -26.33 4.55
CA LYS D 316 17.53 -26.27 5.59
C LYS D 316 18.18 -26.50 6.93
N GLN D 317 17.48 -26.08 7.99
CA GLN D 317 17.95 -26.39 9.33
C GLN D 317 16.81 -26.26 10.32
N TYR D 318 16.38 -27.39 10.88
CA TYR D 318 15.44 -27.35 11.98
C TYR D 318 16.20 -27.13 13.28
N ILE D 319 15.77 -26.16 14.05
CA ILE D 319 16.38 -25.87 15.35
C ILE D 319 15.29 -25.73 16.39
N GLY D 320 14.98 -26.81 17.09
CA GLY D 320 14.07 -26.74 18.20
C GLY D 320 14.78 -26.16 19.40
N PRO D 321 14.18 -26.32 20.58
CA PRO D 321 14.87 -25.96 21.80
C PRO D 321 16.12 -26.80 21.96
N PRO D 322 17.09 -26.33 22.69
CA PRO D 322 18.34 -27.09 22.83
C PRO D 322 18.13 -28.34 23.66
N SER D 323 19.16 -29.16 23.79
CA SER D 323 19.13 -30.32 24.68
C SER D 323 19.89 -29.98 25.95
N ALA D 324 19.76 -30.87 26.92
CA ALA D 324 20.34 -30.64 28.24
C ALA D 324 21.80 -30.20 28.15
N ALA D 325 22.54 -30.79 27.22
CA ALA D 325 23.96 -30.49 27.10
C ALA D 325 24.20 -29.01 26.83
N ALA D 326 23.66 -28.51 25.72
CA ALA D 326 23.80 -27.10 25.39
C ALA D 326 23.28 -26.22 26.51
N ILE D 327 22.22 -26.67 27.19
CA ILE D 327 21.70 -25.91 28.31
C ILE D 327 22.76 -25.73 29.38
N PHE D 328 23.40 -26.83 29.76
CA PHE D 328 24.45 -26.77 30.76
C PHE D 328 25.59 -25.86 30.32
N LYS D 329 25.95 -25.93 29.03
CA LYS D 329 27.04 -25.08 28.55
C LYS D 329 26.66 -23.61 28.66
N ILE D 330 25.44 -23.28 28.25
CA ILE D 330 24.99 -21.90 28.33
C ILE D 330 24.99 -21.43 29.77
N TYR D 331 24.50 -22.27 30.69
CA TYR D 331 24.48 -21.86 32.08
C TYR D 331 25.89 -21.66 32.62
N LEU D 332 26.84 -22.49 32.18
CA LEU D 332 28.22 -22.26 32.58
C LEU D 332 28.69 -20.90 32.12
N SER D 333 28.39 -20.56 30.87
CA SER D 333 28.74 -19.23 30.37
C SER D 333 28.13 -18.15 31.26
N CYS D 334 26.86 -18.33 31.62
CA CYS D 334 26.19 -17.39 32.49
C CYS D 334 26.94 -17.22 33.81
N LEU D 335 27.31 -18.35 34.42
CA LEU D 335 27.94 -18.31 35.72
C LEU D 335 29.32 -17.68 35.64
N GLU D 336 30.02 -17.89 34.52
CA GLU D 336 31.30 -17.23 34.34
C GLU D 336 31.12 -15.73 34.22
N GLU D 337 30.06 -15.29 33.54
CA GLU D 337 29.77 -13.87 33.52
C GLU D 337 29.53 -13.34 34.93
N LEU D 338 28.68 -14.03 35.69
CA LEU D 338 28.34 -13.54 37.03
C LEU D 338 29.52 -13.60 37.99
N MET D 339 30.47 -14.49 37.77
CA MET D 339 31.70 -14.44 38.55
C MET D 339 32.57 -13.27 38.11
N LYS D 340 32.81 -13.15 36.81
CA LYS D 340 33.78 -12.21 36.30
C LYS D 340 33.40 -10.77 36.65
N CYS D 341 32.18 -10.37 36.35
CA CYS D 341 31.73 -9.04 36.73
C CYS D 341 31.43 -8.92 38.22
N GLN D 342 31.80 -9.94 39.00
CA GLN D 342 31.74 -9.87 40.46
C GLN D 342 30.37 -9.39 40.96
N ILE D 343 29.32 -9.87 40.30
CA ILE D 343 27.98 -9.57 40.76
C ILE D 343 27.50 -10.65 41.72
N ILE D 344 28.00 -11.87 41.58
CA ILE D 344 28.11 -12.81 42.69
C ILE D 344 29.58 -12.84 43.07
N TYR D 345 29.86 -12.50 44.32
CA TYR D 345 31.24 -12.25 44.73
C TYR D 345 32.08 -13.51 44.93
N PRO D 346 31.68 -14.46 45.79
CA PRO D 346 32.61 -15.56 46.08
C PRO D 346 32.72 -16.50 44.89
N ARG D 347 33.83 -16.39 44.17
CA ARG D 347 34.02 -17.20 42.97
C ARG D 347 34.13 -18.67 43.33
N GLN D 348 33.69 -19.52 42.41
CA GLN D 348 33.68 -20.95 42.68
C GLN D 348 34.36 -21.72 41.55
N GLN D 349 34.23 -23.04 41.59
CA GLN D 349 34.81 -23.91 40.59
C GLN D 349 33.69 -24.72 39.92
N LEU D 350 33.86 -24.98 38.64
CA LEU D 350 32.82 -25.60 37.84
C LEU D 350 33.40 -26.82 37.13
N LEU D 351 32.55 -27.50 36.36
CA LEU D 351 33.00 -28.54 35.46
C LEU D 351 32.18 -28.47 34.18
N THR D 352 32.53 -29.32 33.22
CA THR D 352 31.78 -29.47 31.99
C THR D 352 31.35 -30.92 31.85
N LEU D 353 30.38 -31.15 30.97
CA LEU D 353 29.84 -32.49 30.79
C LEU D 353 30.93 -33.50 30.50
N ARG D 354 31.85 -33.16 29.60
CA ARG D 354 33.05 -33.97 29.44
C ARG D 354 33.75 -34.16 30.77
N GLU D 355 34.04 -33.07 31.46
CA GLU D 355 34.70 -33.14 32.76
C GLU D 355 33.82 -33.87 33.76
N LEU D 356 32.52 -33.62 33.73
CA LEU D 356 31.61 -34.31 34.64
C LEU D 356 31.58 -35.81 34.39
N GLU D 357 31.93 -36.22 33.17
CA GLU D 357 31.90 -37.64 32.83
C GLU D 357 33.25 -38.31 33.03
N MET D 358 34.35 -37.54 33.05
CA MET D 358 35.63 -38.15 33.38
C MET D 358 35.59 -38.79 34.77
N ILE D 359 34.85 -38.17 35.69
CA ILE D 359 34.52 -38.82 36.96
C ILE D 359 33.06 -39.26 37.00
N GLY D 360 32.37 -39.22 35.86
CA GLY D 360 31.09 -39.88 35.72
C GLY D 360 30.03 -39.48 36.72
N PHE D 361 29.87 -38.18 36.96
CA PHE D 361 28.79 -37.63 37.77
C PHE D 361 28.84 -38.09 39.22
N ILE D 362 29.93 -38.74 39.65
CA ILE D 362 30.01 -39.23 41.01
C ILE D 362 30.06 -38.05 41.97
N GLU D 363 29.38 -38.21 43.11
CA GLU D 363 29.04 -37.08 43.96
C GLU D 363 30.19 -36.66 44.87
N ASN D 364 30.39 -35.35 44.98
CA ASN D 364 31.20 -34.75 46.04
C ASN D 364 30.67 -33.37 46.31
N ASN D 365 31.03 -32.83 47.47
CA ASN D 365 30.63 -31.45 47.77
C ASN D 365 31.38 -30.44 46.93
N VAL D 366 32.23 -30.88 46.01
CA VAL D 366 32.92 -29.99 45.10
C VAL D 366 32.11 -29.76 43.83
N SER D 367 31.78 -30.83 43.13
CA SER D 367 31.01 -30.73 41.90
C SER D 367 29.51 -30.76 42.14
N LYS D 368 29.07 -30.96 43.38
CA LYS D 368 27.65 -31.01 43.67
C LYS D 368 26.91 -29.81 43.12
N LEU D 369 27.55 -28.65 43.13
CA LEU D 369 26.86 -27.44 42.71
C LEU D 369 26.59 -27.47 41.21
N SER D 370 27.60 -27.85 40.43
CA SER D 370 27.38 -28.10 39.02
C SER D 370 26.31 -29.17 38.83
N LEU D 371 26.22 -30.12 39.75
CA LEU D 371 25.17 -31.13 39.65
C LEU D 371 23.80 -30.54 39.90
N LEU D 372 23.72 -29.55 40.79
CA LEU D 372 22.45 -28.87 41.00
C LEU D 372 22.04 -28.11 39.76
N LEU D 373 23.01 -27.42 39.16
CA LEU D 373 22.78 -26.83 37.84
C LEU D 373 22.33 -27.89 36.83
N ASN D 374 22.85 -29.10 36.96
CA ASN D 374 22.49 -30.17 36.04
C ASN D 374 21.03 -30.56 36.23
N ASP D 375 20.60 -30.73 37.47
CA ASP D 375 19.19 -30.95 37.73
C ASP D 375 18.34 -29.83 37.14
N ILE D 376 18.82 -28.60 37.27
CA ILE D 376 18.10 -27.46 36.68
C ILE D 376 17.92 -27.69 35.18
N SER D 377 19.03 -27.95 34.49
CA SER D 377 18.95 -28.18 33.04
C SER D 377 17.99 -29.32 32.72
N ARG D 378 18.11 -30.43 33.45
CA ARG D 378 17.27 -31.59 33.22
C ARG D 378 15.79 -31.23 33.28
N LYS D 379 15.46 -30.15 33.98
CA LYS D 379 14.09 -29.63 33.99
C LYS D 379 13.98 -28.29 33.31
N SER D 380 15.10 -27.73 32.82
CA SER D 380 15.08 -26.47 32.09
C SER D 380 14.66 -26.64 30.65
N GLU D 381 14.96 -27.79 30.05
CA GLU D 381 14.67 -27.99 28.65
C GLU D 381 13.17 -27.95 28.41
N GLY D 382 12.80 -27.63 27.18
CA GLY D 382 11.43 -27.31 26.86
C GLY D 382 11.14 -25.83 26.85
N LEU D 383 12.16 -25.01 26.84
CA LEU D 383 12.04 -23.56 26.85
C LEU D 383 12.82 -23.00 25.67
N SER D 384 12.97 -21.69 25.65
CA SER D 384 13.73 -21.01 24.61
C SER D 384 15.00 -20.45 25.21
N GLY D 385 16.12 -20.67 24.52
CA GLY D 385 17.39 -20.16 25.01
C GLY D 385 17.35 -18.67 25.26
N ARG D 386 16.60 -17.94 24.46
CA ARG D 386 16.39 -16.52 24.72
C ARG D 386 15.98 -16.36 26.17
N VAL D 387 14.85 -16.96 26.51
CA VAL D 387 14.38 -16.95 27.89
C VAL D 387 15.43 -17.53 28.82
N LEU D 388 16.18 -18.54 28.37
CA LEU D 388 17.14 -19.18 29.25
C LEU D 388 18.19 -18.20 29.73
N ARG D 389 18.94 -17.62 28.81
CA ARG D 389 19.91 -16.62 29.21
C ARG D 389 19.26 -15.40 29.82
N LYS D 390 17.96 -15.20 29.61
CA LYS D 390 17.32 -14.14 30.36
C LYS D 390 17.08 -14.51 31.81
N LEU D 391 16.99 -15.80 32.10
CA LEU D 391 16.59 -16.25 33.43
C LEU D 391 17.45 -15.62 34.52
N PRO D 392 18.74 -15.92 34.61
CA PRO D 392 19.47 -15.50 35.82
C PRO D 392 19.33 -14.04 36.12
N PHE D 393 19.36 -13.21 35.07
CA PHE D 393 18.91 -11.83 35.15
C PHE D 393 17.63 -11.70 35.95
N LEU D 394 16.60 -12.39 35.49
CA LEU D 394 15.28 -12.26 36.09
C LEU D 394 15.27 -12.76 37.51
N ALA D 395 15.90 -13.91 37.75
CA ALA D 395 15.97 -14.49 39.08
C ALA D 395 16.61 -13.52 40.05
N HIS D 396 17.74 -12.92 39.67
CA HIS D 396 18.39 -12.01 40.58
C HIS D 396 17.59 -10.73 40.77
N ALA D 397 16.82 -10.34 39.76
CA ALA D 397 15.98 -9.16 39.93
C ALA D 397 14.76 -9.46 40.79
N LEU D 398 14.31 -10.71 40.83
CA LEU D 398 13.02 -11.05 41.39
C LEU D 398 13.09 -11.83 42.70
N TYR D 399 14.26 -12.31 43.08
CA TYR D 399 14.36 -13.15 44.25
C TYR D 399 15.60 -12.90 45.08
N VAL D 400 16.42 -11.92 44.71
CA VAL D 400 17.65 -11.68 45.45
C VAL D 400 17.52 -10.38 46.21
N GLN D 401 17.39 -9.28 45.49
CA GLN D 401 17.46 -7.94 46.05
C GLN D 401 18.63 -7.83 47.02
N ALA D 402 19.78 -8.25 46.55
CA ALA D 402 21.03 -8.10 47.27
C ALA D 402 22.15 -8.12 46.24
N PRO D 403 22.68 -6.96 45.86
CA PRO D 403 23.69 -6.93 44.78
C PRO D 403 24.87 -7.84 45.10
N THR D 404 25.05 -8.12 46.37
CA THR D 404 25.94 -9.16 46.83
C THR D 404 25.12 -10.39 47.18
N VAL D 405 25.50 -11.54 46.65
CA VAL D 405 24.75 -12.76 46.86
C VAL D 405 25.66 -13.95 46.57
N THR D 406 25.56 -14.97 47.40
CA THR D 406 26.36 -16.17 47.19
C THR D 406 25.68 -17.05 46.16
N ILE D 407 26.43 -17.41 45.13
CA ILE D 407 25.99 -18.38 44.15
C ILE D 407 25.61 -19.68 44.85
N GLU D 408 24.68 -20.42 44.25
CA GLU D 408 24.11 -21.67 44.74
C GLU D 408 23.18 -21.43 45.91
N GLY D 409 23.15 -20.21 46.42
CA GLY D 409 21.95 -19.75 47.07
C GLY D 409 21.17 -19.16 45.91
N PHE D 410 21.95 -18.62 44.98
CA PHE D 410 21.42 -18.13 43.72
C PHE D 410 20.58 -19.18 43.01
N LEU D 411 21.02 -20.44 43.06
CA LEU D 411 20.46 -21.44 42.16
C LEU D 411 19.07 -21.88 42.59
N GLN D 412 18.80 -21.95 43.89
CA GLN D 412 17.46 -22.34 44.32
C GLN D 412 16.41 -21.35 43.86
N ALA D 413 16.68 -20.05 44.03
CA ALA D 413 15.77 -19.04 43.52
C ALA D 413 15.75 -19.04 42.01
N LEU D 414 16.87 -19.36 41.36
CA LEU D 414 16.88 -19.53 39.92
C LEU D 414 15.85 -20.57 39.50
N SER D 415 15.88 -21.73 40.15
CA SER D 415 14.90 -22.77 39.88
C SER D 415 13.49 -22.27 40.14
N LEU D 416 13.32 -21.47 41.19
CA LEU D 416 12.01 -20.87 41.44
C LEU D 416 11.54 -20.11 40.22
N ALA D 417 12.40 -19.25 39.67
CA ALA D 417 12.02 -18.47 38.50
C ALA D 417 11.79 -19.36 37.29
N VAL D 418 12.49 -20.49 37.22
CA VAL D 418 12.25 -21.45 36.16
C VAL D 418 10.82 -21.95 36.23
N ASP D 419 10.44 -22.49 37.39
CA ASP D 419 9.08 -22.95 37.60
C ASP D 419 8.08 -21.83 37.32
N LYS D 420 8.46 -20.60 37.67
CA LYS D 420 7.64 -19.46 37.33
C LYS D 420 7.37 -19.44 35.84
N GLN D 421 8.44 -19.28 35.05
CA GLN D 421 8.35 -19.32 33.60
C GLN D 421 7.41 -20.41 33.09
N PHE D 422 7.58 -21.62 33.62
CA PHE D 422 6.68 -22.70 33.27
C PHE D 422 5.23 -22.30 33.46
N GLU D 423 4.85 -21.96 34.70
CA GLU D 423 3.44 -21.68 34.96
C GLU D 423 2.98 -20.42 34.24
N GLU D 424 3.90 -19.53 33.92
CA GLU D 424 3.60 -18.35 33.13
C GLU D 424 3.05 -18.77 31.78
N ARG D 425 3.84 -19.58 31.05
CA ARG D 425 3.35 -20.15 29.80
C ARG D 425 2.02 -20.86 30.03
N LYS D 426 1.97 -21.71 31.06
CA LYS D 426 0.74 -22.43 31.39
C LYS D 426 -0.46 -21.51 31.39
N LYS D 427 -0.34 -20.36 32.05
CA LYS D 427 -1.45 -19.41 32.11
C LYS D 427 -1.74 -18.83 30.75
N LEU D 428 -0.75 -18.19 30.13
CA LEU D 428 -1.02 -17.39 28.93
C LEU D 428 -1.22 -18.27 27.70
N ALA D 429 -0.20 -19.04 27.34
CA ALA D 429 -0.23 -19.92 26.16
C ALA D 429 -0.68 -19.19 24.88
N PRO E 19 22.00 1.63 56.89
CA PRO E 19 21.69 0.52 55.97
C PRO E 19 20.82 0.94 54.79
N THR E 20 19.62 0.37 54.70
CA THR E 20 18.75 0.57 53.54
C THR E 20 17.56 1.44 53.94
N VAL E 21 17.58 2.72 53.57
CA VAL E 21 16.43 3.60 53.70
C VAL E 21 16.38 4.51 52.48
N HIS E 22 15.18 4.70 51.95
CA HIS E 22 14.95 5.46 50.72
C HIS E 22 13.68 6.27 50.90
N VAL E 23 13.72 7.57 50.58
CA VAL E 23 12.60 8.48 50.84
C VAL E 23 12.42 9.42 49.65
N GLU E 24 11.17 9.85 49.44
CA GLU E 24 10.76 10.70 48.34
C GLU E 24 10.45 12.11 48.83
N VAL E 25 10.40 13.06 47.90
CA VAL E 25 10.13 14.47 48.21
C VAL E 25 9.23 15.08 47.14
N HIS E 26 8.09 15.62 47.55
CA HIS E 26 7.18 16.28 46.63
C HIS E 26 7.24 17.80 46.80
N GLN E 27 7.23 18.50 45.67
CA GLN E 27 7.54 19.92 45.59
C GLN E 27 6.32 20.73 45.16
N ARG E 28 6.36 22.02 45.46
CA ARG E 28 5.41 22.98 44.92
C ARG E 28 5.93 23.53 43.60
N GLY E 29 5.01 23.73 42.66
CA GLY E 29 5.42 24.11 41.31
C GLY E 29 6.20 25.41 41.27
N SER E 30 5.64 26.47 41.84
CA SER E 30 6.27 27.79 41.74
C SER E 30 7.57 27.87 42.53
N SER E 31 7.75 27.02 43.54
CA SER E 31 9.02 27.00 44.26
C SER E 31 10.13 26.56 43.33
N THR E 32 11.31 27.16 43.49
CA THR E 32 12.40 26.94 42.56
C THR E 32 13.75 26.76 43.25
N ALA E 33 13.76 26.19 44.45
CA ALA E 33 15.04 25.91 45.09
C ALA E 33 15.71 24.72 44.42
N LYS E 34 17.04 24.65 44.56
CA LYS E 34 17.83 23.64 43.88
C LYS E 34 17.69 22.30 44.61
N LYS E 35 18.31 21.27 44.01
CA LYS E 35 18.26 19.92 44.59
C LYS E 35 18.85 19.91 45.99
N GLU E 36 20.07 20.41 46.12
CA GLU E 36 20.83 20.26 47.36
C GLU E 36 20.18 20.97 48.53
N ASP E 37 19.57 22.12 48.28
CA ASP E 37 19.01 22.92 49.37
C ASP E 37 17.81 22.23 49.99
N ILE E 38 16.85 21.85 49.15
CA ILE E 38 15.70 21.10 49.62
C ILE E 38 16.14 19.77 50.22
N ASN E 39 17.20 19.18 49.64
CA ASN E 39 17.76 17.95 50.18
C ASN E 39 18.18 18.13 51.63
N LEU E 40 18.99 19.16 51.90
CA LEU E 40 19.42 19.46 53.25
C LEU E 40 18.22 19.72 54.16
N SER E 41 17.22 20.42 53.64
CA SER E 41 16.04 20.71 54.44
C SER E 41 15.35 19.43 54.90
N VAL E 42 15.12 18.51 53.96
CA VAL E 42 14.42 17.27 54.30
C VAL E 42 15.29 16.40 55.19
N ARG E 43 16.61 16.43 54.98
CA ARG E 43 17.50 15.74 55.91
C ARG E 43 17.35 16.29 57.31
N LYS E 44 17.26 17.62 57.46
CA LYS E 44 17.10 18.21 58.76
C LYS E 44 15.78 17.79 59.40
N LEU E 45 14.74 17.66 58.58
CA LEU E 45 13.46 17.19 59.14
C LEU E 45 13.57 15.74 59.60
N LEU E 46 14.24 14.90 58.81
CA LEU E 46 14.43 13.51 59.21
C LEU E 46 15.23 13.41 60.49
N ASN E 47 16.21 14.29 60.67
CA ASN E 47 16.99 14.31 61.89
C ASN E 47 16.14 14.76 63.07
N ARG E 48 15.35 15.82 62.88
CA ARG E 48 14.48 16.31 63.94
C ARG E 48 13.51 15.24 64.40
N HIS E 49 12.98 14.45 63.46
CA HIS E 49 12.09 13.36 63.86
C HIS E 49 12.86 12.17 64.41
N ASN E 50 13.73 11.57 63.60
CA ASN E 50 14.51 10.40 63.96
C ASN E 50 13.63 9.22 64.36
N ILE E 51 12.34 9.26 64.03
CA ILE E 51 11.43 8.17 64.39
C ILE E 51 10.58 7.77 63.20
N GLY E 54 5.49 2.34 61.48
CA GLY E 54 4.94 2.27 60.14
C GLY E 54 5.30 3.47 59.28
N ASP E 55 4.67 3.56 58.11
CA ASP E 55 4.96 4.66 57.19
C ASP E 55 4.43 5.97 57.74
N TYR E 56 4.85 7.07 57.12
CA TYR E 56 4.40 8.40 57.49
C TYR E 56 4.52 9.31 56.28
N THR E 57 3.59 10.27 56.20
CA THR E 57 3.47 11.16 55.04
C THR E 57 3.62 12.60 55.54
N TRP E 58 4.86 13.09 55.57
CA TRP E 58 5.11 14.46 55.99
C TRP E 58 4.42 15.43 55.04
N THR E 59 3.40 16.12 55.54
CA THR E 59 2.73 17.18 54.80
C THR E 59 2.60 18.48 55.57
N GLU E 60 2.63 18.44 56.90
CA GLU E 60 2.52 19.63 57.74
C GLU E 60 3.91 20.00 58.24
N PHE E 61 4.37 21.19 57.88
CA PHE E 61 5.77 21.58 58.01
C PHE E 61 5.90 22.75 58.99
N ASP E 62 6.46 22.47 60.17
CA ASP E 62 6.88 23.56 61.04
C ASP E 62 7.84 24.49 60.30
N GLU E 63 8.89 23.91 59.73
CA GLU E 63 9.89 24.64 58.95
C GLU E 63 9.20 25.38 57.80
N PRO E 64 9.18 26.71 57.83
CA PRO E 64 8.52 27.45 56.75
C PRO E 64 9.24 27.36 55.42
N PHE E 65 10.54 27.07 55.42
CA PHE E 65 11.23 26.85 54.15
C PHE E 65 10.65 25.65 53.42
N LEU E 66 10.30 24.60 54.17
CA LEU E 66 9.66 23.44 53.57
C LEU E 66 8.33 23.83 52.93
N THR E 67 7.44 24.43 53.72
CA THR E 67 6.16 24.90 53.19
C THR E 67 6.36 25.78 51.98
N ARG E 68 7.45 26.54 51.94
CA ARG E 68 7.74 27.34 50.76
C ARG E 68 8.16 26.48 49.59
N ASN E 69 8.77 25.32 49.86
CA ASN E 69 9.26 24.45 48.79
C ASN E 69 8.50 23.14 48.70
N VAL E 70 8.44 22.36 49.78
CA VAL E 70 8.03 20.96 49.72
C VAL E 70 6.54 20.85 50.00
N GLN E 71 5.87 19.97 49.25
CA GLN E 71 4.50 19.61 49.58
C GLN E 71 4.43 18.41 50.52
N SER E 72 4.96 17.27 50.08
CA SER E 72 4.80 16.06 50.86
C SER E 72 6.10 15.26 50.87
N VAL E 73 6.24 14.47 51.92
CA VAL E 73 7.37 13.56 52.10
C VAL E 73 6.78 12.25 52.62
N SER E 74 6.95 11.17 51.86
CA SER E 74 6.28 9.92 52.15
C SER E 74 7.26 8.79 52.44
N ILE E 75 6.74 7.72 53.02
CA ILE E 75 7.47 6.47 53.22
C ILE E 75 6.91 5.45 52.24
N ILE E 76 7.68 5.14 51.20
CA ILE E 76 7.22 4.33 50.07
C ILE E 76 7.83 2.94 50.18
N ASP E 77 6.98 1.93 50.05
CA ASP E 77 7.44 0.54 49.99
C ASP E 77 7.57 0.12 48.52
N ASP E 89 9.76 2.03 61.51
CA ASP E 89 9.89 3.08 62.52
C ASP E 89 11.33 3.59 62.59
N LEU E 90 12.28 2.71 62.26
CA LEU E 90 13.69 3.07 62.34
C LEU E 90 14.00 4.23 61.41
N SER E 91 14.94 5.07 61.82
CA SER E 91 15.29 6.25 61.06
C SER E 91 16.78 6.40 60.79
N ALA E 92 17.63 5.99 61.74
CA ALA E 92 19.06 6.26 61.62
C ALA E 92 19.68 5.39 60.53
N CYS E 93 19.61 5.84 59.28
CA CYS E 93 20.09 5.05 58.15
C CYS E 93 20.59 6.00 57.07
N THR E 94 21.04 5.42 55.95
CA THR E 94 21.56 6.17 54.82
C THR E 94 20.42 6.97 54.19
N VAL E 95 20.46 8.29 54.36
CA VAL E 95 19.38 9.14 53.90
C VAL E 95 19.42 9.20 52.37
N ALA E 96 18.37 8.64 51.74
CA ALA E 96 18.27 8.59 50.28
C ALA E 96 17.02 9.39 49.89
N LEU E 97 17.23 10.66 49.57
CA LEU E 97 16.14 11.57 49.23
C LEU E 97 16.08 11.80 47.73
N HIS E 98 14.89 12.13 47.25
CA HIS E 98 14.66 12.33 45.82
C HIS E 98 13.59 13.39 45.66
N ILE E 99 13.91 14.46 44.96
CA ILE E 99 13.06 15.64 44.89
C ILE E 99 12.65 15.85 43.44
N PHE E 100 11.36 15.72 43.17
CA PHE E 100 10.81 15.91 41.84
C PHE E 100 9.99 17.19 41.80
N GLN E 101 9.34 17.42 40.66
CA GLN E 101 8.41 18.53 40.54
C GLN E 101 7.33 18.12 39.55
N LEU E 102 6.09 18.06 40.02
CA LEU E 102 4.98 17.70 39.15
C LEU E 102 4.78 18.76 38.06
N ASN E 103 4.70 18.32 36.81
CA ASN E 103 4.46 19.20 35.67
C ASN E 103 3.01 19.09 35.24
N GLU E 104 2.43 20.20 34.84
CA GLU E 104 1.01 20.27 34.51
C GLU E 104 0.72 20.00 33.04
N ASP E 105 1.74 19.94 32.19
CA ASP E 105 1.52 19.57 30.80
C ASP E 105 1.07 18.11 30.72
N GLY E 106 -0.16 17.91 30.23
CA GLY E 106 -0.69 16.57 30.11
C GLY E 106 -0.59 16.00 28.72
N PRO E 107 -1.10 16.72 27.73
CA PRO E 107 -1.02 16.22 26.35
C PRO E 107 0.18 16.77 25.60
N SER E 108 0.40 16.29 24.38
CA SER E 108 1.45 16.81 23.52
C SER E 108 1.20 16.31 22.10
N SER E 109 2.05 16.74 21.18
CA SER E 109 1.90 16.34 19.78
C SER E 109 2.74 15.11 19.48
N GLU E 110 2.08 14.09 18.90
CA GLU E 110 2.77 12.94 18.34
C GLU E 110 1.85 12.30 17.31
N ASN E 111 2.11 12.57 16.04
CA ASN E 111 1.35 12.03 14.93
C ASN E 111 2.19 12.22 13.67
N LEU E 112 1.57 12.03 12.50
CA LEU E 112 2.22 12.36 11.23
C LEU E 112 2.09 13.85 10.97
N GLU E 113 3.11 14.44 10.34
CA GLU E 113 3.18 15.88 10.17
C GLU E 113 3.34 16.34 8.73
N GLU E 114 3.32 15.43 7.75
CA GLU E 114 3.49 15.82 6.36
C GLU E 114 2.36 16.72 5.88
N GLU E 115 1.15 16.16 5.80
CA GLU E 115 -0.02 16.91 5.35
C GLU E 115 -1.26 16.07 5.58
N THR E 116 -2.32 16.71 6.09
CA THR E 116 -3.60 16.04 6.38
C THR E 116 -3.38 14.89 7.37
N GLU E 117 -2.78 15.22 8.51
CA GLU E 117 -2.41 14.21 9.50
C GLU E 117 -2.45 14.82 10.89
N ASN E 118 -3.53 14.60 11.60
CA ASN E 118 -3.64 14.99 12.99
C ASN E 118 -4.14 13.88 13.91
N ILE E 119 -5.07 13.05 13.43
CA ILE E 119 -5.81 12.14 14.29
C ILE E 119 -5.07 10.83 14.50
N ILE E 120 -3.81 10.77 14.04
CA ILE E 120 -2.97 9.60 14.28
C ILE E 120 -2.86 9.30 15.77
N ALA E 121 -2.83 10.34 16.60
CA ALA E 121 -3.13 10.25 18.03
C ALA E 121 -2.20 9.27 18.76
N ALA E 122 -0.93 9.66 18.84
CA ALA E 122 0.03 9.01 19.73
C ALA E 122 0.11 9.84 21.00
N ASN E 123 -0.70 9.48 22.00
CA ASN E 123 -0.71 10.15 23.29
C ASN E 123 0.70 10.23 23.88
N HIS E 124 1.01 11.38 24.47
CA HIS E 124 2.33 11.67 24.97
C HIS E 124 2.25 12.17 26.40
N TRP E 125 3.32 11.93 27.15
CA TRP E 125 3.50 12.59 28.44
C TRP E 125 4.98 12.81 28.69
N VAL E 126 5.26 13.84 29.46
CA VAL E 126 6.57 13.97 30.07
C VAL E 126 6.56 13.15 31.35
N LEU E 127 7.75 12.91 31.88
CA LEU E 127 8.00 12.18 33.10
C LEU E 127 7.43 13.00 34.24
N PRO E 128 7.81 12.74 35.49
CA PRO E 128 6.90 12.82 36.64
C PRO E 128 5.74 13.82 36.65
N ALA E 129 5.47 14.49 35.53
CA ALA E 129 4.41 15.49 35.42
C ALA E 129 3.14 15.11 36.19
N ALA E 130 2.45 16.13 36.67
CA ALA E 130 1.51 16.04 37.78
C ALA E 130 0.58 14.84 37.71
N GLU E 131 0.00 14.60 36.53
CA GLU E 131 -1.25 13.83 36.44
C GLU E 131 -1.28 12.59 37.33
N PHE E 132 -0.13 11.99 37.59
CA PHE E 132 -0.09 10.65 38.16
C PHE E 132 0.44 10.62 39.58
N HIS E 133 0.21 11.69 40.34
CA HIS E 133 0.70 11.69 41.71
C HIS E 133 -0.08 10.72 42.57
N GLY E 134 0.61 10.06 43.50
CA GLY E 134 -0.02 9.12 44.40
C GLY E 134 -0.59 7.89 43.71
N LEU E 135 -0.58 7.92 42.38
CA LEU E 135 -1.14 6.86 41.58
C LEU E 135 -0.36 5.56 41.75
N TRP E 136 0.87 5.63 42.22
CA TRP E 136 1.61 4.42 42.56
C TRP E 136 0.91 3.65 43.66
N ASP E 137 0.87 4.22 44.84
CA ASP E 137 0.20 3.57 45.96
C ASP E 137 -1.30 3.54 45.78
N SER E 138 -1.81 4.14 44.71
CA SER E 138 -3.22 4.00 44.37
C SER E 138 -3.59 2.53 44.24
N LEU E 139 -2.98 1.84 43.29
CA LEU E 139 -3.37 0.49 42.97
C LEU E 139 -2.96 -0.46 44.09
N VAL E 140 -3.57 -1.64 44.08
CA VAL E 140 -3.26 -2.70 45.03
C VAL E 140 -3.38 -4.04 44.31
N TYR E 141 -2.43 -4.93 44.58
CA TYR E 141 -2.46 -6.27 43.99
C TYR E 141 -1.83 -7.24 44.96
N ASP E 142 -2.62 -8.19 45.45
CA ASP E 142 -2.11 -9.13 46.45
C ASP E 142 -0.96 -9.96 45.91
N VAL E 143 -0.86 -10.15 44.59
CA VAL E 143 0.28 -10.85 44.04
C VAL E 143 1.56 -10.04 44.23
N GLU E 144 1.43 -8.74 44.48
CA GLU E 144 2.56 -7.85 44.75
C GLU E 144 3.54 -7.86 43.59
N VAL E 145 3.00 -7.80 42.37
CA VAL E 145 3.83 -7.66 41.19
C VAL E 145 4.57 -6.34 41.25
N LYS E 146 4.13 -5.43 42.13
CA LYS E 146 4.79 -4.14 42.28
C LYS E 146 6.26 -4.28 42.59
N SER E 147 6.58 -4.92 43.72
CA SER E 147 7.97 -5.06 44.14
C SER E 147 8.79 -5.75 43.06
N HIS E 148 8.21 -6.79 42.48
CA HIS E 148 8.80 -7.52 41.36
C HIS E 148 9.24 -6.53 40.31
N LEU E 149 8.26 -5.78 39.81
CA LEU E 149 8.42 -4.93 38.67
C LEU E 149 9.43 -3.84 39.01
N LEU E 150 9.49 -3.46 40.28
CA LEU E 150 10.33 -2.36 40.71
C LEU E 150 11.80 -2.77 40.73
N ASP E 151 12.11 -3.72 41.61
CA ASP E 151 13.49 -4.15 41.65
C ASP E 151 13.92 -4.80 40.36
N TYR E 152 12.98 -5.10 39.46
CA TYR E 152 13.34 -5.45 38.09
C TYR E 152 14.25 -4.40 37.48
N VAL E 153 13.72 -3.20 37.34
CA VAL E 153 14.51 -2.13 36.73
C VAL E 153 15.66 -1.75 37.64
N MET E 154 15.47 -1.87 38.95
CA MET E 154 16.58 -1.59 39.85
C MET E 154 17.79 -2.47 39.51
N THR E 155 17.60 -3.78 39.60
CA THR E 155 18.66 -4.72 39.27
C THR E 155 19.12 -4.55 37.83
N THR E 156 18.23 -4.08 36.96
CA THR E 156 18.59 -3.78 35.59
C THR E 156 19.75 -2.80 35.58
N LEU E 157 19.52 -1.63 36.17
CA LEU E 157 20.59 -0.64 36.25
C LEU E 157 21.79 -1.17 37.01
N LEU E 158 21.56 -2.05 37.98
CA LEU E 158 22.67 -2.65 38.71
C LEU E 158 23.61 -3.36 37.75
N PHE E 159 23.08 -4.35 37.03
CA PHE E 159 23.90 -5.03 36.03
C PHE E 159 24.52 -4.03 35.08
N SER E 160 23.70 -3.16 34.49
CA SER E 160 24.21 -2.20 33.54
C SER E 160 25.40 -1.43 34.08
N ASP E 161 25.42 -1.16 35.38
CA ASP E 161 26.59 -0.53 35.98
C ASP E 161 27.76 -1.51 36.03
N LYS E 162 27.49 -2.75 36.41
CA LYS E 162 28.57 -3.71 36.45
C LYS E 162 29.04 -4.16 35.07
N ASN E 163 28.48 -3.57 34.03
CA ASN E 163 28.83 -3.88 32.64
C ASN E 163 28.87 -5.38 32.40
N VAL E 164 27.70 -6.01 32.55
CA VAL E 164 27.56 -7.38 32.10
C VAL E 164 27.88 -7.43 30.63
N ASN E 165 28.70 -8.39 30.23
CA ASN E 165 28.93 -8.61 28.80
C ASN E 165 27.62 -9.10 28.20
N SER E 166 26.92 -8.21 27.49
CA SER E 166 25.51 -8.39 27.19
C SER E 166 25.23 -9.76 26.62
N ASN E 167 25.93 -10.14 25.56
CA ASN E 167 25.61 -11.40 24.91
C ASN E 167 26.00 -12.60 25.74
N LEU E 168 26.73 -12.42 26.84
CA LEU E 168 26.89 -13.52 27.77
C LEU E 168 25.58 -13.78 28.49
N ILE E 169 25.09 -12.80 29.25
CA ILE E 169 23.80 -12.89 29.90
C ILE E 169 22.97 -11.74 29.38
N THR E 170 21.89 -12.06 28.67
CA THR E 170 21.15 -11.07 27.93
C THR E 170 19.69 -11.08 28.35
N TRP E 171 19.09 -9.90 28.35
CA TRP E 171 17.70 -9.67 28.73
C TRP E 171 17.18 -8.59 27.80
N ASN E 172 15.90 -8.64 27.46
CA ASN E 172 15.47 -7.77 26.36
C ASN E 172 14.32 -6.85 26.66
N ARG E 173 14.39 -6.12 27.76
CA ARG E 173 13.71 -4.83 27.93
C ARG E 173 12.19 -4.90 27.79
N VAL E 174 11.60 -6.07 27.75
CA VAL E 174 10.16 -6.20 27.63
C VAL E 174 9.56 -6.56 28.98
N VAL E 175 8.38 -6.01 29.29
CA VAL E 175 7.58 -6.52 30.39
C VAL E 175 6.14 -6.60 29.93
N LEU E 176 5.52 -7.75 30.15
CA LEU E 176 4.19 -8.02 29.64
C LEU E 176 3.27 -8.42 30.79
N LEU E 177 2.11 -7.80 30.83
CA LEU E 177 1.01 -8.18 31.69
C LEU E 177 -0.22 -8.42 30.84
N HIS E 178 -1.28 -8.90 31.46
CA HIS E 178 -2.52 -9.17 30.78
C HIS E 178 -3.55 -9.65 31.79
N GLY E 179 -4.81 -9.64 31.38
CA GLY E 179 -5.89 -10.14 32.20
C GLY E 179 -7.23 -9.63 31.76
N PRO E 180 -8.19 -9.64 32.67
CA PRO E 180 -9.49 -9.07 32.37
C PRO E 180 -9.34 -7.60 32.05
N PRO E 181 -10.19 -7.07 31.16
CA PRO E 181 -10.02 -5.68 30.73
C PRO E 181 -10.26 -4.71 31.86
N GLY E 182 -9.74 -3.50 31.70
CA GLY E 182 -9.98 -2.45 32.64
C GLY E 182 -9.40 -2.65 34.01
N THR E 183 -8.38 -3.50 34.14
CA THR E 183 -7.91 -3.93 35.44
C THR E 183 -6.78 -3.04 35.95
N GLY E 184 -6.87 -1.75 35.63
CA GLY E 184 -5.85 -0.82 36.04
C GLY E 184 -4.51 -1.12 35.42
N LYS E 185 -4.52 -1.73 34.24
CA LYS E 185 -3.27 -2.20 33.66
C LYS E 185 -2.41 -1.01 33.24
N THR E 186 -2.93 -0.21 32.31
CA THR E 186 -2.25 1.02 31.91
C THR E 186 -1.92 1.87 33.13
N SER E 187 -2.86 1.93 34.08
CA SER E 187 -2.62 2.59 35.35
C SER E 187 -1.33 2.07 35.98
N LEU E 188 -1.23 0.75 36.12
CA LEU E 188 -0.07 0.17 36.79
C LEU E 188 1.20 0.54 36.07
N CYS E 189 1.17 0.52 34.74
CA CYS E 189 2.35 0.90 33.98
C CYS E 189 2.79 2.30 34.35
N LYS E 190 1.86 3.24 34.27
CA LYS E 190 2.21 4.63 34.54
C LYS E 190 2.69 4.80 35.97
N ALA E 191 2.13 4.01 36.90
CA ALA E 191 2.57 4.09 38.29
C ALA E 191 4.03 3.69 38.41
N LEU E 192 4.36 2.53 37.83
CA LEU E 192 5.76 2.13 37.75
C LEU E 192 6.62 3.26 37.19
N ALA E 193 6.14 3.87 36.11
CA ALA E 193 6.91 4.92 35.48
C ALA E 193 7.24 6.02 36.48
N GLN E 194 6.22 6.56 37.12
CA GLN E 194 6.42 7.61 38.10
C GLN E 194 7.35 7.17 39.23
N LYS E 195 7.21 5.93 39.68
CA LYS E 195 7.94 5.54 40.87
C LYS E 195 9.42 5.38 40.57
N LEU E 196 9.73 4.65 39.50
CA LEU E 196 11.11 4.60 39.04
C LEU E 196 11.65 5.99 38.78
N THR E 197 10.82 6.85 38.20
CA THR E 197 11.19 8.25 38.02
C THR E 197 11.78 8.83 39.28
N ILE E 198 10.99 8.83 40.35
CA ILE E 198 11.49 9.36 41.61
C ILE E 198 12.77 8.64 42.00
N ARG E 199 12.91 7.37 41.61
CA ARG E 199 14.13 6.65 41.89
C ARG E 199 15.27 7.02 40.95
N LEU E 200 15.02 7.82 39.92
CA LEU E 200 16.08 8.05 38.94
C LEU E 200 16.31 9.50 38.55
N SER E 201 15.74 10.47 39.29
CA SER E 201 16.25 11.82 39.15
C SER E 201 17.73 11.87 39.44
N SER E 202 18.19 11.02 40.36
CA SER E 202 19.61 10.83 40.59
C SER E 202 20.35 10.50 39.31
N ARG E 203 19.70 9.81 38.38
CA ARG E 203 20.36 9.40 37.15
C ARG E 203 19.69 9.96 35.90
N TYR E 204 18.61 10.72 36.04
CA TYR E 204 17.96 11.26 34.86
C TYR E 204 17.41 12.64 35.18
N ARG E 205 17.69 13.60 34.30
CA ARG E 205 17.06 14.91 34.43
C ARG E 205 15.56 14.80 34.34
N TYR E 206 15.07 13.89 33.51
CA TYR E 206 13.63 13.72 33.27
C TYR E 206 13.46 12.40 32.54
N GLY E 207 12.29 12.22 31.96
CA GLY E 207 12.04 11.11 31.06
C GLY E 207 10.77 11.39 30.29
N GLN E 208 10.24 10.34 29.67
CA GLN E 208 9.06 10.50 28.84
C GLN E 208 8.15 9.28 28.97
N LEU E 209 6.94 9.43 28.45
CA LEU E 209 5.98 8.35 28.38
C LEU E 209 5.27 8.40 27.04
N ILE E 210 5.21 7.26 26.36
CA ILE E 210 4.53 7.15 25.09
C ILE E 210 3.33 6.25 25.26
N GLU E 211 2.24 6.58 24.57
CA GLU E 211 1.09 5.69 24.52
C GLU E 211 0.36 5.97 23.22
N ILE E 212 0.64 5.16 22.20
CA ILE E 212 -0.06 5.30 20.93
C ILE E 212 -1.34 4.50 20.89
N ASN E 213 -1.69 3.87 21.99
CA ASN E 213 -2.64 2.77 21.96
C ASN E 213 -4.04 3.24 21.60
N SER E 214 -4.77 2.36 20.91
CA SER E 214 -6.18 2.45 20.53
C SER E 214 -6.44 3.39 19.36
N HIS E 215 -5.45 4.13 18.88
CA HIS E 215 -5.66 5.11 17.81
C HIS E 215 -5.68 4.45 16.44
N SER E 216 -4.53 3.92 16.01
CA SER E 216 -4.48 2.98 14.90
C SER E 216 -4.42 1.55 15.40
N LEU E 217 -4.81 1.33 16.64
CA LEU E 217 -4.90 0.00 17.22
C LEU E 217 -6.29 -0.59 17.07
N PHE E 218 -7.15 0.06 16.28
CA PHE E 218 -8.47 -0.48 15.96
C PHE E 218 -8.82 -0.24 14.50
N SER E 219 -7.87 0.23 13.70
CA SER E 219 -8.09 0.48 12.28
C SER E 219 -7.67 -0.72 11.43
N LYS E 220 -6.37 -1.06 11.47
CA LYS E 220 -5.83 -2.23 10.79
C LYS E 220 -6.19 -2.23 9.30
N TRP E 221 -5.64 -1.24 8.60
CA TRP E 221 -5.77 -1.12 7.15
C TRP E 221 -4.39 -1.20 6.53
N PHE E 222 -4.32 -0.95 5.22
CA PHE E 222 -3.06 -1.11 4.49
C PHE E 222 -2.02 -0.14 5.06
N SER E 223 -1.08 -0.68 5.83
CA SER E 223 0.03 0.08 6.44
C SER E 223 -0.50 1.14 7.39
N GLU E 224 -1.83 1.28 7.47
CA GLU E 224 -2.44 2.06 8.55
C GLU E 224 -2.02 1.48 9.90
N SER E 225 -1.55 0.23 9.89
CA SER E 225 -0.81 -0.34 11.00
C SER E 225 0.70 -0.25 10.81
N GLY E 226 1.23 -0.86 9.74
CA GLY E 226 2.67 -1.01 9.61
C GLY E 226 3.46 0.28 9.55
N LYS E 227 3.26 1.02 8.46
CA LYS E 227 3.88 2.32 8.26
C LYS E 227 3.82 3.16 9.53
N LEU E 228 2.68 3.11 10.20
CA LEU E 228 2.55 3.89 11.41
C LEU E 228 3.45 3.36 12.53
N VAL E 229 3.62 2.03 12.61
CA VAL E 229 4.53 1.49 13.60
C VAL E 229 5.94 1.96 13.33
N THR E 230 6.34 1.94 12.06
CA THR E 230 7.64 2.45 11.68
C THR E 230 7.80 3.90 12.13
N LYS E 231 6.79 4.73 11.87
CA LYS E 231 6.84 6.11 12.32
C LYS E 231 7.01 6.19 13.84
N MET E 232 6.21 5.42 14.57
CA MET E 232 6.23 5.54 16.01
C MET E 232 7.62 5.22 16.55
N PHE E 233 8.17 4.10 16.11
CA PHE E 233 9.49 3.74 16.62
C PHE E 233 10.57 4.64 16.07
N GLN E 234 10.37 5.27 14.92
CA GLN E 234 11.24 6.38 14.55
C GLN E 234 11.26 7.42 15.66
N LYS E 235 10.08 7.91 16.02
CA LYS E 235 9.99 8.93 17.06
C LYS E 235 10.63 8.44 18.35
N ILE E 236 10.40 7.18 18.70
CA ILE E 236 10.99 6.62 19.90
C ILE E 236 12.50 6.69 19.80
N GLN E 237 13.05 6.01 18.80
CA GLN E 237 14.47 5.99 18.50
C GLN E 237 15.10 7.34 18.75
N ASP E 238 14.52 8.38 18.15
CA ASP E 238 15.07 9.71 18.34
C ASP E 238 14.96 10.15 19.79
N LEU E 239 13.76 10.07 20.36
CA LEU E 239 13.56 10.57 21.71
C LEU E 239 14.29 9.74 22.77
N ILE E 240 15.03 8.71 22.37
CA ILE E 240 15.66 7.82 23.34
C ILE E 240 16.95 8.42 23.88
N ASP E 241 17.89 8.73 22.99
CA ASP E 241 19.31 8.77 23.35
C ASP E 241 19.65 9.82 24.40
N ASP E 242 18.65 10.53 24.92
CA ASP E 242 18.91 11.41 26.05
C ASP E 242 19.21 10.57 27.27
N LYS E 243 20.49 10.34 27.54
CA LYS E 243 20.86 9.61 28.74
C LYS E 243 20.49 10.36 30.01
N ASP E 244 20.22 11.67 29.90
CA ASP E 244 19.55 12.39 30.98
C ASP E 244 18.04 12.40 30.75
N ALA E 245 17.50 11.21 30.47
CA ALA E 245 16.08 11.00 30.29
C ALA E 245 15.81 9.50 30.26
N LEU E 246 14.75 9.09 30.95
CA LEU E 246 14.35 7.70 30.95
C LEU E 246 13.16 7.54 30.01
N VAL E 247 12.95 6.31 29.54
CA VAL E 247 11.96 6.07 28.50
C VAL E 247 11.06 4.93 28.90
N PHE E 248 9.76 5.19 28.94
CA PHE E 248 8.73 4.19 29.10
C PHE E 248 7.91 4.13 27.82
N VAL E 249 8.11 3.08 27.04
CA VAL E 249 7.25 2.81 25.90
C VAL E 249 6.10 1.92 26.36
N LEU E 250 4.89 2.45 26.27
CA LEU E 250 3.71 1.77 26.79
C LEU E 250 2.80 1.40 25.64
N ILE E 251 2.56 0.10 25.48
CA ILE E 251 1.73 -0.41 24.40
C ILE E 251 0.64 -1.26 25.04
N ASP E 252 -0.48 -0.64 25.36
CA ASP E 252 -1.71 -1.36 25.65
C ASP E 252 -2.26 -1.94 24.37
N GLN E 253 -3.26 -2.81 24.51
CA GLN E 253 -3.99 -3.36 23.37
C GLN E 253 -3.07 -4.13 22.45
N VAL E 254 -2.09 -4.82 23.02
CA VAL E 254 -1.16 -5.62 22.23
C VAL E 254 -1.90 -6.58 21.33
N GLU E 255 -3.05 -7.08 21.79
CA GLU E 255 -3.90 -7.91 20.95
C GLU E 255 -4.31 -7.21 19.68
N SER E 256 -4.06 -5.91 19.55
CA SER E 256 -4.13 -5.27 18.25
C SER E 256 -2.84 -5.44 17.46
N LEU E 257 -1.80 -6.01 18.07
CA LEU E 257 -0.51 -6.17 17.44
C LEU E 257 -0.11 -7.64 17.43
N THR E 258 -1.05 -8.50 17.05
CA THR E 258 -0.76 -9.91 16.86
C THR E 258 -1.53 -10.42 15.66
N ALA E 259 -0.95 -11.40 14.97
CA ALA E 259 -1.57 -12.00 13.80
C ALA E 259 -1.93 -13.45 14.00
N ALA E 260 -1.53 -14.05 15.12
CA ALA E 260 -1.73 -15.45 15.45
C ALA E 260 -1.13 -16.34 14.37
N ARG E 261 -0.31 -15.79 13.48
CA ARG E 261 0.28 -16.53 12.37
C ARG E 261 -0.79 -17.28 11.57
N ASN E 262 -1.90 -16.58 11.31
CA ASN E 262 -2.97 -17.09 10.44
C ASN E 262 -3.53 -18.42 10.95
N ALA E 263 -4.19 -18.39 12.11
CA ALA E 263 -4.82 -19.60 12.64
C ALA E 263 -5.87 -20.15 11.68
N CYS E 264 -6.32 -19.32 10.74
CA CYS E 264 -7.25 -19.74 9.69
C CYS E 264 -6.66 -19.39 8.34
N ARG E 265 -6.93 -20.21 7.33
CA ARG E 265 -6.50 -19.91 5.96
C ARG E 265 -7.51 -19.00 5.29
N ALA E 266 -7.88 -17.95 6.01
CA ALA E 266 -8.71 -16.85 5.50
C ALA E 266 -7.96 -15.57 5.81
N GLY E 267 -7.05 -15.21 4.91
CA GLY E 267 -6.19 -14.05 5.11
C GLY E 267 -6.83 -12.77 4.61
N THR E 268 -8.11 -12.58 4.91
CA THR E 268 -8.76 -11.31 4.58
C THR E 268 -7.95 -10.15 5.14
N GLU E 269 -7.52 -10.25 6.41
CA GLU E 269 -6.55 -9.31 6.95
C GLU E 269 -5.50 -10.05 7.77
N PRO E 270 -4.97 -11.18 7.29
CA PRO E 270 -3.84 -11.80 8.00
C PRO E 270 -2.48 -11.30 7.52
N SER E 271 -2.40 -10.94 6.24
CA SER E 271 -1.12 -10.60 5.64
C SER E 271 -0.51 -9.37 6.31
N ASP E 272 -1.24 -8.26 6.28
CA ASP E 272 -0.75 -7.03 6.91
C ASP E 272 -0.44 -7.25 8.38
N ALA E 273 -1.26 -8.04 9.08
CA ALA E 273 -1.03 -8.26 10.50
C ALA E 273 0.28 -8.98 10.75
N ILE E 274 0.66 -9.90 9.87
CA ILE E 274 1.95 -10.54 9.98
C ILE E 274 3.06 -9.49 10.02
N ARG E 275 3.01 -8.56 9.07
CA ARG E 275 4.03 -7.53 9.00
C ARG E 275 3.95 -6.62 10.21
N VAL E 276 2.75 -6.37 10.71
CA VAL E 276 2.63 -5.59 11.94
C VAL E 276 3.48 -6.23 13.03
N VAL E 277 3.22 -7.51 13.26
CA VAL E 277 3.95 -8.26 14.28
C VAL E 277 5.45 -8.17 14.05
N ASN E 278 5.87 -8.36 12.79
CA ASN E 278 7.31 -8.41 12.54
C ASN E 278 7.94 -7.05 12.82
N ALA E 279 7.27 -5.98 12.38
CA ALA E 279 7.73 -4.65 12.71
C ALA E 279 7.93 -4.50 14.19
N VAL E 280 6.93 -4.92 14.97
CA VAL E 280 7.01 -4.69 16.41
C VAL E 280 8.21 -5.43 16.99
N LEU E 281 8.31 -6.72 16.68
CA LEU E 281 9.42 -7.52 17.19
C LEU E 281 10.76 -6.90 16.80
N THR E 282 10.89 -6.53 15.53
CA THR E 282 12.15 -5.99 15.04
C THR E 282 12.51 -4.70 15.74
N GLN E 283 11.53 -3.83 15.95
CA GLN E 283 11.82 -2.58 16.63
C GLN E 283 12.29 -2.87 18.05
N ILE E 284 11.57 -3.74 18.74
CA ILE E 284 11.94 -4.08 20.11
C ILE E 284 13.38 -4.55 20.16
N ASP E 285 13.74 -5.46 19.27
CA ASP E 285 15.10 -5.95 19.22
C ASP E 285 16.05 -4.79 19.00
N GLN E 286 15.94 -4.14 17.84
CA GLN E 286 16.87 -3.09 17.48
C GLN E 286 17.08 -2.11 18.62
N ILE E 287 16.07 -1.91 19.45
CA ILE E 287 16.20 -0.98 20.56
C ILE E 287 16.57 -1.71 21.86
N LYS E 288 16.78 -3.00 21.79
CA LYS E 288 17.36 -3.57 23.02
C LYS E 288 18.76 -3.01 23.33
N ARG E 289 19.28 -2.03 22.60
CA ARG E 289 20.61 -1.49 22.85
C ARG E 289 20.54 -0.04 23.26
N HIS E 290 19.68 0.27 24.22
CA HIS E 290 19.58 1.62 24.75
C HIS E 290 19.46 1.54 26.26
N SER E 291 20.44 2.11 26.96
CA SER E 291 20.55 1.93 28.41
C SER E 291 19.28 2.27 29.16
N ASN E 292 18.41 3.09 28.59
CA ASN E 292 17.34 3.73 29.35
C ASN E 292 16.00 3.53 28.67
N VAL E 293 15.69 2.30 28.29
CA VAL E 293 14.44 2.01 27.61
C VAL E 293 13.77 0.85 28.31
N VAL E 294 12.56 1.08 28.80
CA VAL E 294 11.73 0.02 29.35
C VAL E 294 10.39 0.07 28.63
N ILE E 295 9.88 -1.09 28.26
CA ILE E 295 8.63 -1.19 27.52
C ILE E 295 7.67 -2.03 28.35
N LEU E 296 6.47 -1.50 28.53
CA LEU E 296 5.43 -2.14 29.30
C LEU E 296 4.24 -2.38 28.38
N THR E 297 3.70 -3.60 28.43
CA THR E 297 2.66 -3.95 27.48
C THR E 297 1.57 -4.75 28.18
N THR E 298 0.34 -4.58 27.70
CA THR E 298 -0.83 -5.21 28.28
C THR E 298 -1.73 -5.73 27.17
N SER E 299 -2.55 -6.71 27.52
CA SER E 299 -3.45 -7.30 26.53
C SER E 299 -4.75 -7.72 27.17
N ASN E 300 -5.80 -7.71 26.38
CA ASN E 300 -7.11 -8.10 26.86
C ASN E 300 -7.30 -9.61 26.76
N ILE E 301 -7.17 -10.16 25.56
CA ILE E 301 -7.41 -11.58 25.36
C ILE E 301 -6.33 -12.37 26.09
N THR E 302 -6.74 -13.45 26.74
CA THR E 302 -5.79 -14.31 27.44
C THR E 302 -4.80 -14.92 26.47
N GLU E 303 -5.29 -15.45 25.37
CA GLU E 303 -4.51 -16.30 24.48
C GLU E 303 -4.56 -15.71 23.08
N LYS E 304 -3.97 -16.42 22.11
CA LYS E 304 -3.96 -15.98 20.72
C LYS E 304 -3.13 -14.72 20.55
N ILE E 305 -2.66 -14.15 21.65
CA ILE E 305 -2.08 -12.82 21.60
C ILE E 305 -0.71 -12.78 20.95
N ASP E 306 -0.06 -13.94 20.79
CA ASP E 306 1.16 -14.05 20.01
C ASP E 306 1.65 -15.49 20.07
N VAL E 307 2.70 -15.80 19.33
CA VAL E 307 3.62 -16.85 19.72
C VAL E 307 5.00 -16.31 20.04
N ALA E 308 5.30 -15.07 19.65
CA ALA E 308 6.60 -14.45 19.87
C ALA E 308 6.64 -13.70 21.20
N PHE E 309 5.80 -12.68 21.36
CA PHE E 309 5.76 -11.90 22.59
C PHE E 309 5.78 -12.79 23.82
N VAL E 310 4.81 -13.70 23.92
CA VAL E 310 4.79 -14.62 25.04
C VAL E 310 6.17 -15.21 25.27
N ASP E 311 6.86 -15.55 24.18
CA ASP E 311 8.21 -16.04 24.29
C ASP E 311 9.24 -14.91 24.17
N ARG E 312 8.84 -13.76 23.64
CA ARG E 312 9.65 -12.55 23.73
C ARG E 312 9.28 -11.74 24.97
N ALA E 313 9.18 -12.43 26.10
CA ALA E 313 8.62 -11.86 27.32
C ALA E 313 9.59 -12.06 28.46
N ASP E 314 10.28 -11.00 28.86
CA ASP E 314 11.12 -11.09 30.04
C ASP E 314 10.30 -11.53 31.24
N ILE E 315 9.11 -10.97 31.41
CA ILE E 315 8.22 -11.35 32.50
C ILE E 315 6.78 -11.34 32.01
N LYS E 316 6.11 -12.47 32.18
CA LYS E 316 4.69 -12.55 31.94
C LYS E 316 3.94 -12.16 33.20
N GLN E 317 2.64 -11.88 33.04
CA GLN E 317 1.80 -11.72 34.22
C GLN E 317 0.32 -11.69 33.88
N TYR E 318 -0.46 -12.48 34.61
CA TYR E 318 -1.90 -12.45 34.53
C TYR E 318 -2.43 -11.87 35.84
N ILE E 319 -3.27 -10.85 35.74
CA ILE E 319 -3.79 -10.14 36.90
C ILE E 319 -5.31 -10.12 36.78
N GLY E 320 -5.96 -11.12 37.37
CA GLY E 320 -7.40 -11.26 37.27
C GLY E 320 -8.14 -10.30 38.17
N PRO E 321 -9.30 -10.73 38.65
CA PRO E 321 -10.03 -9.90 39.61
C PRO E 321 -9.27 -9.82 40.92
N PRO E 322 -9.36 -8.68 41.61
CA PRO E 322 -8.67 -8.56 42.90
C PRO E 322 -9.34 -9.44 43.96
N SER E 323 -8.51 -10.01 44.83
CA SER E 323 -9.05 -10.80 45.92
C SER E 323 -9.81 -9.89 46.89
N ALA E 324 -10.44 -10.53 47.88
CA ALA E 324 -11.15 -9.79 48.91
C ALA E 324 -10.22 -8.78 49.59
N ALA E 325 -8.94 -9.11 49.68
CA ALA E 325 -7.98 -8.22 50.33
C ALA E 325 -7.94 -6.86 49.63
N ALA E 326 -7.62 -6.87 48.34
CA ALA E 326 -7.50 -5.61 47.61
C ALA E 326 -8.83 -4.88 47.55
N ILE E 327 -9.93 -5.62 47.46
CA ILE E 327 -11.24 -5.00 47.43
C ILE E 327 -11.47 -4.22 48.71
N PHE E 328 -11.24 -4.87 49.85
CA PHE E 328 -11.40 -4.19 51.13
C PHE E 328 -10.44 -3.03 51.27
N LYS E 329 -9.22 -3.17 50.75
CA LYS E 329 -8.28 -2.06 50.85
C LYS E 329 -8.74 -0.86 50.04
N ILE E 330 -9.27 -1.09 48.85
CA ILE E 330 -9.79 -0.01 48.03
C ILE E 330 -10.97 0.65 48.71
N TYR E 331 -11.83 -0.15 49.33
CA TYR E 331 -12.90 0.39 50.14
C TYR E 331 -12.35 1.32 51.21
N LEU E 332 -11.42 0.83 52.02
CA LEU E 332 -10.79 1.64 53.05
C LEU E 332 -10.28 2.95 52.47
N SER E 333 -9.60 2.86 51.33
CA SER E 333 -8.98 4.04 50.73
C SER E 333 -10.03 5.09 50.40
N CYS E 334 -11.02 4.70 49.59
CA CYS E 334 -12.01 5.69 49.19
C CYS E 334 -12.77 6.23 50.39
N LEU E 335 -13.03 5.40 51.40
CA LEU E 335 -13.78 5.85 52.56
C LEU E 335 -12.97 6.87 53.35
N GLU E 336 -11.71 6.57 53.59
CA GLU E 336 -10.84 7.51 54.28
C GLU E 336 -10.64 8.79 53.49
N GLU E 337 -10.73 8.71 52.16
CA GLU E 337 -10.64 9.92 51.35
C GLU E 337 -11.87 10.80 51.50
N LEU E 338 -13.05 10.20 51.42
CA LEU E 338 -14.26 10.98 51.55
C LEU E 338 -14.43 11.51 52.97
N MET E 339 -13.87 10.80 53.95
CA MET E 339 -13.63 11.42 55.25
C MET E 339 -12.72 12.63 55.10
N LYS E 340 -11.58 12.43 54.45
CA LYS E 340 -10.62 13.50 54.23
C LYS E 340 -11.22 14.64 53.43
N CYS E 341 -12.22 14.36 52.61
CA CYS E 341 -12.91 15.39 51.85
C CYS E 341 -14.07 16.00 52.61
N GLN E 342 -14.31 15.56 53.85
CA GLN E 342 -15.43 16.04 54.65
C GLN E 342 -16.75 15.73 53.97
N ILE E 343 -16.69 15.07 52.82
CA ILE E 343 -17.91 14.60 52.16
C ILE E 343 -18.53 13.48 52.98
N ILE E 344 -17.71 12.54 53.44
CA ILE E 344 -18.01 11.88 54.69
C ILE E 344 -17.72 12.87 55.80
N TYR E 345 -18.77 13.42 56.41
CA TYR E 345 -18.57 14.54 57.31
C TYR E 345 -18.12 14.11 58.70
N PRO E 346 -18.76 13.13 59.35
CA PRO E 346 -18.19 12.63 60.60
C PRO E 346 -17.02 11.70 60.34
N ARG E 347 -15.80 12.18 60.56
CA ARG E 347 -14.63 11.38 60.25
C ARG E 347 -14.57 10.19 61.19
N GLN E 348 -14.83 9.01 60.65
CA GLN E 348 -14.81 7.78 61.42
C GLN E 348 -13.43 7.13 61.28
N GLN E 349 -13.32 5.92 61.82
CA GLN E 349 -12.10 5.16 61.68
C GLN E 349 -12.45 3.68 61.53
N LEU E 350 -11.72 3.00 60.67
CA LEU E 350 -11.98 1.62 60.32
C LEU E 350 -10.82 0.74 60.77
N LEU E 351 -10.95 -0.56 60.51
CA LEU E 351 -9.92 -1.54 60.86
C LEU E 351 -9.62 -2.37 59.63
N THR E 352 -8.34 -2.58 59.35
CA THR E 352 -7.95 -3.29 58.13
C THR E 352 -8.15 -4.79 58.29
N LEU E 353 -7.68 -5.54 57.29
CA LEU E 353 -7.92 -6.97 57.20
C LEU E 353 -7.45 -7.70 58.44
N ARG E 354 -6.14 -7.71 58.67
CA ARG E 354 -5.65 -8.40 59.86
C ARG E 354 -6.04 -7.65 61.12
N GLU E 355 -6.31 -6.35 61.02
CA GLU E 355 -6.85 -5.64 62.17
C GLU E 355 -8.20 -6.22 62.58
N LEU E 356 -9.10 -6.39 61.62
CA LEU E 356 -10.37 -7.05 61.91
C LEU E 356 -10.18 -8.50 62.28
N GLU E 357 -9.08 -9.11 61.86
CA GLU E 357 -8.75 -10.45 62.33
C GLU E 357 -8.36 -10.43 63.80
N MET E 358 -7.78 -9.32 64.26
CA MET E 358 -7.30 -9.25 65.63
C MET E 358 -8.44 -9.08 66.63
N ILE E 359 -9.53 -8.46 66.21
CA ILE E 359 -10.63 -8.17 67.12
C ILE E 359 -11.41 -9.45 67.42
N GLY E 360 -10.98 -10.57 66.85
CA GLY E 360 -11.69 -11.81 67.05
C GLY E 360 -13.08 -11.83 66.47
N PHE E 361 -13.34 -11.00 65.46
CA PHE E 361 -14.67 -10.83 64.87
C PHE E 361 -15.71 -10.60 65.96
N ILE E 362 -15.37 -9.71 66.88
CA ILE E 362 -16.31 -9.24 67.89
C ILE E 362 -17.14 -8.12 67.26
N GLU E 363 -18.43 -8.38 67.07
CA GLU E 363 -19.31 -7.35 66.52
C GLU E 363 -19.58 -6.28 67.56
N ASN E 364 -18.71 -5.28 67.64
CA ASN E 364 -18.85 -4.20 68.60
C ASN E 364 -18.99 -2.86 67.87
N ASN E 365 -18.98 -1.78 68.64
CA ASN E 365 -19.29 -0.45 68.10
C ASN E 365 -18.40 -0.11 66.91
N VAL E 366 -17.09 -0.24 67.08
CA VAL E 366 -16.18 0.06 65.98
C VAL E 366 -16.36 -0.94 64.85
N SER E 367 -16.66 -2.18 65.18
CA SER E 367 -16.53 -3.27 64.22
C SER E 367 -17.71 -3.38 63.26
N LYS E 368 -18.86 -2.78 63.56
CA LYS E 368 -20.02 -3.00 62.69
C LYS E 368 -19.74 -2.52 61.28
N LEU E 369 -19.27 -1.28 61.15
CA LEU E 369 -19.01 -0.73 59.82
C LEU E 369 -17.98 -1.56 59.08
N SER E 370 -16.89 -1.92 59.76
CA SER E 370 -15.81 -2.62 59.10
C SER E 370 -16.25 -4.02 58.67
N LEU E 371 -16.99 -4.72 59.52
CA LEU E 371 -17.41 -6.08 59.18
C LEU E 371 -18.48 -6.06 58.10
N LEU E 372 -19.38 -5.08 58.14
CA LEU E 372 -20.30 -4.88 57.02
C LEU E 372 -19.52 -4.66 55.75
N LEU E 373 -18.46 -3.86 55.82
CA LEU E 373 -17.64 -3.60 54.64
C LEU E 373 -16.97 -4.87 54.15
N ASN E 374 -16.56 -5.72 55.08
CA ASN E 374 -15.99 -7.02 54.71
C ASN E 374 -16.99 -7.82 53.90
N ASP E 375 -18.21 -7.97 54.42
CA ASP E 375 -19.22 -8.69 53.66
C ASP E 375 -19.55 -8.00 52.36
N ILE E 376 -19.40 -6.67 52.31
CA ILE E 376 -19.56 -5.94 51.06
C ILE E 376 -18.56 -6.44 50.04
N SER E 377 -17.28 -6.43 50.41
CA SER E 377 -16.25 -6.99 49.54
C SER E 377 -16.60 -8.40 49.12
N ARG E 378 -17.02 -9.23 50.08
CA ARG E 378 -17.33 -10.62 49.80
C ARG E 378 -18.37 -10.73 48.70
N LYS E 379 -19.50 -10.06 48.88
CA LYS E 379 -20.53 -10.02 47.85
C LYS E 379 -20.21 -9.02 46.75
N SER E 380 -18.95 -8.57 46.69
CA SER E 380 -18.47 -7.69 45.64
C SER E 380 -17.47 -8.39 44.74
N GLU E 381 -17.53 -9.71 44.70
CA GLU E 381 -16.47 -10.50 44.08
C GLU E 381 -16.50 -10.34 42.57
N GLY E 382 -15.32 -10.46 41.95
CA GLY E 382 -15.24 -10.49 40.50
C GLY E 382 -15.71 -9.22 39.82
N LEU E 383 -14.97 -8.14 39.98
CA LEU E 383 -15.34 -6.85 39.41
C LEU E 383 -14.09 -6.21 38.81
N SER E 384 -14.25 -4.98 38.33
CA SER E 384 -13.18 -4.24 37.69
C SER E 384 -12.88 -3.00 38.49
N GLY E 385 -11.59 -2.78 38.77
CA GLY E 385 -11.15 -1.55 39.39
C GLY E 385 -11.81 -0.34 38.77
N ARG E 386 -12.01 -0.40 37.45
CA ARG E 386 -12.84 0.58 36.77
C ARG E 386 -14.16 0.75 37.52
N VAL E 387 -14.95 -0.31 37.55
CA VAL E 387 -16.22 -0.27 38.26
C VAL E 387 -16.01 -0.08 39.75
N LEU E 388 -14.95 -0.69 40.30
CA LEU E 388 -14.74 -0.65 41.73
C LEU E 388 -14.63 0.78 42.23
N ARG E 389 -13.62 1.50 41.76
CA ARG E 389 -13.55 2.91 42.12
C ARG E 389 -14.46 3.77 41.28
N LYS E 390 -15.39 3.16 40.54
CA LYS E 390 -16.53 3.90 40.05
C LYS E 390 -17.66 3.98 41.06
N LEU E 391 -17.83 2.93 41.88
CA LEU E 391 -18.98 2.71 42.74
C LEU E 391 -19.58 3.94 43.43
N PRO E 392 -18.81 4.67 44.24
CA PRO E 392 -19.45 5.66 45.13
C PRO E 392 -20.20 6.76 44.39
N PHE E 393 -19.74 7.15 43.21
CA PHE E 393 -20.44 8.19 42.46
C PHE E 393 -21.86 7.78 42.18
N LEU E 394 -22.03 6.69 41.44
CA LEU E 394 -23.38 6.24 41.11
C LEU E 394 -24.15 5.85 42.36
N ALA E 395 -23.45 5.45 43.42
CA ALA E 395 -24.15 5.20 44.69
C ALA E 395 -24.82 6.46 45.20
N HIS E 396 -24.01 7.47 45.51
CA HIS E 396 -24.54 8.77 45.92
C HIS E 396 -25.52 9.31 44.90
N ALA E 397 -25.40 8.90 43.66
CA ALA E 397 -26.28 9.36 42.60
C ALA E 397 -27.67 8.77 42.77
N LEU E 398 -27.79 7.46 42.65
CA LEU E 398 -29.07 6.77 42.71
C LEU E 398 -29.62 6.67 44.12
N TYR E 399 -28.92 7.18 45.11
CA TYR E 399 -29.49 6.92 46.42
C TYR E 399 -29.58 8.15 47.31
N VAL E 400 -28.68 9.12 47.14
CA VAL E 400 -28.57 10.24 48.05
C VAL E 400 -28.81 11.58 47.34
N GLN E 401 -27.95 11.93 46.39
CA GLN E 401 -27.95 13.26 45.77
C GLN E 401 -27.96 14.36 46.84
N ALA E 402 -27.06 14.24 47.80
CA ALA E 402 -26.98 15.27 48.84
C ALA E 402 -25.60 15.30 49.49
N PRO E 403 -24.93 16.45 49.47
CA PRO E 403 -23.70 16.58 50.26
C PRO E 403 -23.94 16.40 51.74
N THR E 404 -25.16 16.62 52.23
CA THR E 404 -25.52 16.37 53.62
C THR E 404 -25.78 14.87 53.76
N VAL E 405 -24.73 14.13 54.09
CA VAL E 405 -24.82 12.67 54.19
C VAL E 405 -23.62 12.18 54.97
N THR E 406 -23.79 11.06 55.66
CA THR E 406 -22.72 10.49 56.45
C THR E 406 -22.55 9.01 56.13
N ILE E 407 -21.72 8.34 56.92
CA ILE E 407 -21.60 6.90 56.88
C ILE E 407 -22.71 6.32 57.74
N GLU E 408 -22.86 5.00 57.73
CA GLU E 408 -23.91 4.16 58.29
C GLU E 408 -25.17 4.19 57.44
N GLY E 409 -25.25 5.08 56.46
CA GLY E 409 -26.29 4.99 55.45
C GLY E 409 -25.60 4.87 54.11
N PHE E 410 -24.42 5.45 54.03
CA PHE E 410 -23.63 5.38 52.80
C PHE E 410 -23.31 3.93 52.46
N LEU E 411 -23.14 3.09 53.48
CA LEU E 411 -22.80 1.70 53.23
C LEU E 411 -23.95 0.96 52.58
N GLN E 412 -25.15 1.04 53.16
CA GLN E 412 -26.27 0.28 52.63
C GLN E 412 -26.69 0.79 51.25
N ALA E 413 -26.67 2.11 51.07
CA ALA E 413 -26.95 2.67 49.75
C ALA E 413 -25.91 2.18 48.74
N LEU E 414 -24.63 2.21 49.14
CA LEU E 414 -23.58 1.70 48.29
C LEU E 414 -23.81 0.24 47.93
N SER E 415 -24.28 -0.55 48.90
CA SER E 415 -24.52 -1.97 48.65
C SER E 415 -25.63 -2.16 47.63
N LEU E 416 -26.70 -1.39 47.76
CA LEU E 416 -27.77 -1.46 46.77
C LEU E 416 -27.26 -1.05 45.40
N ALA E 417 -26.40 -0.03 45.35
CA ALA E 417 -25.77 0.35 44.09
C ALA E 417 -25.01 -0.83 43.50
N VAL E 418 -24.28 -1.55 44.35
CA VAL E 418 -23.47 -2.66 43.85
C VAL E 418 -24.36 -3.78 43.33
N ASP E 419 -25.48 -4.03 44.01
CA ASP E 419 -26.42 -5.01 43.50
C ASP E 419 -26.93 -4.59 42.13
N LYS E 420 -27.27 -3.32 41.96
CA LYS E 420 -27.66 -2.85 40.65
C LYS E 420 -26.54 -3.01 39.64
N GLN E 421 -25.30 -2.89 40.11
CA GLN E 421 -24.17 -3.06 39.20
C GLN E 421 -24.04 -4.51 38.74
N PHE E 422 -24.22 -5.45 39.65
CA PHE E 422 -24.36 -6.84 39.26
C PHE E 422 -25.46 -7.01 38.23
N GLU E 423 -26.60 -6.36 38.47
CA GLU E 423 -27.76 -6.58 37.60
C GLU E 423 -27.55 -5.98 36.22
N GLU E 424 -26.74 -4.92 36.11
CA GLU E 424 -26.43 -4.41 34.78
C GLU E 424 -25.31 -5.22 34.12
N ARG E 425 -24.39 -5.77 34.91
CA ARG E 425 -23.41 -6.70 34.36
C ARG E 425 -24.10 -7.92 33.79
N LYS E 426 -25.22 -8.33 34.38
CA LYS E 426 -26.03 -9.39 33.80
C LYS E 426 -26.96 -8.86 32.73
N LYS E 427 -27.26 -7.56 32.75
CA LYS E 427 -28.11 -6.97 31.73
C LYS E 427 -27.42 -6.94 30.37
N LEU E 428 -26.08 -6.93 30.36
CA LEU E 428 -25.34 -7.15 29.12
C LEU E 428 -25.30 -8.62 28.74
N ALA E 429 -25.92 -9.50 29.54
CA ALA E 429 -26.00 -10.93 29.27
C ALA E 429 -24.62 -11.58 29.14
N ALA F 122 -20.45 29.28 19.74
CA ALA F 122 -19.62 30.39 20.19
C ALA F 122 -20.47 31.51 20.76
N ASN F 123 -21.44 31.15 21.59
CA ASN F 123 -22.38 32.10 22.17
C ASN F 123 -22.33 32.03 23.68
N HIS F 124 -23.20 32.81 24.31
CA HIS F 124 -23.18 32.99 25.75
C HIS F 124 -24.55 32.72 26.34
N TRP F 125 -24.56 32.38 27.62
CA TRP F 125 -25.77 32.29 28.42
C TRP F 125 -25.41 32.61 29.86
N VAL F 126 -26.26 33.38 30.50
CA VAL F 126 -26.24 33.43 31.95
C VAL F 126 -27.17 32.33 32.45
N LEU F 127 -26.85 31.82 33.63
CA LEU F 127 -27.75 30.92 34.32
C LEU F 127 -29.00 31.69 34.74
N PRO F 128 -29.87 31.11 35.59
CA PRO F 128 -31.31 30.99 35.26
C PRO F 128 -32.01 32.07 34.44
N ALA F 129 -31.34 33.17 34.08
CA ALA F 129 -31.97 34.23 33.30
C ALA F 129 -32.83 33.67 32.17
N ALA F 130 -33.89 34.40 31.85
CA ALA F 130 -35.10 33.83 31.28
C ALA F 130 -35.02 33.46 29.81
N GLU F 131 -33.82 33.35 29.23
CA GLU F 131 -33.74 33.00 27.81
C GLU F 131 -34.40 31.64 27.54
N PHE F 132 -33.91 30.60 28.21
CA PHE F 132 -34.53 29.28 28.13
C PHE F 132 -35.26 28.92 29.42
N HIS F 133 -35.84 29.91 30.09
CA HIS F 133 -36.53 29.67 31.34
C HIS F 133 -37.74 28.77 31.15
N GLY F 134 -37.68 27.55 31.68
CA GLY F 134 -38.74 26.58 31.54
C GLY F 134 -38.43 25.45 30.60
N LEU F 135 -37.35 25.54 29.83
CA LEU F 135 -36.98 24.46 28.93
C LEU F 135 -36.78 23.14 29.65
N TRP F 136 -36.65 23.19 30.98
CA TRP F 136 -36.35 22.01 31.77
C TRP F 136 -37.36 20.89 31.59
N ASP F 137 -38.60 21.10 32.02
CA ASP F 137 -39.60 20.06 31.85
C ASP F 137 -40.00 19.87 30.40
N SER F 138 -39.62 20.79 29.52
CA SER F 138 -40.04 20.78 28.13
C SER F 138 -39.52 19.61 27.36
N LEU F 139 -38.67 18.76 27.93
CA LEU F 139 -38.15 17.58 27.22
C LEU F 139 -38.34 16.39 28.13
N VAL F 140 -39.51 15.79 28.11
CA VAL F 140 -39.77 14.59 28.86
C VAL F 140 -39.17 13.42 28.09
N TYR F 141 -38.43 12.56 28.78
CA TYR F 141 -37.74 11.47 28.12
C TYR F 141 -38.22 10.13 28.66
N ASP F 142 -37.89 9.09 27.90
CA ASP F 142 -38.40 7.74 28.14
C ASP F 142 -37.97 7.19 29.49
N VAL F 143 -36.69 6.94 29.66
CA VAL F 143 -36.21 6.25 30.86
C VAL F 143 -35.02 6.97 31.46
N GLU F 144 -37.16 9.40 33.38
CA GLU F 144 -36.48 9.51 34.65
C GLU F 144 -35.09 10.08 34.49
N VAL F 145 -34.63 10.21 33.25
CA VAL F 145 -33.32 10.81 32.98
C VAL F 145 -33.26 12.22 33.52
N LYS F 146 -34.40 12.83 33.82
CA LYS F 146 -34.38 14.12 34.50
C LYS F 146 -33.76 13.97 35.87
N SER F 147 -34.44 13.23 36.74
CA SER F 147 -33.95 13.04 38.10
C SER F 147 -32.63 12.29 38.09
N HIS F 148 -32.46 11.37 37.15
CA HIS F 148 -31.18 10.70 36.99
C HIS F 148 -30.10 11.71 36.72
N LEU F 149 -30.15 12.33 35.54
CA LEU F 149 -29.06 13.18 35.07
C LEU F 149 -28.80 14.33 36.00
N LEU F 150 -29.77 14.69 36.85
CA LEU F 150 -29.44 15.53 38.00
C LEU F 150 -28.22 15.02 38.73
N ASP F 151 -28.25 13.74 39.10
CA ASP F 151 -27.20 13.13 39.92
C ASP F 151 -25.84 13.47 39.36
N TYR F 152 -25.76 13.51 38.03
CA TYR F 152 -24.48 13.70 37.37
C TYR F 152 -23.74 14.88 37.99
N VAL F 153 -24.30 16.07 37.82
CA VAL F 153 -23.62 17.24 38.34
C VAL F 153 -23.86 17.41 39.84
N MET F 154 -25.06 17.06 40.32
CA MET F 154 -25.35 17.18 41.74
C MET F 154 -24.31 16.45 42.58
N THR F 155 -23.64 15.46 41.99
CA THR F 155 -22.59 14.75 42.70
C THR F 155 -21.23 15.13 42.12
N THR F 156 -21.19 15.55 40.86
CA THR F 156 -19.93 15.96 40.27
C THR F 156 -19.37 17.15 41.00
N LEU F 157 -20.23 18.09 41.38
CA LEU F 157 -19.77 19.25 42.12
C LEU F 157 -19.47 18.91 43.57
N LEU F 158 -20.28 18.02 44.14
CA LEU F 158 -19.93 17.39 45.40
C LEU F 158 -18.46 16.99 45.42
N PHE F 159 -18.07 16.15 44.48
CA PHE F 159 -16.68 15.68 44.42
C PHE F 159 -15.73 16.75 43.94
N SER F 160 -16.20 17.69 43.13
CA SER F 160 -15.34 18.73 42.57
C SER F 160 -14.94 19.72 43.64
N ASP F 161 -15.77 19.85 44.67
CA ASP F 161 -15.47 20.76 45.77
C ASP F 161 -14.14 20.40 46.43
N LYS F 162 -14.06 19.19 46.98
CA LYS F 162 -13.06 18.86 47.97
C LYS F 162 -11.80 18.22 47.39
N ASN F 163 -11.69 18.14 46.08
CA ASN F 163 -10.51 17.59 45.39
C ASN F 163 -10.18 16.21 45.93
N VAL F 164 -11.10 15.29 45.66
CA VAL F 164 -11.09 13.90 46.11
C VAL F 164 -9.94 13.18 45.41
N ASN F 165 -9.67 11.92 45.79
CA ASN F 165 -8.56 11.20 45.17
C ASN F 165 -8.82 11.01 43.70
N SER F 166 -8.53 12.06 42.94
CA SER F 166 -8.73 12.07 41.50
C SER F 166 -8.13 10.81 40.87
N ASN F 167 -6.84 10.58 41.10
CA ASN F 167 -6.21 9.38 40.60
C ASN F 167 -7.00 8.14 40.98
N LEU F 168 -7.55 8.12 42.19
CA LEU F 168 -8.33 6.96 42.59
C LEU F 168 -9.74 6.99 42.03
N ILE F 169 -10.50 8.03 42.36
CA ILE F 169 -11.95 7.93 42.45
C ILE F 169 -12.57 8.56 41.21
N THR F 170 -13.49 7.82 40.58
CA THR F 170 -13.81 7.95 39.15
C THR F 170 -14.71 9.13 38.87
N TRP F 171 -14.13 10.27 38.52
CA TRP F 171 -14.95 11.38 38.09
C TRP F 171 -14.24 12.19 37.02
N ASN F 172 -15.03 12.68 36.07
CA ASN F 172 -14.70 13.87 35.33
C ASN F 172 -15.91 14.80 35.44
N ARG F 173 -15.95 15.85 34.65
CA ARG F 173 -17.06 16.79 34.70
C ARG F 173 -17.76 16.89 33.35
N VAL F 174 -17.79 15.78 32.62
CA VAL F 174 -18.07 15.78 31.18
C VAL F 174 -19.40 15.08 30.95
N VAL F 175 -20.46 15.86 30.78
CA VAL F 175 -21.72 15.29 30.33
C VAL F 175 -21.54 14.77 28.92
N LEU F 176 -22.10 13.59 28.64
CA LEU F 176 -22.10 13.14 27.25
C LEU F 176 -23.13 12.06 27.02
N LEU F 177 -23.99 12.27 26.03
CA LEU F 177 -24.84 11.22 25.48
C LEU F 177 -24.61 11.16 23.98
N HIS F 178 -25.46 10.41 23.29
CA HIS F 178 -25.50 10.35 21.83
C HIS F 178 -26.79 9.65 21.42
N GLY F 179 -27.14 9.78 20.15
CA GLY F 179 -28.37 9.21 19.64
C GLY F 179 -28.77 9.83 18.32
N PRO F 180 -30.05 9.66 17.95
CA PRO F 180 -30.59 10.40 16.80
C PRO F 180 -30.45 11.88 17.02
N PRO F 181 -29.81 12.60 16.09
CA PRO F 181 -29.48 14.01 16.34
C PRO F 181 -30.72 14.84 16.60
N GLY F 182 -30.49 15.99 17.24
CA GLY F 182 -31.57 16.91 17.54
C GLY F 182 -32.68 16.30 18.38
N THR F 183 -32.32 15.55 19.41
CA THR F 183 -33.29 14.88 20.26
C THR F 183 -33.32 15.57 21.62
N GLY F 184 -33.30 16.90 21.59
CA GLY F 184 -33.28 17.68 22.81
C GLY F 184 -32.05 17.46 23.64
N LYS F 185 -30.96 17.04 23.00
CA LYS F 185 -29.74 16.67 23.70
C LYS F 185 -28.98 17.92 24.14
N THR F 186 -28.53 18.72 23.17
CA THR F 186 -28.00 20.03 23.51
C THR F 186 -29.03 20.83 24.29
N SER F 187 -30.30 20.67 23.95
CA SER F 187 -31.36 21.38 24.65
C SER F 187 -31.45 20.93 26.10
N LEU F 188 -31.32 19.63 26.33
CA LEU F 188 -31.31 19.16 27.71
C LEU F 188 -30.05 19.64 28.42
N CYS F 189 -28.93 19.77 27.71
CA CYS F 189 -27.74 20.33 28.33
C CYS F 189 -27.99 21.75 28.83
N LYS F 190 -28.65 22.54 27.99
CA LYS F 190 -28.91 23.94 28.33
C LYS F 190 -29.88 24.03 29.50
N ALA F 191 -31.07 23.44 29.35
CA ALA F 191 -32.03 23.40 30.46
C ALA F 191 -31.44 22.71 31.67
N LEU F 192 -30.39 21.93 31.48
CA LEU F 192 -29.74 21.26 32.59
C LEU F 192 -28.90 22.24 33.37
N ALA F 193 -28.07 23.01 32.69
CA ALA F 193 -27.37 24.11 33.36
C ALA F 193 -28.36 24.96 34.13
N GLN F 194 -29.49 25.27 33.48
CA GLN F 194 -30.59 25.96 34.12
C GLN F 194 -30.97 25.30 35.45
N LYS F 195 -31.43 24.05 35.37
CA LYS F 195 -31.91 23.37 36.56
C LYS F 195 -30.81 23.17 37.59
N LEU F 196 -29.56 23.10 37.15
CA LEU F 196 -28.45 22.95 38.07
C LEU F 196 -28.29 24.19 38.93
N THR F 197 -28.35 25.36 38.31
CA THR F 197 -28.35 26.58 39.12
C THR F 197 -29.58 26.63 40.00
N ILE F 198 -30.72 26.20 39.45
CA ILE F 198 -31.97 26.18 40.22
C ILE F 198 -31.78 25.41 41.51
N ARG F 199 -31.35 24.16 41.40
CA ARG F 199 -31.10 23.34 42.57
C ARG F 199 -29.99 23.93 43.43
N LEU F 200 -29.02 24.60 42.81
CA LEU F 200 -27.73 24.84 43.44
C LEU F 200 -27.28 26.28 43.24
N SER F 201 -28.18 27.23 43.46
CA SER F 201 -27.74 28.61 43.51
C SER F 201 -26.90 28.89 44.76
N SER F 202 -26.95 28.00 45.74
CA SER F 202 -26.16 28.17 46.96
C SER F 202 -24.68 28.14 46.65
N ARG F 203 -24.20 27.02 46.09
CA ARG F 203 -22.80 26.91 45.73
C ARG F 203 -22.43 27.83 44.57
N TYR F 204 -23.41 28.45 43.91
CA TYR F 204 -23.14 29.31 42.77
C TYR F 204 -24.21 30.40 42.72
N ARG F 205 -23.86 31.58 43.24
CA ARG F 205 -24.74 32.74 43.16
C ARG F 205 -24.95 33.20 41.73
N TYR F 206 -24.19 32.68 40.78
CA TYR F 206 -24.44 32.83 39.35
C TYR F 206 -23.59 31.80 38.61
N GLY F 207 -23.53 31.95 37.30
CA GLY F 207 -22.74 31.04 36.49
C GLY F 207 -22.87 31.38 35.03
N GLN F 208 -22.09 30.67 34.21
CA GLN F 208 -21.87 31.04 32.82
C GLN F 208 -21.90 29.82 31.92
N LEU F 209 -22.79 29.83 30.94
CA LEU F 209 -22.88 28.80 29.91
C LEU F 209 -22.34 29.33 28.58
N ILE F 210 -21.74 28.44 27.80
CA ILE F 210 -21.04 28.84 26.59
C ILE F 210 -21.38 27.88 25.46
N GLU F 211 -21.80 28.43 24.32
CA GLU F 211 -21.89 27.67 23.08
C GLU F 211 -20.52 27.62 22.44
N ILE F 212 -19.89 26.46 22.44
CA ILE F 212 -18.68 26.21 21.68
C ILE F 212 -19.08 25.47 20.41
N ASN F 213 -18.93 26.15 19.28
CA ASN F 213 -19.47 25.70 18.01
C ASN F 213 -18.40 25.01 17.17
N SER F 214 -18.76 23.85 16.62
CA SER F 214 -17.87 23.21 15.66
C SER F 214 -17.65 24.09 14.43
N HIS F 215 -18.60 24.97 14.13
CA HIS F 215 -18.43 25.91 13.03
C HIS F 215 -17.27 26.84 13.36
N SER F 216 -16.15 26.67 12.67
CA SER F 216 -14.94 27.39 12.99
C SER F 216 -13.88 27.19 11.91
N LYS F 227 -7.46 33.35 17.45
CA LYS F 227 -8.62 32.65 16.92
C LYS F 227 -9.70 32.60 18.00
N LEU F 228 -10.93 32.27 17.59
CA LEU F 228 -12.07 32.22 18.51
C LEU F 228 -11.77 31.36 19.73
N VAL F 229 -11.03 30.26 19.54
CA VAL F 229 -10.79 29.30 20.62
C VAL F 229 -9.95 29.91 21.73
N THR F 230 -8.91 30.65 21.37
CA THR F 230 -7.97 31.17 22.35
C THR F 230 -8.66 32.11 23.35
N LYS F 231 -9.18 33.23 22.85
CA LYS F 231 -9.92 34.13 23.72
C LYS F 231 -11.20 33.50 24.25
N MET F 232 -11.72 32.47 23.58
CA MET F 232 -12.89 31.77 24.10
C MET F 232 -12.57 31.11 25.44
N PHE F 233 -11.56 30.25 25.45
CA PHE F 233 -11.16 29.64 26.71
C PHE F 233 -10.57 30.65 27.68
N GLN F 234 -10.06 31.79 27.19
CA GLN F 234 -9.68 32.85 28.11
C GLN F 234 -10.89 33.40 28.86
N LYS F 235 -11.96 33.72 28.12
CA LYS F 235 -13.22 34.09 28.74
C LYS F 235 -13.70 33.01 29.69
N ILE F 236 -13.48 31.74 29.33
CA ILE F 236 -13.87 30.65 30.21
C ILE F 236 -13.07 30.67 31.50
N GLN F 237 -11.79 30.98 31.42
CA GLN F 237 -10.99 31.23 32.62
C GLN F 237 -11.62 32.32 33.47
N ASP F 238 -12.00 33.43 32.83
CA ASP F 238 -12.71 34.50 33.53
C ASP F 238 -13.92 33.94 34.28
N LEU F 239 -14.69 33.11 33.59
CA LEU F 239 -15.88 32.50 34.20
C LEU F 239 -15.48 31.69 35.41
N ILE F 240 -14.38 30.94 35.29
CA ILE F 240 -13.87 30.11 36.36
C ILE F 240 -13.44 30.92 37.57
N ASP F 241 -13.05 32.18 37.35
CA ASP F 241 -12.40 32.97 38.41
C ASP F 241 -13.21 33.04 39.69
N ASP F 242 -14.51 32.73 39.66
CA ASP F 242 -15.39 32.96 40.80
C ASP F 242 -15.93 31.64 41.35
N LYS F 243 -16.01 31.56 42.68
CA LYS F 243 -16.51 30.37 43.35
C LYS F 243 -18.01 30.20 43.18
N ASP F 244 -18.74 31.30 43.03
CA ASP F 244 -20.17 31.28 42.74
C ASP F 244 -20.45 31.50 41.26
N ALA F 245 -19.59 31.01 40.39
CA ALA F 245 -19.78 31.08 38.94
C ALA F 245 -19.78 29.63 38.44
N LEU F 246 -20.97 29.05 38.30
CA LEU F 246 -21.09 27.68 37.87
C LEU F 246 -20.78 27.56 36.39
N VAL F 247 -19.50 27.35 36.07
CA VAL F 247 -19.06 27.31 34.69
C VAL F 247 -19.69 26.11 33.97
N PHE F 248 -19.97 26.29 32.69
CA PHE F 248 -20.45 25.20 31.85
C PHE F 248 -19.72 25.24 30.51
N VAL F 249 -19.40 24.07 29.99
CA VAL F 249 -18.64 23.96 28.75
C VAL F 249 -19.51 23.19 27.77
N LEU F 250 -20.32 23.90 27.00
CA LEU F 250 -21.25 23.29 26.06
C LEU F 250 -20.66 23.33 24.66
N ILE F 251 -20.51 22.16 24.07
CA ILE F 251 -19.94 22.01 22.73
C ILE F 251 -20.90 21.16 21.92
N ASP F 252 -21.31 21.67 20.76
CA ASP F 252 -22.17 20.88 19.91
C ASP F 252 -21.33 19.94 19.06
N GLN F 253 -21.91 18.79 18.72
CA GLN F 253 -21.32 17.79 17.83
C GLN F 253 -19.82 17.61 18.08
N VAL F 254 -19.51 17.17 19.31
CA VAL F 254 -18.14 17.25 19.80
C VAL F 254 -17.20 16.42 18.93
N GLU F 255 -17.62 15.20 18.54
CA GLU F 255 -16.74 14.39 17.69
C GLU F 255 -16.94 14.67 16.22
N SER F 256 -18.04 15.33 15.85
CA SER F 256 -18.28 15.66 14.46
C SER F 256 -17.18 16.56 13.91
N LEU F 257 -16.22 16.91 14.77
CA LEU F 257 -15.00 17.57 14.31
C LEU F 257 -14.33 16.79 13.19
N THR F 258 -14.47 15.45 13.20
CA THR F 258 -13.90 14.61 12.16
C THR F 258 -14.92 14.23 11.09
N ALA F 259 -15.95 15.06 10.89
CA ALA F 259 -16.91 14.79 9.82
C ALA F 259 -16.44 15.35 8.48
N ALA F 260 -16.26 16.66 8.40
CA ALA F 260 -15.78 17.31 7.17
C ALA F 260 -14.27 17.55 7.25
N ARG F 261 -13.53 16.47 7.43
CA ARG F 261 -12.07 16.54 7.41
C ARG F 261 -11.48 15.31 6.74
N ASP F 272 -7.88 23.75 7.89
CA ASP F 272 -6.78 23.75 8.84
C ASP F 272 -7.26 24.15 10.24
N ALA F 273 -8.40 23.59 10.64
CA ALA F 273 -8.95 23.77 11.98
C ALA F 273 -8.35 22.78 12.98
N ILE F 274 -7.17 22.24 12.69
CA ILE F 274 -6.57 21.23 13.55
C ILE F 274 -6.10 21.85 14.86
N ARG F 275 -5.45 23.01 14.81
CA ARG F 275 -5.10 23.65 16.07
C ARG F 275 -6.33 24.01 16.88
N VAL F 276 -7.42 24.38 16.22
CA VAL F 276 -8.69 24.53 16.94
C VAL F 276 -8.98 23.26 17.71
N VAL F 277 -8.87 22.11 17.04
CA VAL F 277 -9.11 20.83 17.68
C VAL F 277 -8.26 20.69 18.94
N ASN F 278 -6.94 20.74 18.77
CA ASN F 278 -6.08 20.37 19.89
C ASN F 278 -6.06 21.45 20.96
N ALA F 279 -6.30 22.71 20.62
CA ALA F 279 -6.42 23.75 21.63
C ALA F 279 -7.64 23.51 22.49
N VAL F 280 -8.78 23.22 21.86
CA VAL F 280 -9.96 22.88 22.64
C VAL F 280 -9.68 21.66 23.51
N LEU F 281 -8.98 20.66 22.95
CA LEU F 281 -8.66 19.45 23.71
C LEU F 281 -7.83 19.76 24.96
N THR F 282 -6.72 20.47 24.77
CA THR F 282 -5.84 20.80 25.89
C THR F 282 -6.57 21.64 26.92
N GLN F 283 -7.38 22.60 26.47
CA GLN F 283 -8.15 23.39 27.42
C GLN F 283 -9.09 22.50 28.22
N ILE F 284 -9.78 21.56 27.55
CA ILE F 284 -10.60 20.59 28.26
C ILE F 284 -9.82 19.95 29.37
N ASP F 285 -8.72 19.28 29.01
CA ASP F 285 -8.01 18.48 29.99
C ASP F 285 -7.26 19.32 31.01
N GLN F 286 -7.12 20.62 30.77
CA GLN F 286 -6.35 21.49 31.66
C GLN F 286 -7.19 22.33 32.60
N ILE F 287 -8.46 22.60 32.28
CA ILE F 287 -9.29 23.37 33.18
C ILE F 287 -10.27 22.48 33.93
N LYS F 288 -10.11 21.16 33.83
CA LYS F 288 -10.96 20.26 34.61
C LYS F 288 -10.78 20.47 36.10
N ARG F 289 -9.55 20.70 36.55
CA ARG F 289 -9.27 20.80 37.98
C ARG F 289 -9.99 21.96 38.64
N HIS F 290 -10.46 22.94 37.86
CA HIS F 290 -11.23 24.03 38.45
C HIS F 290 -12.57 23.51 38.91
N SER F 291 -12.91 23.76 40.17
CA SER F 291 -14.07 23.11 40.75
C SER F 291 -15.37 23.62 40.16
N ASN F 292 -15.44 24.91 39.80
CA ASN F 292 -16.68 25.44 39.24
C ASN F 292 -16.87 25.09 37.77
N VAL F 293 -15.94 24.35 37.17
CA VAL F 293 -16.05 23.94 35.77
C VAL F 293 -17.05 22.80 35.63
N VAL F 294 -17.86 22.86 34.58
CA VAL F 294 -18.71 21.75 34.17
C VAL F 294 -18.59 21.61 32.67
N ILE F 295 -18.35 20.41 32.19
CA ILE F 295 -18.09 20.16 30.78
C ILE F 295 -19.32 19.52 30.18
N LEU F 296 -19.98 20.25 29.28
CA LEU F 296 -21.23 19.79 28.66
C LEU F 296 -20.90 19.36 27.23
N THR F 297 -20.48 18.12 27.09
CA THR F 297 -20.18 17.60 25.76
C THR F 297 -21.42 16.99 25.14
N THR F 298 -21.51 17.13 23.81
CA THR F 298 -22.65 16.63 23.05
C THR F 298 -22.11 15.88 21.86
N SER F 299 -22.36 14.57 21.82
CA SER F 299 -21.79 13.72 20.77
C SER F 299 -22.27 14.16 19.39
N ASN F 300 -23.58 14.06 19.16
CA ASN F 300 -24.20 14.21 17.85
C ASN F 300 -23.69 13.14 16.87
N ILE F 301 -22.95 12.15 17.38
CA ILE F 301 -22.55 10.97 16.63
C ILE F 301 -22.56 9.78 17.58
N THR F 302 -23.18 8.70 17.15
CA THR F 302 -23.36 7.54 18.01
C THR F 302 -22.17 6.59 17.85
N GLU F 303 -21.34 6.49 18.90
CA GLU F 303 -20.38 5.41 19.05
C GLU F 303 -19.28 5.42 17.99
N LYS F 304 -19.22 6.47 17.17
CA LYS F 304 -18.12 6.67 16.23
C LYS F 304 -17.09 7.66 16.73
N ILE F 305 -16.81 7.68 18.03
CA ILE F 305 -16.01 8.72 18.65
C ILE F 305 -14.58 8.22 18.84
N ASP F 306 -13.62 9.09 18.53
CA ASP F 306 -12.21 8.74 18.60
C ASP F 306 -11.73 8.79 20.05
N VAL F 307 -10.41 8.73 20.24
CA VAL F 307 -9.84 8.56 21.57
C VAL F 307 -9.89 9.88 22.34
N ALA F 308 -9.37 10.95 21.73
CA ALA F 308 -9.09 12.19 22.46
C ALA F 308 -10.29 12.72 23.24
N PHE F 309 -11.50 12.30 22.88
CA PHE F 309 -12.70 12.98 23.35
C PHE F 309 -13.39 12.27 24.51
N VAL F 310 -13.87 11.04 24.28
CA VAL F 310 -14.97 10.48 25.06
C VAL F 310 -14.65 9.14 25.70
N ASP F 311 -13.67 8.40 25.20
CA ASP F 311 -13.12 7.35 26.04
C ASP F 311 -12.54 7.94 27.31
N ARG F 312 -12.22 9.23 27.26
CA ARG F 312 -11.91 10.05 28.42
C ARG F 312 -13.09 10.20 29.37
N ALA F 313 -14.32 9.99 28.90
CA ALA F 313 -15.49 10.26 29.73
C ALA F 313 -15.51 9.36 30.96
N ASP F 314 -16.36 9.75 31.93
CA ASP F 314 -16.50 8.98 33.15
C ASP F 314 -17.97 8.64 33.39
N ILE F 315 -18.88 9.41 32.81
CA ILE F 315 -20.30 9.08 32.85
C ILE F 315 -20.90 9.40 31.49
N LYS F 316 -21.68 8.45 30.97
CA LYS F 316 -22.26 8.49 29.64
C LYS F 316 -23.73 8.12 29.75
N GLN F 317 -24.42 8.18 28.63
CA GLN F 317 -25.78 7.65 28.53
C GLN F 317 -26.20 7.61 27.07
N TYR F 318 -27.06 6.66 26.74
CA TYR F 318 -27.70 6.58 25.44
C TYR F 318 -29.20 6.50 25.62
N ILE F 319 -29.93 7.27 24.82
CA ILE F 319 -31.39 7.28 24.84
C ILE F 319 -31.92 7.21 23.41
N GLY F 320 -32.95 6.39 23.21
CA GLY F 320 -33.52 6.17 21.90
C GLY F 320 -34.43 7.30 21.48
N PRO F 321 -35.56 6.95 20.87
CA PRO F 321 -36.48 7.98 20.36
C PRO F 321 -37.23 8.63 21.51
N PRO F 322 -37.62 9.89 21.36
CA PRO F 322 -38.36 10.57 22.43
C PRO F 322 -39.73 9.92 22.66
N SER F 323 -40.29 10.23 23.82
CA SER F 323 -41.53 9.61 24.25
C SER F 323 -42.71 10.10 23.42
N ALA F 324 -43.85 9.42 23.61
CA ALA F 324 -45.10 9.89 23.03
C ALA F 324 -45.32 11.36 23.35
N ALA F 325 -44.90 11.80 24.52
CA ALA F 325 -45.05 13.19 24.90
C ALA F 325 -44.25 14.11 23.98
N ALA F 326 -42.97 13.84 23.81
CA ALA F 326 -42.14 14.72 23.00
C ALA F 326 -42.51 14.60 21.53
N ILE F 327 -42.84 13.39 21.08
CA ILE F 327 -43.41 13.23 19.75
C ILE F 327 -44.60 14.17 19.59
N PHE F 328 -45.46 14.23 20.62
CA PHE F 328 -46.62 15.09 20.56
C PHE F 328 -46.21 16.54 20.47
N LYS F 329 -45.21 16.95 21.24
CA LYS F 329 -44.75 18.32 21.20
C LYS F 329 -44.24 18.71 19.82
N ILE F 330 -43.53 17.79 19.16
CA ILE F 330 -43.04 18.09 17.83
C ILE F 330 -44.21 18.18 16.86
N TYR F 331 -45.17 17.28 16.99
CA TYR F 331 -46.41 17.42 16.25
C TYR F 331 -47.05 18.79 16.52
N LEU F 332 -46.94 19.28 17.75
CA LEU F 332 -47.55 20.54 18.10
C LEU F 332 -46.84 21.69 17.40
N SER F 333 -45.51 21.67 17.42
CA SER F 333 -44.74 22.62 16.64
C SER F 333 -45.24 22.66 15.21
N CYS F 334 -45.37 21.48 14.61
CA CYS F 334 -45.84 21.39 13.24
C CYS F 334 -47.23 22.01 13.10
N LEU F 335 -48.16 21.61 13.96
CA LEU F 335 -49.54 22.04 13.82
C LEU F 335 -49.70 23.53 14.13
N GLU F 336 -48.75 24.11 14.87
CA GLU F 336 -48.77 25.55 15.06
C GLU F 336 -48.27 26.26 13.81
N GLU F 337 -47.15 25.78 13.26
CA GLU F 337 -46.69 26.26 11.97
C GLU F 337 -47.79 26.18 10.92
N LEU F 338 -48.66 25.18 11.03
CA LEU F 338 -49.72 24.97 10.04
C LEU F 338 -50.90 25.88 10.33
N MET F 339 -51.33 25.94 11.59
CA MET F 339 -52.33 26.90 11.99
C MET F 339 -51.79 28.32 12.01
N LYS F 340 -50.58 28.53 11.51
CA LYS F 340 -50.09 29.90 11.33
C LYS F 340 -50.88 30.66 10.28
N CYS F 341 -51.31 29.99 9.21
CA CYS F 341 -51.95 30.69 8.10
C CYS F 341 -53.12 29.89 7.52
N GLN F 342 -53.85 29.16 8.35
CA GLN F 342 -54.93 28.26 7.93
C GLN F 342 -54.42 27.13 7.07
N ILE F 343 -53.13 26.81 7.15
CA ILE F 343 -52.55 25.80 6.27
C ILE F 343 -53.29 24.48 6.46
N ILE F 344 -53.48 24.08 7.71
CA ILE F 344 -54.42 23.04 8.07
C ILE F 344 -55.41 23.69 9.04
N TYR F 345 -56.67 23.74 8.63
CA TYR F 345 -57.65 24.63 9.25
C TYR F 345 -58.98 23.93 9.47
N ARG F 347 -60.34 26.36 13.50
CA ARG F 347 -59.16 25.86 14.19
C ARG F 347 -59.50 25.18 15.50
N GLN F 348 -58.53 24.45 16.03
CA GLN F 348 -58.59 23.90 17.37
C GLN F 348 -57.21 24.04 17.98
N GLN F 349 -57.07 24.90 18.98
CA GLN F 349 -55.78 25.06 19.64
C GLN F 349 -55.32 23.70 20.16
N LEU F 350 -54.01 23.53 20.18
CA LEU F 350 -53.42 22.22 20.41
C LEU F 350 -53.45 21.89 21.89
N LEU F 351 -54.20 20.86 22.26
CA LEU F 351 -54.28 20.47 23.67
C LEU F 351 -52.96 19.85 24.09
N THR F 352 -52.05 20.66 24.64
CA THR F 352 -50.71 20.18 24.92
C THR F 352 -50.74 19.13 26.02
N LEU F 353 -49.56 18.56 26.28
CA LEU F 353 -49.44 17.43 27.18
C LEU F 353 -50.01 17.74 28.56
N ARG F 354 -49.51 18.79 29.20
CA ARG F 354 -50.05 19.15 30.50
C ARG F 354 -51.51 19.58 30.39
N GLU F 355 -51.90 20.13 29.24
CA GLU F 355 -53.31 20.38 29.00
C GLU F 355 -54.08 19.06 28.92
N LEU F 356 -53.48 18.04 28.31
CA LEU F 356 -54.10 16.72 28.30
C LEU F 356 -54.26 16.20 29.73
N GLU F 357 -53.32 16.55 30.60
CA GLU F 357 -53.35 16.04 31.96
C GLU F 357 -54.39 16.77 32.80
N MET F 358 -54.44 18.10 32.70
CA MET F 358 -55.33 18.89 33.55
C MET F 358 -56.79 18.58 33.27
N ILE F 359 -57.13 18.25 32.03
CA ILE F 359 -58.53 18.08 31.63
C ILE F 359 -59.09 16.78 32.18
N GLY F 360 -58.27 16.03 32.92
CA GLY F 360 -58.75 14.77 33.45
C GLY F 360 -59.16 13.78 32.40
N PHE F 361 -58.61 13.90 31.19
CA PHE F 361 -58.87 12.99 30.09
C PHE F 361 -60.35 12.99 29.70
N ILE F 362 -60.83 14.16 29.28
CA ILE F 362 -62.18 14.31 28.73
C ILE F 362 -62.06 14.11 27.23
N GLU F 363 -62.18 12.86 26.79
CA GLU F 363 -62.08 12.56 25.37
C GLU F 363 -63.23 13.22 24.63
N ASN F 364 -62.92 14.28 23.90
CA ASN F 364 -63.94 15.14 23.32
C ASN F 364 -63.40 15.70 22.01
N ASN F 365 -64.01 16.81 21.56
CA ASN F 365 -63.74 17.43 20.27
C ASN F 365 -62.27 17.35 19.85
N VAL F 366 -61.37 17.77 20.72
CA VAL F 366 -59.95 17.81 20.40
C VAL F 366 -59.14 16.79 21.18
N SER F 367 -59.56 16.43 22.39
CA SER F 367 -58.77 15.51 23.21
C SER F 367 -58.53 14.17 22.53
N LYS F 368 -59.35 13.81 21.54
CA LYS F 368 -59.10 12.61 20.77
C LYS F 368 -57.66 12.58 20.26
N LEU F 369 -57.09 13.75 19.99
CA LEU F 369 -55.68 13.85 19.62
C LEU F 369 -54.87 12.84 20.40
N SER F 370 -54.99 12.89 21.73
CA SER F 370 -54.25 12.02 22.64
C SER F 370 -54.23 10.59 22.13
N LEU F 371 -55.42 9.99 22.05
CA LEU F 371 -55.48 8.59 21.63
C LEU F 371 -54.86 8.44 20.25
N LEU F 372 -55.25 9.30 19.31
CA LEU F 372 -54.66 9.23 17.99
C LEU F 372 -53.19 9.59 18.06
N LEU F 373 -52.84 10.57 18.89
CA LEU F 373 -51.45 10.78 19.27
C LEU F 373 -50.83 9.46 19.65
N ASN F 374 -51.41 8.80 20.66
CA ASN F 374 -50.91 7.49 21.06
C ASN F 374 -50.94 6.54 19.87
N ASP F 375 -51.98 6.60 19.05
CA ASP F 375 -51.99 5.86 17.80
C ASP F 375 -50.77 6.23 16.98
N ILE F 376 -50.61 7.53 16.73
CA ILE F 376 -49.50 8.05 15.96
C ILE F 376 -48.25 8.07 16.84
N SER F 377 -48.38 7.55 18.06
CA SER F 377 -47.22 7.22 18.87
C SER F 377 -47.13 5.74 19.22
N ARG F 378 -48.11 4.94 18.79
CA ARG F 378 -48.13 3.52 19.12
C ARG F 378 -46.84 2.84 18.66
N LYS F 379 -46.61 2.82 17.36
CA LYS F 379 -45.39 2.27 16.81
C LYS F 379 -44.40 3.35 16.37
N SER F 380 -44.68 4.62 16.71
CA SER F 380 -43.76 5.70 16.39
C SER F 380 -42.38 5.50 17.01
N GLU F 381 -42.25 4.60 17.97
CA GLU F 381 -40.96 4.28 18.54
C GLU F 381 -40.02 3.78 17.45
N GLY F 382 -39.00 4.57 17.13
CA GLY F 382 -38.08 4.21 16.07
C GLY F 382 -37.90 5.31 15.04
N LEU F 383 -38.72 6.34 15.14
CA LEU F 383 -38.60 7.48 14.24
C LEU F 383 -37.30 8.22 14.48
N SER F 384 -36.95 9.09 13.55
CA SER F 384 -35.88 10.06 13.73
C SER F 384 -36.46 11.46 13.66
N GLY F 385 -35.89 12.37 14.44
CA GLY F 385 -36.38 13.75 14.44
C GLY F 385 -36.53 14.31 13.04
N ARG F 386 -35.55 14.05 12.18
CA ARG F 386 -35.70 14.33 10.77
C ARG F 386 -36.99 13.70 10.24
N VAL F 387 -37.11 12.39 10.36
CA VAL F 387 -38.30 11.71 9.87
C VAL F 387 -39.53 12.14 10.67
N LEU F 388 -39.37 12.37 11.98
CA LEU F 388 -40.47 12.88 12.78
C LEU F 388 -41.12 14.09 12.12
N ARG F 389 -40.34 15.16 11.95
CA ARG F 389 -40.90 16.37 11.36
C ARG F 389 -41.24 16.17 9.90
N LYS F 390 -40.58 15.22 9.25
CA LYS F 390 -40.90 14.88 7.88
C LYS F 390 -42.32 14.33 7.77
N LEU F 391 -42.78 13.66 8.83
CA LEU F 391 -44.06 12.94 8.77
C LEU F 391 -45.21 13.85 8.39
N PRO F 392 -45.55 14.90 9.16
CA PRO F 392 -46.75 15.68 8.83
C PRO F 392 -46.73 16.21 7.41
N PHE F 393 -45.56 16.65 6.96
CA PHE F 393 -45.34 16.98 5.56
C PHE F 393 -45.84 15.88 4.64
N LEU F 394 -45.35 14.66 4.84
CA LEU F 394 -45.73 13.56 3.97
C LEU F 394 -47.21 13.25 4.07
N ALA F 395 -47.77 13.27 5.28
CA ALA F 395 -49.20 13.07 5.44
C ALA F 395 -49.97 14.04 4.58
N HIS F 396 -49.71 15.33 4.75
CA HIS F 396 -50.35 16.33 3.93
C HIS F 396 -50.13 16.06 2.45
N ALA F 397 -48.99 15.45 2.11
CA ALA F 397 -48.74 15.13 0.71
C ALA F 397 -49.68 14.02 0.21
N LEU F 398 -49.90 13.01 1.04
CA LEU F 398 -50.64 11.83 0.56
C LEU F 398 -52.12 12.13 0.39
N TYR F 399 -52.81 12.44 1.49
CA TYR F 399 -54.26 12.40 1.49
C TYR F 399 -54.91 13.77 1.39
N VAL F 400 -54.22 14.84 1.79
CA VAL F 400 -54.79 16.16 1.67
C VAL F 400 -54.94 16.55 0.21
N GLN F 401 -53.80 16.68 -0.50
CA GLN F 401 -53.77 17.07 -1.90
C GLN F 401 -54.55 18.36 -2.14
N ALA F 402 -54.86 19.06 -1.06
CA ALA F 402 -55.78 20.19 -1.06
C ALA F 402 -55.08 21.40 -0.46
N PRO F 403 -55.61 22.61 -0.66
CA PRO F 403 -55.04 23.76 0.04
C PRO F 403 -55.10 23.62 1.54
N THR F 404 -56.10 22.91 2.06
CA THR F 404 -56.28 22.74 3.49
C THR F 404 -57.42 21.76 3.73
N VAL F 405 -57.29 20.98 4.81
CA VAL F 405 -58.37 20.14 5.31
C VAL F 405 -58.54 20.44 6.79
N THR F 406 -59.70 20.07 7.33
CA THR F 406 -59.85 20.09 8.78
C THR F 406 -58.81 19.17 9.39
N ILE F 407 -58.34 19.53 10.58
CA ILE F 407 -57.17 18.88 11.13
C ILE F 407 -57.37 17.38 11.24
N GLU F 408 -58.60 16.95 11.53
CA GLU F 408 -58.85 15.53 11.85
C GLU F 408 -58.52 14.64 10.67
N GLY F 409 -58.89 15.06 9.46
CA GLY F 409 -58.48 14.34 8.27
C GLY F 409 -56.98 14.23 8.19
N PHE F 410 -56.29 15.35 8.41
CA PHE F 410 -54.83 15.31 8.42
C PHE F 410 -54.30 14.35 9.49
N LEU F 411 -55.01 14.25 10.60
CA LEU F 411 -54.55 13.44 11.71
C LEU F 411 -54.61 11.97 11.36
N GLN F 412 -55.79 11.51 10.93
CA GLN F 412 -55.91 10.14 10.46
C GLN F 412 -54.98 9.90 9.27
N ALA F 413 -54.73 10.92 8.47
CA ALA F 413 -53.83 10.79 7.34
C ALA F 413 -52.41 10.50 7.81
N LEU F 414 -51.93 11.27 8.79
CA LEU F 414 -50.60 11.04 9.32
C LEU F 414 -50.53 9.72 10.05
N SER F 415 -51.62 9.31 10.69
CA SER F 415 -51.72 7.96 11.22
C SER F 415 -51.38 6.95 10.15
N LEU F 416 -52.10 7.01 9.03
CA LEU F 416 -51.86 6.06 7.95
C LEU F 416 -50.48 6.23 7.35
N ALA F 417 -49.94 7.44 7.34
CA ALA F 417 -48.62 7.67 6.80
C ALA F 417 -47.57 6.96 7.63
N VAL F 418 -47.62 7.15 8.95
CA VAL F 418 -46.73 6.43 9.84
C VAL F 418 -46.99 4.94 9.75
N ASP F 419 -48.23 4.55 9.50
CA ASP F 419 -48.54 3.15 9.28
C ASP F 419 -47.70 2.60 8.13
N LYS F 420 -47.71 3.30 7.00
CA LYS F 420 -46.77 3.02 5.92
C LYS F 420 -45.33 2.99 6.43
N GLN F 421 -44.92 4.06 7.11
CA GLN F 421 -43.51 4.26 7.43
C GLN F 421 -42.96 3.20 8.36
N PHE F 422 -43.82 2.50 9.09
CA PHE F 422 -43.38 1.36 9.89
C PHE F 422 -43.89 0.03 9.35
N GLU F 423 -44.58 0.03 8.21
CA GLU F 423 -44.61 -1.19 7.41
C GLU F 423 -43.25 -1.49 6.80
N GLU F 424 -42.34 -0.52 6.84
CA GLU F 424 -41.06 -0.57 6.15
C GLU F 424 -40.12 -1.58 6.78
N CYS G 54 33.06 15.23 -12.73
CA CYS G 54 33.85 16.45 -12.66
C CYS G 54 34.99 16.32 -11.66
N MET G 55 36.00 17.17 -11.82
CA MET G 55 37.20 17.15 -11.00
C MET G 55 37.78 18.56 -10.98
N VAL G 56 38.16 19.03 -9.79
CA VAL G 56 38.65 20.39 -9.68
C VAL G 56 39.83 20.47 -8.72
N PRO G 57 40.99 20.90 -9.18
CA PRO G 57 42.09 21.23 -8.26
C PRO G 57 42.02 22.67 -7.81
N VAL G 58 43.02 23.12 -7.05
CA VAL G 58 43.10 24.49 -6.59
C VAL G 58 44.53 24.99 -6.76
N VAL G 59 44.68 26.23 -7.21
CA VAL G 59 45.98 26.78 -7.56
C VAL G 59 46.37 27.83 -6.53
N PHE G 60 47.47 27.57 -5.82
CA PHE G 60 48.04 28.55 -4.92
C PHE G 60 49.47 28.87 -5.32
N PRO G 61 49.89 30.12 -5.23
CA PRO G 61 51.29 30.46 -5.49
C PRO G 61 52.18 30.16 -4.28
N GLY G 62 51.62 30.35 -3.09
CA GLY G 62 52.38 30.22 -1.87
C GLY G 62 52.10 28.94 -1.13
N PRO G 63 53.13 28.40 -0.47
CA PRO G 63 52.95 27.20 0.35
C PRO G 63 52.36 27.53 1.71
N VAL G 64 52.28 26.55 2.59
CA VAL G 64 51.75 26.79 3.92
C VAL G 64 52.77 26.34 4.95
N GLN G 66 51.79 26.53 7.78
CA GLN G 66 51.45 25.11 7.84
C GLN G 66 50.01 24.93 8.25
N GLU G 67 49.63 25.62 9.33
CA GLU G 67 48.32 25.41 9.93
C GLU G 67 47.17 25.78 9.00
N GLY G 68 47.47 26.32 7.82
CA GLY G 68 46.43 26.61 6.85
C GLY G 68 45.53 25.43 6.62
N CYS G 69 46.13 24.29 6.29
CA CYS G 69 45.40 23.06 6.03
C CYS G 69 44.24 22.86 7.00
N CYS G 70 44.51 23.12 8.28
CA CYS G 70 43.52 22.92 9.32
C CYS G 70 42.24 23.68 9.02
N GLN G 71 42.33 25.00 9.02
CA GLN G 71 41.14 25.79 8.81
C GLN G 71 40.61 25.65 7.39
N PHE G 72 41.48 25.27 6.45
CA PHE G 72 41.03 24.93 5.12
C PHE G 72 39.96 23.85 5.19
N THR G 73 40.35 22.70 5.72
CA THR G 73 39.40 21.60 5.92
C THR G 73 38.22 22.03 6.75
N CYS G 74 38.47 22.82 7.80
CA CYS G 74 37.39 23.23 8.68
C CYS G 74 36.30 23.94 7.90
N GLU G 75 36.65 25.08 7.30
CA GLU G 75 35.67 25.86 6.57
C GLU G 75 35.12 25.09 5.38
N LEU G 76 35.92 24.23 4.76
CA LEU G 76 35.39 23.45 3.64
C LEU G 76 34.29 22.52 4.11
N LEU G 77 34.60 21.66 5.07
CA LEU G 77 33.60 20.85 5.73
C LEU G 77 32.35 21.63 6.06
N LYS G 78 32.52 22.76 6.73
CA LYS G 78 31.37 23.57 7.12
C LYS G 78 30.53 23.94 5.92
N HIS G 79 31.15 24.66 4.99
CA HIS G 79 30.59 25.06 3.72
C HIS G 79 29.79 23.93 3.11
N ILE G 80 30.38 22.74 3.09
CA ILE G 80 29.73 21.60 2.45
C ILE G 80 28.48 21.24 3.21
N MET G 81 28.63 20.89 4.50
CA MET G 81 27.50 20.47 5.30
C MET G 81 26.35 21.45 5.20
N TYR G 82 26.65 22.72 4.98
CA TYR G 82 25.55 23.61 4.66
C TYR G 82 25.01 23.34 3.27
N GLN G 83 25.89 23.38 2.26
CA GLN G 83 25.44 23.25 0.89
C GLN G 83 24.75 21.92 0.62
N ARG G 84 24.74 21.00 1.58
CA ARG G 84 23.89 19.83 1.50
C ARG G 84 22.83 19.86 2.59
N GLN G 85 22.42 21.06 2.97
CA GLN G 85 21.17 21.26 3.69
C GLN G 85 21.20 20.64 5.07
N GLN G 86 22.31 20.01 5.42
CA GLN G 86 22.37 19.28 6.68
C GLN G 86 22.15 20.21 7.85
N LEU G 87 22.50 21.48 7.70
CA LEU G 87 22.30 22.45 8.74
C LEU G 87 21.64 23.69 8.16
N PRO G 88 20.69 24.27 8.88
CA PRO G 88 19.90 25.38 8.31
C PRO G 88 20.73 26.56 7.85
N LEU G 89 21.85 26.85 8.49
CA LEU G 89 22.67 27.99 8.11
C LEU G 89 24.13 27.63 8.25
N PRO G 90 25.01 28.34 7.56
CA PRO G 90 26.44 28.09 7.72
C PRO G 90 26.87 28.22 9.18
N TYR G 91 27.73 27.30 9.59
CA TYR G 91 28.18 27.28 10.98
C TYR G 91 28.83 28.59 11.38
N GLU G 92 29.43 29.30 10.42
CA GLU G 92 29.99 30.59 10.74
C GLU G 92 28.91 31.54 11.26
N GLN G 93 27.68 31.40 10.80
CA GLN G 93 26.59 32.23 11.28
C GLN G 93 25.68 31.53 12.27
N LEU G 94 25.89 30.25 12.55
CA LEU G 94 25.01 29.59 13.49
C LEU G 94 25.19 30.09 14.91
N LYS G 95 26.04 31.09 15.13
CA LYS G 95 26.29 31.63 16.45
C LYS G 95 25.05 32.19 17.13
N HIS G 96 23.95 32.34 16.40
CA HIS G 96 22.69 32.69 17.02
C HIS G 96 22.12 31.47 17.73
N PHE G 97 20.91 31.63 18.29
CA PHE G 97 20.12 30.53 18.87
C PHE G 97 20.96 29.63 19.77
N TYR G 98 22.02 30.17 20.34
CA TYR G 98 22.96 29.41 21.15
C TYR G 98 23.54 28.24 20.38
N ARG G 122 15.94 20.47 20.54
CA ARG G 122 16.94 19.68 21.24
C ARG G 122 18.00 19.18 20.28
N LYS G 123 17.54 18.59 19.18
CA LYS G 123 18.44 18.08 18.16
C LYS G 123 19.39 19.17 17.67
N CYS G 124 18.91 20.41 17.64
CA CYS G 124 19.68 21.52 17.10
C CYS G 124 21.03 21.67 17.79
N GLN G 125 21.00 22.00 19.07
CA GLN G 125 22.25 22.27 19.78
C GLN G 125 23.07 21.01 19.94
N GLN G 126 22.43 19.86 20.13
CA GLN G 126 23.21 18.65 20.35
C GLN G 126 23.95 18.24 19.09
N ALA G 127 23.29 18.35 17.93
CA ALA G 127 23.98 18.07 16.69
C ALA G 127 25.06 19.09 16.41
N LEU G 128 24.80 20.35 16.74
CA LEU G 128 25.84 21.36 16.53
C LEU G 128 27.05 21.07 17.41
N ALA G 129 26.82 20.56 18.62
CA ALA G 129 27.93 20.25 19.51
C ALA G 129 28.70 19.03 19.03
N GLU G 130 27.98 18.02 18.53
CA GLU G 130 28.59 16.96 17.73
C GLU G 130 29.59 17.55 16.76
N LEU G 131 29.08 18.46 15.93
CA LEU G 131 29.93 19.10 14.91
C LEU G 131 31.11 19.82 15.52
N GLU G 132 30.89 20.51 16.64
CA GLU G 132 31.98 21.27 17.25
C GLU G 132 33.08 20.36 17.75
N SER G 133 32.70 19.26 18.42
CA SER G 133 33.68 18.28 18.84
C SER G 133 34.47 17.78 17.64
N VAL G 134 33.76 17.50 16.54
CA VAL G 134 34.42 17.12 15.30
C VAL G 134 35.50 18.13 14.94
N LEU G 135 35.08 19.38 14.77
CA LEU G 135 35.99 20.46 14.40
C LEU G 135 37.20 20.52 15.32
N SER G 136 36.95 20.47 16.62
CA SER G 136 38.02 20.64 17.59
C SER G 136 39.05 19.54 17.44
N HIS G 137 38.59 18.30 17.43
CA HIS G 137 39.55 17.22 17.31
C HIS G 137 40.22 17.24 15.95
N LEU G 138 39.55 17.76 14.92
CA LEU G 138 40.22 17.97 13.65
C LEU G 138 41.42 18.89 13.82
N GLU G 139 41.19 20.03 14.46
CA GLU G 139 42.30 20.94 14.72
C GLU G 139 43.40 20.24 15.50
N ASP G 140 43.00 19.43 16.49
CA ASP G 140 43.97 18.64 17.24
C ASP G 140 44.83 17.81 16.29
N PHE G 141 44.16 17.10 15.39
CA PHE G 141 44.82 16.15 14.52
C PHE G 141 45.79 16.85 13.58
N PHE G 142 45.33 17.90 12.93
CA PHE G 142 46.19 18.66 12.03
C PHE G 142 47.38 19.24 12.78
N ALA G 143 47.15 19.68 14.02
CA ALA G 143 48.27 20.17 14.82
C ALA G 143 49.27 19.05 15.07
N ARG G 144 48.79 17.82 15.25
CA ARG G 144 49.72 16.72 15.51
C ARG G 144 50.58 16.43 14.30
N THR G 145 49.98 16.05 13.18
CA THR G 145 50.73 15.60 12.02
C THR G 145 50.08 16.15 10.77
N LEU G 146 50.65 15.77 9.64
CA LEU G 146 50.16 16.23 8.35
C LEU G 146 49.10 15.28 7.82
N VAL G 147 48.43 15.72 6.75
CA VAL G 147 47.34 14.98 6.12
C VAL G 147 47.50 15.06 4.62
N PRO G 148 47.46 13.97 3.91
CA PRO G 148 47.44 14.04 2.45
C PRO G 148 46.05 14.25 1.90
N ARG G 149 45.05 13.63 2.52
CA ARG G 149 43.71 13.53 1.96
C ARG G 149 42.72 13.48 3.11
N VAL G 150 41.63 14.22 2.95
CA VAL G 150 40.55 14.25 3.91
C VAL G 150 39.28 13.78 3.21
N LEU G 151 38.47 13.02 3.93
CA LEU G 151 37.26 12.48 3.36
C LEU G 151 36.07 12.96 4.15
N ILE G 152 34.97 13.26 3.46
CA ILE G 152 33.74 13.62 4.13
C ILE G 152 32.59 12.88 3.47
N LEU G 153 31.86 12.13 4.27
CA LEU G 153 30.83 11.25 3.77
C LEU G 153 29.45 11.81 4.03
N LEU G 154 28.49 11.29 3.27
CA LEU G 154 27.08 11.57 3.47
C LEU G 154 26.37 10.24 3.31
N GLY G 155 25.83 9.73 4.42
CA GLY G 155 25.12 8.48 4.38
C GLY G 155 26.01 7.31 4.02
N GLY G 156 25.36 6.21 3.63
CA GLY G 156 26.10 5.01 3.36
C GLY G 156 26.77 4.51 4.62
N ASN G 157 28.04 4.14 4.49
CA ASN G 157 28.83 3.71 5.64
C ASN G 157 30.22 4.29 5.47
N ALA G 158 31.17 3.76 6.25
CA ALA G 158 32.56 4.12 6.07
C ALA G 158 33.11 3.59 4.76
N LEU G 159 32.59 2.47 4.27
CA LEU G 159 33.14 1.84 3.07
C LEU G 159 32.30 2.10 1.84
N SER G 160 31.25 2.90 1.97
CA SER G 160 30.44 3.31 0.84
C SER G 160 29.56 4.48 1.26
N PRO G 161 29.57 5.55 0.52
CA PRO G 161 28.76 6.71 0.88
C PRO G 161 27.44 6.71 0.14
N LYS G 162 26.47 7.48 0.63
CA LYS G 162 25.47 7.98 -0.29
C LYS G 162 26.08 9.02 -1.21
N GLU G 163 27.00 9.82 -0.69
CA GLU G 163 27.86 10.65 -1.52
C GLU G 163 29.05 11.08 -0.68
N PHE G 164 30.07 11.62 -1.35
CA PHE G 164 31.30 11.92 -0.62
C PHE G 164 32.04 13.07 -1.27
N TYR G 165 32.97 13.63 -0.50
CA TYR G 165 33.85 14.69 -0.97
C TYR G 165 35.26 14.44 -0.48
N GLU G 166 36.18 14.47 -1.42
CA GLU G 166 37.60 14.29 -1.17
C GLU G 166 38.26 15.65 -1.16
N LEU G 167 39.18 15.84 -0.22
CA LEU G 167 39.87 17.09 -0.03
C LEU G 167 41.36 16.79 0.01
N ASP G 168 42.05 17.08 -1.10
CA ASP G 168 43.46 16.73 -1.21
C ASP G 168 44.30 17.72 -0.44
N LEU G 169 45.19 17.20 0.42
CA LEU G 169 46.27 17.99 1.01
C LEU G 169 47.63 17.36 0.73
N SER G 170 47.69 16.39 -0.18
CA SER G 170 48.94 15.68 -0.44
C SER G 170 50.06 16.60 -0.87
N LEU G 171 49.73 17.74 -1.46
CA LEU G 171 50.73 18.57 -2.12
C LEU G 171 51.32 19.62 -1.20
N LEU G 172 51.40 19.35 0.09
CA LEU G 172 51.77 20.37 1.05
C LEU G 172 52.79 19.85 2.05
N ALA G 173 53.70 20.74 2.44
CA ALA G 173 54.69 20.54 3.48
C ALA G 173 54.65 21.75 4.42
N PRO G 174 55.15 21.59 5.67
CA PRO G 174 55.13 22.70 6.62
C PRO G 174 55.96 23.89 6.15
N ASP G 178 57.47 30.16 5.71
CA ASP G 178 57.20 29.83 4.33
C ASP G 178 56.27 30.84 3.69
N GLN G 179 55.04 30.93 4.22
CA GLN G 179 54.04 31.84 3.67
C GLN G 179 53.99 33.12 4.49
N SER G 180 53.87 34.24 3.78
CA SER G 180 53.55 35.52 4.41
C SER G 180 52.17 36.03 4.03
N LEU G 181 51.50 35.37 3.10
CA LEU G 181 50.12 35.68 2.78
C LEU G 181 49.20 35.29 3.94
N SER G 182 47.98 35.80 3.89
CA SER G 182 46.99 35.51 4.92
C SER G 182 46.25 34.22 4.60
N THR G 183 46.01 33.42 5.64
CA THR G 183 45.23 32.19 5.48
C THR G 183 43.88 32.49 4.85
N ALA G 184 43.24 33.56 5.31
CA ALA G 184 41.96 33.97 4.73
C ALA G 184 42.06 34.19 3.24
N ALA G 185 43.23 34.64 2.76
CA ALA G 185 43.39 34.82 1.32
C ALA G 185 43.29 33.51 0.59
N CYS G 186 43.98 32.48 1.07
CA CYS G 186 43.85 31.16 0.46
C CYS G 186 42.43 30.65 0.58
N LEU G 187 41.79 30.85 1.74
CA LEU G 187 40.41 30.44 1.91
C LEU G 187 39.52 31.02 0.82
N ARG G 188 39.55 32.35 0.66
CA ARG G 188 38.64 32.99 -0.28
C ARG G 188 39.01 32.68 -1.71
N ARG G 189 40.31 32.56 -2.01
CA ARG G 189 40.72 32.15 -3.34
C ARG G 189 40.15 30.79 -3.69
N LEU G 190 40.37 29.82 -2.80
CA LEU G 190 39.89 28.47 -3.02
C LEU G 190 38.37 28.41 -3.08
N PHE G 191 37.68 29.26 -2.33
CA PHE G 191 36.23 29.17 -2.31
C PHE G 191 35.63 29.85 -3.53
N ARG G 192 36.22 30.95 -3.97
CA ARG G 192 35.88 31.53 -5.26
C ARG G 192 36.07 30.50 -6.35
N ALA G 193 37.13 29.69 -6.23
CA ALA G 193 37.32 28.59 -7.16
C ALA G 193 36.19 27.59 -7.07
N ILE G 194 35.85 27.16 -5.85
CA ILE G 194 34.77 26.21 -5.64
C ILE G 194 33.50 26.70 -6.32
N PHE G 195 33.15 27.95 -6.07
CA PHE G 195 32.05 28.58 -6.76
C PHE G 195 32.22 28.46 -8.26
N MET G 196 33.41 28.83 -8.76
CA MET G 196 33.71 28.65 -10.16
C MET G 196 33.94 27.18 -10.48
N ALA G 197 34.25 26.37 -9.47
CA ALA G 197 34.17 24.93 -9.64
C ALA G 197 32.74 24.45 -9.77
N ASP G 198 31.77 25.35 -9.68
CA ASP G 198 30.42 25.09 -10.14
C ASP G 198 29.77 23.95 -9.38
N ALA G 199 30.34 23.53 -8.26
CA ALA G 199 29.85 22.34 -7.59
C ALA G 199 28.50 22.63 -6.96
N PHE G 200 27.92 21.60 -6.34
CA PHE G 200 26.67 21.72 -5.63
C PHE G 200 25.57 22.22 -6.55
N SER G 201 25.46 21.56 -7.70
CA SER G 201 24.55 21.93 -8.78
C SER G 201 23.35 21.02 -8.85
N GLU G 202 22.79 20.63 -7.72
CA GLU G 202 21.77 19.60 -7.67
C GLU G 202 20.49 20.21 -7.14
N LEU G 203 19.55 20.46 -8.05
CA LEU G 203 18.22 20.91 -7.64
C LEU G 203 17.56 19.93 -6.68
N GLN G 204 18.01 18.68 -6.70
CA GLN G 204 17.38 17.59 -5.96
C GLN G 204 17.75 17.71 -4.49
N ALA G 205 16.94 18.45 -3.74
CA ALA G 205 17.16 18.65 -2.32
C ALA G 205 17.23 17.30 -1.61
N PRO G 206 18.39 16.91 -1.14
CA PRO G 206 18.52 15.62 -0.48
C PRO G 206 17.85 15.65 0.88
N PRO G 207 17.46 14.49 1.40
CA PRO G 207 16.86 14.44 2.73
C PRO G 207 17.91 14.70 3.80
N LEU G 208 17.48 14.62 5.05
CA LEU G 208 18.39 14.78 6.16
C LEU G 208 19.08 13.45 6.42
N MET G 209 20.40 13.47 6.49
CA MET G 209 21.19 12.27 6.27
C MET G 209 22.27 12.19 7.35
N GLY G 210 23.22 11.28 7.17
CA GLY G 210 24.30 11.08 8.12
C GLY G 210 25.64 11.45 7.51
N THR G 211 26.56 11.88 8.36
CA THR G 211 27.82 12.46 7.91
C THR G 211 28.98 11.97 8.75
N VAL G 212 30.06 11.59 8.09
CA VAL G 212 31.30 11.20 8.76
C VAL G 212 32.46 11.77 7.97
N VAL G 213 33.48 12.22 8.69
CA VAL G 213 34.69 12.77 8.10
C VAL G 213 35.85 11.84 8.38
N MET G 214 36.73 11.67 7.40
CA MET G 214 37.92 10.87 7.57
C MET G 214 39.08 11.56 6.88
N ALA G 215 40.28 11.10 7.21
CA ALA G 215 41.52 11.61 6.64
C ALA G 215 42.65 10.69 7.06
N GLN G 216 43.76 10.76 6.33
CA GLN G 216 44.91 9.95 6.72
C GLN G 216 45.74 10.65 7.77
N GLY G 217 46.58 9.87 8.45
CA GLY G 217 47.42 10.38 9.50
C GLY G 217 48.67 9.53 9.67
N HIS G 218 49.59 10.08 10.46
CA HIS G 218 50.89 9.46 10.70
C HIS G 218 50.72 8.02 11.15
N ARG G 219 51.66 7.18 10.73
CA ARG G 219 51.57 5.76 11.02
C ARG G 219 51.50 5.50 12.53
N ASN G 220 52.12 6.36 13.33
CA ASN G 220 52.29 6.11 14.75
C ASN G 220 52.01 7.35 15.59
N CYS G 221 51.22 8.28 15.07
CA CYS G 221 51.03 9.57 15.73
C CYS G 221 50.33 9.44 17.08
N GLY G 222 50.00 8.22 17.48
CA GLY G 222 49.34 8.04 18.76
C GLY G 222 48.00 8.73 18.89
N GLU G 223 47.39 9.08 17.76
CA GLU G 223 46.06 9.67 17.74
C GLU G 223 45.10 8.90 18.64
N ASP G 224 44.26 9.64 19.36
CA ASP G 224 43.36 8.99 20.30
C ASP G 224 41.90 9.16 19.92
N TRP G 225 41.44 10.38 19.69
CA TRP G 225 40.00 10.57 19.52
C TRP G 225 39.52 9.95 18.23
N PHE G 226 40.29 10.09 17.16
CA PHE G 226 39.98 9.38 15.93
C PHE G 226 40.27 7.89 16.12
N ARG G 227 40.01 7.13 15.07
CA ARG G 227 40.31 5.71 15.06
C ARG G 227 40.68 5.31 13.65
N PRO G 228 41.72 4.51 13.49
CA PRO G 228 42.14 4.10 12.15
C PRO G 228 41.18 3.09 11.55
N LYS G 229 41.34 2.85 10.26
CA LYS G 229 40.63 1.77 9.56
C LYS G 229 41.65 1.08 8.68
N LEU G 230 42.36 0.12 9.24
CA LEU G 230 43.50 -0.46 8.53
C LEU G 230 43.09 -1.20 7.28
N ASN G 231 41.80 -1.48 7.11
CA ASN G 231 41.31 -2.12 5.90
C ASN G 231 40.56 -1.16 5.01
N TYR G 232 40.64 0.14 5.28
CA TYR G 232 39.83 1.10 4.54
C TYR G 232 40.30 1.23 3.10
N ARG G 233 39.37 1.62 2.24
CA ARG G 233 39.65 1.99 0.86
C ARG G 233 38.73 3.13 0.48
N VAL G 234 39.19 3.97 -0.44
CA VAL G 234 38.32 4.99 -0.99
C VAL G 234 37.25 4.29 -1.80
N PRO G 235 35.98 4.47 -1.50
CA PRO G 235 34.94 3.94 -2.38
C PRO G 235 34.93 4.72 -3.68
N SER G 236 34.36 4.09 -4.71
CA SER G 236 34.46 4.61 -6.07
C SER G 236 33.08 4.84 -6.68
N ARG G 237 32.13 5.29 -5.89
CA ARG G 237 30.80 5.57 -6.42
C ARG G 237 30.28 6.84 -5.78
N GLY G 238 29.40 7.51 -6.51
CA GLY G 238 28.90 8.78 -6.04
C GLY G 238 29.99 9.81 -5.83
N HIS G 239 30.91 9.91 -6.80
CA HIS G 239 31.99 10.89 -6.69
C HIS G 239 31.42 12.27 -6.96
N LYS G 240 30.93 12.90 -5.92
CA LYS G 240 30.47 14.27 -6.03
C LYS G 240 31.61 15.17 -6.49
N LEU G 241 32.64 15.31 -5.66
CA LEU G 241 33.77 16.14 -6.04
C LEU G 241 34.96 15.85 -5.15
N THR G 242 36.09 15.57 -5.78
CA THR G 242 37.38 15.64 -5.10
C THR G 242 37.94 17.05 -5.27
N VAL G 243 38.03 17.77 -4.18
CA VAL G 243 38.71 19.07 -4.18
C VAL G 243 40.19 18.83 -4.02
N THR G 244 40.96 19.27 -5.01
CA THR G 244 42.39 19.03 -5.05
C THR G 244 43.11 20.38 -4.98
N LEU G 245 44.39 20.35 -4.64
CA LEU G 245 45.16 21.57 -4.44
C LEU G 245 46.32 21.64 -5.43
N SER G 246 46.98 22.80 -5.42
CA SER G 246 48.29 22.97 -6.03
C SER G 246 48.89 24.24 -5.46
N CYS G 247 49.98 24.11 -4.72
CA CYS G 247 50.63 25.26 -4.10
C CYS G 247 51.81 25.77 -4.90
N GLY G 248 52.03 25.25 -6.10
CA GLY G 248 53.13 25.70 -6.92
C GLY G 248 54.48 25.14 -6.53
N ARG G 249 54.52 24.00 -5.83
CA ARG G 249 55.79 23.40 -5.51
C ARG G 249 56.16 22.35 -6.56
N PRO G 250 57.45 22.21 -6.89
CA PRO G 250 57.81 21.50 -8.13
C PRO G 250 57.38 20.04 -8.20
N SER G 251 57.94 19.21 -7.33
CA SER G 251 57.75 17.76 -7.43
C SER G 251 58.18 17.05 -6.14
N ILE G 252 57.25 16.42 -5.45
CA ILE G 252 57.55 15.76 -4.19
C ILE G 252 57.42 14.25 -4.40
N ARG G 253 57.79 13.46 -3.40
CA ARG G 253 57.77 12.01 -3.46
C ARG G 253 56.35 11.50 -3.23
N THR G 254 56.23 10.19 -3.02
CA THR G 254 55.00 9.59 -2.52
C THR G 254 55.20 8.70 -1.31
N THR G 255 56.44 8.24 -1.05
CA THR G 255 56.70 7.40 0.12
C THR G 255 56.38 8.12 1.42
N ALA G 256 56.56 9.43 1.44
CA ALA G 256 56.25 10.25 2.60
C ALA G 256 54.79 10.07 3.00
N TRP G 257 53.98 9.51 2.11
CA TRP G 257 52.60 9.22 2.43
C TRP G 257 52.32 7.74 2.62
N GLU G 258 53.06 6.86 1.94
CA GLU G 258 52.76 5.43 1.98
C GLU G 258 52.76 4.87 3.39
N ASP G 259 53.40 5.56 4.34
CA ASP G 259 53.37 5.11 5.72
C ASP G 259 52.09 5.49 6.43
N TYR G 260 51.35 6.46 5.90
CA TYR G 260 50.21 6.97 6.64
C TYR G 260 48.98 6.10 6.42
N ILE G 261 47.97 6.33 7.24
CA ILE G 261 46.83 5.42 7.35
C ILE G 261 45.58 6.23 7.69
N TRP G 262 44.47 5.85 7.05
CA TRP G 262 43.21 6.54 7.31
C TRP G 262 42.77 6.33 8.75
N PHE G 263 42.31 7.40 9.38
CA PHE G 263 41.59 7.30 10.63
C PHE G 263 40.14 7.62 10.34
N GLN G 264 39.31 7.58 11.38
CA GLN G 264 37.90 7.85 11.13
C GLN G 264 37.32 8.64 12.29
N ALA G 265 36.35 9.47 11.96
CA ALA G 265 35.61 10.17 12.99
C ALA G 265 34.91 9.17 13.90
N PRO G 266 35.10 9.28 15.21
CA PRO G 266 34.52 8.29 16.12
C PRO G 266 33.02 8.35 16.18
N VAL G 267 32.41 9.46 15.78
CA VAL G 267 30.97 9.62 15.92
C VAL G 267 30.40 10.24 14.65
N THR G 268 29.36 9.62 14.12
CA THR G 268 28.73 10.11 12.90
C THR G 268 28.02 11.42 13.19
N PHE G 269 28.36 12.44 12.41
CA PHE G 269 27.56 13.65 12.42
C PHE G 269 26.19 13.38 11.80
N LYS G 270 25.18 14.00 12.37
CA LYS G 270 23.86 14.03 11.77
C LYS G 270 23.47 15.48 11.51
N GLY G 271 22.89 15.73 10.34
CA GLY G 271 22.44 17.05 9.99
C GLY G 271 20.93 17.19 10.12
N PHE G 272 20.49 18.12 10.96
CA PHE G 272 19.07 18.30 11.25
C PHE G 272 18.50 19.44 10.43
N ARG G 273 17.18 19.57 10.49
CA ARG G 273 16.48 20.67 9.86
C ARG G 273 15.03 20.61 10.30
N GLU G 274 14.35 21.75 10.20
CA GLU G 274 12.98 21.85 10.67
C GLU G 274 12.00 22.18 9.54
N LYS H 129 13.57 53.16 -15.86
CA LYS H 129 14.90 52.58 -16.03
C LYS H 129 15.64 52.60 -14.70
N ILE H 130 16.77 53.31 -14.68
CA ILE H 130 17.54 53.45 -13.47
C ILE H 130 16.73 54.31 -12.51
N LEU H 131 16.17 53.68 -11.48
CA LEU H 131 15.20 54.35 -10.62
C LEU H 131 15.54 54.10 -9.17
N ARG H 132 15.48 55.14 -8.34
CA ARG H 132 15.96 55.08 -6.97
C ARG H 132 14.90 55.60 -6.00
N LEU H 133 14.96 55.10 -4.77
CA LEU H 133 14.28 55.72 -3.64
C LEU H 133 15.25 55.93 -2.48
N SER H 134 14.70 56.28 -1.32
CA SER H 134 15.50 56.62 -0.15
C SER H 134 15.93 55.35 0.57
N GLY H 135 17.25 55.11 0.63
CA GLY H 135 17.78 54.07 1.47
C GLY H 135 18.06 54.59 2.86
N LYS H 136 17.41 54.00 3.87
CA LYS H 136 17.48 54.56 5.21
C LYS H 136 18.88 54.37 5.80
N PRO H 137 19.37 55.32 6.59
CA PRO H 137 20.68 55.16 7.25
C PRO H 137 20.64 54.10 8.34
N ALA I 2 -6.96 1.62 -4.65
CA ALA I 2 -5.55 1.66 -5.00
C ALA I 2 -5.30 2.53 -6.22
N LEU I 3 -5.08 3.82 -5.98
CA LEU I 3 -4.74 4.74 -7.04
C LEU I 3 -4.28 6.05 -6.41
N GLN I 4 -3.69 6.88 -7.25
CA GLN I 4 -3.39 8.26 -6.89
C GLN I 4 -3.68 9.11 -8.11
N LEU I 5 -3.20 10.35 -8.12
CA LEU I 5 -3.41 11.21 -9.27
C LEU I 5 -2.52 12.44 -9.21
N SER I 6 -1.84 12.73 -10.30
CA SER I 6 -1.30 14.05 -10.47
C SER I 6 -2.45 15.04 -10.61
N ARG I 7 -2.37 16.15 -9.88
CA ARG I 7 -3.28 17.27 -10.09
C ARG I 7 -2.38 18.50 -10.21
N GLU I 8 -1.90 18.76 -11.41
CA GLU I 8 -1.02 19.91 -11.64
C GLU I 8 -1.86 21.17 -11.74
N GLN I 9 -1.46 22.19 -10.98
CA GLN I 9 -2.26 23.40 -10.86
C GLN I 9 -2.05 24.34 -12.03
N GLY I 10 -0.80 24.48 -12.47
CA GLY I 10 -0.44 25.44 -13.49
C GLY I 10 0.22 26.67 -12.91
N ILE I 11 0.60 27.58 -13.79
CA ILE I 11 1.27 28.81 -13.39
C ILE I 11 0.61 29.99 -14.07
N THR I 12 0.79 31.16 -13.47
CA THR I 12 0.25 32.40 -14.00
C THR I 12 1.35 33.45 -14.09
N LEU I 13 1.16 34.40 -15.00
CA LEU I 13 1.89 35.65 -14.99
C LEU I 13 2.05 36.15 -13.57
N ARG I 14 0.91 36.35 -12.91
CA ARG I 14 0.92 37.03 -11.63
C ARG I 14 1.43 36.12 -10.51
N GLY I 15 1.22 34.81 -10.64
CA GLY I 15 1.82 33.91 -9.66
C GLY I 15 3.33 33.88 -9.75
N SER I 16 3.86 33.84 -10.97
CA SER I 16 5.29 33.99 -11.15
C SER I 16 5.78 35.28 -10.51
N ALA I 17 5.06 36.37 -10.75
CA ALA I 17 5.45 37.65 -10.16
C ALA I 17 5.51 37.55 -8.65
N GLU I 18 4.44 37.01 -8.03
CA GLU I 18 4.41 36.79 -6.59
C GLU I 18 5.65 36.06 -6.11
N ILE I 19 5.88 34.88 -6.66
CA ILE I 19 6.89 33.99 -6.10
C ILE I 19 8.27 34.60 -6.29
N VAL I 20 8.54 35.18 -7.45
CA VAL I 20 9.86 35.74 -7.69
C VAL I 20 10.03 37.03 -6.88
N ALA I 21 8.93 37.71 -6.60
CA ALA I 21 8.99 38.88 -5.72
C ALA I 21 9.47 38.48 -4.33
N GLU I 22 8.82 37.49 -3.74
CA GLU I 22 9.28 37.08 -2.40
C GLU I 22 10.64 36.43 -2.47
N PHE I 23 10.98 35.82 -3.61
CA PHE I 23 12.35 35.43 -3.89
C PHE I 23 13.32 36.56 -3.60
N PHE I 24 13.17 37.67 -4.31
CA PHE I 24 14.09 38.79 -4.13
C PHE I 24 13.99 39.33 -2.72
N SER I 25 12.78 39.37 -2.17
CA SER I 25 12.61 39.77 -0.78
C SER I 25 13.60 39.06 0.12
N PHE I 26 13.49 37.73 0.17
CA PHE I 26 14.30 36.96 1.10
C PHE I 26 15.76 36.98 0.70
N GLY I 27 16.05 36.96 -0.60
CA GLY I 27 17.44 36.98 -1.04
C GLY I 27 18.14 38.27 -0.62
N ILE I 28 17.49 39.40 -0.85
CA ILE I 28 18.04 40.68 -0.43
C ILE I 28 18.23 40.70 1.07
N ASN I 29 17.22 40.20 1.80
CA ASN I 29 17.34 40.08 3.24
C ASN I 29 18.64 39.39 3.60
N SER I 30 18.87 38.22 3.01
CA SER I 30 20.01 37.41 3.41
C SER I 30 21.32 38.04 3.01
N ILE I 31 21.39 38.58 1.78
CA ILE I 31 22.61 39.25 1.33
C ILE I 31 22.97 40.36 2.29
N LEU I 32 22.03 41.27 2.53
CA LEU I 32 22.32 42.39 3.40
C LEU I 32 22.50 41.95 4.84
N TYR I 33 22.10 40.72 5.17
CA TYR I 33 22.43 40.17 6.48
C TYR I 33 23.89 39.77 6.56
N GLN I 34 24.35 39.01 5.57
CA GLN I 34 25.56 38.22 5.80
C GLN I 34 26.82 39.08 5.74
N ARG I 35 27.01 39.81 4.64
CA ARG I 35 28.27 40.52 4.45
C ARG I 35 28.53 41.57 5.52
N GLY I 36 27.56 41.84 6.38
CA GLY I 36 27.72 42.83 7.43
C GLY I 36 27.10 44.18 7.15
N ILE I 37 26.34 44.30 6.06
CA ILE I 37 25.81 45.60 5.63
C ILE I 37 24.98 46.24 6.72
N TYR I 38 24.20 45.44 7.45
CA TYR I 38 23.34 45.95 8.49
C TYR I 38 23.55 45.17 9.78
N PRO I 39 22.90 45.56 10.88
CA PRO I 39 23.04 44.79 12.12
C PRO I 39 22.50 43.39 11.99
N SER I 40 23.41 42.42 12.01
CA SER I 40 23.01 41.02 11.87
C SER I 40 22.23 40.56 13.08
N GLU I 41 22.79 40.79 14.26
CA GLU I 41 22.24 40.43 15.56
C GLU I 41 20.76 40.75 15.67
N THR I 42 20.33 41.83 15.02
CA THR I 42 18.98 42.35 15.15
C THR I 42 17.98 41.58 14.30
N PHE I 43 18.38 40.51 13.64
CA PHE I 43 17.52 39.82 12.71
C PHE I 43 17.19 38.44 13.24
N THR I 44 16.49 37.65 12.45
CA THR I 44 16.06 36.34 12.89
C THR I 44 15.79 35.47 11.67
N ARG I 45 15.10 34.35 11.88
CA ARG I 45 14.93 33.35 10.85
C ARG I 45 13.47 32.97 10.71
N VAL I 46 13.11 32.53 9.50
CA VAL I 46 11.79 31.97 9.23
C VAL I 46 11.94 30.73 8.37
N GLN I 47 10.83 30.03 8.19
CA GLN I 47 10.79 28.86 7.32
C GLN I 47 10.08 29.20 6.02
N LYS I 48 10.81 29.10 4.92
CA LYS I 48 10.25 29.37 3.60
C LYS I 48 11.10 28.64 2.59
N TYR I 49 10.49 28.30 1.46
CA TYR I 49 11.14 27.50 0.43
C TYR I 49 11.58 26.16 0.98
N GLY I 50 10.85 25.65 1.97
CA GLY I 50 11.27 24.42 2.63
C GLY I 50 12.68 24.51 3.17
N LEU I 51 13.05 25.67 3.69
CA LEU I 51 14.38 25.88 4.27
C LEU I 51 14.29 27.07 5.21
N THR I 52 15.44 27.52 5.69
CA THR I 52 15.49 28.58 6.69
C THR I 52 16.05 29.85 6.09
N LEU I 53 15.45 30.98 6.44
CA LEU I 53 15.75 32.24 5.78
C LEU I 53 15.99 33.34 6.77
N LEU I 54 16.93 34.22 6.42
CA LEU I 54 17.25 35.39 7.21
C LEU I 54 16.21 36.48 6.97
N VAL I 55 15.62 36.99 8.05
CA VAL I 55 14.59 38.00 7.97
C VAL I 55 14.95 39.14 8.90
N THR I 56 14.69 40.35 8.45
CA THR I 56 15.06 41.56 9.18
C THR I 56 13.95 41.96 10.13
N THR I 57 14.18 43.08 10.84
CA THR I 57 13.16 43.75 11.62
C THR I 57 13.15 45.25 11.37
N ASP I 58 13.94 45.74 10.42
CA ASP I 58 13.97 47.18 10.19
C ASP I 58 12.68 47.63 9.53
N LEU I 59 11.72 48.03 10.37
CA LEU I 59 10.41 48.49 9.94
C LEU I 59 10.53 49.43 8.75
N GLU I 60 11.53 50.31 8.80
CA GLU I 60 11.85 51.22 7.71
C GLU I 60 12.09 50.42 6.43
N LEU I 61 13.15 49.62 6.46
CA LEU I 61 13.48 48.79 5.32
C LEU I 61 12.41 47.75 5.07
N ILE I 62 11.73 47.28 6.12
CA ILE I 62 10.64 46.34 5.93
C ILE I 62 9.60 46.90 4.97
N LYS I 63 9.00 48.03 5.35
CA LYS I 63 7.99 48.67 4.51
C LYS I 63 8.57 49.04 3.15
N TYR I 64 9.78 49.58 3.15
CA TYR I 64 10.43 49.97 1.90
C TYR I 64 10.46 48.80 0.92
N LEU I 65 11.01 47.67 1.36
CA LEU I 65 11.16 46.53 0.49
C LEU I 65 9.82 45.89 0.18
N ASN I 66 8.84 46.01 1.07
CA ASN I 66 7.49 45.54 0.74
C ASN I 66 6.93 46.34 -0.43
N ASN I 67 7.10 47.66 -0.38
CA ASN I 67 6.73 48.50 -1.51
C ASN I 67 7.42 48.03 -2.76
N VAL I 68 8.73 47.82 -2.67
CA VAL I 68 9.51 47.36 -3.83
C VAL I 68 8.96 46.03 -4.32
N VAL I 69 8.64 45.13 -3.40
CA VAL I 69 8.17 43.80 -3.76
C VAL I 69 6.88 43.90 -4.55
N GLU I 70 5.91 44.65 -4.04
CA GLU I 70 4.64 44.72 -4.76
C GLU I 70 4.80 45.47 -6.07
N GLN I 71 5.65 46.49 -6.10
CA GLN I 71 5.85 47.24 -7.34
C GLN I 71 6.48 46.35 -8.39
N LEU I 72 7.42 45.50 -7.98
CA LEU I 72 8.00 44.54 -8.90
C LEU I 72 6.98 43.50 -9.32
N LYS I 73 6.14 43.06 -8.38
CA LYS I 73 5.04 42.17 -8.73
C LYS I 73 4.24 42.77 -9.87
N ASP I 74 3.92 44.06 -9.74
CA ASP I 74 3.24 44.80 -10.80
C ASP I 74 4.02 44.73 -12.10
N TRP I 75 5.27 45.21 -12.09
CA TRP I 75 6.01 45.38 -13.32
C TRP I 75 6.32 44.04 -13.97
N LEU I 76 6.36 42.97 -13.18
CA LEU I 76 6.41 41.63 -13.74
C LEU I 76 5.08 41.29 -14.40
N TYR I 77 3.98 41.54 -13.69
CA TYR I 77 2.66 41.36 -14.26
C TYR I 77 2.48 42.19 -15.52
N LYS I 78 3.41 43.12 -15.81
CA LYS I 78 3.48 43.79 -17.10
C LYS I 78 4.86 43.67 -17.74
N CYS I 79 5.71 42.75 -17.25
CA CYS I 79 7.02 42.48 -17.84
C CYS I 79 7.87 43.75 -17.95
N SER I 80 7.65 44.69 -17.03
CA SER I 80 8.14 46.04 -17.24
C SER I 80 9.63 46.15 -16.98
N VAL I 81 10.10 45.61 -15.86
CA VAL I 81 11.51 45.72 -15.52
C VAL I 81 12.28 44.55 -16.12
N GLN I 82 13.58 44.75 -16.31
CA GLN I 82 14.46 43.75 -16.87
C GLN I 82 15.78 43.62 -16.14
N LYS I 83 16.12 44.56 -15.25
CA LYS I 83 17.30 44.45 -14.40
C LYS I 83 16.91 44.78 -12.98
N LEU I 84 17.55 44.08 -12.04
CA LEU I 84 17.41 44.37 -10.62
C LEU I 84 18.79 44.28 -9.99
N VAL I 85 19.28 45.41 -9.48
CA VAL I 85 20.64 45.46 -8.95
C VAL I 85 20.59 46.05 -7.55
N VAL I 86 21.50 45.60 -6.69
CA VAL I 86 21.70 46.19 -5.38
C VAL I 86 23.16 46.60 -5.28
N VAL I 87 23.41 47.90 -5.33
CA VAL I 87 24.76 48.45 -5.36
C VAL I 87 25.14 48.82 -3.93
N ILE I 88 26.15 48.16 -3.38
CA ILE I 88 26.65 48.44 -2.04
C ILE I 88 27.88 49.32 -2.15
N SER I 89 27.98 50.31 -1.27
CA SER I 89 29.06 51.28 -1.35
C SER I 89 29.55 51.62 0.05
N ASN I 90 30.57 52.46 0.09
CA ASN I 90 31.12 52.96 1.34
C ASN I 90 30.12 53.90 2.03
N ILE I 91 30.42 54.23 3.28
CA ILE I 91 29.52 55.09 4.04
C ILE I 91 29.67 56.54 3.60
N GLU I 92 30.85 57.12 3.82
CA GLU I 92 31.05 58.55 3.58
C GLU I 92 31.62 58.82 2.20
N SER I 93 32.80 58.28 1.90
CA SER I 93 33.32 58.35 0.55
C SER I 93 32.43 57.61 -0.43
N GLY I 94 31.62 56.67 0.07
CA GLY I 94 30.56 56.06 -0.72
C GLY I 94 31.03 55.30 -1.94
N GLU I 95 32.29 54.89 -1.98
CA GLU I 95 32.77 54.17 -3.15
C GLU I 95 32.09 52.81 -3.25
N VAL I 96 31.67 52.46 -4.46
CA VAL I 96 30.97 51.20 -4.65
C VAL I 96 31.94 50.05 -4.42
N LEU I 97 31.54 49.14 -3.55
CA LEU I 97 32.28 47.91 -3.34
C LEU I 97 31.57 46.71 -3.93
N GLU I 98 30.24 46.69 -3.91
CA GLU I 98 29.47 45.48 -4.20
C GLU I 98 28.23 45.87 -5.01
N ARG I 99 27.90 45.03 -5.99
CA ARG I 99 26.84 45.33 -6.96
C ARG I 99 26.27 44.01 -7.44
N TRP I 100 25.15 43.59 -6.87
CA TRP I 100 24.49 42.34 -7.24
C TRP I 100 23.52 42.62 -8.38
N GLN I 101 23.86 42.23 -9.60
CA GLN I 101 23.02 42.47 -10.76
C GLN I 101 22.14 41.26 -11.05
N PHE I 102 20.83 41.51 -11.15
CA PHE I 102 19.84 40.51 -11.50
C PHE I 102 19.19 40.98 -12.80
N ASP I 103 19.37 40.21 -13.86
CA ASP I 103 18.89 40.57 -15.19
C ASP I 103 17.66 39.73 -15.51
N ILE I 104 16.57 40.40 -15.86
CA ILE I 104 15.23 39.83 -15.77
C ILE I 104 14.68 39.57 -17.15
N GLU I 105 14.07 38.40 -17.33
CA GLU I 105 13.33 38.03 -18.52
C GLU I 105 11.89 37.78 -18.12
N CYS I 106 10.95 38.30 -18.91
CA CYS I 106 9.54 38.09 -18.68
C CYS I 106 8.92 37.47 -19.93
N ASP I 107 7.60 37.32 -19.90
CA ASP I 107 6.84 36.72 -20.99
C ASP I 107 5.86 37.75 -21.53
N LYS I 108 6.21 38.36 -22.66
CA LYS I 108 5.25 39.21 -23.35
C LYS I 108 4.02 38.41 -23.74
N THR I 109 4.23 37.22 -24.30
CA THR I 109 3.14 36.37 -24.74
C THR I 109 2.18 36.03 -23.62
N ALA I 110 2.54 36.33 -22.37
CA ALA I 110 1.64 36.15 -21.24
C ALA I 110 0.34 36.90 -21.45
N LYS I 111 0.33 37.85 -22.39
CA LYS I 111 -0.93 38.46 -22.82
C LYS I 111 -1.86 37.39 -23.36
N ASP I 112 -1.38 36.58 -24.30
CA ASP I 112 -2.15 35.45 -24.81
C ASP I 112 -1.88 34.15 -24.05
N ASP I 113 -0.78 34.05 -23.32
CA ASP I 113 -0.48 32.82 -22.61
C ASP I 113 -1.39 32.68 -21.39
N SER I 114 -2.69 32.50 -21.64
CA SER I 114 -3.62 32.32 -20.54
C SER I 114 -3.55 30.90 -19.99
N ALA I 115 -3.48 29.92 -20.87
CA ALA I 115 -3.30 28.54 -20.44
C ALA I 115 -1.98 28.42 -19.69
N PRO I 116 -1.91 27.56 -18.68
CA PRO I 116 -0.70 27.49 -17.85
C PRO I 116 0.47 26.82 -18.58
N ARG I 117 1.56 26.60 -17.85
CA ARG I 117 2.76 25.97 -18.38
C ARG I 117 3.22 24.89 -17.41
N GLU I 118 3.63 23.75 -17.96
CA GLU I 118 4.01 22.59 -17.15
C GLU I 118 5.28 22.91 -16.39
N LYS I 119 5.14 23.18 -15.09
CA LYS I 119 6.28 23.39 -14.22
C LYS I 119 5.76 23.41 -12.80
N SER I 120 6.46 22.74 -11.89
CA SER I 120 5.91 22.46 -10.58
C SER I 120 6.37 23.48 -9.55
N GLN I 121 5.57 23.63 -8.49
CA GLN I 121 6.05 24.30 -7.30
C GLN I 121 7.29 23.63 -6.77
N LYS I 122 7.34 22.30 -6.86
CA LYS I 122 8.55 21.56 -6.54
C LYS I 122 9.74 22.12 -7.30
N ALA I 123 9.64 22.17 -8.63
CA ALA I 123 10.77 22.55 -9.46
C ALA I 123 11.20 23.99 -9.17
N ILE I 124 10.27 24.93 -9.31
CA ILE I 124 10.59 26.33 -9.07
C ILE I 124 11.18 26.50 -7.68
N GLN I 125 10.58 25.83 -6.70
CA GLN I 125 10.99 25.99 -5.31
C GLN I 125 12.42 25.52 -5.12
N ASP I 126 12.71 24.31 -5.57
CA ASP I 126 14.07 23.79 -5.41
C ASP I 126 15.07 24.62 -6.19
N GLU I 127 14.66 25.20 -7.31
CA GLU I 127 15.62 25.99 -8.08
C GLU I 127 15.92 27.31 -7.36
N ILE I 128 14.91 27.90 -6.74
CA ILE I 128 15.20 29.05 -5.91
C ILE I 128 16.02 28.65 -4.71
N ARG I 129 15.81 27.44 -4.18
CA ARG I 129 16.68 26.97 -3.11
C ARG I 129 18.12 26.89 -3.57
N SER I 130 18.34 26.38 -4.77
CA SER I 130 19.65 26.44 -5.40
C SER I 130 20.20 27.85 -5.36
N VAL I 131 19.40 28.81 -5.82
CA VAL I 131 19.82 30.20 -5.85
C VAL I 131 20.25 30.65 -4.46
N ILE I 132 19.41 30.40 -3.48
CA ILE I 132 19.64 30.91 -2.12
C ILE I 132 20.92 30.32 -1.56
N ARG I 133 21.00 28.99 -1.57
CA ARG I 133 22.20 28.32 -1.07
C ARG I 133 23.42 28.81 -1.80
N GLN I 134 23.28 29.07 -3.09
CA GLN I 134 24.41 29.56 -3.88
C GLN I 134 24.88 30.90 -3.35
N ILE I 135 23.95 31.87 -3.28
CA ILE I 135 24.29 33.20 -2.80
C ILE I 135 24.90 33.13 -1.43
N THR I 136 24.30 32.33 -0.55
CA THR I 136 24.87 32.11 0.77
C THR I 136 26.33 31.73 0.65
N ALA I 137 26.60 30.65 -0.08
CA ALA I 137 27.97 30.20 -0.29
C ALA I 137 28.86 31.34 -0.76
N THR I 138 28.33 32.20 -1.61
CA THR I 138 29.17 33.22 -2.24
C THR I 138 29.92 34.06 -1.22
N VAL I 139 29.39 34.16 0.01
CA VAL I 139 30.09 34.92 1.04
C VAL I 139 31.45 34.32 1.31
N THR I 140 31.66 33.04 1.00
CA THR I 140 32.91 32.39 1.33
C THR I 140 34.10 32.94 0.57
N PHE I 141 33.88 33.82 -0.41
CA PHE I 141 35.02 34.38 -1.10
C PHE I 141 34.94 35.86 -1.34
N LEU I 142 33.79 36.48 -1.15
CA LEU I 142 33.68 37.92 -1.30
C LEU I 142 34.67 38.61 -0.39
N PRO I 143 35.65 39.35 -0.93
CA PRO I 143 36.66 39.98 -0.08
C PRO I 143 36.03 40.82 1.02
N LEU I 144 36.32 40.45 2.27
CA LEU I 144 35.58 40.98 3.41
C LEU I 144 35.62 42.50 3.44
N LEU I 145 34.58 43.06 4.05
CA LEU I 145 34.45 44.50 4.17
C LEU I 145 35.28 44.97 5.36
N GLU I 146 36.41 45.61 5.07
CA GLU I 146 37.23 46.17 6.13
C GLU I 146 36.57 47.34 6.84
N VAL I 147 35.46 47.85 6.30
CA VAL I 147 34.73 48.95 6.91
C VAL I 147 33.27 48.55 7.02
N SER I 148 32.43 49.48 7.47
CA SER I 148 30.99 49.33 7.36
C SER I 148 30.53 50.01 6.07
N CYS I 149 29.36 49.61 5.59
CA CYS I 149 28.91 50.04 4.27
C CYS I 149 27.44 50.41 4.30
N SER I 150 27.01 51.03 3.20
CA SER I 150 25.62 51.30 2.89
C SER I 150 25.37 50.86 1.45
N PHE I 151 24.13 50.98 0.99
CA PHE I 151 23.77 50.44 -0.32
C PHE I 151 22.65 51.27 -0.93
N ASP I 152 22.50 51.12 -2.24
CA ASP I 152 21.43 51.77 -3.00
C ASP I 152 20.85 50.76 -3.98
N LEU I 153 19.60 50.98 -4.37
CA LEU I 153 18.83 50.02 -5.14
C LEU I 153 18.57 50.54 -6.55
N LEU I 154 19.21 49.89 -7.53
CA LEU I 154 19.05 50.22 -8.94
C LEU I 154 18.28 49.12 -9.65
N ILE I 155 17.42 49.52 -10.57
CA ILE I 155 16.74 48.61 -11.47
C ILE I 155 16.81 49.19 -12.88
N TYR I 156 16.21 48.50 -13.83
CA TYR I 156 16.13 48.99 -15.19
C TYR I 156 14.83 48.47 -15.81
N THR I 157 13.79 49.29 -15.78
CA THR I 157 12.60 49.02 -16.58
C THR I 157 12.74 49.78 -17.89
N ASP I 158 12.64 49.05 -19.01
CA ASP I 158 12.79 49.65 -20.32
C ASP I 158 11.88 50.86 -20.47
N LYS I 159 10.68 50.79 -19.89
CA LYS I 159 9.74 51.90 -19.95
C LYS I 159 10.19 53.03 -19.04
N ASP I 160 10.41 54.20 -19.62
CA ASP I 160 10.35 55.44 -18.88
C ASP I 160 8.94 55.95 -18.76
N LEU I 161 7.97 55.04 -18.89
CA LEU I 161 6.57 55.36 -19.11
C LEU I 161 5.69 55.17 -17.90
N VAL I 162 5.79 54.04 -17.22
CA VAL I 162 4.85 53.66 -16.18
C VAL I 162 5.30 54.14 -14.80
N VAL I 163 6.27 55.05 -14.76
CA VAL I 163 6.94 55.46 -13.52
C VAL I 163 5.94 56.01 -12.50
N PRO I 164 5.80 55.36 -11.33
CA PRO I 164 5.02 55.98 -10.25
C PRO I 164 5.72 57.20 -9.69
N GLU I 165 5.16 57.77 -8.62
CA GLU I 165 5.57 59.11 -8.19
C GLU I 165 6.98 59.17 -7.60
N LYS I 166 7.22 58.49 -6.48
CA LYS I 166 8.40 58.79 -5.69
C LYS I 166 9.70 58.33 -6.34
N TRP I 167 9.63 57.54 -7.40
CA TRP I 167 10.85 57.01 -8.01
C TRP I 167 11.44 58.02 -8.98
N GLU I 168 12.77 58.14 -8.95
CA GLU I 168 13.48 59.13 -9.76
C GLU I 168 14.52 58.44 -10.65
N GLU I 169 14.78 59.05 -11.80
CA GLU I 169 15.80 58.53 -12.69
C GLU I 169 17.20 58.84 -12.12
N SER I 170 18.14 57.95 -12.43
CA SER I 170 19.47 58.03 -11.82
C SER I 170 20.50 57.49 -12.81
N GLY I 171 21.70 57.21 -12.31
CA GLY I 171 22.83 56.86 -13.15
C GLY I 171 23.24 55.41 -13.09
N PRO I 172 24.18 55.01 -13.97
CA PRO I 172 24.50 53.58 -14.10
C PRO I 172 25.26 53.02 -12.92
N GLN I 173 26.23 53.77 -12.38
CA GLN I 173 26.98 53.38 -11.20
C GLN I 173 27.80 52.11 -11.44
N PHE I 174 28.75 52.22 -12.35
CA PHE I 174 29.70 51.14 -12.62
C PHE I 174 30.71 51.04 -11.48
N ILE I 175 31.73 50.21 -11.68
CA ILE I 175 32.90 50.16 -10.82
C ILE I 175 34.13 50.13 -11.71
N THR I 176 35.20 50.79 -11.27
CA THR I 176 36.41 50.85 -12.06
C THR I 176 37.15 49.51 -12.06
N ASN I 177 37.60 49.06 -10.89
CA ASN I 177 38.29 47.78 -10.76
C ASN I 177 37.40 46.84 -9.96
N SER I 178 36.53 46.12 -10.66
CA SER I 178 35.65 45.15 -10.03
C SER I 178 35.59 43.89 -10.88
N GLU I 179 35.74 42.75 -10.23
CA GLU I 179 35.47 41.49 -10.90
C GLU I 179 33.99 41.20 -10.86
N GLU I 180 33.49 40.56 -11.91
CA GLU I 180 32.11 40.11 -11.96
C GLU I 180 32.11 38.59 -12.07
N VAL I 181 31.30 37.94 -11.24
CA VAL I 181 31.20 36.49 -11.23
C VAL I 181 29.73 36.09 -11.21
N ARG I 182 29.39 35.15 -12.08
CA ARG I 182 28.00 34.78 -12.34
C ARG I 182 27.55 33.63 -11.46
N LEU I 183 26.29 33.67 -11.07
CA LEU I 183 25.66 32.64 -10.26
C LEU I 183 24.75 31.82 -11.16
N ARG I 184 24.17 30.76 -10.60
CA ARG I 184 23.31 29.90 -11.38
C ARG I 184 22.05 30.67 -11.80
N SER I 185 21.50 30.26 -12.93
CA SER I 185 20.28 30.86 -13.45
C SER I 185 19.07 30.13 -12.89
N PHE I 186 17.90 30.71 -13.14
CA PHE I 186 16.65 30.17 -12.62
C PHE I 186 15.52 30.94 -13.28
N THR I 187 14.40 30.26 -13.50
CA THR I 187 13.37 30.84 -14.33
C THR I 187 12.00 30.36 -13.86
N THR I 188 10.98 30.75 -14.63
CA THR I 188 9.62 30.32 -14.42
C THR I 188 8.97 29.83 -15.70
N THR I 189 9.73 29.75 -16.80
CA THR I 189 9.26 29.62 -18.17
C THR I 189 8.54 30.89 -18.60
N ILE I 190 8.38 31.81 -17.67
CA ILE I 190 7.80 33.13 -17.92
C ILE I 190 8.86 34.16 -17.59
N HIS I 191 9.30 34.15 -16.34
CA HIS I 191 10.39 35.01 -15.90
C HIS I 191 11.61 34.16 -15.66
N LYS I 192 12.73 34.56 -16.23
CA LYS I 192 14.04 34.08 -15.84
C LYS I 192 14.76 35.23 -15.16
N VAL I 193 15.75 34.92 -14.33
CA VAL I 193 16.61 35.96 -13.77
C VAL I 193 18.04 35.42 -13.75
N ASN I 194 18.89 36.01 -14.58
CA ASN I 194 20.32 35.78 -14.46
C ASN I 194 20.87 36.61 -13.31
N SER I 195 21.97 36.15 -12.75
CA SER I 195 22.50 36.82 -11.56
C SER I 195 24.01 36.81 -11.62
N MET I 196 24.61 37.93 -11.22
CA MET I 196 26.06 38.07 -11.25
C MET I 196 26.45 39.23 -10.36
N VAL I 197 27.47 39.02 -9.54
CA VAL I 197 27.92 40.04 -8.60
C VAL I 197 29.21 40.67 -9.11
N ALA I 198 29.24 41.99 -9.10
CA ALA I 198 30.45 42.76 -9.37
C ALA I 198 30.95 43.33 -8.05
N TYR I 199 32.26 43.35 -7.88
CA TYR I 199 32.83 43.69 -6.59
C TYR I 199 34.23 44.22 -6.82
N LYS I 200 34.60 45.26 -6.08
CA LYS I 200 35.85 45.94 -6.34
C LYS I 200 37.03 44.99 -6.24
N ILE I 201 37.79 44.86 -7.33
CA ILE I 201 39.01 44.07 -7.39
C ILE I 201 39.93 44.48 -6.24
N PRO I 202 40.53 43.53 -5.51
CA PRO I 202 41.38 43.89 -4.38
C PRO I 202 42.56 44.75 -4.82
N VAL I 203 42.98 45.64 -3.92
CA VAL I 203 44.15 46.46 -4.18
C VAL I 203 45.40 45.59 -4.19
N ASN I 204 45.61 44.83 -3.13
CA ASN I 204 46.76 43.97 -2.99
C ASN I 204 46.35 42.50 -2.95
N ASP I 205 47.23 41.65 -3.45
CA ASP I 205 47.03 40.21 -3.37
C ASP I 205 47.79 39.65 -2.17
#